data_3D47
#
_entry.id   3D47
#
_cell.length_a   98.222
_cell.length_b   122.003
_cell.length_c   141.350
_cell.angle_alpha   90.00
_cell.angle_beta   108.24
_cell.angle_gamma   90.00
#
_symmetry.space_group_name_H-M   'P 1 21 1'
#
loop_
_entity.id
_entity.type
_entity.pdbx_description
1 polymer 'Putative galactonate dehydratase'
2 non-polymer 'MAGNESIUM ION'
3 non-polymer D-MALATE
4 water water
#
_entity_poly.entity_id   1
_entity_poly.type   'polypeptide(L)'
_entity_poly.pdbx_seq_one_letter_code
;MENIMTLPKIKHVRAWFIGGATAEKGAGGGDYHDQGGNHWIDDHIATPMSKYRDYEQSRQSFGINVLGTLIVEVEAENRQ
TGFAVSTAGEMGCFIVEKHLNRFIEGKCVSDIKLIHDQMLGATMYYSGSGGLVMNTISCVDLALWDLFGKVVGLPVYKLL
GGAVRDEIQFYATGARPDLAKEMGFIGGKMPTHWGPHDGDAGIRKDAAMVADMREKCGPDFWLMLDCWMSQDVNYATKLA
HACAPFNLKWIEECLPPQQYEGYRELKRNAPAGMMVTSGEHHGTLQSFRTLAETGIDIMQPDVGWCGGLTTLVEIAALAK
SRGQLVVPHGSSVYSHHAVITFTNTPFSEFLMTSPDCSTLRPQFDPILLDEPVPVNGRIHKSVLDKPGFGVELNRDCHLK
RPYSH
;
_entity_poly.pdbx_strand_id   A,B,C,D,E,F,G,H
#
# COMPACT_ATOMS: atom_id res chain seq x y z
N MET A 1 51.82 -24.94 -7.09
CA MET A 1 51.19 -24.42 -5.83
C MET A 1 51.48 -25.30 -4.62
N GLU A 2 51.68 -24.67 -3.47
CA GLU A 2 51.95 -25.38 -2.23
C GLU A 2 50.73 -26.15 -1.74
N ASN A 3 50.95 -27.11 -0.85
CA ASN A 3 49.87 -27.91 -0.29
C ASN A 3 49.20 -27.10 0.81
N ILE A 4 47.89 -27.21 0.94
CA ILE A 4 47.19 -26.45 1.97
C ILE A 4 47.60 -26.89 3.37
N MET A 5 47.33 -26.01 4.32
CA MET A 5 47.62 -26.24 5.73
C MET A 5 46.85 -27.48 6.21
N THR A 6 47.43 -28.24 7.13
CA THR A 6 46.74 -29.42 7.64
C THR A 6 45.79 -28.98 8.74
N LEU A 7 44.54 -29.43 8.66
CA LEU A 7 43.55 -29.07 9.66
C LEU A 7 43.05 -30.30 10.40
N PRO A 8 43.01 -30.23 11.73
CA PRO A 8 42.56 -31.35 12.54
C PRO A 8 41.03 -31.44 12.60
N LYS A 9 40.54 -32.57 13.09
CA LYS A 9 39.11 -32.80 13.23
C LYS A 9 38.76 -32.40 14.66
N ILE A 10 37.49 -32.15 14.91
CA ILE A 10 37.04 -31.79 16.26
C ILE A 10 36.79 -33.09 16.99
N LYS A 11 37.40 -33.25 18.16
CA LYS A 11 37.27 -34.47 18.95
C LYS A 11 36.21 -34.40 20.05
N HIS A 12 36.20 -33.32 20.82
CA HIS A 12 35.23 -33.18 21.90
C HIS A 12 34.65 -31.78 21.99
N VAL A 13 33.45 -31.70 22.52
CA VAL A 13 32.81 -30.43 22.81
C VAL A 13 32.40 -30.62 24.27
N ARG A 14 32.66 -29.61 25.10
CA ARG A 14 32.32 -29.68 26.52
C ARG A 14 31.65 -28.40 26.95
N ALA A 15 30.73 -28.50 27.89
CA ALA A 15 30.03 -27.31 28.40
C ALA A 15 30.10 -27.22 29.93
N TRP A 16 30.31 -26.00 30.42
CA TRP A 16 30.38 -25.74 31.86
C TRP A 16 29.52 -24.51 32.13
N PHE A 17 29.29 -24.22 33.41
CA PHE A 17 28.54 -23.03 33.78
C PHE A 17 29.03 -22.51 35.12
N ILE A 18 28.77 -21.23 35.36
CA ILE A 18 29.08 -20.59 36.63
C ILE A 18 27.90 -19.66 36.85
N GLY A 19 27.68 -19.27 38.11
CA GLY A 19 26.56 -18.39 38.40
C GLY A 19 25.22 -19.06 38.16
N GLY A 20 24.15 -18.28 38.16
CA GLY A 20 22.83 -18.85 37.93
C GLY A 20 22.20 -19.37 39.21
N ALA A 21 20.95 -19.80 39.10
CA ALA A 21 20.19 -20.30 40.24
C ALA A 21 20.77 -21.55 40.91
N THR A 22 21.64 -22.26 40.21
CA THR A 22 22.23 -23.48 40.77
C THR A 22 23.70 -23.37 41.13
N ALA A 23 24.22 -22.15 41.15
CA ALA A 23 25.62 -21.92 41.51
C ALA A 23 25.74 -20.64 42.35
N GLU A 24 26.86 -19.93 42.22
CA GLU A 24 27.08 -18.70 42.99
C GLU A 24 26.48 -17.44 42.39
N LYS A 25 25.51 -16.85 43.08
CA LYS A 25 24.86 -15.63 42.62
C LYS A 25 25.90 -14.52 42.52
N GLY A 26 25.87 -13.77 41.41
CA GLY A 26 26.82 -12.69 41.20
C GLY A 26 28.15 -13.10 40.61
N ALA A 27 28.17 -14.22 39.89
CA ALA A 27 29.39 -14.72 39.27
C ALA A 27 29.90 -13.86 38.12
N GLY A 28 29.02 -13.03 37.57
CA GLY A 28 29.41 -12.17 36.46
C GLY A 28 29.65 -12.99 35.20
N GLY A 29 30.82 -12.81 34.59
CA GLY A 29 31.13 -13.55 33.38
C GLY A 29 30.20 -13.28 32.21
N GLY A 30 29.78 -14.34 31.54
CA GLY A 30 28.89 -14.23 30.39
C GLY A 30 27.56 -13.52 30.64
N ASP A 31 26.95 -13.78 31.80
CA ASP A 31 25.68 -13.16 32.12
C ASP A 31 25.90 -11.77 32.73
N TYR A 32 25.77 -10.75 31.88
CA TYR A 32 25.94 -9.36 32.30
C TYR A 32 25.15 -9.00 33.56
N HIS A 33 23.97 -9.61 33.72
CA HIS A 33 23.12 -9.29 34.86
C HIS A 33 23.32 -10.11 36.13
N ASP A 34 24.24 -11.07 36.10
CA ASP A 34 24.50 -11.89 37.28
C ASP A 34 25.52 -11.15 38.14
N GLN A 35 25.05 -10.07 38.76
CA GLN A 35 25.88 -9.22 39.61
C GLN A 35 25.49 -9.27 41.08
N GLY A 36 26.30 -8.60 41.92
CA GLY A 36 26.01 -8.56 43.34
C GLY A 36 25.04 -7.43 43.63
N GLY A 37 25.08 -6.92 44.86
CA GLY A 37 24.17 -5.84 45.23
C GLY A 37 24.75 -4.46 44.96
N ASN A 38 23.91 -3.43 45.12
CA ASN A 38 24.31 -2.05 44.91
C ASN A 38 24.95 -1.81 43.55
N HIS A 39 24.44 -2.50 42.54
CA HIS A 39 24.96 -2.38 41.17
C HIS A 39 23.98 -1.54 40.34
N TRP A 40 24.51 -0.58 39.59
CA TRP A 40 23.68 0.28 38.76
C TRP A 40 22.76 -0.51 37.84
N ILE A 41 23.24 -1.67 37.39
CA ILE A 41 22.49 -2.50 36.45
C ILE A 41 21.24 -3.14 37.06
N ASP A 42 21.05 -2.97 38.36
CA ASP A 42 19.88 -3.52 39.02
C ASP A 42 19.18 -2.42 39.80
N ASP A 43 19.50 -1.17 39.50
CA ASP A 43 18.91 -0.05 40.23
C ASP A 43 17.64 0.55 39.62
N HIS A 44 16.50 -0.03 39.95
CA HIS A 44 15.20 0.48 39.48
C HIS A 44 15.17 0.72 37.97
N ILE A 45 15.59 -0.28 37.21
CA ILE A 45 15.60 -0.21 35.76
C ILE A 45 14.21 -0.62 35.26
N ALA A 46 13.63 0.16 34.35
CA ALA A 46 12.30 -0.16 33.84
C ALA A 46 12.34 -1.46 33.03
N THR A 47 11.31 -2.29 33.22
CA THR A 47 11.22 -3.57 32.50
C THR A 47 9.75 -3.94 32.33
N PRO A 48 9.47 -5.04 31.62
CA PRO A 48 8.09 -5.47 31.42
C PRO A 48 7.47 -5.89 32.77
N MET A 49 8.32 -6.02 33.79
CA MET A 49 7.86 -6.42 35.12
C MET A 49 7.85 -5.31 36.15
N SER A 50 8.43 -4.16 35.83
CA SER A 50 8.50 -3.08 36.82
C SER A 50 7.13 -2.46 37.16
N LYS A 51 6.09 -2.86 36.44
CA LYS A 51 4.74 -2.37 36.70
C LYS A 51 4.21 -3.07 37.95
N TYR A 52 4.93 -4.11 38.39
CA TYR A 52 4.55 -4.86 39.59
C TYR A 52 5.38 -4.36 40.76
N ARG A 53 4.70 -3.92 41.82
CA ARG A 53 5.35 -3.40 43.02
C ARG A 53 6.52 -4.26 43.50
N ASP A 54 6.31 -5.58 43.56
CA ASP A 54 7.34 -6.51 44.03
C ASP A 54 8.56 -6.61 43.13
N TYR A 55 8.41 -6.24 41.87
CA TYR A 55 9.52 -6.35 40.93
C TYR A 55 9.93 -5.03 40.29
N GLU A 56 9.58 -3.92 40.93
CA GLU A 56 9.90 -2.60 40.40
C GLU A 56 11.34 -2.16 40.62
N GLN A 57 11.82 -2.33 41.85
CA GLN A 57 13.16 -1.88 42.19
C GLN A 57 14.31 -2.73 41.65
N SER A 58 14.13 -4.05 41.62
CA SER A 58 15.19 -4.95 41.21
C SER A 58 14.83 -5.96 40.12
N ARG A 59 15.62 -5.99 39.04
CA ARG A 59 15.38 -6.98 37.99
C ARG A 59 15.82 -8.33 38.54
N GLN A 60 16.79 -8.33 39.45
CA GLN A 60 17.22 -9.59 40.05
C GLN A 60 16.02 -10.24 40.77
N SER A 61 15.15 -9.42 41.37
CA SER A 61 14.02 -9.98 42.09
C SER A 61 13.09 -10.80 41.21
N PHE A 62 12.96 -10.46 39.93
CA PHE A 62 12.09 -11.27 39.08
C PHE A 62 12.84 -12.40 38.39
N GLY A 63 14.16 -12.48 38.62
CA GLY A 63 14.94 -13.56 38.04
C GLY A 63 15.76 -13.31 36.79
N ILE A 64 16.24 -12.08 36.61
CA ILE A 64 17.05 -11.74 35.43
C ILE A 64 18.40 -12.43 35.50
N ASN A 65 18.71 -13.01 36.67
CA ASN A 65 19.99 -13.66 36.90
C ASN A 65 19.94 -15.18 37.11
N VAL A 66 18.82 -15.81 36.79
CA VAL A 66 18.72 -17.26 37.03
C VAL A 66 19.56 -18.15 36.12
N LEU A 67 19.87 -17.67 34.91
CA LEU A 67 20.64 -18.49 33.96
C LEU A 67 22.14 -18.58 34.21
N GLY A 68 22.77 -17.45 34.47
CA GLY A 68 24.21 -17.50 34.69
C GLY A 68 24.98 -17.70 33.39
N THR A 69 26.26 -18.03 33.51
CA THR A 69 27.12 -18.20 32.35
C THR A 69 27.29 -19.58 31.77
N LEU A 70 27.18 -19.68 30.45
CA LEU A 70 27.42 -20.93 29.75
C LEU A 70 28.82 -20.81 29.18
N ILE A 71 29.62 -21.87 29.29
CA ILE A 71 30.95 -21.88 28.71
C ILE A 71 30.99 -23.10 27.82
N VAL A 72 31.37 -22.92 26.56
CA VAL A 72 31.47 -24.04 25.64
C VAL A 72 32.90 -24.10 25.12
N GLU A 73 33.52 -25.27 25.23
CA GLU A 73 34.88 -25.44 24.75
C GLU A 73 34.90 -26.59 23.74
N VAL A 74 35.56 -26.35 22.61
CA VAL A 74 35.68 -27.35 21.57
C VAL A 74 37.15 -27.72 21.48
N GLU A 75 37.44 -29.01 21.49
CA GLU A 75 38.82 -29.49 21.42
C GLU A 75 39.05 -30.29 20.15
N ALA A 76 40.14 -29.95 19.45
CA ALA A 76 40.49 -30.62 18.21
C ALA A 76 41.43 -31.79 18.52
N GLU A 77 41.60 -32.68 17.54
CA GLU A 77 42.47 -33.84 17.72
C GLU A 77 43.94 -33.47 17.84
N ASN A 78 44.26 -32.21 17.59
CA ASN A 78 45.64 -31.76 17.70
C ASN A 78 45.79 -31.11 19.08
N ARG A 79 44.81 -31.37 19.94
CA ARG A 79 44.79 -30.87 21.30
C ARG A 79 44.55 -29.37 21.49
N GLN A 80 44.38 -28.62 20.40
CA GLN A 80 44.12 -27.20 20.54
C GLN A 80 42.65 -27.01 20.92
N THR A 81 42.35 -25.91 21.61
CA THR A 81 40.98 -25.63 22.02
C THR A 81 40.49 -24.24 21.62
N GLY A 82 39.18 -24.11 21.53
CA GLY A 82 38.53 -22.86 21.21
C GLY A 82 37.34 -22.79 22.15
N PHE A 83 37.01 -21.61 22.66
CA PHE A 83 35.87 -21.50 23.57
C PHE A 83 35.18 -20.16 23.46
N ALA A 84 34.02 -20.07 24.11
CA ALA A 84 33.25 -18.84 24.15
C ALA A 84 32.31 -18.92 25.33
N VAL A 85 31.77 -17.79 25.75
CA VAL A 85 30.85 -17.75 26.87
C VAL A 85 29.60 -17.02 26.44
N SER A 86 28.49 -17.32 27.12
CA SER A 86 27.22 -16.68 26.82
C SER A 86 26.32 -16.82 28.04
N THR A 87 25.05 -16.46 27.87
CA THR A 87 24.07 -16.53 28.96
C THR A 87 23.16 -17.73 28.72
N ALA A 88 23.27 -18.75 29.56
CA ALA A 88 22.45 -19.95 29.43
C ALA A 88 22.62 -20.91 30.61
N GLY A 89 23.83 -20.93 31.15
CA GLY A 89 24.12 -21.77 32.31
C GLY A 89 23.88 -23.26 32.17
N GLU A 90 23.34 -23.85 33.23
CA GLU A 90 23.08 -25.28 33.28
C GLU A 90 22.25 -25.83 32.13
N MET A 91 21.18 -25.12 31.74
CA MET A 91 20.37 -25.61 30.64
C MET A 91 21.18 -25.58 29.35
N GLY A 92 22.01 -24.56 29.21
CA GLY A 92 22.84 -24.47 28.01
C GLY A 92 23.71 -25.71 27.93
N CYS A 93 24.20 -26.16 29.08
CA CYS A 93 25.03 -27.36 29.12
C CYS A 93 24.26 -28.58 28.63
N PHE A 94 22.99 -28.68 29.02
CA PHE A 94 22.15 -29.80 28.60
C PHE A 94 22.05 -29.85 27.07
N ILE A 95 21.69 -28.72 26.48
CA ILE A 95 21.55 -28.64 25.03
C ILE A 95 22.84 -29.03 24.30
N VAL A 96 23.97 -28.52 24.77
CA VAL A 96 25.26 -28.83 24.15
C VAL A 96 25.71 -30.29 24.34
N GLU A 97 25.69 -30.73 25.59
CA GLU A 97 26.12 -32.09 25.94
C GLU A 97 25.17 -33.21 25.52
N LYS A 98 23.88 -32.92 25.48
CA LYS A 98 22.90 -33.95 25.14
C LYS A 98 22.27 -33.84 23.75
N HIS A 99 22.59 -32.77 23.02
CA HIS A 99 21.98 -32.64 21.70
C HIS A 99 22.93 -32.20 20.59
N LEU A 100 23.41 -30.97 20.69
CA LEU A 100 24.28 -30.39 19.67
C LEU A 100 25.62 -31.08 19.44
N ASN A 101 26.11 -31.82 20.42
CA ASN A 101 27.39 -32.49 20.28
C ASN A 101 27.43 -33.41 19.05
N ARG A 102 26.30 -34.02 18.70
CA ARG A 102 26.26 -34.94 17.57
C ARG A 102 26.57 -34.28 16.21
N PHE A 103 26.41 -32.97 16.13
CA PHE A 103 26.67 -32.24 14.90
C PHE A 103 28.06 -31.64 14.91
N ILE A 104 28.63 -31.51 16.11
CA ILE A 104 29.93 -30.90 16.30
C ILE A 104 31.14 -31.83 16.22
N GLU A 105 31.14 -32.87 17.04
CA GLU A 105 32.24 -33.82 17.10
C GLU A 105 32.41 -34.62 15.82
N GLY A 106 33.64 -34.72 15.35
CA GLY A 106 33.91 -35.47 14.13
C GLY A 106 34.05 -34.60 12.89
N LYS A 107 33.63 -33.35 13.00
CA LYS A 107 33.71 -32.42 11.87
C LYS A 107 35.12 -31.82 11.79
N CYS A 108 35.42 -31.16 10.68
CA CYS A 108 36.70 -30.52 10.51
C CYS A 108 36.54 -29.19 11.24
N VAL A 109 37.63 -28.63 11.77
CA VAL A 109 37.54 -27.36 12.47
C VAL A 109 37.05 -26.23 11.54
N SER A 110 37.09 -26.47 10.25
CA SER A 110 36.64 -25.46 9.30
C SER A 110 35.16 -25.59 8.91
N ASP A 111 34.51 -26.67 9.36
CA ASP A 111 33.09 -26.90 9.05
C ASP A 111 32.16 -26.05 9.92
N ILE A 112 32.53 -24.80 10.15
CA ILE A 112 31.75 -23.91 11.00
C ILE A 112 30.33 -23.62 10.52
N LYS A 113 30.20 -23.15 9.27
CA LYS A 113 28.88 -22.85 8.73
C LYS A 113 27.99 -24.07 8.65
N LEU A 114 28.58 -25.22 8.37
CA LEU A 114 27.83 -26.46 8.27
C LEU A 114 27.23 -26.83 9.63
N ILE A 115 28.07 -26.82 10.65
CA ILE A 115 27.62 -27.14 12.00
C ILE A 115 26.52 -26.15 12.41
N HIS A 116 26.70 -24.90 12.03
CA HIS A 116 25.74 -23.85 12.35
C HIS A 116 24.36 -24.15 11.78
N ASP A 117 24.31 -24.48 10.49
CA ASP A 117 23.03 -24.78 9.86
C ASP A 117 22.37 -25.99 10.52
N GLN A 118 23.16 -27.00 10.84
CA GLN A 118 22.61 -28.19 11.48
C GLN A 118 22.08 -27.90 12.88
N MET A 119 22.76 -27.04 13.63
CA MET A 119 22.27 -26.70 14.97
C MET A 119 20.93 -25.99 14.84
N LEU A 120 20.84 -25.03 13.92
CA LEU A 120 19.60 -24.29 13.73
C LEU A 120 18.47 -25.22 13.27
N GLY A 121 18.79 -26.12 12.35
CA GLY A 121 17.78 -27.03 11.84
C GLY A 121 17.28 -28.06 12.84
N ALA A 122 18.19 -28.64 13.62
CA ALA A 122 17.82 -29.66 14.59
C ALA A 122 17.08 -29.12 15.82
N THR A 123 17.24 -27.84 16.11
CA THR A 123 16.59 -27.22 17.28
C THR A 123 15.41 -26.32 16.93
N MET A 124 15.11 -26.18 15.65
CA MET A 124 14.02 -25.31 15.22
C MET A 124 12.70 -25.60 15.93
N TYR A 125 12.45 -26.86 16.26
CA TYR A 125 11.19 -27.21 16.91
C TYR A 125 11.07 -26.77 18.36
N TYR A 126 12.17 -26.34 18.97
CA TYR A 126 12.11 -25.88 20.36
C TYR A 126 12.95 -24.63 20.67
N SER A 127 13.59 -24.07 19.65
CA SER A 127 14.42 -22.89 19.86
C SER A 127 13.64 -21.57 20.05
N GLY A 128 12.45 -21.49 19.48
CA GLY A 128 11.69 -20.26 19.60
C GLY A 128 12.34 -19.10 18.85
N SER A 129 13.25 -19.40 17.94
CA SER A 129 13.95 -18.38 17.15
C SER A 129 14.72 -17.33 17.96
N GLY A 130 15.03 -17.63 19.22
CA GLY A 130 15.77 -16.67 20.03
C GLY A 130 15.83 -17.08 21.48
N GLY A 131 16.50 -16.27 22.30
CA GLY A 131 16.60 -16.59 23.70
C GLY A 131 17.55 -17.73 24.04
N LEU A 132 17.29 -18.35 25.18
CA LEU A 132 18.09 -19.45 25.72
C LEU A 132 18.72 -20.41 24.73
N VAL A 133 17.89 -21.04 23.90
CA VAL A 133 18.39 -22.01 22.93
C VAL A 133 19.28 -21.35 21.88
N MET A 134 18.92 -20.16 21.43
CA MET A 134 19.74 -19.48 20.43
C MET A 134 21.04 -19.03 21.06
N ASN A 135 20.98 -18.64 22.34
CA ASN A 135 22.16 -18.21 23.08
C ASN A 135 23.16 -19.37 23.11
N THR A 136 22.62 -20.58 23.30
CA THR A 136 23.44 -21.78 23.37
C THR A 136 24.09 -22.05 22.02
N ILE A 137 23.29 -21.99 20.96
CA ILE A 137 23.81 -22.18 19.61
C ILE A 137 24.90 -21.15 19.33
N SER A 138 24.65 -19.90 19.69
CA SER A 138 25.62 -18.82 19.48
C SER A 138 26.94 -19.10 20.17
N CYS A 139 26.87 -19.62 21.39
CA CYS A 139 28.07 -19.90 22.16
C CYS A 139 28.91 -20.96 21.45
N VAL A 140 28.24 -21.97 20.89
CA VAL A 140 28.93 -23.04 20.17
C VAL A 140 29.60 -22.45 18.92
N ASP A 141 28.83 -21.66 18.17
CA ASP A 141 29.34 -21.03 16.95
C ASP A 141 30.61 -20.22 17.25
N LEU A 142 30.57 -19.43 18.31
CA LEU A 142 31.73 -18.63 18.69
C LEU A 142 32.92 -19.50 19.10
N ALA A 143 32.65 -20.59 19.81
CA ALA A 143 33.73 -21.48 20.23
C ALA A 143 34.39 -22.09 18.99
N LEU A 144 33.59 -22.38 17.96
CA LEU A 144 34.10 -22.96 16.72
C LEU A 144 34.98 -21.97 15.96
N TRP A 145 34.56 -20.72 15.89
CA TRP A 145 35.36 -19.71 15.20
C TRP A 145 36.66 -19.48 15.97
N ASP A 146 36.59 -19.55 17.31
CA ASP A 146 37.76 -19.33 18.15
C ASP A 146 38.79 -20.45 17.90
N LEU A 147 38.30 -21.69 17.86
CA LEU A 147 39.17 -22.84 17.62
C LEU A 147 39.78 -22.78 16.22
N PHE A 148 38.95 -22.48 15.23
CA PHE A 148 39.45 -22.40 13.86
C PHE A 148 40.53 -21.33 13.76
N GLY A 149 40.30 -20.18 14.39
CA GLY A 149 41.27 -19.11 14.36
C GLY A 149 42.56 -19.46 15.08
N LYS A 150 42.44 -20.19 16.19
CA LYS A 150 43.63 -20.57 16.94
C LYS A 150 44.43 -21.64 16.22
N VAL A 151 43.75 -22.50 15.47
CA VAL A 151 44.42 -23.55 14.71
C VAL A 151 45.17 -22.89 13.54
N VAL A 152 44.48 -22.00 12.83
CA VAL A 152 45.09 -21.30 11.69
C VAL A 152 46.21 -20.35 12.14
N GLY A 153 46.07 -19.81 13.34
CA GLY A 153 47.07 -18.89 13.85
C GLY A 153 46.77 -17.45 13.47
N LEU A 154 45.48 -17.14 13.29
CA LEU A 154 45.09 -15.78 12.93
C LEU A 154 43.96 -15.25 13.81
N PRO A 155 43.91 -13.92 13.97
CA PRO A 155 42.86 -13.31 14.78
C PRO A 155 41.61 -13.48 13.94
N VAL A 156 40.45 -13.62 14.58
CA VAL A 156 39.22 -13.79 13.80
C VAL A 156 39.00 -12.62 12.83
N TYR A 157 39.35 -11.41 13.24
CA TYR A 157 39.13 -10.25 12.38
C TYR A 157 39.89 -10.33 11.06
N LYS A 158 41.07 -10.94 11.06
CA LYS A 158 41.82 -11.09 9.83
C LYS A 158 41.21 -12.19 8.96
N LEU A 159 40.72 -13.25 9.59
CA LEU A 159 40.09 -14.34 8.83
C LEU A 159 38.85 -13.82 8.10
N LEU A 160 38.17 -12.86 8.72
CA LEU A 160 36.94 -12.29 8.16
C LEU A 160 37.11 -11.31 7.00
N GLY A 161 38.34 -10.86 6.75
CA GLY A 161 38.53 -9.92 5.66
C GLY A 161 39.27 -8.66 6.09
N GLY A 162 39.77 -8.66 7.31
CA GLY A 162 40.54 -7.54 7.81
C GLY A 162 39.74 -6.39 8.38
N ALA A 163 40.43 -5.55 9.14
CA ALA A 163 39.81 -4.40 9.78
C ALA A 163 39.59 -3.30 8.75
N VAL A 164 38.50 -2.55 8.89
CA VAL A 164 38.22 -1.47 7.97
C VAL A 164 38.43 -0.14 8.68
N ARG A 165 38.97 -0.22 9.89
CA ARG A 165 39.28 0.93 10.72
C ARG A 165 40.42 0.51 11.66
N ASP A 166 41.29 1.45 12.02
CA ASP A 166 42.41 1.12 12.91
C ASP A 166 42.04 0.93 14.37
N GLU A 167 40.89 1.46 14.77
CA GLU A 167 40.45 1.32 16.16
C GLU A 167 38.94 1.36 16.26
N ILE A 168 38.42 0.72 17.30
CA ILE A 168 36.98 0.69 17.57
C ILE A 168 36.75 1.79 18.59
N GLN A 169 35.75 2.65 18.35
CA GLN A 169 35.45 3.71 19.31
C GLN A 169 34.16 3.31 20.00
N PHE A 170 34.11 3.49 21.32
CA PHE A 170 32.96 3.06 22.12
C PHE A 170 32.14 4.14 22.79
N TYR A 171 30.88 3.79 23.04
CA TYR A 171 29.98 4.63 23.83
C TYR A 171 29.82 3.69 25.02
N ALA A 172 29.54 4.24 26.20
CA ALA A 172 29.41 3.43 27.40
C ALA A 172 27.98 3.38 27.91
N THR A 173 27.56 2.19 28.34
CA THR A 173 26.22 2.05 28.88
C THR A 173 26.31 1.91 30.39
N GLY A 174 25.58 2.78 31.09
CA GLY A 174 25.58 2.79 32.54
C GLY A 174 24.93 4.05 33.08
N ALA A 175 24.94 4.21 34.40
CA ALA A 175 24.33 5.36 35.06
C ALA A 175 25.18 6.64 35.07
N ARG A 176 26.42 6.55 34.60
CA ARG A 176 27.28 7.72 34.64
C ARG A 176 27.88 8.22 33.32
N PRO A 177 27.04 8.78 32.43
CA PRO A 177 27.58 9.29 31.16
C PRO A 177 28.71 10.29 31.41
N ASP A 178 28.59 11.09 32.47
CA ASP A 178 29.62 12.08 32.76
C ASP A 178 30.99 11.44 33.05
N LEU A 179 31.01 10.37 33.86
CA LEU A 179 32.27 9.69 34.14
C LEU A 179 32.79 9.02 32.87
N ALA A 180 31.86 8.53 32.04
CA ALA A 180 32.21 7.88 30.79
C ALA A 180 32.90 8.87 29.86
N LYS A 181 32.42 10.10 29.83
CA LYS A 181 33.04 11.12 28.97
C LYS A 181 34.49 11.33 29.40
N GLU A 182 34.72 11.47 30.70
CA GLU A 182 36.07 11.66 31.20
C GLU A 182 36.98 10.50 30.78
N MET A 183 36.40 9.30 30.73
CA MET A 183 37.16 8.12 30.33
C MET A 183 37.50 8.08 28.84
N GLY A 184 36.86 8.93 28.06
CA GLY A 184 37.15 8.97 26.63
C GLY A 184 36.11 8.37 25.71
N PHE A 185 35.00 7.90 26.28
CA PHE A 185 33.94 7.32 25.47
C PHE A 185 33.28 8.43 24.65
N ILE A 186 32.69 8.06 23.52
CA ILE A 186 32.06 9.02 22.63
C ILE A 186 30.62 9.33 22.98
N GLY A 187 30.03 8.52 23.87
CA GLY A 187 28.66 8.75 24.27
C GLY A 187 28.30 7.91 25.47
N GLY A 188 27.12 8.15 26.02
CA GLY A 188 26.69 7.41 27.19
C GLY A 188 25.22 7.07 27.07
N LYS A 189 24.91 5.79 27.21
CA LYS A 189 23.53 5.34 27.13
C LYS A 189 23.06 5.05 28.54
N MET A 190 21.94 5.64 28.93
CA MET A 190 21.39 5.44 30.27
C MET A 190 20.13 4.61 30.23
N PRO A 191 19.84 3.87 31.30
CA PRO A 191 18.62 3.06 31.32
C PRO A 191 17.48 3.93 31.83
N THR A 192 16.27 3.70 31.34
CA THR A 192 15.13 4.44 31.85
C THR A 192 14.82 3.80 33.19
N HIS A 193 14.25 4.57 34.10
CA HIS A 193 13.91 4.03 35.43
C HIS A 193 12.42 3.95 35.66
N TRP A 194 11.65 4.60 34.79
CA TRP A 194 10.19 4.58 34.91
C TRP A 194 9.52 4.06 33.66
N GLY A 195 8.27 3.60 33.82
CA GLY A 195 7.54 3.02 32.70
C GLY A 195 6.14 3.59 32.48
N PRO A 196 5.39 3.03 31.52
CA PRO A 196 4.04 3.50 31.21
C PRO A 196 3.15 3.73 32.43
N HIS A 197 3.25 2.83 33.41
CA HIS A 197 2.44 2.93 34.62
C HIS A 197 2.75 4.20 35.42
N ASP A 198 3.92 4.80 35.14
CA ASP A 198 4.32 6.02 35.83
C ASP A 198 3.79 7.27 35.15
N GLY A 199 3.27 7.11 33.94
CA GLY A 199 2.71 8.22 33.22
C GLY A 199 3.62 9.43 33.00
N ASP A 200 3.01 10.61 33.06
CA ASP A 200 3.75 11.85 32.83
C ASP A 200 4.87 12.09 33.83
N ALA A 201 4.70 11.62 35.06
CA ALA A 201 5.74 11.79 36.07
C ALA A 201 6.96 10.97 35.64
N GLY A 202 6.72 9.78 35.12
CA GLY A 202 7.82 8.94 34.69
C GLY A 202 8.60 9.60 33.55
N ILE A 203 7.86 10.16 32.60
CA ILE A 203 8.48 10.83 31.46
C ILE A 203 9.32 12.01 31.94
N ARG A 204 8.75 12.80 32.85
CA ARG A 204 9.47 13.95 33.37
C ARG A 204 10.75 13.55 34.09
N LYS A 205 10.69 12.50 34.92
CA LYS A 205 11.87 12.07 35.65
C LYS A 205 13.00 11.57 34.75
N ASP A 206 12.69 10.71 33.78
CA ASP A 206 13.76 10.23 32.90
C ASP A 206 14.23 11.32 31.95
N ALA A 207 13.34 12.21 31.52
CA ALA A 207 13.75 13.28 30.62
C ALA A 207 14.66 14.24 31.39
N ALA A 208 14.39 14.41 32.68
CA ALA A 208 15.21 15.30 33.52
C ALA A 208 16.60 14.69 33.69
N MET A 209 16.65 13.36 33.74
CA MET A 209 17.91 12.64 33.89
C MET A 209 18.78 12.93 32.68
N VAL A 210 18.18 12.89 31.49
CA VAL A 210 18.88 13.15 30.24
C VAL A 210 19.32 14.62 30.19
N ALA A 211 18.42 15.52 30.55
CA ALA A 211 18.73 16.94 30.54
C ALA A 211 19.94 17.22 31.43
N ASP A 212 19.94 16.60 32.60
CA ASP A 212 21.04 16.78 33.55
C ASP A 212 22.37 16.37 32.94
N MET A 213 22.39 15.18 32.32
CA MET A 213 23.61 14.69 31.70
C MET A 213 24.00 15.52 30.49
N ARG A 214 23.03 16.11 29.79
CA ARG A 214 23.37 16.94 28.64
C ARG A 214 24.11 18.17 29.14
N GLU A 215 23.67 18.70 30.28
CA GLU A 215 24.34 19.88 30.84
C GLU A 215 25.76 19.54 31.28
N LYS A 216 25.92 18.37 31.89
CA LYS A 216 27.22 17.93 32.38
C LYS A 216 28.19 17.47 31.29
N CYS A 217 27.66 16.89 30.21
CA CYS A 217 28.53 16.37 29.16
C CYS A 217 28.79 17.23 27.92
N GLY A 218 28.01 18.30 27.73
CA GLY A 218 28.23 19.12 26.55
C GLY A 218 27.40 18.59 25.39
N PRO A 219 27.34 19.31 24.26
CA PRO A 219 26.55 18.89 23.10
C PRO A 219 27.10 17.81 22.16
N ASP A 220 28.41 17.58 22.16
CA ASP A 220 28.97 16.60 21.23
C ASP A 220 29.10 15.16 21.72
N PHE A 221 29.01 14.98 23.03
CA PHE A 221 29.09 13.66 23.63
C PHE A 221 27.69 13.11 23.44
N TRP A 222 27.54 11.94 22.83
CA TRP A 222 26.20 11.41 22.60
C TRP A 222 25.51 10.92 23.86
N LEU A 223 24.18 11.03 23.87
CA LEU A 223 23.37 10.54 24.98
C LEU A 223 22.26 9.67 24.40
N MET A 224 22.00 8.54 25.03
CA MET A 224 20.98 7.60 24.57
C MET A 224 20.22 7.02 25.75
N LEU A 225 19.04 6.48 25.48
CA LEU A 225 18.24 5.85 26.53
C LEU A 225 17.97 4.42 26.16
N ASP A 226 18.09 3.53 27.13
CA ASP A 226 17.82 2.11 26.91
C ASP A 226 16.54 1.87 27.70
N CYS A 227 15.52 1.32 27.04
CA CYS A 227 14.23 1.09 27.67
C CYS A 227 13.90 -0.36 27.98
N TRP A 228 14.84 -1.25 27.71
CA TRP A 228 14.74 -2.68 27.97
C TRP A 228 13.33 -3.31 27.87
N MET A 229 12.71 -3.18 26.71
CA MET A 229 11.39 -3.78 26.41
C MET A 229 10.25 -3.33 27.32
N SER A 230 10.48 -2.26 28.08
CA SER A 230 9.51 -1.82 29.08
C SER A 230 8.32 -0.92 28.73
N GLN A 231 8.21 -0.46 27.50
CA GLN A 231 7.14 0.47 27.16
C GLN A 231 6.12 -0.03 26.14
N ASP A 232 5.29 0.90 25.66
CA ASP A 232 4.31 0.63 24.61
C ASP A 232 4.52 1.79 23.64
N VAL A 233 3.88 1.78 22.48
CA VAL A 233 4.12 2.84 21.51
C VAL A 233 3.85 4.26 22.01
N ASN A 234 2.70 4.47 22.64
CA ASN A 234 2.37 5.80 23.15
C ASN A 234 3.40 6.35 24.15
N TYR A 235 3.76 5.56 25.15
CA TYR A 235 4.73 6.02 26.16
C TYR A 235 6.09 6.32 25.53
N ALA A 236 6.53 5.44 24.64
CA ALA A 236 7.81 5.62 23.97
C ALA A 236 7.80 6.90 23.14
N THR A 237 6.68 7.16 22.48
CA THR A 237 6.57 8.35 21.65
C THR A 237 6.69 9.59 22.54
N LYS A 238 5.95 9.61 23.64
CA LYS A 238 6.02 10.75 24.54
C LYS A 238 7.42 10.98 25.10
N LEU A 239 8.09 9.90 25.49
CA LEU A 239 9.44 10.03 26.07
C LEU A 239 10.41 10.54 25.02
N ALA A 240 10.30 10.03 23.81
CA ALA A 240 11.17 10.44 22.72
C ALA A 240 11.02 11.94 22.48
N HIS A 241 9.79 12.40 22.38
CA HIS A 241 9.55 13.82 22.15
C HIS A 241 10.00 14.66 23.34
N ALA A 242 9.86 14.11 24.54
CA ALA A 242 10.27 14.83 25.74
C ALA A 242 11.78 15.01 25.81
N CYS A 243 12.53 14.10 25.18
CA CYS A 243 14.00 14.17 25.18
C CYS A 243 14.59 14.85 23.94
N ALA A 244 13.76 15.10 22.94
CA ALA A 244 14.24 15.72 21.70
C ALA A 244 14.98 17.05 21.90
N PRO A 245 14.54 17.88 22.85
CA PRO A 245 15.23 19.16 23.09
C PRO A 245 16.69 19.00 23.52
N PHE A 246 17.03 17.81 23.99
CA PHE A 246 18.40 17.55 24.47
C PHE A 246 19.20 16.74 23.48
N ASN A 247 18.67 16.61 22.28
CA ASN A 247 19.31 15.86 21.21
C ASN A 247 19.68 14.43 21.59
N LEU A 248 18.70 13.70 22.14
CA LEU A 248 18.95 12.31 22.49
C LEU A 248 19.24 11.64 21.15
N LYS A 249 20.36 10.91 21.05
CA LYS A 249 20.74 10.29 19.78
C LYS A 249 19.79 9.16 19.36
N TRP A 250 19.43 8.30 20.30
CA TRP A 250 18.48 7.23 20.00
C TRP A 250 17.76 6.73 21.25
N ILE A 251 16.62 6.08 21.04
CA ILE A 251 15.84 5.50 22.12
C ILE A 251 15.80 4.01 21.74
N GLU A 252 16.28 3.17 22.65
CA GLU A 252 16.45 1.75 22.39
C GLU A 252 15.54 0.72 23.06
N GLU A 253 15.18 -0.28 22.27
CA GLU A 253 14.35 -1.39 22.68
C GLU A 253 13.15 -0.99 23.55
N CYS A 254 12.34 -0.08 23.00
CA CYS A 254 11.16 0.37 23.72
C CYS A 254 10.12 -0.75 23.87
N LEU A 255 10.10 -1.68 22.93
CA LEU A 255 9.09 -2.74 22.92
C LEU A 255 9.59 -4.18 22.97
N PRO A 256 8.74 -5.11 23.45
CA PRO A 256 9.13 -6.52 23.50
C PRO A 256 9.50 -6.87 22.05
N PRO A 257 10.37 -7.87 21.83
CA PRO A 257 10.79 -8.25 20.48
C PRO A 257 9.74 -8.65 19.42
N GLN A 258 8.65 -9.28 19.83
CA GLN A 258 7.66 -9.70 18.85
C GLN A 258 6.87 -8.55 18.24
N GLN A 259 6.91 -7.39 18.89
CA GLN A 259 6.11 -6.26 18.42
C GLN A 259 6.68 -5.46 17.24
N TYR A 260 6.88 -6.14 16.13
CA TYR A 260 7.42 -5.50 14.91
C TYR A 260 6.53 -4.37 14.43
N GLU A 261 5.21 -4.62 14.43
CA GLU A 261 4.25 -3.62 13.98
C GLU A 261 4.34 -2.37 14.84
N GLY A 262 4.57 -2.56 16.14
CA GLY A 262 4.71 -1.44 17.05
C GLY A 262 6.00 -0.68 16.77
N TYR A 263 7.08 -1.38 16.44
CA TYR A 263 8.33 -0.72 16.12
C TYR A 263 8.17 0.13 14.86
N ARG A 264 7.38 -0.38 13.90
CA ARG A 264 7.15 0.37 12.66
C ARG A 264 6.43 1.68 12.98
N GLU A 265 5.43 1.60 13.86
CA GLU A 265 4.67 2.79 14.24
C GLU A 265 5.50 3.75 15.09
N LEU A 266 6.33 3.20 15.98
CA LEU A 266 7.16 4.05 16.83
C LEU A 266 8.16 4.84 15.98
N LYS A 267 8.82 4.17 15.05
CA LYS A 267 9.78 4.84 14.17
C LYS A 267 9.11 5.97 13.41
N ARG A 268 7.90 5.72 12.93
CA ARG A 268 7.15 6.74 12.21
C ARG A 268 6.84 7.95 13.09
N ASN A 269 6.57 7.68 14.38
CA ASN A 269 6.24 8.75 15.32
C ASN A 269 7.45 9.41 15.98
N ALA A 270 8.65 8.92 15.72
CA ALA A 270 9.85 9.49 16.34
C ALA A 270 10.18 10.91 15.91
N PRO A 271 10.76 11.70 16.81
CA PRO A 271 11.15 13.08 16.49
C PRO A 271 12.14 13.08 15.33
N ALA A 272 12.05 14.08 14.47
CA ALA A 272 12.95 14.15 13.32
C ALA A 272 14.42 14.05 13.75
N GLY A 273 15.15 13.16 13.08
CA GLY A 273 16.56 12.99 13.39
C GLY A 273 16.90 12.06 14.55
N MET A 274 15.91 11.70 15.37
CA MET A 274 16.15 10.81 16.48
C MET A 274 16.00 9.36 16.03
N MET A 275 16.97 8.51 16.38
CA MET A 275 16.92 7.12 15.96
C MET A 275 16.19 6.19 16.93
N VAL A 276 15.62 5.14 16.37
CA VAL A 276 14.89 4.12 17.12
C VAL A 276 15.68 2.84 16.88
N THR A 277 15.99 2.11 17.94
CA THR A 277 16.78 0.89 17.81
C THR A 277 16.22 -0.26 18.61
N SER A 278 16.69 -1.46 18.28
CA SER A 278 16.29 -2.68 18.95
C SER A 278 17.13 -3.82 18.38
N GLY A 279 16.86 -5.03 18.84
CA GLY A 279 17.55 -6.19 18.30
C GLY A 279 18.35 -7.07 19.24
N GLU A 280 18.75 -6.57 20.40
CA GLU A 280 19.56 -7.41 21.28
C GLU A 280 18.87 -8.70 21.70
N HIS A 281 17.54 -8.72 21.74
CA HIS A 281 16.85 -9.95 22.13
C HIS A 281 16.30 -10.76 20.95
N HIS A 282 16.57 -10.32 19.72
CA HIS A 282 16.10 -11.06 18.55
C HIS A 282 17.12 -12.13 18.16
N GLY A 283 16.67 -13.16 17.47
CA GLY A 283 17.55 -14.23 17.05
C GLY A 283 17.16 -14.76 15.69
N THR A 284 18.14 -15.30 14.97
CA THR A 284 18.00 -15.85 13.62
C THR A 284 17.97 -14.73 12.58
N LEU A 285 18.57 -15.00 11.43
CA LEU A 285 18.61 -14.01 10.37
C LEU A 285 17.23 -13.55 9.92
N GLN A 286 16.29 -14.49 9.84
CA GLN A 286 14.94 -14.18 9.40
C GLN A 286 14.22 -13.18 10.31
N SER A 287 14.47 -13.26 11.61
CA SER A 287 13.82 -12.32 12.53
C SER A 287 14.39 -10.93 12.25
N PHE A 288 15.68 -10.87 11.94
CA PHE A 288 16.29 -9.58 11.66
C PHE A 288 15.83 -8.98 10.35
N ARG A 289 15.42 -9.83 9.40
CA ARG A 289 14.90 -9.34 8.13
C ARG A 289 13.58 -8.62 8.47
N THR A 290 12.76 -9.26 9.31
CA THR A 290 11.49 -8.68 9.69
C THR A 290 11.73 -7.40 10.50
N LEU A 291 12.69 -7.43 11.40
CA LEU A 291 12.98 -6.26 12.21
C LEU A 291 13.47 -5.12 11.31
N ALA A 292 14.38 -5.44 10.40
CA ALA A 292 14.90 -4.42 9.49
C ALA A 292 13.80 -3.72 8.71
N GLU A 293 12.80 -4.48 8.27
CA GLU A 293 11.72 -3.91 7.49
C GLU A 293 10.74 -3.00 8.24
N THR A 294 10.89 -2.90 9.56
CA THR A 294 10.03 -2.00 10.34
C THR A 294 10.56 -0.58 10.17
N GLY A 295 11.79 -0.47 9.67
CA GLY A 295 12.38 0.83 9.43
C GLY A 295 13.22 1.40 10.56
N ILE A 296 13.44 0.64 11.62
CA ILE A 296 14.26 1.16 12.71
C ILE A 296 15.66 1.44 12.17
N ASP A 297 16.33 2.41 12.78
CA ASP A 297 17.65 2.84 12.34
C ASP A 297 18.83 1.89 12.55
N ILE A 298 18.92 1.30 13.74
CA ILE A 298 20.03 0.42 14.06
C ILE A 298 19.58 -0.87 14.73
N MET A 299 20.04 -2.00 14.20
CA MET A 299 19.72 -3.29 14.81
C MET A 299 20.92 -3.62 15.69
N GLN A 300 20.64 -4.13 16.89
CA GLN A 300 21.69 -4.40 17.87
C GLN A 300 21.77 -5.82 18.38
N PRO A 301 22.11 -6.78 17.51
CA PRO A 301 22.21 -8.16 17.97
C PRO A 301 23.35 -8.37 18.97
N ASP A 302 23.19 -9.30 19.91
CA ASP A 302 24.27 -9.62 20.85
C ASP A 302 24.88 -10.82 20.13
N VAL A 303 26.18 -10.80 19.89
CA VAL A 303 26.81 -11.89 19.17
C VAL A 303 26.58 -13.25 19.84
N GLY A 304 26.45 -13.26 21.16
CA GLY A 304 26.23 -14.49 21.87
C GLY A 304 24.78 -14.90 22.01
N TRP A 305 23.85 -14.08 21.49
CA TRP A 305 22.43 -14.41 21.59
C TRP A 305 21.70 -14.50 20.25
N CYS A 306 22.22 -13.81 19.23
CA CYS A 306 21.55 -13.77 17.94
C CYS A 306 21.70 -14.98 17.05
N GLY A 307 22.67 -15.82 17.37
CA GLY A 307 22.94 -17.01 16.59
C GLY A 307 24.43 -17.23 16.44
N GLY A 308 25.21 -16.25 16.87
CA GLY A 308 26.66 -16.35 16.79
C GLY A 308 27.31 -15.42 15.76
N LEU A 309 28.61 -15.55 15.59
CA LEU A 309 29.32 -14.71 14.62
C LEU A 309 28.81 -15.01 13.22
N THR A 310 28.57 -16.28 12.93
CA THR A 310 28.09 -16.69 11.63
C THR A 310 26.81 -15.93 11.28
N THR A 311 25.96 -15.72 12.27
CA THR A 311 24.71 -15.02 12.05
C THR A 311 24.94 -13.51 12.04
N LEU A 312 25.81 -13.01 12.92
CA LEU A 312 26.09 -11.58 12.99
C LEU A 312 26.58 -11.03 11.65
N VAL A 313 27.45 -11.78 11.00
CA VAL A 313 27.99 -11.32 9.72
C VAL A 313 26.88 -11.16 8.68
N GLU A 314 25.89 -12.04 8.72
CA GLU A 314 24.77 -11.97 7.78
C GLU A 314 23.87 -10.77 8.09
N ILE A 315 23.65 -10.51 9.37
CA ILE A 315 22.81 -9.38 9.78
C ILE A 315 23.47 -8.07 9.33
N ALA A 316 24.80 -8.03 9.42
CA ALA A 316 25.57 -6.85 9.01
C ALA A 316 25.35 -6.57 7.52
N ALA A 317 25.34 -7.63 6.72
CA ALA A 317 25.14 -7.50 5.28
C ALA A 317 23.71 -7.02 5.01
N LEU A 318 22.76 -7.58 5.76
CA LEU A 318 21.37 -7.20 5.63
C LEU A 318 21.21 -5.70 5.87
N ALA A 319 21.76 -5.22 6.98
CA ALA A 319 21.67 -3.80 7.30
C ALA A 319 22.40 -2.95 6.26
N LYS A 320 23.58 -3.40 5.86
CA LYS A 320 24.38 -2.67 4.87
C LYS A 320 23.65 -2.53 3.54
N SER A 321 22.89 -3.56 3.17
CA SER A 321 22.14 -3.54 1.91
C SER A 321 21.06 -2.46 1.92
N ARG A 322 20.66 -2.07 3.13
CA ARG A 322 19.63 -1.07 3.32
C ARG A 322 20.20 0.30 3.68
N GLY A 323 21.52 0.42 3.58
CA GLY A 323 22.18 1.68 3.90
C GLY A 323 22.09 2.01 5.37
N GLN A 324 21.97 0.98 6.21
CA GLN A 324 21.85 1.17 7.65
C GLN A 324 23.03 0.61 8.44
N LEU A 325 23.07 0.98 9.72
CA LEU A 325 24.14 0.55 10.61
C LEU A 325 23.74 -0.62 11.50
N VAL A 326 24.74 -1.33 12.01
CA VAL A 326 24.55 -2.44 12.92
C VAL A 326 25.54 -2.22 14.05
N VAL A 327 25.03 -2.12 15.27
CA VAL A 327 25.87 -1.90 16.44
C VAL A 327 25.48 -2.95 17.48
N PRO A 328 26.24 -4.05 17.53
CA PRO A 328 25.99 -5.15 18.46
C PRO A 328 25.90 -4.75 19.92
N HIS A 329 25.19 -5.57 20.68
CA HIS A 329 25.01 -5.38 22.12
C HIS A 329 26.18 -6.03 22.87
N GLY A 330 26.92 -5.24 23.64
CA GLY A 330 28.05 -5.77 24.39
C GLY A 330 28.89 -6.76 23.61
N SER A 331 29.05 -7.97 24.15
CA SER A 331 29.79 -9.05 23.50
C SER A 331 31.32 -9.06 23.52
N SER A 332 31.94 -7.99 24.01
CA SER A 332 33.40 -7.95 24.12
C SER A 332 34.11 -8.38 22.83
N VAL A 333 35.16 -9.18 22.97
CA VAL A 333 35.94 -9.65 21.82
C VAL A 333 35.13 -10.34 20.74
N TYR A 334 34.02 -10.97 21.10
CA TYR A 334 33.20 -11.66 20.12
C TYR A 334 32.58 -10.67 19.14
N SER A 335 32.44 -9.42 19.59
CA SER A 335 31.89 -8.39 18.72
C SER A 335 33.06 -7.66 18.05
N HIS A 336 34.09 -7.34 18.82
CA HIS A 336 35.26 -6.60 18.33
C HIS A 336 35.89 -7.16 17.05
N HIS A 337 36.11 -8.46 17.01
CA HIS A 337 36.71 -9.09 15.85
C HIS A 337 35.80 -9.05 14.64
N ALA A 338 34.50 -8.91 14.87
CA ALA A 338 33.58 -8.84 13.75
C ALA A 338 33.34 -7.40 13.31
N VAL A 339 32.98 -6.55 14.27
CA VAL A 339 32.67 -5.15 13.93
C VAL A 339 33.81 -4.31 13.40
N ILE A 340 35.04 -4.65 13.75
CA ILE A 340 36.15 -3.87 13.26
C ILE A 340 36.29 -4.09 11.75
N THR A 341 35.59 -5.09 11.23
CA THR A 341 35.63 -5.40 9.80
C THR A 341 34.36 -4.94 9.08
N PHE A 342 33.39 -4.40 9.81
CA PHE A 342 32.13 -3.94 9.24
C PHE A 342 32.16 -2.45 8.91
N THR A 343 32.02 -2.08 7.64
CA THR A 343 32.05 -0.67 7.31
C THR A 343 30.87 0.04 7.97
N ASN A 344 29.77 -0.69 8.18
CA ASN A 344 28.58 -0.12 8.78
C ASN A 344 28.43 -0.28 10.30
N THR A 345 29.55 -0.41 11.00
CA THR A 345 29.55 -0.46 12.47
C THR A 345 30.60 0.55 12.87
N PRO A 346 30.28 1.85 12.73
CA PRO A 346 31.19 2.97 13.06
C PRO A 346 31.56 3.13 14.52
N PHE A 347 30.80 2.50 15.41
CA PHE A 347 31.10 2.57 16.83
C PHE A 347 30.53 1.32 17.52
N SER A 348 31.00 1.05 18.74
CA SER A 348 30.57 -0.11 19.48
C SER A 348 30.13 0.21 20.91
N GLU A 349 29.57 -0.78 21.58
CA GLU A 349 29.10 -0.60 22.94
C GLU A 349 29.98 -1.26 23.99
N PHE A 350 30.14 -0.57 25.11
CA PHE A 350 30.88 -1.11 26.25
C PHE A 350 29.87 -1.00 27.39
N LEU A 351 29.33 -2.13 27.83
CA LEU A 351 28.35 -2.16 28.92
C LEU A 351 29.07 -2.23 30.25
N MET A 352 28.93 -1.18 31.06
CA MET A 352 29.59 -1.10 32.36
C MET A 352 29.26 -2.23 33.33
N THR A 353 30.28 -2.96 33.76
CA THR A 353 30.10 -4.03 34.73
C THR A 353 30.55 -3.53 36.10
N SER A 354 31.19 -2.36 36.10
CA SER A 354 31.62 -1.70 37.33
C SER A 354 30.32 -1.32 38.04
N PRO A 355 30.15 -1.73 39.30
CA PRO A 355 28.93 -1.41 40.05
C PRO A 355 28.46 0.05 39.98
N ASP A 356 29.40 0.99 40.03
CA ASP A 356 29.05 2.40 39.98
C ASP A 356 29.54 3.13 38.73
N CYS A 357 29.89 2.36 37.70
CA CYS A 357 30.33 2.92 36.43
C CYS A 357 31.52 3.88 36.56
N SER A 358 32.42 3.58 37.49
CA SER A 358 33.57 4.45 37.72
C SER A 358 34.90 3.87 37.22
N THR A 359 34.91 2.58 36.89
CA THR A 359 36.14 1.95 36.42
C THR A 359 35.88 1.10 35.18
N LEU A 360 36.96 0.69 34.52
CA LEU A 360 36.86 -0.12 33.32
C LEU A 360 36.92 -1.62 33.60
N ARG A 361 36.02 -2.10 34.44
CA ARG A 361 35.96 -3.52 34.75
C ARG A 361 35.66 -4.23 33.43
N PRO A 362 36.39 -5.32 33.12
CA PRO A 362 36.17 -6.06 31.89
C PRO A 362 34.72 -6.44 31.61
N GLN A 363 34.33 -6.38 30.34
CA GLN A 363 32.98 -6.69 29.90
C GLN A 363 32.46 -8.03 30.42
N PHE A 364 33.32 -9.04 30.41
CA PHE A 364 32.93 -10.37 30.87
C PHE A 364 33.74 -10.82 32.10
N ASP A 365 34.17 -9.86 32.89
CA ASP A 365 34.94 -10.17 34.10
C ASP A 365 34.10 -11.14 34.93
N PRO A 366 34.73 -12.20 35.47
CA PRO A 366 36.16 -12.49 35.35
C PRO A 366 36.46 -13.77 34.56
N ILE A 367 35.46 -14.26 33.81
CA ILE A 367 35.61 -15.51 33.05
C ILE A 367 36.65 -15.50 31.94
N LEU A 368 36.95 -14.33 31.38
CA LEU A 368 37.91 -14.22 30.30
C LEU A 368 39.26 -13.69 30.76
N LEU A 369 40.33 -14.43 30.51
CA LEU A 369 41.67 -13.98 30.89
C LEU A 369 42.25 -13.07 29.81
N ASP A 370 42.95 -12.03 30.22
CA ASP A 370 43.57 -11.10 29.29
C ASP A 370 42.51 -10.43 28.40
N GLU A 371 41.33 -10.17 28.97
CA GLU A 371 40.25 -9.55 28.20
C GLU A 371 40.55 -8.08 27.98
N PRO A 372 40.63 -7.65 26.72
CA PRO A 372 40.92 -6.24 26.49
C PRO A 372 39.78 -5.32 26.92
N VAL A 373 40.14 -4.09 27.27
CA VAL A 373 39.17 -3.10 27.67
C VAL A 373 39.55 -1.81 26.99
N PRO A 374 38.57 -0.94 26.74
CA PRO A 374 38.87 0.33 26.07
C PRO A 374 39.90 1.17 26.80
N VAL A 375 40.78 1.79 26.03
CA VAL A 375 41.79 2.68 26.56
C VAL A 375 41.39 3.99 25.91
N ASN A 376 41.05 4.97 26.73
CA ASN A 376 40.60 6.26 26.22
C ASN A 376 39.37 6.01 25.34
N GLY A 377 38.52 5.07 25.78
CA GLY A 377 37.30 4.76 25.04
C GLY A 377 37.49 4.10 23.70
N ARG A 378 38.68 3.56 23.46
CA ARG A 378 38.96 2.91 22.19
C ARG A 378 39.78 1.65 22.34
N ILE A 379 39.72 0.79 21.33
CA ILE A 379 40.51 -0.44 21.31
C ILE A 379 41.16 -0.49 19.93
N HIS A 380 42.49 -0.33 19.91
CA HIS A 380 43.24 -0.35 18.66
C HIS A 380 43.25 -1.75 18.10
N LYS A 381 43.31 -1.88 16.78
CA LYS A 381 43.29 -3.19 16.17
C LYS A 381 44.47 -4.06 16.61
N SER A 382 45.60 -3.43 16.94
CA SER A 382 46.78 -4.18 17.36
C SER A 382 46.49 -4.95 18.65
N VAL A 383 45.52 -4.47 19.43
CA VAL A 383 45.16 -5.13 20.68
C VAL A 383 44.50 -6.47 20.38
N LEU A 384 43.93 -6.59 19.18
CA LEU A 384 43.27 -7.82 18.77
C LEU A 384 44.16 -8.78 17.99
N ASP A 385 45.44 -8.45 17.87
CA ASP A 385 46.37 -9.31 17.13
C ASP A 385 46.83 -10.55 17.90
N LYS A 386 45.86 -11.40 18.23
CA LYS A 386 46.10 -12.65 18.92
C LYS A 386 45.17 -13.66 18.23
N PRO A 387 45.51 -14.96 18.26
CA PRO A 387 44.69 -15.99 17.61
C PRO A 387 43.24 -16.13 18.08
N GLY A 388 42.35 -16.43 17.14
CA GLY A 388 40.94 -16.57 17.46
C GLY A 388 40.41 -15.27 18.01
N PHE A 389 39.71 -15.33 19.15
CA PHE A 389 39.20 -14.11 19.76
C PHE A 389 40.19 -13.57 20.78
N GLY A 390 41.40 -14.12 20.77
CA GLY A 390 42.48 -13.65 21.62
C GLY A 390 42.47 -13.80 23.13
N VAL A 391 41.55 -14.59 23.68
CA VAL A 391 41.51 -14.77 25.13
C VAL A 391 41.56 -16.23 25.58
N GLU A 392 41.78 -16.43 26.87
CA GLU A 392 41.84 -17.77 27.44
C GLU A 392 40.82 -17.90 28.56
N LEU A 393 40.35 -19.12 28.79
CA LEU A 393 39.35 -19.38 29.83
C LEU A 393 39.94 -19.34 31.24
N ASN A 394 39.34 -18.55 32.10
CA ASN A 394 39.81 -18.44 33.49
C ASN A 394 39.32 -19.65 34.27
N ARG A 395 40.15 -20.68 34.33
CA ARG A 395 39.77 -21.90 35.04
C ARG A 395 39.79 -21.77 36.56
N ASP A 396 40.16 -20.58 37.05
CA ASP A 396 40.18 -20.32 38.48
C ASP A 396 38.74 -20.12 38.94
N CYS A 397 37.85 -19.84 38.00
CA CYS A 397 36.44 -19.67 38.33
C CYS A 397 35.95 -21.09 38.64
N HIS A 398 34.99 -21.21 39.53
CA HIS A 398 34.48 -22.52 39.90
C HIS A 398 33.53 -23.10 38.86
N LEU A 399 34.09 -23.50 37.72
CA LEU A 399 33.31 -24.08 36.63
C LEU A 399 32.65 -25.39 37.04
N LYS A 400 31.39 -25.56 36.65
CA LYS A 400 30.65 -26.78 36.95
C LYS A 400 30.31 -27.52 35.67
N ARG A 401 30.41 -28.84 35.72
CA ARG A 401 30.12 -29.70 34.57
C ARG A 401 28.92 -30.57 34.95
N PRO A 402 27.69 -30.05 34.75
CA PRO A 402 26.47 -30.78 35.10
C PRO A 402 26.15 -32.00 34.23
N TYR A 403 26.67 -32.01 33.00
CA TYR A 403 26.41 -33.13 32.08
C TYR A 403 27.67 -33.58 31.35
N SER A 404 27.64 -34.80 30.85
CA SER A 404 28.76 -35.36 30.09
C SER A 404 28.19 -36.32 29.05
N HIS A 405 29.02 -36.77 28.12
CA HIS A 405 28.55 -37.70 27.11
C HIS A 405 29.69 -38.55 26.55
N MET B 1 -26.99 -11.81 49.52
CA MET B 1 -26.16 -12.81 48.77
C MET B 1 -25.30 -13.64 49.70
N GLU B 2 -25.14 -14.92 49.38
CA GLU B 2 -24.32 -15.80 50.22
C GLU B 2 -22.84 -15.48 50.04
N ASN B 3 -22.04 -15.82 51.04
CA ASN B 3 -20.61 -15.58 50.94
C ASN B 3 -20.07 -16.47 49.83
N ILE B 4 -19.00 -16.02 49.18
CA ILE B 4 -18.42 -16.79 48.10
C ILE B 4 -17.68 -18.02 48.60
N MET B 5 -17.45 -18.94 47.67
CA MET B 5 -16.71 -20.16 47.93
C MET B 5 -15.32 -19.73 48.37
N THR B 6 -14.81 -20.33 49.45
CA THR B 6 -13.48 -19.98 49.93
C THR B 6 -12.45 -20.72 49.09
N LEU B 7 -11.35 -20.05 48.78
CA LEU B 7 -10.29 -20.65 47.96
C LEU B 7 -8.95 -20.70 48.66
N PRO B 8 -8.24 -21.84 48.54
CA PRO B 8 -6.93 -22.03 49.16
C PRO B 8 -5.84 -21.32 48.35
N LYS B 9 -4.70 -21.09 48.99
CA LYS B 9 -3.59 -20.47 48.31
C LYS B 9 -2.73 -21.60 47.78
N ILE B 10 -1.88 -21.29 46.80
CA ILE B 10 -0.99 -22.29 46.22
C ILE B 10 0.17 -22.46 47.19
N LYS B 11 0.45 -23.70 47.57
CA LYS B 11 1.52 -23.98 48.51
C LYS B 11 2.82 -24.39 47.84
N HIS B 12 2.74 -25.32 46.89
CA HIS B 12 3.94 -25.79 46.21
C HIS B 12 3.73 -25.99 44.72
N VAL B 13 4.84 -25.93 43.99
CA VAL B 13 4.84 -26.22 42.56
C VAL B 13 6.04 -27.13 42.40
N ARG B 14 5.83 -28.28 41.78
CA ARG B 14 6.91 -29.24 41.57
C ARG B 14 6.95 -29.62 40.11
N ALA B 15 8.13 -30.02 39.64
CA ALA B 15 8.29 -30.43 38.25
C ALA B 15 9.07 -31.74 38.18
N TRP B 16 8.64 -32.59 37.26
CA TRP B 16 9.26 -33.89 37.03
C TRP B 16 9.40 -34.07 35.52
N PHE B 17 10.12 -35.09 35.11
CA PHE B 17 10.26 -35.36 33.68
C PHE B 17 10.42 -36.85 33.46
N ILE B 18 10.11 -37.29 32.24
CA ILE B 18 10.25 -38.67 31.83
C ILE B 18 10.73 -38.60 30.39
N GLY B 19 11.43 -39.63 29.93
CA GLY B 19 11.93 -39.62 28.57
C GLY B 19 13.02 -38.58 28.36
N GLY B 20 13.34 -38.30 27.10
CA GLY B 20 14.37 -37.33 26.82
C GLY B 20 15.76 -37.90 26.90
N ALA B 21 16.76 -37.10 26.55
CA ALA B 21 18.16 -37.51 26.53
C ALA B 21 18.72 -37.98 27.87
N THR B 22 18.10 -37.59 28.97
CA THR B 22 18.60 -38.01 30.28
C THR B 22 17.73 -39.04 30.98
N ALA B 23 16.81 -39.65 30.24
CA ALA B 23 15.93 -40.68 30.79
C ALA B 23 15.74 -41.81 29.78
N GLU B 24 14.57 -42.43 29.80
CA GLU B 24 14.29 -43.54 28.90
C GLU B 24 13.77 -43.12 27.52
N LYS B 25 14.53 -43.47 26.50
CA LYS B 25 14.14 -43.15 25.13
C LYS B 25 12.82 -43.85 24.81
N GLY B 26 11.91 -43.14 24.15
CA GLY B 26 10.62 -43.71 23.78
C GLY B 26 9.56 -43.68 24.88
N ALA B 27 9.77 -42.82 25.87
CA ALA B 27 8.84 -42.71 26.99
C ALA B 27 7.45 -42.19 26.59
N GLY B 28 7.35 -41.60 25.40
CA GLY B 28 6.08 -41.07 24.94
C GLY B 28 5.59 -39.94 25.84
N GLY B 29 4.33 -40.01 26.25
CA GLY B 29 3.78 -38.99 27.12
C GLY B 29 3.53 -37.64 26.46
N GLY B 30 4.08 -36.59 27.06
CA GLY B 30 3.89 -35.25 26.53
C GLY B 30 4.61 -34.99 25.22
N ASP B 31 5.78 -35.59 25.06
CA ASP B 31 6.57 -35.42 23.84
C ASP B 31 6.11 -36.41 22.77
N TYR B 32 5.23 -35.93 21.89
CA TYR B 32 4.66 -36.73 20.80
C TYR B 32 5.72 -37.51 20.02
N HIS B 33 6.91 -36.93 19.92
CA HIS B 33 8.00 -37.54 19.17
C HIS B 33 8.94 -38.48 19.93
N ASP B 34 8.71 -38.66 21.23
CA ASP B 34 9.58 -39.55 22.00
C ASP B 34 9.01 -40.96 21.88
N GLN B 35 9.19 -41.55 20.71
CA GLN B 35 8.67 -42.89 20.42
C GLN B 35 9.76 -43.94 20.22
N GLY B 36 9.34 -45.20 20.12
CA GLY B 36 10.29 -46.27 19.89
C GLY B 36 10.67 -46.36 18.43
N GLY B 37 11.07 -47.55 17.99
CA GLY B 37 11.44 -47.72 16.60
C GLY B 37 10.25 -48.14 15.74
N ASN B 38 10.42 -48.05 14.42
CA ASN B 38 9.38 -48.42 13.46
C ASN B 38 8.07 -47.67 13.62
N HIS B 39 8.15 -46.41 14.05
CA HIS B 39 6.95 -45.59 14.24
C HIS B 39 6.75 -44.70 13.01
N TRP B 40 5.51 -44.58 12.54
CA TRP B 40 5.25 -43.74 11.37
C TRP B 40 5.76 -42.32 11.58
N ILE B 41 5.63 -41.85 12.82
CA ILE B 41 6.04 -40.49 13.16
C ILE B 41 7.53 -40.24 12.97
N ASP B 42 8.30 -41.29 12.66
CA ASP B 42 9.74 -41.12 12.45
C ASP B 42 10.18 -41.74 11.12
N ASP B 43 9.20 -42.09 10.29
CA ASP B 43 9.49 -42.72 9.00
C ASP B 43 9.68 -41.78 7.80
N HIS B 44 10.92 -41.31 7.63
CA HIS B 44 11.29 -40.45 6.51
C HIS B 44 10.43 -39.20 6.37
N ILE B 45 10.09 -38.55 7.49
CA ILE B 45 9.28 -37.35 7.43
C ILE B 45 10.16 -36.16 7.04
N ALA B 46 9.69 -35.37 6.07
CA ALA B 46 10.45 -34.21 5.59
C ALA B 46 10.58 -33.16 6.68
N THR B 47 11.79 -32.64 6.84
CA THR B 47 12.07 -31.61 7.85
C THR B 47 13.16 -30.71 7.33
N PRO B 48 13.50 -29.64 8.08
CA PRO B 48 14.56 -28.70 7.70
C PRO B 48 15.92 -29.39 7.67
N MET B 49 15.97 -30.60 8.22
CA MET B 49 17.20 -31.38 8.28
C MET B 49 17.29 -32.55 7.31
N SER B 50 16.17 -32.92 6.70
CA SER B 50 16.17 -34.07 5.79
C SER B 50 17.03 -33.86 4.54
N LYS B 51 17.48 -32.63 4.31
CA LYS B 51 18.33 -32.34 3.16
C LYS B 51 19.70 -32.97 3.41
N TYR B 52 19.97 -33.31 4.67
CA TYR B 52 21.22 -33.93 5.07
C TYR B 52 21.10 -35.45 5.05
N ARG B 53 22.05 -36.10 4.38
CA ARG B 53 22.06 -37.56 4.27
C ARG B 53 21.82 -38.27 5.60
N ASP B 54 22.67 -37.96 6.59
CA ASP B 54 22.57 -38.60 7.88
C ASP B 54 21.29 -38.33 8.68
N TYR B 55 20.50 -37.33 8.28
CA TYR B 55 19.30 -37.02 9.03
C TYR B 55 18.03 -37.07 8.22
N GLU B 56 18.09 -37.68 7.05
CA GLU B 56 16.94 -37.77 6.17
C GLU B 56 15.89 -38.82 6.57
N GLN B 57 16.35 -39.99 6.99
CA GLN B 57 15.43 -41.07 7.35
C GLN B 57 14.67 -40.92 8.67
N SER B 58 15.37 -40.44 9.69
CA SER B 58 14.78 -40.31 11.02
C SER B 58 14.93 -38.95 11.67
N ARG B 59 13.83 -38.44 12.24
CA ARG B 59 13.88 -37.16 12.93
C ARG B 59 14.54 -37.40 14.27
N GLN B 60 14.34 -38.60 14.81
CA GLN B 60 14.97 -38.94 16.08
C GLN B 60 16.49 -38.80 15.91
N SER B 61 16.99 -39.12 14.72
CA SER B 61 18.42 -39.02 14.48
C SER B 61 18.99 -37.61 14.65
N PHE B 62 18.21 -36.57 14.33
CA PHE B 62 18.73 -35.22 14.53
C PHE B 62 18.38 -34.68 15.92
N GLY B 63 17.68 -35.48 16.71
CA GLY B 63 17.33 -35.09 18.07
C GLY B 63 15.97 -34.49 18.33
N ILE B 64 14.96 -34.92 17.60
CA ILE B 64 13.61 -34.40 17.79
C ILE B 64 13.03 -34.95 19.11
N ASN B 65 13.75 -35.88 19.72
CA ASN B 65 13.30 -36.52 20.95
C ASN B 65 14.16 -36.26 22.19
N VAL B 66 15.07 -35.29 22.13
CA VAL B 66 15.94 -35.03 23.27
C VAL B 66 15.31 -34.39 24.51
N LEU B 67 14.19 -33.67 24.35
CA LEU B 67 13.56 -33.00 25.49
C LEU B 67 12.71 -33.90 26.39
N GLY B 68 11.86 -34.70 25.77
CA GLY B 68 11.01 -35.56 26.57
C GLY B 68 9.83 -34.80 27.16
N THR B 69 9.24 -35.38 28.19
CA THR B 69 8.06 -34.84 28.85
C THR B 69 8.29 -34.07 30.14
N LEU B 70 7.71 -32.88 30.22
CA LEU B 70 7.77 -32.06 31.43
C LEU B 70 6.43 -32.26 32.12
N ILE B 71 6.45 -32.49 33.42
CA ILE B 71 5.22 -32.66 34.19
C ILE B 71 5.27 -31.62 35.29
N VAL B 72 4.22 -30.80 35.38
CA VAL B 72 4.13 -29.76 36.40
C VAL B 72 2.92 -30.01 37.28
N GLU B 73 3.14 -30.05 38.59
CA GLU B 73 2.05 -30.27 39.53
C GLU B 73 2.02 -29.14 40.55
N VAL B 74 0.84 -28.55 40.73
CA VAL B 74 0.69 -27.47 41.69
C VAL B 74 -0.16 -27.96 42.86
N GLU B 75 0.33 -27.79 44.07
CA GLU B 75 -0.38 -28.23 45.27
C GLU B 75 -0.87 -27.06 46.11
N ALA B 76 -2.17 -27.05 46.39
CA ALA B 76 -2.77 -25.99 47.18
C ALA B 76 -2.63 -26.28 48.68
N GLU B 77 -2.87 -25.25 49.49
CA GLU B 77 -2.77 -25.35 50.94
C GLU B 77 -3.69 -26.43 51.51
N ASN B 78 -4.78 -26.72 50.82
CA ASN B 78 -5.73 -27.72 51.29
C ASN B 78 -5.39 -29.11 50.76
N ARG B 79 -4.18 -29.25 50.19
CA ARG B 79 -3.69 -30.52 49.66
C ARG B 79 -4.20 -30.94 48.28
N GLN B 80 -5.16 -30.21 47.72
CA GLN B 80 -5.65 -30.55 46.38
C GLN B 80 -4.56 -30.21 45.38
N THR B 81 -4.53 -30.93 44.26
CA THR B 81 -3.51 -30.67 43.25
C THR B 81 -4.07 -30.58 41.84
N GLY B 82 -3.27 -29.99 40.97
CA GLY B 82 -3.62 -29.84 39.58
C GLY B 82 -2.33 -30.10 38.85
N PHE B 83 -2.39 -30.61 37.62
CA PHE B 83 -1.17 -30.88 36.89
C PHE B 83 -1.39 -30.79 35.39
N ALA B 84 -0.30 -30.82 34.64
CA ALA B 84 -0.35 -30.78 33.19
C ALA B 84 0.98 -31.29 32.69
N VAL B 85 1.04 -31.67 31.41
CA VAL B 85 2.26 -32.17 30.81
C VAL B 85 2.51 -31.43 29.50
N SER B 86 3.78 -31.40 29.09
CA SER B 86 4.19 -30.75 27.86
C SER B 86 5.56 -31.27 27.46
N THR B 87 6.16 -30.65 26.46
CA THR B 87 7.48 -31.05 25.97
C THR B 87 8.54 -30.06 26.45
N ALA B 88 9.46 -30.54 27.29
CA ALA B 88 10.54 -29.71 27.82
C ALA B 88 11.47 -30.52 28.70
N GLY B 89 10.93 -31.56 29.33
CA GLY B 89 11.74 -32.42 30.19
C GLY B 89 12.56 -31.74 31.27
N GLU B 90 13.78 -32.22 31.45
CA GLU B 90 14.68 -31.73 32.48
C GLU B 90 14.91 -30.21 32.52
N MET B 91 15.13 -29.60 31.37
CA MET B 91 15.35 -28.16 31.36
C MET B 91 14.08 -27.43 31.82
N GLY B 92 12.93 -27.96 31.45
CA GLY B 92 11.67 -27.37 31.88
C GLY B 92 11.60 -27.40 33.40
N CYS B 93 12.14 -28.46 34.00
CA CYS B 93 12.14 -28.58 35.46
C CYS B 93 12.99 -27.50 36.09
N PHE B 94 14.13 -27.19 35.47
CA PHE B 94 15.02 -26.14 35.98
C PHE B 94 14.24 -24.82 36.00
N ILE B 95 13.61 -24.49 34.89
CA ILE B 95 12.85 -23.24 34.78
C ILE B 95 11.74 -23.13 35.82
N VAL B 96 11.01 -24.22 36.04
CA VAL B 96 9.92 -24.21 37.02
C VAL B 96 10.42 -24.13 38.47
N GLU B 97 11.36 -25.01 38.81
CA GLU B 97 11.90 -25.10 40.16
C GLU B 97 12.86 -23.99 40.58
N LYS B 98 13.55 -23.39 39.61
CA LYS B 98 14.52 -22.35 39.93
C LYS B 98 14.16 -20.93 39.52
N HIS B 99 13.02 -20.74 38.87
CA HIS B 99 12.62 -19.41 38.43
C HIS B 99 11.15 -19.07 38.61
N LEU B 100 10.30 -19.76 37.85
CA LEU B 100 8.87 -19.49 37.88
C LEU B 100 8.16 -19.75 39.21
N ASN B 101 8.72 -20.58 40.06
CA ASN B 101 8.09 -20.90 41.35
C ASN B 101 7.83 -19.66 42.21
N ARG B 102 8.66 -18.63 42.05
CA ARG B 102 8.51 -17.42 42.84
C ARG B 102 7.24 -16.63 42.53
N PHE B 103 6.67 -16.83 41.34
CA PHE B 103 5.44 -16.14 40.95
C PHE B 103 4.22 -17.00 41.23
N ILE B 104 4.47 -18.31 41.40
CA ILE B 104 3.40 -19.29 41.61
C ILE B 104 2.96 -19.51 43.06
N GLU B 105 3.92 -19.90 43.90
CA GLU B 105 3.64 -20.20 45.29
C GLU B 105 3.22 -18.96 46.09
N GLY B 106 2.13 -19.10 46.83
CA GLY B 106 1.65 -17.99 47.63
C GLY B 106 0.44 -17.29 47.02
N LYS B 107 0.20 -17.52 45.73
CA LYS B 107 -0.93 -16.90 45.05
C LYS B 107 -2.21 -17.67 45.30
N CYS B 108 -3.35 -17.06 45.00
CA CYS B 108 -4.63 -17.75 45.16
C CYS B 108 -4.72 -18.67 43.95
N VAL B 109 -5.41 -19.79 44.10
CA VAL B 109 -5.56 -20.71 42.98
C VAL B 109 -6.24 -20.03 41.80
N SER B 110 -6.95 -18.92 42.06
CA SER B 110 -7.63 -18.20 41.01
C SER B 110 -6.75 -17.14 40.33
N ASP B 111 -5.55 -16.90 40.84
CA ASP B 111 -4.66 -15.90 40.25
C ASP B 111 -3.95 -16.44 39.00
N ILE B 112 -4.69 -17.12 38.13
CA ILE B 112 -4.10 -17.71 36.93
C ILE B 112 -3.56 -16.71 35.90
N LYS B 113 -4.39 -15.76 35.50
CA LYS B 113 -3.97 -14.76 34.51
C LYS B 113 -2.78 -13.93 35.01
N LEU B 114 -2.75 -13.68 36.32
CA LEU B 114 -1.68 -12.90 36.94
C LEU B 114 -0.36 -13.65 36.88
N ILE B 115 -0.39 -14.92 37.27
CA ILE B 115 0.82 -15.73 37.24
C ILE B 115 1.32 -15.84 35.81
N HIS B 116 0.38 -15.97 34.88
CA HIS B 116 0.71 -16.09 33.47
C HIS B 116 1.47 -14.87 32.98
N ASP B 117 0.92 -13.69 33.26
CA ASP B 117 1.56 -12.44 32.83
C ASP B 117 2.95 -12.27 33.45
N GLN B 118 3.09 -12.69 34.70
CA GLN B 118 4.38 -12.58 35.38
C GLN B 118 5.40 -13.56 34.79
N MET B 119 4.95 -14.75 34.43
CA MET B 119 5.86 -15.72 33.83
C MET B 119 6.38 -15.18 32.48
N LEU B 120 5.47 -14.61 31.70
CA LEU B 120 5.83 -14.06 30.40
C LEU B 120 6.80 -12.89 30.54
N GLY B 121 6.49 -11.98 31.45
CA GLY B 121 7.33 -10.81 31.65
C GLY B 121 8.70 -11.13 32.23
N ALA B 122 8.75 -12.07 33.17
CA ALA B 122 10.00 -12.43 33.83
C ALA B 122 10.97 -13.24 32.95
N THR B 123 10.45 -13.92 31.94
CA THR B 123 11.29 -14.74 31.08
C THR B 123 11.47 -14.14 29.70
N MET B 124 10.90 -12.96 29.46
CA MET B 124 10.98 -12.37 28.14
C MET B 124 12.41 -12.25 27.61
N TYR B 125 13.36 -12.03 28.51
CA TYR B 125 14.75 -11.87 28.11
C TYR B 125 15.44 -13.15 27.64
N TYR B 126 14.78 -14.31 27.82
CA TYR B 126 15.39 -15.57 27.37
C TYR B 126 14.41 -16.59 26.78
N SER B 127 13.14 -16.22 26.66
CA SER B 127 12.16 -17.16 26.14
C SER B 127 12.11 -17.28 24.62
N GLY B 128 12.55 -16.25 23.91
CA GLY B 128 12.51 -16.29 22.46
C GLY B 128 11.08 -16.30 21.93
N SER B 129 10.13 -15.90 22.76
CA SER B 129 8.72 -15.89 22.34
C SER B 129 8.21 -17.23 21.77
N GLY B 130 8.74 -18.34 22.25
CA GLY B 130 8.29 -19.64 21.76
C GLY B 130 9.27 -20.74 22.07
N GLY B 131 8.93 -21.98 21.74
CA GLY B 131 9.83 -23.08 22.00
C GLY B 131 9.88 -23.53 23.44
N LEU B 132 11.00 -24.15 23.80
CA LEU B 132 11.26 -24.69 25.14
C LEU B 132 10.73 -23.90 26.34
N VAL B 133 11.07 -22.62 26.40
CA VAL B 133 10.63 -21.80 27.52
C VAL B 133 9.12 -21.57 27.52
N MET B 134 8.54 -21.36 26.34
CA MET B 134 7.11 -21.14 26.23
C MET B 134 6.34 -22.44 26.53
N ASN B 135 6.94 -23.58 26.19
CA ASN B 135 6.30 -24.86 26.46
C ASN B 135 6.21 -25.03 27.98
N THR B 136 7.25 -24.57 28.68
CA THR B 136 7.31 -24.68 30.12
C THR B 136 6.27 -23.77 30.78
N ILE B 137 6.17 -22.55 30.28
CA ILE B 137 5.18 -21.59 30.78
C ILE B 137 3.79 -22.15 30.54
N SER B 138 3.59 -22.73 29.35
CA SER B 138 2.30 -23.31 28.98
C SER B 138 1.92 -24.43 29.94
N CYS B 139 2.90 -25.25 30.32
CA CYS B 139 2.63 -26.36 31.22
C CYS B 139 2.17 -25.89 32.59
N VAL B 140 2.78 -24.81 33.08
CA VAL B 140 2.40 -24.25 34.37
C VAL B 140 0.98 -23.71 34.29
N ASP B 141 0.70 -22.94 33.25
CA ASP B 141 -0.62 -22.36 33.04
C ASP B 141 -1.71 -23.44 33.04
N LEU B 142 -1.44 -24.54 32.34
CA LEU B 142 -2.39 -25.63 32.28
C LEU B 142 -2.59 -26.31 33.63
N ALA B 143 -1.50 -26.49 34.37
CA ALA B 143 -1.59 -27.12 35.70
C ALA B 143 -2.40 -26.22 36.61
N LEU B 144 -2.29 -24.90 36.41
CA LEU B 144 -3.02 -23.95 37.24
C LEU B 144 -4.51 -24.00 36.92
N TRP B 145 -4.85 -24.12 35.64
CA TRP B 145 -6.26 -24.20 35.26
C TRP B 145 -6.81 -25.53 35.77
N ASP B 146 -5.98 -26.56 35.78
CA ASP B 146 -6.41 -27.87 36.25
C ASP B 146 -6.72 -27.81 37.74
N LEU B 147 -5.80 -27.25 38.51
CA LEU B 147 -5.98 -27.12 39.95
C LEU B 147 -7.23 -26.29 40.28
N PHE B 148 -7.39 -25.16 39.60
CA PHE B 148 -8.55 -24.30 39.85
C PHE B 148 -9.84 -25.07 39.61
N GLY B 149 -9.92 -25.74 38.46
CA GLY B 149 -11.10 -26.53 38.13
C GLY B 149 -11.37 -27.61 39.17
N LYS B 150 -10.31 -28.27 39.64
CA LYS B 150 -10.48 -29.32 40.62
C LYS B 150 -10.87 -28.77 41.99
N VAL B 151 -10.38 -27.57 42.32
CA VAL B 151 -10.74 -26.96 43.61
C VAL B 151 -12.20 -26.53 43.57
N VAL B 152 -12.61 -25.91 42.47
CA VAL B 152 -13.97 -25.43 42.31
C VAL B 152 -14.97 -26.57 42.13
N GLY B 153 -14.53 -27.64 41.49
CA GLY B 153 -15.38 -28.80 41.26
C GLY B 153 -16.08 -28.75 39.92
N LEU B 154 -15.40 -28.20 38.92
CA LEU B 154 -15.97 -28.09 37.59
C LEU B 154 -14.98 -28.36 36.48
N PRO B 155 -15.48 -28.79 35.31
CA PRO B 155 -14.62 -29.07 34.17
C PRO B 155 -14.17 -27.70 33.65
N VAL B 156 -12.95 -27.63 33.12
CA VAL B 156 -12.44 -26.38 32.59
C VAL B 156 -13.39 -25.81 31.53
N TYR B 157 -13.93 -26.67 30.68
CA TYR B 157 -14.81 -26.21 29.62
C TYR B 157 -16.05 -25.48 30.15
N LYS B 158 -16.49 -25.81 31.36
CA LYS B 158 -17.64 -25.13 31.91
C LYS B 158 -17.22 -23.78 32.50
N LEU B 159 -16.04 -23.75 33.11
CA LEU B 159 -15.52 -22.52 33.69
C LEU B 159 -15.37 -21.47 32.60
N LEU B 160 -14.93 -21.92 31.42
CA LEU B 160 -14.72 -21.02 30.29
C LEU B 160 -15.98 -20.43 29.68
N GLY B 161 -17.13 -20.99 30.01
CA GLY B 161 -18.36 -20.45 29.46
C GLY B 161 -19.19 -21.47 28.71
N GLY B 162 -18.92 -22.74 28.96
CA GLY B 162 -19.69 -23.82 28.35
C GLY B 162 -19.38 -24.26 26.93
N ALA B 163 -19.82 -25.48 26.62
CA ALA B 163 -19.63 -26.04 25.29
C ALA B 163 -20.56 -25.35 24.31
N VAL B 164 -20.13 -25.24 23.05
CA VAL B 164 -20.94 -24.63 22.01
C VAL B 164 -21.33 -25.69 20.98
N ARG B 165 -20.99 -26.94 21.31
CA ARG B 165 -21.31 -28.10 20.48
C ARG B 165 -21.34 -29.28 21.43
N ASP B 166 -22.22 -30.26 21.19
CA ASP B 166 -22.32 -31.42 22.06
C ASP B 166 -21.16 -32.40 21.95
N GLU B 167 -20.45 -32.36 20.83
CA GLU B 167 -19.32 -33.26 20.64
C GLU B 167 -18.25 -32.64 19.75
N ILE B 168 -17.03 -33.14 19.89
CA ILE B 168 -15.91 -32.67 19.10
C ILE B 168 -15.63 -33.69 18.01
N GLN B 169 -15.57 -33.24 16.76
CA GLN B 169 -15.28 -34.16 15.67
C GLN B 169 -13.81 -34.02 15.34
N PHE B 170 -13.17 -35.15 15.05
CA PHE B 170 -11.74 -35.17 14.76
C PHE B 170 -11.32 -35.64 13.38
N TYR B 171 -10.16 -35.16 12.97
CA TYR B 171 -9.52 -35.59 11.74
C TYR B 171 -8.29 -36.25 12.35
N ALA B 172 -7.76 -37.28 11.70
CA ALA B 172 -6.59 -37.98 12.25
C ALA B 172 -5.30 -37.73 11.51
N THR B 173 -4.23 -37.52 12.27
CA THR B 173 -2.92 -37.29 11.69
C THR B 173 -2.06 -38.53 11.80
N GLY B 174 -1.62 -39.03 10.64
CA GLY B 174 -0.81 -40.23 10.57
C GLY B 174 -0.68 -40.69 9.13
N ALA B 175 -0.04 -41.84 8.93
CA ALA B 175 0.17 -42.37 7.59
C ALA B 175 -0.99 -43.17 7.01
N ARG B 176 -2.04 -43.37 7.79
CA ARG B 176 -3.16 -44.16 7.28
C ARG B 176 -4.52 -43.49 7.32
N PRO B 177 -4.73 -42.44 6.51
CA PRO B 177 -6.04 -41.79 6.53
C PRO B 177 -7.15 -42.76 6.14
N ASP B 178 -6.78 -43.79 5.39
CA ASP B 178 -7.76 -44.79 4.97
C ASP B 178 -8.25 -45.57 6.20
N LEU B 179 -7.33 -45.92 7.10
CA LEU B 179 -7.72 -46.63 8.31
C LEU B 179 -8.51 -45.68 9.20
N ALA B 180 -8.09 -44.41 9.20
CA ALA B 180 -8.74 -43.38 9.99
C ALA B 180 -10.19 -43.20 9.58
N LYS B 181 -10.46 -43.27 8.29
CA LYS B 181 -11.83 -43.13 7.81
C LYS B 181 -12.66 -44.28 8.41
N GLU B 182 -12.05 -45.46 8.48
CA GLU B 182 -12.72 -46.64 9.04
C GLU B 182 -13.15 -46.37 10.49
N MET B 183 -12.25 -45.73 11.24
CA MET B 183 -12.51 -45.42 12.64
C MET B 183 -13.55 -44.34 12.87
N GLY B 184 -13.92 -43.63 11.82
CA GLY B 184 -14.93 -42.60 11.97
C GLY B 184 -14.43 -41.16 11.96
N PHE B 185 -13.15 -40.95 11.71
CA PHE B 185 -12.61 -39.60 11.66
C PHE B 185 -13.17 -38.90 10.43
N ILE B 186 -13.13 -37.57 10.41
CA ILE B 186 -13.66 -36.81 9.29
C ILE B 186 -12.62 -36.48 8.23
N GLY B 187 -11.36 -36.80 8.50
CA GLY B 187 -10.31 -36.53 7.55
C GLY B 187 -8.98 -37.09 7.98
N GLY B 188 -7.99 -37.03 7.09
CA GLY B 188 -6.69 -37.54 7.41
C GLY B 188 -5.57 -36.63 6.91
N LYS B 189 -4.71 -36.22 7.83
CA LYS B 189 -3.58 -35.37 7.46
C LYS B 189 -2.35 -36.26 7.40
N MET B 190 -1.68 -36.27 6.26
CA MET B 190 -0.49 -37.09 6.08
C MET B 190 0.76 -36.22 6.09
N PRO B 191 1.90 -36.79 6.47
CA PRO B 191 3.13 -35.99 6.48
C PRO B 191 3.77 -36.08 5.10
N THR B 192 4.52 -35.05 4.71
CA THR B 192 5.21 -35.10 3.44
C THR B 192 6.50 -35.87 3.73
N HIS B 193 6.98 -36.60 2.74
CA HIS B 193 8.19 -37.39 2.94
C HIS B 193 9.39 -36.85 2.17
N TRP B 194 9.13 -35.93 1.25
CA TRP B 194 10.22 -35.36 0.46
C TRP B 194 10.24 -33.85 0.58
N GLY B 195 11.38 -33.25 0.25
CA GLY B 195 11.52 -31.81 0.34
C GLY B 195 12.12 -31.15 -0.89
N PRO B 196 12.42 -29.86 -0.80
CA PRO B 196 13.00 -29.05 -1.88
C PRO B 196 14.20 -29.69 -2.60
N HIS B 197 15.08 -30.32 -1.84
CA HIS B 197 16.26 -30.94 -2.42
C HIS B 197 15.90 -32.11 -3.35
N ASP B 198 14.68 -32.61 -3.22
CA ASP B 198 14.21 -33.72 -4.05
C ASP B 198 13.55 -33.23 -5.34
N GLY B 199 13.21 -31.95 -5.37
CA GLY B 199 12.60 -31.38 -6.57
C GLY B 199 11.32 -31.98 -7.10
N ASP B 200 11.21 -32.02 -8.43
CA ASP B 200 10.04 -32.53 -9.12
C ASP B 200 9.67 -33.96 -8.73
N ALA B 201 10.67 -34.79 -8.46
CA ALA B 201 10.42 -36.18 -8.05
C ALA B 201 9.72 -36.19 -6.70
N GLY B 202 10.18 -35.34 -5.79
CA GLY B 202 9.59 -35.26 -4.47
C GLY B 202 8.14 -34.85 -4.54
N ILE B 203 7.86 -33.88 -5.39
CA ILE B 203 6.49 -33.41 -5.56
C ILE B 203 5.58 -34.49 -6.12
N ARG B 204 6.07 -35.22 -7.11
CA ARG B 204 5.26 -36.27 -7.71
C ARG B 204 4.95 -37.36 -6.69
N LYS B 205 5.95 -37.74 -5.91
CA LYS B 205 5.75 -38.79 -4.90
C LYS B 205 4.74 -38.45 -3.81
N ASP B 206 4.87 -37.29 -3.16
CA ASP B 206 3.89 -36.94 -2.13
C ASP B 206 2.52 -36.65 -2.72
N ALA B 207 2.49 -36.11 -3.94
CA ALA B 207 1.21 -35.81 -4.58
C ALA B 207 0.52 -37.14 -4.95
N ALA B 208 1.31 -38.11 -5.36
CA ALA B 208 0.78 -39.43 -5.72
C ALA B 208 0.21 -40.09 -4.48
N MET B 209 0.80 -39.79 -3.33
CA MET B 209 0.33 -40.33 -2.06
C MET B 209 -1.05 -39.77 -1.77
N VAL B 210 -1.24 -38.48 -2.07
CA VAL B 210 -2.51 -37.83 -1.84
C VAL B 210 -3.56 -38.41 -2.80
N ALA B 211 -3.17 -38.57 -4.06
CA ALA B 211 -4.06 -39.12 -5.08
C ALA B 211 -4.56 -40.51 -4.68
N ASP B 212 -3.63 -41.34 -4.23
CA ASP B 212 -3.96 -42.70 -3.80
C ASP B 212 -4.99 -42.69 -2.67
N MET B 213 -4.75 -41.85 -1.66
CA MET B 213 -5.69 -41.79 -0.54
C MET B 213 -7.04 -41.21 -0.92
N ARG B 214 -7.06 -40.30 -1.89
CA ARG B 214 -8.32 -39.73 -2.34
C ARG B 214 -9.13 -40.84 -2.97
N GLU B 215 -8.43 -41.73 -3.67
CA GLU B 215 -9.05 -42.85 -4.34
C GLU B 215 -9.58 -43.82 -3.27
N LYS B 216 -8.73 -44.11 -2.30
CA LYS B 216 -9.09 -45.02 -1.22
C LYS B 216 -10.20 -44.48 -0.29
N CYS B 217 -10.11 -43.20 0.08
CA CYS B 217 -11.08 -42.61 1.02
C CYS B 217 -12.34 -41.95 0.48
N GLY B 218 -12.39 -41.65 -0.81
CA GLY B 218 -13.58 -41.01 -1.35
C GLY B 218 -13.43 -39.50 -1.41
N PRO B 219 -14.45 -38.76 -1.86
CA PRO B 219 -14.40 -37.30 -1.96
C PRO B 219 -14.81 -36.50 -0.72
N ASP B 220 -15.62 -37.10 0.15
CA ASP B 220 -16.08 -36.40 1.34
C ASP B 220 -15.11 -36.42 2.50
N PHE B 221 -14.22 -37.42 2.52
CA PHE B 221 -13.22 -37.54 3.58
C PHE B 221 -12.11 -36.53 3.31
N TRP B 222 -11.82 -35.66 4.28
CA TRP B 222 -10.77 -34.66 4.10
C TRP B 222 -9.37 -35.24 4.05
N LEU B 223 -8.52 -34.61 3.25
CA LEU B 223 -7.13 -35.00 3.14
C LEU B 223 -6.30 -33.73 3.28
N MET B 224 -5.23 -33.79 4.07
CA MET B 224 -4.36 -32.64 4.30
C MET B 224 -2.91 -33.11 4.31
N LEU B 225 -2.00 -32.17 4.09
CA LEU B 225 -0.58 -32.48 4.12
C LEU B 225 0.13 -31.65 5.17
N ASP B 226 0.91 -32.31 6.02
CA ASP B 226 1.68 -31.62 7.04
C ASP B 226 3.11 -31.60 6.50
N CYS B 227 3.71 -30.41 6.41
CA CYS B 227 5.05 -30.29 5.84
C CYS B 227 6.16 -29.97 6.86
N TRP B 228 5.80 -29.95 8.14
CA TRP B 228 6.72 -29.71 9.24
C TRP B 228 7.92 -28.77 8.96
N MET B 229 7.64 -27.52 8.59
CA MET B 229 8.68 -26.50 8.36
C MET B 229 9.78 -26.87 7.35
N SER B 230 9.55 -27.88 6.54
CA SER B 230 10.57 -28.39 5.60
C SER B 230 10.71 -27.78 4.21
N GLN B 231 9.88 -26.82 3.84
CA GLN B 231 9.94 -26.28 2.49
C GLN B 231 10.29 -24.80 2.34
N ASP B 232 10.16 -24.32 1.10
CA ASP B 232 10.38 -22.92 0.78
C ASP B 232 9.15 -22.55 -0.04
N VAL B 233 8.94 -21.27 -0.30
CA VAL B 233 7.76 -20.83 -1.04
C VAL B 233 7.54 -21.51 -2.39
N ASN B 234 8.59 -21.60 -3.21
CA ASN B 234 8.44 -22.23 -4.54
C ASN B 234 8.04 -23.70 -4.46
N TYR B 235 8.74 -24.46 -3.64
CA TYR B 235 8.44 -25.88 -3.50
C TYR B 235 7.01 -26.07 -2.98
N ALA B 236 6.66 -25.33 -1.93
CA ALA B 236 5.33 -25.42 -1.34
C ALA B 236 4.27 -25.06 -2.38
N THR B 237 4.58 -24.06 -3.21
CA THR B 237 3.65 -23.63 -4.25
C THR B 237 3.42 -24.76 -5.25
N LYS B 238 4.51 -25.34 -5.72
CA LYS B 238 4.44 -26.43 -6.68
C LYS B 238 3.69 -27.62 -6.09
N LEU B 239 3.99 -27.95 -4.84
CA LEU B 239 3.30 -29.06 -4.20
C LEU B 239 1.80 -28.78 -4.06
N ALA B 240 1.45 -27.57 -3.65
CA ALA B 240 0.04 -27.21 -3.49
C ALA B 240 -0.74 -27.39 -4.80
N HIS B 241 -0.20 -26.87 -5.89
CA HIS B 241 -0.87 -26.98 -7.18
C HIS B 241 -0.91 -28.41 -7.70
N ALA B 242 0.11 -29.20 -7.37
CA ALA B 242 0.16 -30.59 -7.80
C ALA B 242 -0.90 -31.42 -7.08
N CYS B 243 -1.33 -30.95 -5.92
CA CYS B 243 -2.32 -31.66 -5.12
C CYS B 243 -3.73 -31.10 -5.29
N ALA B 244 -3.84 -29.98 -6.00
CA ALA B 244 -5.12 -29.31 -6.21
C ALA B 244 -6.20 -30.20 -6.86
N PRO B 245 -5.83 -31.05 -7.83
CA PRO B 245 -6.82 -31.91 -8.49
C PRO B 245 -7.49 -32.92 -7.54
N PHE B 246 -6.83 -33.21 -6.43
CA PHE B 246 -7.35 -34.18 -5.48
C PHE B 246 -8.08 -33.50 -4.32
N ASN B 247 -8.28 -32.19 -4.47
CA ASN B 247 -8.97 -31.40 -3.46
C ASN B 247 -8.34 -31.48 -2.08
N LEU B 248 -7.03 -31.27 -2.00
CA LEU B 248 -6.33 -31.28 -0.72
C LEU B 248 -6.95 -30.12 0.07
N LYS B 249 -7.42 -30.39 1.27
CA LYS B 249 -8.06 -29.34 2.06
C LYS B 249 -7.14 -28.20 2.46
N TRP B 250 -5.97 -28.53 2.97
CA TRP B 250 -4.98 -27.53 3.37
C TRP B 250 -3.58 -28.10 3.36
N ILE B 251 -2.60 -27.21 3.25
CA ILE B 251 -1.20 -27.60 3.28
C ILE B 251 -0.64 -26.87 4.51
N GLU B 252 -0.18 -27.65 5.47
CA GLU B 252 0.31 -27.13 6.76
C GLU B 252 1.80 -26.94 7.04
N GLU B 253 2.08 -25.85 7.73
CA GLU B 253 3.43 -25.45 8.14
C GLU B 253 4.53 -25.70 7.13
N CYS B 254 4.36 -25.12 5.94
CA CYS B 254 5.35 -25.30 4.90
C CYS B 254 6.68 -24.66 5.23
N LEU B 255 6.65 -23.59 6.03
CA LEU B 255 7.86 -22.85 6.36
C LEU B 255 8.20 -22.68 7.84
N PRO B 256 9.48 -22.40 8.12
CA PRO B 256 9.90 -22.19 9.51
C PRO B 256 9.01 -21.07 10.04
N PRO B 257 8.77 -21.04 11.35
CA PRO B 257 7.91 -20.02 11.97
C PRO B 257 8.22 -18.53 11.75
N GLN B 258 9.49 -18.18 11.63
CA GLN B 258 9.87 -16.78 11.44
C GLN B 258 9.51 -16.20 10.07
N GLN B 259 9.33 -17.07 9.09
CA GLN B 259 9.07 -16.64 7.74
C GLN B 259 7.65 -16.17 7.43
N TYR B 260 7.21 -15.15 8.16
CA TYR B 260 5.88 -14.57 7.99
C TYR B 260 5.70 -14.03 6.57
N GLU B 261 6.71 -13.33 6.06
CA GLU B 261 6.62 -12.76 4.72
C GLU B 261 6.45 -13.88 3.69
N GLY B 262 7.11 -15.00 3.95
CA GLY B 262 7.00 -16.15 3.06
C GLY B 262 5.62 -16.76 3.10
N TYR B 263 4.99 -16.78 4.28
CA TYR B 263 3.64 -17.33 4.41
C TYR B 263 2.66 -16.45 3.65
N ARG B 264 2.87 -15.14 3.70
CA ARG B 264 1.99 -14.22 3.00
C ARG B 264 2.02 -14.49 1.50
N GLU B 265 3.23 -14.71 0.97
CA GLU B 265 3.40 -14.98 -0.46
C GLU B 265 2.83 -16.36 -0.84
N LEU B 266 3.08 -17.36 -0.01
CA LEU B 266 2.57 -18.70 -0.27
C LEU B 266 1.06 -18.71 -0.31
N LYS B 267 0.43 -18.01 0.64
CA LYS B 267 -1.03 -17.94 0.68
C LYS B 267 -1.59 -17.30 -0.58
N ARG B 268 -0.93 -16.26 -1.09
CA ARG B 268 -1.43 -15.63 -2.29
C ARG B 268 -1.19 -16.47 -3.54
N ASN B 269 -0.22 -17.38 -3.47
CA ASN B 269 0.07 -18.25 -4.61
C ASN B 269 -0.68 -19.58 -4.52
N ALA B 270 -1.46 -19.77 -3.47
CA ALA B 270 -2.19 -21.01 -3.28
C ALA B 270 -3.37 -21.25 -4.23
N PRO B 271 -3.62 -22.52 -4.58
CA PRO B 271 -4.72 -22.85 -5.49
C PRO B 271 -6.03 -22.36 -4.87
N ALA B 272 -6.91 -21.84 -5.70
CA ALA B 272 -8.19 -21.32 -5.23
C ALA B 272 -8.91 -22.35 -4.35
N GLY B 273 -9.34 -21.92 -3.16
CA GLY B 273 -10.06 -22.81 -2.26
C GLY B 273 -9.22 -23.65 -1.34
N MET B 274 -7.94 -23.81 -1.63
CA MET B 274 -7.03 -24.60 -0.79
C MET B 274 -6.50 -23.71 0.32
N MET B 275 -6.57 -24.19 1.55
CA MET B 275 -6.10 -23.40 2.68
C MET B 275 -4.63 -23.62 3.01
N VAL B 276 -4.02 -22.60 3.60
CA VAL B 276 -2.63 -22.67 4.02
C VAL B 276 -2.69 -22.48 5.53
N THR B 277 -1.99 -23.32 6.27
CA THR B 277 -2.01 -23.23 7.73
C THR B 277 -0.63 -23.27 8.37
N SER B 278 -0.59 -22.92 9.65
CA SER B 278 0.66 -22.92 10.42
C SER B 278 0.32 -22.51 11.84
N GLY B 279 1.32 -22.50 12.72
CA GLY B 279 1.05 -22.05 14.08
C GLY B 279 1.51 -22.93 15.23
N GLU B 280 1.59 -24.24 15.02
CA GLU B 280 1.98 -25.12 16.10
C GLU B 280 3.32 -24.77 16.76
N HIS B 281 4.23 -24.17 16.02
CA HIS B 281 5.51 -23.79 16.60
C HIS B 281 5.61 -22.34 17.03
N HIS B 282 4.54 -21.57 16.86
CA HIS B 282 4.56 -20.18 17.26
C HIS B 282 4.18 -20.06 18.73
N GLY B 283 4.58 -18.96 19.35
CA GLY B 283 4.29 -18.73 20.76
C GLY B 283 4.04 -17.25 21.01
N THR B 284 3.27 -16.95 22.05
CA THR B 284 2.89 -15.59 22.44
C THR B 284 1.81 -15.03 21.53
N LEU B 285 0.86 -14.33 22.14
CA LEU B 285 -0.25 -13.74 21.42
C LEU B 285 0.19 -12.80 20.31
N GLN B 286 1.25 -12.04 20.54
CA GLN B 286 1.72 -11.10 19.53
C GLN B 286 2.24 -11.80 18.27
N SER B 287 2.90 -12.96 18.44
CA SER B 287 3.39 -13.68 17.28
C SER B 287 2.21 -14.13 16.43
N PHE B 288 1.12 -14.53 17.08
CA PHE B 288 -0.05 -14.96 16.34
C PHE B 288 -0.75 -13.79 15.65
N ARG B 289 -0.55 -12.58 16.15
CA ARG B 289 -1.13 -11.40 15.51
C ARG B 289 -0.41 -11.25 14.17
N THR B 290 0.92 -11.37 14.22
CA THR B 290 1.74 -11.26 13.01
C THR B 290 1.41 -12.39 12.03
N LEU B 291 1.23 -13.60 12.56
CA LEU B 291 0.92 -14.74 11.71
C LEU B 291 -0.44 -14.56 11.06
N ALA B 292 -1.42 -14.14 11.87
CA ALA B 292 -2.77 -13.94 11.35
C ALA B 292 -2.80 -12.93 10.21
N GLU B 293 -1.99 -11.88 10.33
CA GLU B 293 -1.95 -10.86 9.29
C GLU B 293 -1.26 -11.28 7.99
N THR B 294 -0.71 -12.50 7.94
CA THR B 294 -0.09 -12.97 6.70
C THR B 294 -1.20 -13.45 5.77
N GLY B 295 -2.40 -13.60 6.33
CA GLY B 295 -3.53 -14.05 5.55
C GLY B 295 -3.81 -15.54 5.56
N ILE B 296 -3.01 -16.34 6.25
CA ILE B 296 -3.26 -17.78 6.27
C ILE B 296 -4.63 -18.06 6.87
N ASP B 297 -5.23 -19.15 6.41
CA ASP B 297 -6.57 -19.55 6.82
C ASP B 297 -6.79 -20.03 8.24
N ILE B 298 -5.90 -20.85 8.75
CA ILE B 298 -6.08 -21.39 10.09
C ILE B 298 -4.79 -21.43 10.90
N MET B 299 -4.87 -20.97 12.14
CA MET B 299 -3.73 -20.96 13.03
C MET B 299 -3.87 -22.19 13.92
N GLN B 300 -2.77 -22.87 14.15
CA GLN B 300 -2.79 -24.12 14.90
C GLN B 300 -1.88 -24.18 16.12
N PRO B 301 -2.09 -23.29 17.10
CA PRO B 301 -1.23 -23.33 18.27
C PRO B 301 -1.39 -24.64 19.04
N ASP B 302 -0.32 -25.08 19.70
CA ASP B 302 -0.37 -26.28 20.54
C ASP B 302 -0.61 -25.65 21.91
N VAL B 303 -1.65 -26.08 22.62
CA VAL B 303 -1.98 -25.50 23.92
C VAL B 303 -0.82 -25.58 24.91
N GLY B 304 0.00 -26.61 24.78
CA GLY B 304 1.14 -26.76 25.68
C GLY B 304 2.41 -26.10 25.19
N TRP B 305 2.36 -25.42 24.05
CA TRP B 305 3.56 -24.76 23.51
C TRP B 305 3.36 -23.29 23.21
N CYS B 306 2.12 -22.88 22.95
CA CYS B 306 1.82 -21.49 22.58
C CYS B 306 1.81 -20.48 23.72
N GLY B 307 1.74 -20.98 24.94
CA GLY B 307 1.69 -20.11 26.11
C GLY B 307 0.70 -20.67 27.12
N GLY B 308 -0.07 -21.67 26.72
CA GLY B 308 -1.04 -22.26 27.63
C GLY B 308 -2.47 -21.95 27.25
N LEU B 309 -3.40 -22.40 28.07
CA LEU B 309 -4.82 -22.16 27.81
C LEU B 309 -5.13 -20.67 27.81
N THR B 310 -4.53 -19.93 28.73
CA THR B 310 -4.80 -18.51 28.82
C THR B 310 -4.51 -17.84 27.48
N THR B 311 -3.38 -18.19 26.87
CA THR B 311 -2.99 -17.64 25.57
C THR B 311 -3.86 -18.19 24.45
N LEU B 312 -4.16 -19.49 24.51
CA LEU B 312 -4.99 -20.13 23.49
C LEU B 312 -6.33 -19.43 23.32
N VAL B 313 -6.97 -19.10 24.45
CA VAL B 313 -8.26 -18.43 24.42
C VAL B 313 -8.16 -17.08 23.73
N GLU B 314 -7.01 -16.41 23.92
CA GLU B 314 -6.82 -15.11 23.30
C GLU B 314 -6.63 -15.27 21.78
N ILE B 315 -5.88 -16.29 21.38
CA ILE B 315 -5.64 -16.55 19.96
C ILE B 315 -6.97 -16.85 19.27
N ALA B 316 -7.83 -17.60 19.95
CA ALA B 316 -9.13 -17.94 19.38
C ALA B 316 -9.90 -16.66 19.08
N ALA B 317 -9.86 -15.70 20.02
CA ALA B 317 -10.55 -14.45 19.83
C ALA B 317 -9.95 -13.67 18.66
N LEU B 318 -8.63 -13.73 18.54
CA LEU B 318 -7.95 -13.04 17.45
C LEU B 318 -8.47 -13.59 16.13
N ALA B 319 -8.46 -14.91 15.99
CA ALA B 319 -8.96 -15.54 14.77
C ALA B 319 -10.42 -15.20 14.51
N LYS B 320 -11.25 -15.30 15.54
CA LYS B 320 -12.67 -15.03 15.36
C LYS B 320 -12.93 -13.60 14.91
N SER B 321 -12.12 -12.65 15.37
CA SER B 321 -12.31 -11.25 14.99
C SER B 321 -12.10 -11.06 13.50
N ARG B 322 -11.31 -11.95 12.90
CA ARG B 322 -11.03 -11.87 11.47
C ARG B 322 -11.91 -12.84 10.68
N GLY B 323 -12.88 -13.44 11.38
CA GLY B 323 -13.80 -14.37 10.75
C GLY B 323 -13.14 -15.67 10.34
N GLN B 324 -12.01 -15.98 10.99
CA GLN B 324 -11.27 -17.19 10.70
C GLN B 324 -11.46 -18.27 11.76
N LEU B 325 -10.80 -19.41 11.54
CA LEU B 325 -10.89 -20.54 12.44
C LEU B 325 -9.55 -20.82 13.12
N VAL B 326 -9.60 -21.42 14.30
CA VAL B 326 -8.41 -21.81 15.03
C VAL B 326 -8.57 -23.30 15.30
N VAL B 327 -7.59 -24.10 14.90
CA VAL B 327 -7.65 -25.53 15.13
C VAL B 327 -6.33 -25.97 15.75
N PRO B 328 -6.31 -26.07 17.09
CA PRO B 328 -5.13 -26.47 17.85
C PRO B 328 -4.46 -27.76 17.40
N HIS B 329 -3.16 -27.83 17.70
CA HIS B 329 -2.32 -28.98 17.40
C HIS B 329 -2.39 -29.94 18.59
N GLY B 330 -2.82 -31.18 18.34
CA GLY B 330 -2.90 -32.20 19.38
C GLY B 330 -3.44 -31.70 20.71
N SER B 331 -2.62 -31.82 21.76
CA SER B 331 -2.93 -31.35 23.10
C SER B 331 -3.96 -32.13 23.94
N SER B 332 -4.64 -33.09 23.33
CA SER B 332 -5.63 -33.91 24.04
C SER B 332 -6.64 -33.09 24.87
N VAL B 333 -6.84 -33.47 26.12
CA VAL B 333 -7.81 -32.77 26.98
C VAL B 333 -7.56 -31.27 27.15
N TYR B 334 -6.31 -30.85 27.10
CA TYR B 334 -5.99 -29.44 27.25
C TYR B 334 -6.57 -28.64 26.09
N SER B 335 -6.78 -29.30 24.96
CA SER B 335 -7.39 -28.66 23.81
C SER B 335 -8.90 -28.85 23.86
N HIS B 336 -9.32 -30.07 24.14
CA HIS B 336 -10.73 -30.42 24.21
C HIS B 336 -11.57 -29.45 25.04
N HIS B 337 -11.18 -29.24 26.29
CA HIS B 337 -11.92 -28.34 27.18
C HIS B 337 -11.97 -26.92 26.65
N ALA B 338 -10.98 -26.55 25.83
CA ALA B 338 -10.96 -25.21 25.27
C ALA B 338 -11.77 -25.13 23.99
N VAL B 339 -11.39 -25.93 23.00
CA VAL B 339 -12.07 -25.88 21.70
C VAL B 339 -13.55 -26.22 21.70
N ILE B 340 -13.98 -27.03 22.66
CA ILE B 340 -15.40 -27.36 22.69
C ILE B 340 -16.21 -26.10 23.02
N THR B 341 -15.53 -25.05 23.48
CA THR B 341 -16.20 -23.80 23.80
C THR B 341 -15.99 -22.72 22.74
N PHE B 342 -15.18 -23.02 21.72
CA PHE B 342 -14.90 -22.07 20.65
C PHE B 342 -15.81 -22.24 19.44
N THR B 343 -16.56 -21.20 19.11
CA THR B 343 -17.44 -21.28 17.95
C THR B 343 -16.62 -21.38 16.67
N ASN B 344 -15.36 -20.95 16.71
CA ASN B 344 -14.50 -21.01 15.52
C ASN B 344 -13.49 -22.16 15.49
N THR B 345 -13.83 -23.27 16.14
CA THR B 345 -12.99 -24.48 16.12
C THR B 345 -13.99 -25.61 15.87
N PRO B 346 -14.54 -25.71 14.65
CA PRO B 346 -15.52 -26.73 14.28
C PRO B 346 -15.02 -28.18 14.27
N PHE B 347 -13.72 -28.37 14.40
CA PHE B 347 -13.14 -29.72 14.42
C PHE B 347 -11.77 -29.65 15.09
N SER B 348 -11.26 -30.80 15.53
CA SER B 348 -9.97 -30.85 16.22
C SER B 348 -9.04 -31.91 15.65
N GLU B 349 -7.82 -31.93 16.14
CA GLU B 349 -6.83 -32.88 15.68
C GLU B 349 -6.56 -34.01 16.67
N PHE B 350 -6.35 -35.21 16.13
CA PHE B 350 -5.98 -36.37 16.93
C PHE B 350 -4.73 -36.90 16.25
N LEU B 351 -3.59 -36.75 16.91
CA LEU B 351 -2.32 -37.20 16.35
C LEU B 351 -2.05 -38.65 16.75
N MET B 352 -2.03 -39.53 15.75
CA MET B 352 -1.79 -40.95 15.96
C MET B 352 -0.49 -41.27 16.68
N THR B 353 -0.60 -41.81 17.89
CA THR B 353 0.60 -42.19 18.65
C THR B 353 0.81 -43.68 18.37
N SER B 354 -0.20 -44.29 17.76
CA SER B 354 -0.13 -45.69 17.37
C SER B 354 0.98 -45.78 16.32
N PRO B 355 1.98 -46.66 16.54
CA PRO B 355 3.08 -46.81 15.59
C PRO B 355 2.68 -47.00 14.13
N ASP B 356 1.58 -47.70 13.90
CA ASP B 356 1.12 -47.96 12.52
C ASP B 356 -0.25 -47.37 12.22
N CYS B 357 -0.65 -46.40 13.04
CA CYS B 357 -1.92 -45.70 12.87
C CYS B 357 -3.09 -46.66 12.68
N SER B 358 -3.08 -47.77 13.41
CA SER B 358 -4.15 -48.77 13.31
C SER B 358 -5.06 -48.84 14.54
N THR B 359 -4.60 -48.29 15.66
CA THR B 359 -5.39 -48.31 16.89
C THR B 359 -5.48 -46.91 17.51
N LEU B 360 -6.41 -46.75 18.45
CA LEU B 360 -6.61 -45.47 19.11
C LEU B 360 -5.79 -45.30 20.39
N ARG B 361 -4.47 -45.38 20.27
CA ARG B 361 -3.61 -45.20 21.44
C ARG B 361 -3.85 -43.77 21.90
N PRO B 362 -3.98 -43.55 23.22
CA PRO B 362 -4.23 -42.19 23.73
C PRO B 362 -3.16 -41.19 23.30
N GLN B 363 -3.59 -39.96 23.05
CA GLN B 363 -2.71 -38.88 22.59
C GLN B 363 -1.43 -38.75 23.42
N PHE B 364 -1.56 -38.80 24.74
CA PHE B 364 -0.41 -38.67 25.63
C PHE B 364 -0.07 -39.95 26.38
N ASP B 365 -0.40 -41.09 25.79
CA ASP B 365 -0.11 -42.36 26.41
C ASP B 365 1.39 -42.41 26.71
N PRO B 366 1.76 -42.88 27.92
CA PRO B 366 0.89 -43.37 28.99
C PRO B 366 0.84 -42.46 30.23
N ILE B 367 1.37 -41.24 30.12
CA ILE B 367 1.42 -40.33 31.27
C ILE B 367 0.07 -39.92 31.87
N LEU B 368 -0.99 -39.92 31.08
CA LEU B 368 -2.30 -39.53 31.58
C LEU B 368 -3.25 -40.69 31.89
N LEU B 369 -3.72 -40.74 33.13
CA LEU B 369 -4.65 -41.78 33.55
C LEU B 369 -6.05 -41.40 33.10
N ASP B 370 -6.79 -42.37 32.59
CA ASP B 370 -8.15 -42.15 32.15
C ASP B 370 -8.25 -41.14 31.01
N GLU B 371 -7.24 -41.08 30.16
CA GLU B 371 -7.27 -40.15 29.05
C GLU B 371 -8.29 -40.56 28.00
N PRO B 372 -9.24 -39.66 27.69
CA PRO B 372 -10.25 -40.00 26.69
C PRO B 372 -9.71 -40.02 25.26
N VAL B 373 -10.32 -40.85 24.42
CA VAL B 373 -9.93 -40.95 23.02
C VAL B 373 -11.21 -40.95 22.20
N PRO B 374 -11.13 -40.47 20.96
CA PRO B 374 -12.31 -40.44 20.09
C PRO B 374 -13.01 -41.78 19.94
N VAL B 375 -14.33 -41.75 19.92
CA VAL B 375 -15.16 -42.92 19.74
C VAL B 375 -15.93 -42.56 18.48
N ASN B 376 -15.74 -43.34 17.42
CA ASN B 376 -16.37 -43.05 16.14
C ASN B 376 -15.91 -41.65 15.72
N GLY B 377 -14.63 -41.39 15.94
CA GLY B 377 -14.02 -40.12 15.58
C GLY B 377 -14.55 -38.90 16.30
N ARG B 378 -15.16 -39.09 17.47
CA ARG B 378 -15.72 -37.98 18.22
C ARG B 378 -15.61 -38.18 19.72
N ILE B 379 -15.69 -37.08 20.46
CA ILE B 379 -15.66 -37.11 21.92
C ILE B 379 -16.83 -36.23 22.37
N HIS B 380 -17.85 -36.86 22.95
CA HIS B 380 -19.04 -36.15 23.40
C HIS B 380 -18.67 -35.32 24.64
N LYS B 381 -19.36 -34.19 24.84
CA LYS B 381 -19.05 -33.33 25.98
C LYS B 381 -19.17 -34.04 27.32
N SER B 382 -20.09 -34.99 27.43
CA SER B 382 -20.28 -35.71 28.68
C SER B 382 -19.00 -36.42 29.10
N VAL B 383 -18.14 -36.72 28.14
CA VAL B 383 -16.88 -37.39 28.42
C VAL B 383 -15.92 -36.47 29.17
N LEU B 384 -16.17 -35.16 29.08
CA LEU B 384 -15.32 -34.17 29.73
C LEU B 384 -15.90 -33.68 31.05
N ASP B 385 -17.04 -34.24 31.46
CA ASP B 385 -17.66 -33.82 32.71
C ASP B 385 -16.97 -34.32 33.96
N LYS B 386 -15.71 -33.90 34.12
CA LYS B 386 -14.90 -34.25 35.27
C LYS B 386 -14.15 -32.97 35.67
N PRO B 387 -13.73 -32.86 36.94
CA PRO B 387 -13.01 -31.69 37.46
C PRO B 387 -11.74 -31.31 36.71
N GLY B 388 -11.58 -30.02 36.43
CA GLY B 388 -10.39 -29.55 35.74
C GLY B 388 -10.32 -30.12 34.35
N PHE B 389 -9.19 -30.73 33.99
CA PHE B 389 -9.04 -31.33 32.67
C PHE B 389 -9.42 -32.81 32.72
N GLY B 390 -9.99 -33.22 33.85
CA GLY B 390 -10.48 -34.57 34.03
C GLY B 390 -9.57 -35.78 34.10
N VAL B 391 -8.26 -35.58 34.19
CA VAL B 391 -7.36 -36.72 34.25
C VAL B 391 -6.43 -36.71 35.47
N GLU B 392 -5.76 -37.83 35.70
CA GLU B 392 -4.83 -37.94 36.81
C GLU B 392 -3.45 -38.33 36.28
N LEU B 393 -2.42 -38.05 37.06
CA LEU B 393 -1.04 -38.33 36.67
C LEU B 393 -0.63 -39.79 36.92
N ASN B 394 -0.10 -40.44 35.88
CA ASN B 394 0.33 -41.82 36.01
C ASN B 394 1.70 -41.93 36.69
N ARG B 395 1.68 -42.05 38.00
CA ARG B 395 2.89 -42.16 38.79
C ARG B 395 3.66 -43.46 38.55
N ASP B 396 3.06 -44.37 37.78
CA ASP B 396 3.72 -45.64 37.50
C ASP B 396 4.87 -45.41 36.52
N CYS B 397 4.85 -44.27 35.84
CA CYS B 397 5.94 -43.94 34.93
C CYS B 397 7.05 -43.55 35.88
N HIS B 398 8.30 -43.76 35.48
CA HIS B 398 9.41 -43.43 36.36
C HIS B 398 9.81 -41.96 36.30
N LEU B 399 8.96 -41.11 36.88
CA LEU B 399 9.20 -39.68 36.90
C LEU B 399 10.46 -39.35 37.67
N LYS B 400 11.20 -38.36 37.16
CA LYS B 400 12.43 -37.93 37.80
C LYS B 400 12.29 -36.49 38.28
N ARG B 401 12.89 -36.19 39.42
CA ARG B 401 12.86 -34.85 40.02
C ARG B 401 14.29 -34.36 40.07
N PRO B 402 14.78 -33.77 38.97
CA PRO B 402 16.16 -33.28 38.90
C PRO B 402 16.46 -32.06 39.79
N TYR B 403 15.45 -31.26 40.07
CA TYR B 403 15.62 -30.05 40.88
C TYR B 403 14.54 -29.92 41.95
N SER B 404 14.86 -29.18 43.00
CA SER B 404 13.91 -28.91 44.07
C SER B 404 14.22 -27.53 44.63
N HIS B 405 13.35 -27.03 45.49
CA HIS B 405 13.56 -25.71 46.09
C HIS B 405 12.84 -25.63 47.44
N MET C 1 -57.19 7.34 -4.78
CA MET C 1 -56.07 8.27 -5.14
C MET C 1 -56.40 9.09 -6.38
N GLU C 2 -56.23 10.41 -6.25
CA GLU C 2 -56.50 11.31 -7.35
C GLU C 2 -55.48 11.07 -8.47
N ASN C 3 -55.80 11.54 -9.67
CA ASN C 3 -54.90 11.36 -10.80
C ASN C 3 -53.73 12.33 -10.64
N ILE C 4 -52.55 11.93 -11.08
CA ILE C 4 -51.38 12.79 -10.98
C ILE C 4 -51.55 13.99 -11.90
N MET C 5 -50.86 15.08 -11.59
CA MET C 5 -50.97 16.27 -12.43
C MET C 5 -50.39 15.87 -13.79
N THR C 6 -51.00 16.33 -14.86
CA THR C 6 -50.51 16.02 -16.19
C THR C 6 -49.31 16.92 -16.46
N LEU C 7 -48.27 16.34 -17.05
CA LEU C 7 -47.07 17.11 -17.36
C LEU C 7 -46.87 17.22 -18.86
N PRO C 8 -46.47 18.40 -19.34
CA PRO C 8 -46.25 18.61 -20.78
C PRO C 8 -44.91 18.07 -21.28
N LYS C 9 -44.78 17.98 -22.59
CA LYS C 9 -43.56 17.52 -23.22
C LYS C 9 -42.76 18.77 -23.55
N ILE C 10 -41.47 18.62 -23.82
CA ILE C 10 -40.63 19.76 -24.16
C ILE C 10 -40.79 20.05 -25.66
N LYS C 11 -41.19 21.28 -25.97
CA LYS C 11 -41.41 21.68 -27.35
C LYS C 11 -40.18 22.26 -28.03
N HIS C 12 -39.50 23.20 -27.37
CA HIS C 12 -38.32 23.83 -27.95
C HIS C 12 -37.19 24.08 -26.95
N VAL C 13 -35.97 24.15 -27.48
CA VAL C 13 -34.78 24.47 -26.70
C VAL C 13 -34.10 25.53 -27.54
N ARG C 14 -33.71 26.64 -26.91
CA ARG C 14 -33.05 27.73 -27.62
C ARG C 14 -31.81 28.17 -26.85
N ALA C 15 -30.81 28.68 -27.56
CA ALA C 15 -29.59 29.13 -26.93
C ALA C 15 -29.18 30.52 -27.43
N TRP C 16 -28.77 31.38 -26.49
CA TRP C 16 -28.34 32.74 -26.78
C TRP C 16 -27.02 32.96 -26.06
N PHE C 17 -26.41 34.11 -26.30
CA PHE C 17 -25.16 34.44 -25.61
C PHE C 17 -25.02 35.95 -25.55
N ILE C 18 -24.21 36.41 -24.59
CA ILE C 18 -23.89 37.82 -24.41
C ILE C 18 -22.45 37.82 -23.98
N GLY C 19 -21.75 38.93 -24.20
CA GLY C 19 -20.35 38.98 -23.81
C GLY C 19 -19.51 38.10 -24.71
N GLY C 20 -18.28 37.84 -24.31
CA GLY C 20 -17.41 37.01 -25.13
C GLY C 20 -16.72 37.77 -26.25
N ALA C 21 -15.85 37.08 -26.96
CA ALA C 21 -15.06 37.66 -28.05
C ALA C 21 -15.85 38.11 -29.27
N THR C 22 -17.06 37.59 -29.44
CA THR C 22 -17.88 37.96 -30.58
C THR C 22 -19.06 38.87 -30.20
N ALA C 23 -19.02 39.43 -29.00
CA ALA C 23 -20.07 40.33 -28.54
C ALA C 23 -19.53 41.50 -27.73
N GLU C 24 -20.26 41.90 -26.70
CA GLU C 24 -19.89 43.04 -25.86
C GLU C 24 -19.05 42.70 -24.63
N LYS C 25 -17.80 43.14 -24.62
CA LYS C 25 -16.88 42.91 -23.52
C LYS C 25 -17.38 43.58 -22.23
N GLY C 26 -17.36 42.82 -21.14
CA GLY C 26 -17.81 43.35 -19.84
C GLY C 26 -19.28 43.15 -19.56
N ALA C 27 -19.91 42.21 -20.27
CA ALA C 27 -21.34 41.94 -20.10
C ALA C 27 -21.70 41.30 -18.76
N GLY C 28 -20.70 40.84 -18.01
CA GLY C 28 -20.96 40.20 -16.74
C GLY C 28 -21.78 38.95 -16.91
N GLY C 29 -22.92 38.88 -16.23
CA GLY C 29 -23.79 37.72 -16.34
C GLY C 29 -23.18 36.43 -15.82
N GLY C 30 -23.43 35.33 -16.55
CA GLY C 30 -22.91 34.05 -16.13
C GLY C 30 -21.39 33.92 -16.06
N ASP C 31 -20.68 34.70 -16.87
CA ASP C 31 -19.21 34.65 -16.88
C ASP C 31 -18.64 35.68 -15.91
N TYR C 32 -18.37 35.23 -14.68
CA TYR C 32 -17.82 36.07 -13.62
C TYR C 32 -16.63 36.94 -14.06
N HIS C 33 -15.80 36.40 -14.95
CA HIS C 33 -14.60 37.10 -15.41
C HIS C 33 -14.79 38.07 -16.57
N ASP C 34 -16.00 38.16 -17.12
CA ASP C 34 -16.23 39.07 -18.23
C ASP C 34 -16.62 40.42 -17.66
N GLN C 35 -15.68 41.04 -16.95
CA GLN C 35 -15.89 42.33 -16.32
C GLN C 35 -15.12 43.41 -17.07
N GLY C 36 -15.34 44.66 -16.68
CA GLY C 36 -14.63 45.74 -17.31
C GLY C 36 -13.25 45.74 -16.67
N GLY C 37 -12.44 46.75 -16.96
CA GLY C 37 -11.12 46.81 -16.35
C GLY C 37 -11.25 47.51 -15.01
N ASN C 38 -10.14 47.68 -14.29
CA ASN C 38 -10.17 48.36 -13.00
C ASN C 38 -11.10 47.59 -12.04
N HIS C 39 -10.92 46.28 -11.98
CA HIS C 39 -11.72 45.40 -11.14
C HIS C 39 -10.78 44.49 -10.36
N TRP C 40 -11.06 44.26 -9.09
CA TRP C 40 -10.19 43.41 -8.27
C TRP C 40 -10.02 42.03 -8.88
N ILE C 41 -11.06 41.55 -9.54
CA ILE C 41 -11.05 40.21 -10.11
C ILE C 41 -10.08 40.03 -11.28
N ASP C 42 -9.47 41.12 -11.72
CA ASP C 42 -8.49 41.05 -12.81
C ASP C 42 -7.20 41.77 -12.40
N ASP C 43 -7.05 42.05 -11.11
CA ASP C 43 -5.86 42.75 -10.63
C ASP C 43 -4.70 41.86 -10.20
N HIS C 44 -3.82 41.55 -11.15
CA HIS C 44 -2.63 40.75 -10.90
C HIS C 44 -2.92 39.45 -10.15
N ILE C 45 -3.92 38.70 -10.61
CA ILE C 45 -4.27 37.43 -9.97
C ILE C 45 -3.31 36.35 -10.50
N ALA C 46 -2.74 35.55 -9.61
CA ALA C 46 -1.81 34.51 -10.04
C ALA C 46 -2.53 33.44 -10.87
N THR C 47 -1.91 33.03 -11.98
CA THR C 47 -2.51 32.02 -12.85
C THR C 47 -1.42 31.21 -13.51
N PRO C 48 -1.80 30.14 -14.22
CA PRO C 48 -0.74 29.38 -14.87
C PRO C 48 -0.03 30.22 -15.96
N MET C 49 -0.60 31.37 -16.29
CA MET C 49 -0.02 32.23 -17.31
C MET C 49 0.74 33.46 -16.76
N SER C 50 0.59 33.76 -15.47
CA SER C 50 1.26 34.95 -14.93
C SER C 50 2.78 34.88 -14.92
N LYS C 51 3.33 33.72 -15.28
CA LYS C 51 4.79 33.58 -15.36
C LYS C 51 5.29 34.29 -16.62
N TYR C 52 4.37 34.64 -17.51
CA TYR C 52 4.71 35.36 -18.74
C TYR C 52 4.42 36.84 -18.53
N ARG C 53 5.44 37.67 -18.69
CA ARG C 53 5.30 39.11 -18.51
C ARG C 53 4.03 39.69 -19.13
N ASP C 54 3.78 39.36 -20.39
CA ASP C 54 2.62 39.90 -21.10
C ASP C 54 1.25 39.51 -20.55
N TYR C 55 1.22 38.48 -19.71
CA TYR C 55 -0.05 38.03 -19.15
C TYR C 55 -0.04 37.98 -17.63
N GLU C 56 0.87 38.74 -17.02
CA GLU C 56 0.98 38.75 -15.56
C GLU C 56 -0.02 39.64 -14.82
N GLN C 57 -0.23 40.85 -15.33
CA GLN C 57 -1.13 41.78 -14.66
C GLN C 57 -2.62 41.48 -14.82
N SER C 58 -3.00 41.03 -16.00
CA SER C 58 -4.42 40.79 -16.31
C SER C 58 -4.77 39.43 -16.88
N ARG C 59 -5.76 38.77 -16.28
CA ARG C 59 -6.22 37.48 -16.77
C ARG C 59 -6.99 37.73 -18.06
N GLN C 60 -7.57 38.91 -18.18
CA GLN C 60 -8.31 39.24 -19.40
C GLN C 60 -7.36 39.23 -20.60
N SER C 61 -6.12 39.68 -20.40
CA SER C 61 -5.15 39.72 -21.48
C SER C 61 -4.87 38.35 -22.10
N PHE C 62 -4.99 37.27 -21.33
CA PHE C 62 -4.74 35.96 -21.93
C PHE C 62 -6.02 35.31 -22.44
N GLY C 63 -7.15 35.98 -22.23
CA GLY C 63 -8.42 35.47 -22.72
C GLY C 63 -9.36 34.79 -21.75
N ILE C 64 -9.31 35.17 -20.47
CA ILE C 64 -10.22 34.57 -19.50
C ILE C 64 -11.67 34.98 -19.76
N ASN C 65 -11.85 35.97 -20.64
CA ASN C 65 -13.17 36.51 -20.96
C ASN C 65 -13.69 36.27 -22.39
N VAL C 66 -13.04 35.39 -23.14
CA VAL C 66 -13.45 35.16 -24.53
C VAL C 66 -14.75 34.39 -24.73
N LEU C 67 -15.16 33.62 -23.73
CA LEU C 67 -16.38 32.83 -23.85
C LEU C 67 -17.68 33.60 -23.66
N GLY C 68 -17.78 34.35 -22.58
CA GLY C 68 -19.01 35.08 -22.34
C GLY C 68 -20.08 34.17 -21.77
N THR C 69 -21.31 34.67 -21.73
CA THR C 69 -22.41 33.91 -21.16
C THR C 69 -23.28 33.13 -22.13
N LEU C 70 -23.60 31.89 -21.76
CA LEU C 70 -24.48 31.06 -22.55
C LEU C 70 -25.81 31.08 -21.82
N ILE C 71 -26.90 31.28 -22.56
CA ILE C 71 -28.24 31.28 -21.96
C ILE C 71 -29.03 30.19 -22.67
N VAL C 72 -29.59 29.27 -21.91
CA VAL C 72 -30.40 28.19 -22.49
C VAL C 72 -31.82 28.28 -21.97
N GLU C 73 -32.78 28.30 -22.90
CA GLU C 73 -34.18 28.35 -22.52
C GLU C 73 -34.91 27.16 -23.11
N VAL C 74 -35.71 26.50 -22.27
CA VAL C 74 -36.47 25.35 -22.72
C VAL C 74 -37.95 25.71 -22.61
N GLU C 75 -38.70 25.49 -23.69
CA GLU C 75 -40.13 25.79 -23.72
C GLU C 75 -40.95 24.51 -23.81
N ALA C 76 -41.89 24.36 -22.88
CA ALA C 76 -42.75 23.18 -22.86
C ALA C 76 -43.95 23.39 -23.77
N GLU C 77 -44.64 22.30 -24.11
CA GLU C 77 -45.82 22.36 -24.97
C GLU C 77 -46.93 23.22 -24.38
N ASN C 78 -46.95 23.34 -23.05
CA ASN C 78 -47.99 24.13 -22.39
C ASN C 78 -47.61 25.60 -22.26
N ARG C 79 -46.59 26.01 -23.01
CA ARG C 79 -46.12 27.39 -23.06
C ARG C 79 -45.26 27.88 -21.90
N GLN C 80 -45.14 27.09 -20.84
CA GLN C 80 -44.31 27.48 -19.71
C GLN C 80 -42.85 27.29 -20.11
N THR C 81 -41.95 28.09 -19.53
CA THR C 81 -40.53 27.97 -19.87
C THR C 81 -39.62 27.94 -18.66
N GLY C 82 -38.37 27.57 -18.90
CA GLY C 82 -37.37 27.51 -17.86
C GLY C 82 -36.06 27.88 -18.51
N PHE C 83 -35.11 28.38 -17.74
CA PHE C 83 -33.84 28.76 -18.32
C PHE C 83 -32.71 28.76 -17.28
N ALA C 84 -31.49 28.87 -17.77
CA ALA C 84 -30.31 28.93 -16.92
C ALA C 84 -29.19 29.57 -17.71
N VAL C 85 -28.13 29.97 -17.02
CA VAL C 85 -27.00 30.61 -17.69
C VAL C 85 -25.70 29.98 -17.19
N SER C 86 -24.65 30.08 -17.99
CA SER C 86 -23.34 29.54 -17.62
C SER C 86 -22.29 30.19 -18.52
N THR C 87 -21.06 29.71 -18.44
CA THR C 87 -19.98 30.25 -19.27
C THR C 87 -19.68 29.36 -20.48
N ALA C 88 -19.96 29.85 -21.68
CA ALA C 88 -19.71 29.11 -22.93
C ALA C 88 -19.95 29.98 -24.16
N GLY C 89 -20.87 30.92 -24.05
CA GLY C 89 -21.14 31.82 -25.17
C GLY C 89 -21.56 31.18 -26.48
N GLU C 90 -21.05 31.74 -27.57
CA GLU C 90 -21.40 31.28 -28.93
C GLU C 90 -21.18 29.80 -29.20
N MET C 91 -20.05 29.25 -28.74
CA MET C 91 -19.78 27.84 -28.97
C MET C 91 -20.79 26.99 -28.21
N GLY C 92 -21.21 27.47 -27.04
CA GLY C 92 -22.20 26.76 -26.27
C GLY C 92 -23.49 26.68 -27.06
N CYS C 93 -23.79 27.74 -27.81
CA CYS C 93 -24.99 27.78 -28.63
C CYS C 93 -24.93 26.74 -29.74
N PHE C 94 -23.75 26.60 -30.35
CA PHE C 94 -23.57 25.63 -31.41
C PHE C 94 -23.92 24.24 -30.88
N ILE C 95 -23.32 23.89 -29.74
CA ILE C 95 -23.56 22.59 -29.12
C ILE C 95 -25.04 22.35 -28.81
N VAL C 96 -25.71 23.35 -28.27
CA VAL C 96 -27.12 23.18 -27.93
C VAL C 96 -28.00 23.08 -29.17
N GLU C 97 -27.88 24.05 -30.07
CA GLU C 97 -28.67 24.14 -31.29
C GLU C 97 -28.38 23.10 -32.38
N LYS C 98 -27.13 22.65 -32.46
CA LYS C 98 -26.74 21.71 -33.50
C LYS C 98 -26.49 20.27 -33.06
N HIS C 99 -26.51 20.01 -31.76
CA HIS C 99 -26.28 18.64 -31.30
C HIS C 99 -27.24 18.18 -30.20
N LEU C 100 -27.14 18.79 -29.03
CA LEU C 100 -27.95 18.40 -27.89
C LEU C 100 -29.47 18.48 -28.04
N ASN C 101 -29.96 19.43 -28.85
CA ASN C 101 -31.41 19.58 -29.05
C ASN C 101 -32.15 18.28 -29.35
N ARG C 102 -31.51 17.37 -30.07
CA ARG C 102 -32.15 16.11 -30.44
C ARG C 102 -32.54 15.23 -29.24
N PHE C 103 -31.90 15.45 -28.10
CA PHE C 103 -32.19 14.65 -26.91
C PHE C 103 -33.19 15.34 -25.98
N ILE C 104 -33.32 16.64 -26.15
CA ILE C 104 -34.20 17.46 -25.31
C ILE C 104 -35.65 17.57 -25.78
N GLU C 105 -35.84 18.06 -27.00
CA GLU C 105 -37.17 18.25 -27.54
C GLU C 105 -37.92 16.93 -27.73
N GLY C 106 -39.18 16.92 -27.29
CA GLY C 106 -40.01 15.75 -27.40
C GLY C 106 -40.10 14.96 -26.11
N LYS C 107 -39.15 15.22 -25.20
CA LYS C 107 -39.13 14.53 -23.91
C LYS C 107 -40.11 15.18 -22.94
N CYS C 108 -40.45 14.45 -21.88
CA CYS C 108 -41.36 14.98 -20.87
C CYS C 108 -40.50 15.95 -20.06
N VAL C 109 -41.12 16.97 -19.47
CA VAL C 109 -40.35 17.93 -18.68
C VAL C 109 -39.73 17.28 -17.44
N SER C 110 -40.16 16.04 -17.15
CA SER C 110 -39.63 15.32 -15.99
C SER C 110 -38.49 14.38 -16.36
N ASP C 111 -38.19 14.23 -17.65
CA ASP C 111 -37.12 13.34 -18.10
C ASP C 111 -35.77 14.06 -17.98
N ILE C 112 -35.52 14.69 -16.85
CA ILE C 112 -34.28 15.43 -16.64
C ILE C 112 -33.03 14.56 -16.62
N LYS C 113 -33.06 13.49 -15.82
CA LYS C 113 -31.92 12.59 -15.71
C LYS C 113 -31.63 11.85 -17.00
N LEU C 114 -32.69 11.51 -17.74
CA LEU C 114 -32.53 10.82 -19.00
C LEU C 114 -31.80 11.71 -20.00
N ILE C 115 -32.27 12.95 -20.12
CA ILE C 115 -31.66 13.91 -21.04
C ILE C 115 -30.20 14.12 -20.66
N HIS C 116 -29.97 14.18 -19.35
CA HIS C 116 -28.62 14.38 -18.81
C HIS C 116 -27.70 13.23 -19.26
N ASP C 117 -28.15 12.00 -19.09
CA ASP C 117 -27.32 10.86 -19.47
C ASP C 117 -27.06 10.83 -20.97
N GLN C 118 -28.06 11.19 -21.76
CA GLN C 118 -27.88 11.18 -23.21
C GLN C 118 -26.91 12.28 -23.65
N MET C 119 -26.94 13.43 -22.99
CA MET C 119 -26.03 14.50 -23.36
C MET C 119 -24.58 14.07 -23.05
N LEU C 120 -24.37 13.47 -21.88
CA LEU C 120 -23.04 13.01 -21.50
C LEU C 120 -22.53 11.92 -22.46
N GLY C 121 -23.36 10.92 -22.71
CA GLY C 121 -22.95 9.85 -23.60
C GLY C 121 -22.71 10.26 -25.04
N ALA C 122 -23.53 11.17 -25.54
CA ALA C 122 -23.41 11.62 -26.91
C ALA C 122 -22.25 12.59 -27.16
N THR C 123 -21.73 13.21 -26.11
CA THR C 123 -20.63 14.16 -26.27
C THR C 123 -19.32 13.67 -25.66
N MET C 124 -19.35 12.45 -25.11
CA MET C 124 -18.16 11.89 -24.47
C MET C 124 -16.92 11.94 -25.36
N TYR C 125 -17.11 11.79 -26.66
CA TYR C 125 -15.99 11.80 -27.59
C TYR C 125 -15.32 13.16 -27.82
N TYR C 126 -15.94 14.25 -27.37
CA TYR C 126 -15.34 15.57 -27.54
C TYR C 126 -15.49 16.51 -26.35
N SER C 127 -16.08 16.02 -25.27
CA SER C 127 -16.29 16.87 -24.09
C SER C 127 -15.05 17.05 -23.21
N GLY C 128 -14.19 16.04 -23.19
CA GLY C 128 -12.99 16.11 -22.35
C GLY C 128 -13.33 16.06 -20.87
N SER C 129 -14.55 15.64 -20.54
CA SER C 129 -14.97 15.57 -19.14
C SER C 129 -14.76 16.86 -18.35
N GLY C 130 -15.31 17.97 -18.85
CA GLY C 130 -15.15 19.22 -18.15
C GLY C 130 -14.91 20.37 -19.11
N GLY C 131 -14.88 21.58 -18.59
CA GLY C 131 -14.66 22.73 -19.44
C GLY C 131 -15.86 23.09 -20.30
N LEU C 132 -15.58 23.84 -21.36
CA LEU C 132 -16.56 24.32 -22.32
C LEU C 132 -17.78 23.44 -22.56
N VAL C 133 -17.55 22.23 -23.05
CA VAL C 133 -18.65 21.31 -23.34
C VAL C 133 -19.45 20.93 -22.09
N MET C 134 -18.78 20.69 -20.97
CA MET C 134 -19.50 20.34 -19.75
C MET C 134 -20.29 21.53 -19.24
N ASN C 135 -19.78 22.74 -19.45
CA ASN C 135 -20.48 23.94 -19.03
C ASN C 135 -21.81 24.06 -19.78
N THR C 136 -21.79 23.67 -21.04
CA THR C 136 -22.97 23.74 -21.91
C THR C 136 -24.02 22.72 -21.46
N ILE C 137 -23.56 21.50 -21.19
CA ILE C 137 -24.41 20.43 -20.72
C ILE C 137 -25.01 20.87 -19.37
N SER C 138 -24.18 21.48 -18.53
CA SER C 138 -24.63 21.92 -17.22
C SER C 138 -25.74 22.95 -17.36
N CYS C 139 -25.56 23.88 -18.30
CA CYS C 139 -26.54 24.93 -18.51
C CYS C 139 -27.90 24.37 -18.95
N VAL C 140 -27.88 23.30 -19.76
CA VAL C 140 -29.13 22.69 -20.20
C VAL C 140 -29.83 22.00 -19.03
N ASP C 141 -29.06 21.25 -18.24
CA ASP C 141 -29.58 20.54 -17.08
C ASP C 141 -30.29 21.55 -16.17
N LEU C 142 -29.63 22.68 -15.94
CA LEU C 142 -30.18 23.71 -15.09
C LEU C 142 -31.46 24.31 -15.67
N ALA C 143 -31.50 24.49 -16.99
CA ALA C 143 -32.68 25.03 -17.65
C ALA C 143 -33.86 24.07 -17.50
N LEU C 144 -33.57 22.78 -17.59
CA LEU C 144 -34.60 21.76 -17.45
C LEU C 144 -35.15 21.74 -16.03
N TRP C 145 -34.25 21.84 -15.05
CA TRP C 145 -34.72 21.85 -13.66
C TRP C 145 -35.58 23.08 -13.39
N ASP C 146 -35.23 24.20 -14.03
CA ASP C 146 -35.99 25.43 -13.86
C ASP C 146 -37.40 25.28 -14.43
N LEU C 147 -37.48 24.71 -15.62
CA LEU C 147 -38.76 24.49 -16.29
C LEU C 147 -39.66 23.57 -15.49
N PHE C 148 -39.10 22.44 -15.04
CA PHE C 148 -39.86 21.46 -14.25
C PHE C 148 -40.40 22.12 -12.99
N GLY C 149 -39.56 22.89 -12.30
CA GLY C 149 -39.99 23.57 -11.10
C GLY C 149 -41.09 24.58 -11.37
N LYS C 150 -40.99 25.28 -12.50
CA LYS C 150 -42.00 26.27 -12.83
C LYS C 150 -43.31 25.60 -13.26
N VAL C 151 -43.21 24.46 -13.93
CA VAL C 151 -44.40 23.73 -14.37
C VAL C 151 -45.13 23.17 -13.15
N VAL C 152 -44.37 22.55 -12.25
CA VAL C 152 -44.94 21.96 -11.05
C VAL C 152 -45.38 23.06 -10.09
N GLY C 153 -44.70 24.20 -10.15
CA GLY C 153 -45.04 25.31 -9.28
C GLY C 153 -44.32 25.28 -7.94
N LEU C 154 -43.11 24.73 -7.92
CA LEU C 154 -42.35 24.65 -6.68
C LEU C 154 -40.92 25.11 -6.89
N PRO C 155 -40.29 25.64 -5.82
CA PRO C 155 -38.90 26.07 -5.94
C PRO C 155 -38.09 24.80 -6.10
N VAL C 156 -36.97 24.88 -6.81
CA VAL C 156 -36.14 23.69 -7.01
C VAL C 156 -35.73 23.07 -5.68
N TYR C 157 -35.45 23.90 -4.69
CA TYR C 157 -35.03 23.39 -3.39
C TYR C 157 -36.08 22.51 -2.72
N LYS C 158 -37.35 22.78 -2.95
CA LYS C 158 -38.38 21.94 -2.35
C LYS C 158 -38.51 20.61 -3.11
N LEU C 159 -38.33 20.68 -4.43
CA LEU C 159 -38.40 19.48 -5.27
C LEU C 159 -37.31 18.48 -4.86
N LEU C 160 -36.16 19.03 -4.45
CA LEU C 160 -35.00 18.24 -4.05
C LEU C 160 -35.11 17.55 -2.70
N GLY C 161 -36.13 17.89 -1.93
CA GLY C 161 -36.27 17.27 -0.62
C GLY C 161 -36.32 18.28 0.50
N GLY C 162 -36.33 19.56 0.15
CA GLY C 162 -36.43 20.62 1.14
C GLY C 162 -35.14 21.16 1.74
N ALA C 163 -35.25 22.30 2.41
CA ALA C 163 -34.12 22.95 3.05
C ALA C 163 -33.77 22.21 4.33
N VAL C 164 -32.47 22.18 4.66
CA VAL C 164 -32.01 21.52 5.88
C VAL C 164 -31.50 22.57 6.86
N ARG C 165 -31.71 23.83 6.50
CA ARG C 165 -31.34 24.99 7.31
C ARG C 165 -32.26 26.13 6.85
N ASP C 166 -32.56 27.06 7.74
CA ASP C 166 -33.45 28.17 7.38
C ASP C 166 -32.80 29.26 6.56
N GLU C 167 -31.48 29.28 6.53
CA GLU C 167 -30.77 30.29 5.77
C GLU C 167 -29.42 29.76 5.33
N ILE C 168 -28.89 30.36 4.27
CA ILE C 168 -27.58 30.00 3.76
C ILE C 168 -26.63 31.10 4.23
N GLN C 169 -25.56 30.73 4.92
CA GLN C 169 -24.58 31.73 5.33
C GLN C 169 -23.44 31.66 4.33
N PHE C 170 -22.95 32.83 3.91
CA PHE C 170 -21.91 32.93 2.92
C PHE C 170 -20.59 33.51 3.39
N TYR C 171 -19.52 33.09 2.72
CA TYR C 171 -18.20 33.66 2.95
C TYR C 171 -18.09 34.47 1.66
N ALA C 172 -17.34 35.57 1.67
CA ALA C 172 -17.22 36.40 0.48
C ALA C 172 -15.85 36.31 -0.17
N THR C 173 -15.85 36.17 -1.49
CA THR C 173 -14.60 36.09 -2.23
C THR C 173 -14.32 37.46 -2.84
N GLY C 174 -13.18 38.02 -2.48
CA GLY C 174 -12.83 39.34 -2.98
C GLY C 174 -11.60 39.88 -2.27
N ALA C 175 -11.26 41.13 -2.58
CA ALA C 175 -10.08 41.76 -2.00
C ALA C 175 -10.27 42.48 -0.66
N ARG C 176 -11.48 42.45 -0.11
CA ARG C 176 -11.73 43.13 1.17
C ARG C 176 -12.43 42.28 2.22
N PRO C 177 -11.72 41.31 2.80
CA PRO C 177 -12.32 40.46 3.84
C PRO C 177 -12.83 41.29 5.02
N ASP C 178 -12.13 42.38 5.34
CA ASP C 178 -12.53 43.22 6.45
C ASP C 178 -13.93 43.82 6.27
N LEU C 179 -14.22 44.33 5.08
CA LEU C 179 -15.54 44.90 4.80
C LEU C 179 -16.57 43.76 4.76
N ALA C 180 -16.15 42.61 4.26
CA ALA C 180 -17.03 41.45 4.16
C ALA C 180 -17.54 41.05 5.54
N LYS C 181 -16.65 41.09 6.53
CA LYS C 181 -17.03 40.74 7.89
C LYS C 181 -18.08 41.74 8.38
N GLU C 182 -17.85 43.01 8.10
CA GLU C 182 -18.78 44.06 8.51
C GLU C 182 -20.15 43.84 7.85
N MET C 183 -20.15 43.36 6.62
CA MET C 183 -21.38 43.11 5.89
C MET C 183 -22.13 41.91 6.46
N GLY C 184 -21.45 41.07 7.22
CA GLY C 184 -22.11 39.93 7.82
C GLY C 184 -21.64 38.57 7.32
N PHE C 185 -20.72 38.57 6.36
CA PHE C 185 -20.18 37.31 5.83
C PHE C 185 -19.38 36.62 6.94
N ILE C 186 -19.25 35.31 6.86
CA ILE C 186 -18.54 34.55 7.88
C ILE C 186 -17.07 34.32 7.58
N GLY C 187 -16.64 34.75 6.40
CA GLY C 187 -15.26 34.58 6.01
C GLY C 187 -14.97 35.34 4.75
N GLY C 188 -13.70 35.42 4.40
CA GLY C 188 -13.30 36.13 3.21
C GLY C 188 -12.17 35.40 2.52
N LYS C 189 -12.36 35.07 1.25
CA LYS C 189 -11.35 34.38 0.47
C LYS C 189 -10.67 35.38 -0.48
N MET C 190 -9.35 35.49 -0.38
CA MET C 190 -8.58 36.42 -1.21
C MET C 190 -7.78 35.65 -2.25
N PRO C 191 -7.51 36.29 -3.40
CA PRO C 191 -6.73 35.64 -4.44
C PRO C 191 -5.24 35.85 -4.19
N THR C 192 -4.43 34.89 -4.61
CA THR C 192 -2.99 35.04 -4.46
C THR C 192 -2.60 35.94 -5.63
N HIS C 193 -1.53 36.72 -5.45
CA HIS C 193 -1.10 37.62 -6.50
C HIS C 193 0.22 37.21 -7.11
N TRP C 194 0.92 36.32 -6.42
CA TRP C 194 2.23 35.87 -6.90
C TRP C 194 2.28 34.36 -7.07
N GLY C 195 3.24 33.90 -7.88
CA GLY C 195 3.36 32.48 -8.13
C GLY C 195 4.77 31.93 -7.97
N PRO C 196 4.96 30.65 -8.33
CA PRO C 196 6.26 29.97 -8.24
C PRO C 196 7.45 30.77 -8.75
N HIS C 197 7.25 31.46 -9.88
CA HIS C 197 8.31 32.26 -10.46
C HIS C 197 8.72 33.45 -9.59
N ASP C 198 7.90 33.76 -8.60
CA ASP C 198 8.16 34.87 -7.69
C ASP C 198 8.94 34.43 -6.45
N GLY C 199 9.08 33.12 -6.29
CA GLY C 199 9.84 32.58 -5.17
C GLY C 199 9.45 33.05 -3.78
N ASP C 200 10.47 33.16 -2.93
CA ASP C 200 10.28 33.56 -1.54
C ASP C 200 9.60 34.90 -1.36
N ALA C 201 9.87 35.84 -2.26
CA ALA C 201 9.25 37.15 -2.17
C ALA C 201 7.74 36.98 -2.38
N GLY C 202 7.37 36.14 -3.34
CA GLY C 202 5.96 35.92 -3.61
C GLY C 202 5.24 35.33 -2.40
N ILE C 203 5.87 34.37 -1.75
CA ILE C 203 5.31 33.74 -0.57
C ILE C 203 5.17 34.77 0.55
N ARG C 204 6.21 35.57 0.75
CA ARG C 204 6.16 36.58 1.80
C ARG C 204 5.07 37.62 1.56
N LYS C 205 4.90 38.04 0.32
CA LYS C 205 3.89 39.05 0.00
C LYS C 205 2.44 38.57 0.18
N ASP C 206 2.11 37.37 -0.27
CA ASP C 206 0.74 36.90 -0.10
C ASP C 206 0.51 36.50 1.36
N ALA C 207 1.56 36.04 2.03
CA ALA C 207 1.43 35.67 3.44
C ALA C 207 1.18 36.94 4.25
N ALA C 208 1.83 38.03 3.85
CA ALA C 208 1.67 39.30 4.56
C ALA C 208 0.25 39.83 4.37
N MET C 209 -0.31 39.58 3.19
CA MET C 209 -1.67 40.00 2.88
C MET C 209 -2.63 39.29 3.85
N VAL C 210 -2.38 38.00 4.09
CA VAL C 210 -3.21 37.22 4.99
C VAL C 210 -3.05 37.72 6.43
N ALA C 211 -1.81 37.96 6.84
CA ALA C 211 -1.51 38.43 8.18
C ALA C 211 -2.22 39.75 8.44
N ASP C 212 -2.18 40.62 7.43
CA ASP C 212 -2.81 41.94 7.52
C ASP C 212 -4.30 41.78 7.77
N MET C 213 -4.96 40.91 7.00
CA MET C 213 -6.40 40.74 7.20
C MET C 213 -6.74 40.02 8.50
N ARG C 214 -5.86 39.14 8.98
CA ARG C 214 -6.13 38.45 10.23
C ARG C 214 -6.20 39.51 11.35
N GLU C 215 -5.27 40.45 11.29
CA GLU C 215 -5.22 41.52 12.28
C GLU C 215 -6.50 42.36 12.21
N LYS C 216 -6.91 42.71 11.00
CA LYS C 216 -8.11 43.52 10.79
C LYS C 216 -9.44 42.81 11.06
N CYS C 217 -9.47 41.49 10.88
CA CYS C 217 -10.71 40.74 11.07
C CYS C 217 -10.91 39.99 12.38
N GLY C 218 -9.85 39.84 13.16
CA GLY C 218 -10.01 39.10 14.40
C GLY C 218 -9.80 37.62 14.14
N PRO C 219 -9.79 36.79 15.19
CA PRO C 219 -9.58 35.33 15.11
C PRO C 219 -10.70 34.42 14.60
N ASP C 220 -11.96 34.82 14.73
CA ASP C 220 -13.04 33.95 14.31
C ASP C 220 -13.55 34.10 12.88
N PHE C 221 -13.25 35.22 12.24
CA PHE C 221 -13.67 35.44 10.87
C PHE C 221 -12.70 34.62 10.02
N TRP C 222 -13.23 33.74 9.18
CA TRP C 222 -12.38 32.89 8.35
C TRP C 222 -11.66 33.62 7.23
N LEU C 223 -10.46 33.15 6.92
CA LEU C 223 -9.69 33.71 5.83
C LEU C 223 -9.22 32.54 4.96
N MET C 224 -9.31 32.71 3.65
CA MET C 224 -8.89 31.67 2.72
C MET C 224 -8.11 32.28 1.57
N LEU C 225 -7.33 31.46 0.89
CA LEU C 225 -6.58 31.90 -0.28
C LEU C 225 -7.03 31.09 -1.48
N ASP C 226 -7.25 31.77 -2.60
CA ASP C 226 -7.63 31.10 -3.83
C ASP C 226 -6.38 31.25 -4.71
N CYS C 227 -5.87 30.13 -5.23
CA CYS C 227 -4.67 30.14 -6.04
C CYS C 227 -4.85 29.92 -7.54
N TRP C 228 -6.11 29.79 -7.95
CA TRP C 228 -6.46 29.60 -9.36
C TRP C 228 -5.48 28.82 -10.23
N MET C 229 -5.24 27.55 -9.87
CA MET C 229 -4.37 26.63 -10.63
C MET C 229 -2.98 27.12 -10.95
N SER C 230 -2.52 28.14 -10.22
CA SER C 230 -1.23 28.79 -10.51
C SER C 230 0.08 28.30 -9.89
N GLN C 231 0.05 27.28 -9.05
CA GLN C 231 1.27 26.87 -8.37
C GLN C 231 1.71 25.44 -8.67
N ASP C 232 2.68 24.97 -7.89
CA ASP C 232 3.14 23.58 -7.99
C ASP C 232 3.19 23.13 -6.53
N VAL C 233 3.41 21.83 -6.29
CA VAL C 233 3.41 21.33 -4.93
C VAL C 233 4.32 22.03 -3.92
N ASN C 234 5.56 22.29 -4.31
CA ASN C 234 6.49 22.94 -3.40
C ASN C 234 6.08 24.37 -3.05
N TYR C 235 5.71 25.16 -4.05
CA TYR C 235 5.31 26.53 -3.78
C TYR C 235 4.07 26.55 -2.90
N ALA C 236 3.09 25.71 -3.22
CA ALA C 236 1.87 25.64 -2.44
C ALA C 236 2.15 25.23 -1.00
N THR C 237 3.07 24.29 -0.84
CA THR C 237 3.44 23.81 0.50
C THR C 237 4.07 24.96 1.28
N LYS C 238 4.99 25.68 0.65
CA LYS C 238 5.63 26.80 1.34
C LYS C 238 4.61 27.88 1.72
N LEU C 239 3.70 28.20 0.79
CA LEU C 239 2.71 29.23 1.07
C LEU C 239 1.80 28.83 2.23
N ALA C 240 1.36 27.58 2.22
CA ALA C 240 0.49 27.07 3.26
C ALA C 240 1.15 27.20 4.62
N HIS C 241 2.39 26.75 4.72
CA HIS C 241 3.08 26.84 6.01
C HIS C 241 3.34 28.28 6.42
N ALA C 242 3.58 29.16 5.46
CA ALA C 242 3.82 30.56 5.77
C ALA C 242 2.55 31.21 6.32
N CYS C 243 1.39 30.70 5.92
CA CYS C 243 0.10 31.23 6.38
C CYS C 243 -0.45 30.54 7.63
N ALA C 244 0.15 29.41 8.02
CA ALA C 244 -0.32 28.67 9.19
C ALA C 244 -0.39 29.51 10.46
N PRO C 245 0.60 30.39 10.69
CA PRO C 245 0.57 31.23 11.90
C PRO C 245 -0.68 32.12 11.99
N PHE C 246 -1.37 32.32 10.88
CA PHE C 246 -2.55 33.18 10.86
C PHE C 246 -3.84 32.40 10.74
N ASN C 247 -3.73 31.09 10.93
CA ASN C 247 -4.87 30.19 10.86
C ASN C 247 -5.68 30.32 9.59
N LEU C 248 -4.99 30.24 8.44
CA LEU C 248 -5.68 30.29 7.14
C LEU C 248 -6.57 29.04 7.13
N LYS C 249 -7.86 29.21 6.86
CA LYS C 249 -8.77 28.07 6.86
C LYS C 249 -8.48 27.06 5.77
N TRP C 250 -8.27 27.53 4.54
CA TRP C 250 -7.95 26.62 3.45
C TRP C 250 -7.19 27.32 2.33
N ILE C 251 -6.52 26.52 1.51
CA ILE C 251 -5.78 27.02 0.37
C ILE C 251 -6.41 26.25 -0.80
N GLU C 252 -6.96 27.03 -1.73
CA GLU C 252 -7.72 26.50 -2.85
C GLU C 252 -7.16 26.44 -4.26
N GLU C 253 -7.44 25.32 -4.92
CA GLU C 253 -7.02 25.06 -6.28
C GLU C 253 -5.59 25.49 -6.58
N CYS C 254 -4.65 24.95 -5.81
CA CYS C 254 -3.25 25.29 -5.99
C CYS C 254 -2.72 24.75 -7.32
N LEU C 255 -3.31 23.65 -7.77
CA LEU C 255 -2.84 22.98 -8.98
C LEU C 255 -3.86 22.80 -10.10
N PRO C 256 -3.36 22.63 -11.33
CA PRO C 256 -4.25 22.43 -12.48
C PRO C 256 -5.08 21.19 -12.11
N PRO C 257 -6.30 21.09 -12.64
CA PRO C 257 -7.17 19.95 -12.33
C PRO C 257 -6.71 18.51 -12.59
N GLN C 258 -5.87 18.29 -13.61
CA GLN C 258 -5.41 16.93 -13.92
C GLN C 258 -4.39 16.41 -12.92
N GLN C 259 -3.84 17.30 -12.10
CA GLN C 259 -2.80 16.89 -11.16
C GLN C 259 -3.28 16.28 -9.83
N TYR C 260 -3.99 15.17 -9.94
CA TYR C 260 -4.51 14.48 -8.77
C TYR C 260 -3.39 14.02 -7.85
N GLU C 261 -2.34 13.48 -8.46
CA GLU C 261 -1.20 12.98 -7.71
C GLU C 261 -0.56 14.10 -6.90
N GLY C 262 -0.55 15.30 -7.49
CA GLY C 262 0.00 16.45 -6.79
C GLY C 262 -0.90 16.86 -5.63
N TYR C 263 -2.21 16.80 -5.83
CA TYR C 263 -3.11 17.16 -4.75
C TYR C 263 -2.95 16.22 -3.56
N ARG C 264 -2.74 14.93 -3.85
CA ARG C 264 -2.54 13.96 -2.78
C ARG C 264 -1.28 14.35 -2.00
N GLU C 265 -0.22 14.67 -2.73
CA GLU C 265 1.03 15.05 -2.09
C GLU C 265 0.88 16.34 -1.30
N LEU C 266 0.21 17.34 -1.89
CA LEU C 266 0.02 18.61 -1.22
C LEU C 266 -0.78 18.45 0.07
N LYS C 267 -1.85 17.67 0.03
CA LYS C 267 -2.65 17.45 1.24
C LYS C 267 -1.80 16.79 2.31
N ARG C 268 -0.91 15.90 1.91
CA ARG C 268 -0.04 15.23 2.88
C ARG C 268 0.95 16.23 3.51
N ASN C 269 1.34 17.25 2.74
CA ASN C 269 2.29 18.27 3.20
C ASN C 269 1.64 19.44 3.95
N ALA C 270 0.31 19.51 3.94
CA ALA C 270 -0.40 20.62 4.56
C ALA C 270 -0.24 20.76 6.07
N PRO C 271 -0.22 22.00 6.58
CA PRO C 271 -0.08 22.26 8.02
C PRO C 271 -1.26 21.62 8.74
N ALA C 272 -1.05 21.09 9.93
CA ALA C 272 -2.14 20.46 10.68
C ALA C 272 -3.36 21.36 10.78
N GLY C 273 -4.53 20.82 10.46
CA GLY C 273 -5.75 21.59 10.56
C GLY C 273 -6.08 22.50 9.37
N MET C 274 -5.10 22.74 8.50
CA MET C 274 -5.37 23.59 7.34
C MET C 274 -5.91 22.74 6.20
N MET C 275 -7.01 23.17 5.60
CA MET C 275 -7.58 22.39 4.53
C MET C 275 -7.06 22.72 3.14
N VAL C 276 -7.15 21.72 2.26
CA VAL C 276 -6.73 21.86 0.87
C VAL C 276 -7.99 21.61 0.07
N THR C 277 -8.33 22.53 -0.84
CA THR C 277 -9.54 22.37 -1.63
C THR C 277 -9.31 22.51 -3.12
N SER C 278 -10.30 22.11 -3.90
CA SER C 278 -10.24 22.22 -5.34
C SER C 278 -11.54 21.67 -5.88
N GLY C 279 -11.69 21.72 -7.21
CA GLY C 279 -12.90 21.17 -7.80
C GLY C 279 -13.69 22.04 -8.76
N GLU C 280 -13.56 23.36 -8.66
CA GLU C 280 -14.35 24.22 -9.54
C GLU C 280 -14.11 23.99 -11.02
N HIS C 281 -12.95 23.49 -11.40
CA HIS C 281 -12.69 23.24 -12.83
C HIS C 281 -12.83 21.77 -13.22
N HIS C 282 -13.24 20.93 -12.29
CA HIS C 282 -13.42 19.51 -12.55
C HIS C 282 -14.83 19.24 -13.08
N GLY C 283 -14.98 18.20 -13.89
CA GLY C 283 -16.27 17.86 -14.45
C GLY C 283 -16.51 16.35 -14.49
N THR C 284 -17.78 15.96 -14.46
CA THR C 284 -18.23 14.56 -14.45
C THR C 284 -18.06 13.95 -13.06
N LEU C 285 -19.02 13.14 -12.67
CA LEU C 285 -18.99 12.50 -11.36
C LEU C 285 -17.73 11.67 -11.14
N GLN C 286 -17.27 10.99 -12.19
CA GLN C 286 -16.08 10.14 -12.06
C GLN C 286 -14.81 10.93 -11.73
N SER C 287 -14.70 12.14 -12.26
CA SER C 287 -13.53 12.97 -11.96
C SER C 287 -13.53 13.33 -10.49
N PHE C 288 -14.72 13.58 -9.95
CA PHE C 288 -14.81 13.93 -8.53
C PHE C 288 -14.53 12.73 -7.65
N ARG C 289 -14.76 11.52 -8.15
CA ARG C 289 -14.46 10.33 -7.37
C ARG C 289 -12.93 10.29 -7.22
N THR C 290 -12.23 10.54 -8.31
CA THR C 290 -10.77 10.55 -8.31
C THR C 290 -10.25 11.70 -7.44
N LEU C 291 -10.86 12.88 -7.59
CA LEU C 291 -10.45 14.03 -6.80
C LEU C 291 -10.64 13.77 -5.31
N ALA C 292 -11.77 13.18 -4.95
CA ALA C 292 -12.05 12.89 -3.54
C ALA C 292 -11.03 11.93 -2.96
N GLU C 293 -10.61 10.97 -3.77
CA GLU C 293 -9.65 9.98 -3.31
C GLU C 293 -8.22 10.48 -3.13
N THR C 294 -7.96 11.74 -3.49
CA THR C 294 -6.62 12.30 -3.31
C THR C 294 -6.50 12.72 -1.85
N GLY C 295 -7.64 12.84 -1.18
CA GLY C 295 -7.63 13.24 0.22
C GLY C 295 -7.93 14.70 0.51
N ILE C 296 -8.08 15.53 -0.53
CA ILE C 296 -8.37 16.94 -0.27
C ILE C 296 -9.62 17.06 0.59
N ASP C 297 -9.64 18.07 1.44
CA ASP C 297 -10.73 18.27 2.39
C ASP C 297 -12.11 18.58 1.84
N ILE C 298 -12.18 19.51 0.90
CA ILE C 298 -13.46 19.94 0.35
C ILE C 298 -13.44 20.11 -1.16
N MET C 299 -14.42 19.51 -1.83
CA MET C 299 -14.50 19.65 -3.28
C MET C 299 -15.44 20.81 -3.58
N GLN C 300 -15.08 21.60 -4.60
CA GLN C 300 -15.84 22.81 -4.91
C GLN C 300 -16.38 22.87 -6.34
N PRO C 301 -17.25 21.93 -6.71
CA PRO C 301 -17.79 21.97 -8.06
C PRO C 301 -18.63 23.22 -8.29
N ASP C 302 -18.71 23.67 -9.54
CA ASP C 302 -19.57 24.79 -9.87
C ASP C 302 -20.73 24.11 -10.59
N VAL C 303 -21.96 24.31 -10.11
CA VAL C 303 -23.15 23.69 -10.69
C VAL C 303 -23.27 23.90 -12.19
N GLY C 304 -22.79 25.05 -12.65
CA GLY C 304 -22.87 25.36 -14.06
C GLY C 304 -21.70 24.88 -14.90
N TRP C 305 -20.72 24.23 -14.27
CA TRP C 305 -19.54 23.74 -14.98
C TRP C 305 -19.26 22.25 -14.77
N CYS C 306 -19.76 21.68 -13.68
CA CYS C 306 -19.49 20.27 -13.36
C CYS C 306 -20.37 19.26 -14.05
N GLY C 307 -21.47 19.72 -14.63
CA GLY C 307 -22.39 18.84 -15.30
C GLY C 307 -23.83 19.23 -15.00
N GLY C 308 -24.00 20.16 -14.07
CA GLY C 308 -25.33 20.63 -13.71
C GLY C 308 -25.79 20.22 -12.33
N LEU C 309 -27.04 20.53 -12.00
CA LEU C 309 -27.61 20.20 -10.70
C LEU C 309 -27.65 18.69 -10.52
N THR C 310 -27.98 17.97 -11.57
CA THR C 310 -28.06 16.52 -11.50
C THR C 310 -26.74 15.92 -11.03
N THR C 311 -25.64 16.44 -11.55
CA THR C 311 -24.31 15.97 -11.18
C THR C 311 -23.91 16.48 -9.79
N LEU C 312 -24.23 17.74 -9.51
CA LEU C 312 -23.91 18.34 -8.22
C LEU C 312 -24.46 17.55 -7.06
N VAL C 313 -25.72 17.14 -7.17
CA VAL C 313 -26.34 16.37 -6.11
C VAL C 313 -25.60 15.06 -5.89
N GLU C 314 -25.06 14.48 -6.97
CA GLU C 314 -24.33 13.23 -6.86
C GLU C 314 -23.00 13.47 -6.14
N ILE C 315 -22.34 14.57 -6.47
CA ILE C 315 -21.06 14.91 -5.85
C ILE C 315 -21.27 15.13 -4.35
N ALA C 316 -22.40 15.72 -3.99
CA ALA C 316 -22.71 16.00 -2.60
C ALA C 316 -22.80 14.68 -1.82
N ALA C 317 -23.40 13.67 -2.43
CA ALA C 317 -23.54 12.36 -1.79
C ALA C 317 -22.17 11.70 -1.67
N LEU C 318 -21.34 11.90 -2.69
CA LEU C 318 -20.00 11.33 -2.69
C LEU C 318 -19.25 11.86 -1.46
N ALA C 319 -19.23 13.17 -1.29
CA ALA C 319 -18.55 13.77 -0.13
C ALA C 319 -19.17 13.35 1.19
N LYS C 320 -20.49 13.29 1.24
CA LYS C 320 -21.18 12.91 2.46
C LYS C 320 -20.85 11.48 2.87
N SER C 321 -20.68 10.60 1.87
CA SER C 321 -20.38 9.21 2.17
C SER C 321 -19.01 9.11 2.86
N ARG C 322 -18.16 10.09 2.59
CA ARG C 322 -16.81 10.12 3.17
C ARG C 322 -16.76 10.96 4.46
N GLY C 323 -17.93 11.43 4.90
CA GLY C 323 -17.99 12.23 6.11
C GLY C 323 -17.39 13.60 5.90
N GLN C 324 -17.39 14.04 4.65
CA GLN C 324 -16.82 15.34 4.30
C GLN C 324 -17.86 16.33 3.79
N LEU C 325 -17.46 17.60 3.77
CA LEU C 325 -18.32 18.68 3.31
C LEU C 325 -18.13 18.92 1.81
N VAL C 326 -19.13 19.56 1.21
CA VAL C 326 -19.06 19.94 -0.19
C VAL C 326 -19.42 21.41 -0.18
N VAL C 327 -18.54 22.24 -0.73
CA VAL C 327 -18.81 23.66 -0.78
C VAL C 327 -18.66 24.12 -2.22
N PRO C 328 -19.77 24.08 -2.97
CA PRO C 328 -19.77 24.49 -4.37
C PRO C 328 -19.21 25.88 -4.60
N HIS C 329 -18.65 26.07 -5.79
CA HIS C 329 -18.13 27.36 -6.20
C HIS C 329 -19.40 28.17 -6.41
N GLY C 330 -19.39 29.45 -6.02
CA GLY C 330 -20.57 30.29 -6.13
C GLY C 330 -21.28 30.31 -7.48
N SER C 331 -22.57 30.01 -7.49
CA SER C 331 -23.35 30.00 -8.74
C SER C 331 -24.70 30.67 -8.59
N SER C 332 -24.81 31.58 -7.62
CA SER C 332 -26.05 32.29 -7.37
C SER C 332 -27.22 31.32 -7.13
N VAL C 333 -28.40 31.66 -7.61
CA VAL C 333 -29.58 30.83 -7.42
C VAL C 333 -29.39 29.35 -7.77
N TYR C 334 -28.59 29.08 -8.79
CA TYR C 334 -28.37 27.70 -9.21
C TYR C 334 -27.68 26.88 -8.13
N SER C 335 -26.89 27.55 -7.29
CA SER C 335 -26.19 26.88 -6.20
C SER C 335 -27.09 26.91 -4.95
N HIS C 336 -27.75 28.04 -4.74
CA HIS C 336 -28.62 28.20 -3.57
C HIS C 336 -29.66 27.11 -3.37
N HIS C 337 -30.43 26.81 -4.41
CA HIS C 337 -31.47 25.80 -4.30
C HIS C 337 -30.91 24.43 -4.00
N ALA C 338 -29.66 24.20 -4.37
CA ALA C 338 -29.01 22.93 -4.12
C ALA C 338 -28.42 22.87 -2.71
N VAL C 339 -27.51 23.78 -2.41
CA VAL C 339 -26.86 23.77 -1.10
C VAL C 339 -27.77 23.92 0.11
N ILE C 340 -28.87 24.64 -0.02
CA ILE C 340 -29.74 24.80 1.13
C ILE C 340 -30.35 23.45 1.56
N THR C 341 -30.25 22.46 0.67
CA THR C 341 -30.78 21.12 0.96
C THR C 341 -29.69 20.10 1.29
N PHE C 342 -28.42 20.50 1.20
CA PHE C 342 -27.32 19.58 1.50
C PHE C 342 -26.92 19.69 2.97
N THR C 343 -27.03 18.61 3.72
CA THR C 343 -26.66 18.63 5.13
C THR C 343 -25.17 18.92 5.27
N ASN C 344 -24.39 18.51 4.26
CA ASN C 344 -22.94 18.71 4.30
C ASN C 344 -22.41 19.93 3.56
N THR C 345 -23.22 20.99 3.47
CA THR C 345 -22.80 22.25 2.87
C THR C 345 -23.26 23.32 3.86
N PRO C 346 -22.55 23.43 5.00
CA PRO C 346 -22.85 24.39 6.07
C PRO C 346 -22.71 25.87 5.74
N PHE C 347 -22.07 26.17 4.61
CA PHE C 347 -21.89 27.56 4.18
C PHE C 347 -21.64 27.55 2.68
N SER C 348 -21.78 28.70 2.03
CA SER C 348 -21.60 28.77 0.60
C SER C 348 -20.81 29.99 0.21
N GLU C 349 -20.46 30.07 -1.07
CA GLU C 349 -19.67 31.18 -1.57
C GLU C 349 -20.45 32.27 -2.29
N PHE C 350 -20.05 33.51 -2.05
CA PHE C 350 -20.62 34.67 -2.70
C PHE C 350 -19.42 35.42 -3.26
N LEU C 351 -19.29 35.44 -4.59
CA LEU C 351 -18.19 36.12 -5.25
C LEU C 351 -18.54 37.59 -5.45
N MET C 352 -17.65 38.46 -5.01
CA MET C 352 -17.85 39.90 -5.13
C MET C 352 -17.66 40.37 -6.57
N THR C 353 -18.73 40.84 -7.20
CA THR C 353 -18.60 41.33 -8.57
C THR C 353 -18.47 42.85 -8.60
N SER C 354 -18.63 43.50 -7.44
CA SER C 354 -18.44 44.95 -7.39
C SER C 354 -16.93 45.10 -7.56
N PRO C 355 -16.48 46.13 -8.30
CA PRO C 355 -15.07 46.39 -8.59
C PRO C 355 -14.09 46.44 -7.40
N ASP C 356 -14.51 47.03 -6.29
CA ASP C 356 -13.62 47.15 -5.14
C ASP C 356 -14.11 46.45 -3.87
N CYS C 357 -15.12 45.60 -4.02
CA CYS C 357 -15.67 44.83 -2.91
C CYS C 357 -16.17 45.61 -1.71
N SER C 358 -16.52 46.88 -1.91
CA SER C 358 -17.01 47.72 -0.83
C SER C 358 -18.52 47.81 -0.86
N THR C 359 -19.10 47.30 -1.95
CA THR C 359 -20.55 47.32 -2.12
C THR C 359 -21.04 45.96 -2.62
N LEU C 360 -22.33 45.70 -2.41
CA LEU C 360 -22.93 44.44 -2.84
C LEU C 360 -23.53 44.57 -4.24
N ARG C 361 -23.24 43.60 -5.08
CA ARG C 361 -23.74 43.57 -6.46
C ARG C 361 -24.21 42.16 -6.75
N PRO C 362 -25.33 42.01 -7.48
CA PRO C 362 -25.82 40.66 -7.78
C PRO C 362 -24.73 39.81 -8.45
N GLN C 363 -24.56 38.59 -7.95
CA GLN C 363 -23.57 37.64 -8.47
C GLN C 363 -23.55 37.59 -10.00
N PHE C 364 -24.71 37.35 -10.60
CA PHE C 364 -24.83 37.26 -12.05
C PHE C 364 -25.36 38.52 -12.72
N ASP C 365 -25.18 39.66 -12.08
CA ASP C 365 -25.64 40.93 -12.66
C ASP C 365 -25.10 41.03 -14.09
N PRO C 366 -25.95 41.41 -15.05
CA PRO C 366 -27.36 41.77 -14.96
C PRO C 366 -28.29 40.80 -15.71
N ILE C 367 -27.82 39.59 -15.98
CA ILE C 367 -28.63 38.64 -16.74
C ILE C 367 -29.86 38.09 -16.02
N LEU C 368 -29.84 38.11 -14.69
CA LEU C 368 -30.95 37.59 -13.91
C LEU C 368 -31.81 38.66 -13.26
N LEU C 369 -33.11 38.58 -13.48
CA LEU C 369 -34.05 39.53 -12.90
C LEU C 369 -34.45 39.05 -11.50
N ASP C 370 -34.51 39.98 -10.55
CA ASP C 370 -34.89 39.65 -9.18
C ASP C 370 -33.90 38.67 -8.56
N GLU C 371 -32.64 38.79 -8.94
CA GLU C 371 -31.61 37.92 -8.41
C GLU C 371 -31.38 38.26 -6.95
N PRO C 372 -31.62 37.31 -6.04
CA PRO C 372 -31.41 37.61 -4.62
C PRO C 372 -29.94 37.87 -4.32
N VAL C 373 -29.69 38.67 -3.30
CA VAL C 373 -28.32 38.96 -2.89
C VAL C 373 -28.29 38.80 -1.37
N PRO C 374 -27.17 38.35 -0.82
CA PRO C 374 -27.08 38.18 0.63
C PRO C 374 -27.42 39.45 1.40
N VAL C 375 -28.15 39.28 2.50
CA VAL C 375 -28.51 40.37 3.39
C VAL C 375 -27.88 39.95 4.72
N ASN C 376 -26.94 40.77 5.20
CA ASN C 376 -26.20 40.46 6.42
C ASN C 376 -25.46 39.14 6.20
N GLY C 377 -25.00 38.95 4.96
CA GLY C 377 -24.24 37.76 4.60
C GLY C 377 -25.02 36.46 4.57
N ARG C 378 -26.34 36.56 4.49
CA ARG C 378 -27.19 35.38 4.49
C ARG C 378 -28.35 35.53 3.52
N ILE C 379 -28.93 34.41 3.12
CA ILE C 379 -30.09 34.40 2.25
C ILE C 379 -31.07 33.45 2.90
N HIS C 380 -32.19 33.98 3.38
CA HIS C 380 -33.20 33.16 4.04
C HIS C 380 -33.90 32.28 3.01
N LYS C 381 -34.33 31.10 3.43
CA LYS C 381 -35.00 30.18 2.51
C LYS C 381 -36.24 30.82 1.91
N SER C 382 -36.92 31.66 2.67
CA SER C 382 -38.13 32.32 2.18
C SER C 382 -37.81 33.13 0.92
N VAL C 383 -36.57 33.59 0.79
CA VAL C 383 -36.18 34.35 -0.38
C VAL C 383 -36.17 33.46 -1.61
N LEU C 384 -36.01 32.16 -1.40
CA LEU C 384 -35.99 31.19 -2.50
C LEU C 384 -37.35 30.57 -2.79
N ASP C 385 -38.39 31.03 -2.10
CA ASP C 385 -39.73 30.47 -2.31
C ASP C 385 -40.39 30.99 -3.57
N LYS C 386 -39.81 30.63 -4.70
CA LYS C 386 -40.33 31.01 -6.02
C LYS C 386 -40.15 29.77 -6.90
N PRO C 387 -40.96 29.63 -7.95
CA PRO C 387 -40.86 28.47 -8.84
C PRO C 387 -39.50 28.31 -9.51
N GLY C 388 -39.05 27.07 -9.67
CA GLY C 388 -37.77 26.82 -10.30
C GLY C 388 -36.65 27.45 -9.49
N PHE C 389 -35.75 28.15 -10.16
CA PHE C 389 -34.64 28.83 -9.48
C PHE C 389 -35.05 30.26 -9.15
N GLY C 390 -36.37 30.50 -9.21
CA GLY C 390 -36.95 31.78 -8.86
C GLY C 390 -36.58 33.07 -9.57
N VAL C 391 -35.97 33.01 -10.74
CA VAL C 391 -35.63 34.24 -11.43
C VAL C 391 -36.12 34.26 -12.87
N GLU C 392 -36.07 35.43 -13.48
CA GLU C 392 -36.50 35.57 -14.87
C GLU C 392 -35.36 36.14 -15.69
N LEU C 393 -35.34 35.79 -16.96
CA LEU C 393 -34.29 36.23 -17.87
C LEU C 393 -34.41 37.72 -18.20
N ASN C 394 -33.30 38.45 -18.10
CA ASN C 394 -33.31 39.87 -18.41
C ASN C 394 -33.10 40.06 -19.90
N ARG C 395 -34.21 40.09 -20.63
CA ARG C 395 -34.16 40.24 -22.08
C ARG C 395 -33.76 41.64 -22.52
N ASP C 396 -33.52 42.55 -21.56
CA ASP C 396 -33.10 43.91 -21.91
C ASP C 396 -31.63 43.87 -22.31
N CYS C 397 -30.98 42.75 -22.01
CA CYS C 397 -29.58 42.58 -22.38
C CYS C 397 -29.63 42.27 -23.88
N HIS C 398 -28.53 42.49 -24.58
CA HIS C 398 -28.51 42.26 -26.02
C HIS C 398 -28.20 40.81 -26.38
N LEU C 399 -29.15 39.92 -26.10
CA LEU C 399 -28.97 38.51 -26.40
C LEU C 399 -28.82 38.26 -27.88
N LYS C 400 -27.88 37.40 -28.25
CA LYS C 400 -27.63 37.07 -29.64
C LYS C 400 -27.89 35.58 -29.86
N ARG C 401 -28.51 35.25 -30.99
CA ARG C 401 -28.83 33.87 -31.32
C ARG C 401 -28.09 33.52 -32.60
N PRO C 402 -26.85 33.03 -32.47
CA PRO C 402 -26.05 32.68 -33.64
C PRO C 402 -26.53 31.45 -34.40
N TYR C 403 -27.29 30.59 -33.75
CA TYR C 403 -27.76 29.37 -34.41
C TYR C 403 -29.24 29.08 -34.20
N SER C 404 -29.83 28.37 -35.16
CA SER C 404 -31.23 27.98 -35.11
C SER C 404 -31.34 26.56 -35.65
N HIS C 405 -32.49 25.93 -35.45
CA HIS C 405 -32.72 24.58 -35.94
C HIS C 405 -34.22 24.36 -36.13
N MET D 1 32.51 30.20 -37.08
CA MET D 1 31.24 29.52 -37.44
C MET D 1 30.36 30.37 -38.34
N GLU D 2 29.65 29.69 -39.23
CA GLU D 2 28.73 30.36 -40.16
C GLU D 2 27.53 30.91 -39.42
N ASN D 3 26.94 31.98 -39.94
CA ASN D 3 25.76 32.56 -39.31
C ASN D 3 24.62 31.58 -39.53
N ILE D 4 23.73 31.50 -38.56
CA ILE D 4 22.61 30.58 -38.65
C ILE D 4 21.59 31.00 -39.70
N MET D 5 20.78 30.02 -40.11
CA MET D 5 19.72 30.24 -41.08
C MET D 5 18.79 31.30 -40.51
N THR D 6 18.32 32.22 -41.34
CA THR D 6 17.42 33.26 -40.88
C THR D 6 16.00 32.69 -40.91
N LEU D 7 15.22 33.00 -39.88
CA LEU D 7 13.85 32.50 -39.78
C LEU D 7 12.87 33.65 -39.72
N PRO D 8 11.74 33.52 -40.43
CA PRO D 8 10.71 34.56 -40.44
C PRO D 8 9.78 34.46 -39.24
N LYS D 9 9.04 35.53 -38.98
CA LYS D 9 8.08 35.56 -37.88
C LYS D 9 6.75 35.08 -38.43
N ILE D 10 5.86 34.64 -37.54
CA ILE D 10 4.56 34.20 -37.97
C ILE D 10 3.72 35.46 -38.19
N LYS D 11 3.03 35.54 -39.33
CA LYS D 11 2.22 36.71 -39.63
C LYS D 11 0.74 36.51 -39.35
N HIS D 12 0.18 35.42 -39.86
CA HIS D 12 -1.25 35.16 -39.66
C HIS D 12 -1.53 33.71 -39.33
N VAL D 13 -2.67 33.49 -38.69
CA VAL D 13 -3.14 32.15 -38.41
C VAL D 13 -4.59 32.20 -38.86
N ARG D 14 -5.01 31.21 -39.64
CA ARG D 14 -6.37 31.17 -40.16
C ARG D 14 -6.98 29.81 -39.90
N ALA D 15 -8.30 29.79 -39.68
CA ALA D 15 -9.00 28.54 -39.42
C ALA D 15 -10.22 28.38 -40.33
N TRP D 16 -10.33 27.19 -40.92
CA TRP D 16 -11.44 26.85 -41.81
C TRP D 16 -12.07 25.54 -41.32
N PHE D 17 -13.19 25.17 -41.91
CA PHE D 17 -13.84 23.91 -41.56
C PHE D 17 -14.68 23.38 -42.71
N ILE D 18 -14.85 22.06 -42.76
CA ILE D 18 -15.68 21.42 -43.77
C ILE D 18 -16.44 20.36 -42.98
N GLY D 19 -17.61 19.97 -43.46
CA GLY D 19 -18.39 18.97 -42.76
C GLY D 19 -18.99 19.55 -41.48
N GLY D 20 -19.55 18.68 -40.65
CA GLY D 20 -20.15 19.13 -39.41
C GLY D 20 -21.62 19.49 -39.58
N ALA D 21 -22.28 19.83 -38.48
CA ALA D 21 -23.69 20.17 -38.49
C ALA D 21 -24.02 21.45 -39.25
N THR D 22 -23.03 22.30 -39.49
CA THR D 22 -23.28 23.55 -40.21
C THR D 22 -22.70 23.55 -41.62
N ALA D 23 -22.35 22.37 -42.12
CA ALA D 23 -21.81 22.22 -43.46
C ALA D 23 -22.34 20.95 -44.10
N GLU D 24 -21.58 20.39 -45.04
CA GLU D 24 -22.01 19.17 -45.73
C GLU D 24 -21.66 17.86 -45.02
N LYS D 25 -22.69 17.12 -44.64
CA LYS D 25 -22.54 15.84 -43.95
C LYS D 25 -21.75 14.86 -44.81
N GLY D 26 -20.81 14.15 -44.19
CA GLY D 26 -20.00 13.18 -44.90
C GLY D 26 -18.79 13.76 -45.62
N ALA D 27 -18.31 14.92 -45.17
CA ALA D 27 -17.18 15.56 -45.81
C ALA D 27 -15.87 14.81 -45.57
N GLY D 28 -15.90 13.85 -44.65
CA GLY D 28 -14.71 13.08 -44.33
C GLY D 28 -13.60 13.97 -43.80
N GLY D 29 -12.42 13.86 -44.39
CA GLY D 29 -11.31 14.68 -43.96
C GLY D 29 -10.82 14.39 -42.55
N GLY D 30 -10.70 15.44 -41.74
CA GLY D 30 -10.23 15.30 -40.37
C GLY D 30 -11.12 14.49 -39.44
N ASP D 31 -12.44 14.64 -39.59
CA ASP D 31 -13.37 13.90 -38.75
C ASP D 31 -13.60 12.49 -39.32
N TYR D 32 -12.87 11.53 -38.78
CA TYR D 32 -12.96 10.14 -39.21
C TYR D 32 -14.41 9.66 -39.33
N HIS D 33 -15.27 10.15 -38.44
CA HIS D 33 -16.68 9.72 -38.42
C HIS D 33 -17.66 10.57 -39.22
N ASP D 34 -17.18 11.53 -39.99
CA ASP D 34 -18.08 12.35 -40.78
C ASP D 34 -18.18 11.69 -42.15
N GLN D 35 -18.68 10.45 -42.16
CA GLN D 35 -18.81 9.68 -43.39
C GLN D 35 -20.25 9.65 -43.91
N GLY D 36 -20.44 9.00 -45.05
CA GLY D 36 -21.76 8.89 -45.64
C GLY D 36 -22.48 7.66 -45.11
N GLY D 37 -23.45 7.18 -45.88
CA GLY D 37 -24.20 6.01 -45.45
C GLY D 37 -23.50 4.71 -45.80
N ASN D 38 -24.01 3.60 -45.26
CA ASN D 38 -23.45 2.28 -45.53
C ASN D 38 -21.95 2.20 -45.24
N HIS D 39 -21.54 2.78 -44.12
CA HIS D 39 -20.13 2.76 -43.76
C HIS D 39 -19.94 1.84 -42.55
N TRP D 40 -18.92 0.99 -42.62
CA TRP D 40 -18.66 0.06 -41.52
C TRP D 40 -18.49 0.84 -40.21
N ILE D 41 -17.86 2.01 -40.30
CA ILE D 41 -17.58 2.80 -39.13
C ILE D 41 -18.84 3.29 -38.41
N ASP D 42 -20.00 3.06 -39.00
CA ASP D 42 -21.26 3.46 -38.39
C ASP D 42 -22.25 2.30 -38.34
N ASP D 43 -21.74 1.09 -38.51
CA ASP D 43 -22.60 -0.09 -38.52
C ASP D 43 -22.76 -0.79 -37.17
N HIS D 44 -23.76 -0.35 -36.41
CA HIS D 44 -24.07 -0.92 -35.11
C HIS D 44 -22.82 -1.07 -34.23
N ILE D 45 -22.06 0.01 -34.09
CA ILE D 45 -20.85 -0.02 -33.26
C ILE D 45 -21.24 0.26 -31.81
N ALA D 46 -20.74 -0.56 -30.89
CA ALA D 46 -21.06 -0.39 -29.47
C ALA D 46 -20.51 0.94 -28.95
N THR D 47 -21.32 1.66 -28.19
CA THR D 47 -20.92 2.95 -27.61
C THR D 47 -21.69 3.18 -26.31
N PRO D 48 -21.37 4.27 -25.60
CA PRO D 48 -22.07 4.57 -24.35
C PRO D 48 -23.55 4.85 -24.61
N MET D 49 -23.88 5.14 -25.87
CA MET D 49 -25.25 5.45 -26.25
C MET D 49 -26.03 4.29 -26.87
N SER D 50 -25.34 3.22 -27.26
CA SER D 50 -26.02 2.09 -27.91
C SER D 50 -27.03 1.37 -27.01
N LYS D 51 -27.04 1.69 -25.73
CA LYS D 51 -27.99 1.09 -24.81
C LYS D 51 -29.36 1.71 -25.03
N TYR D 52 -29.40 2.78 -25.83
CA TYR D 52 -30.65 3.46 -26.15
C TYR D 52 -31.11 3.01 -27.54
N ARG D 53 -32.32 2.46 -27.60
CA ARG D 53 -32.87 1.95 -28.86
C ARG D 53 -32.68 2.87 -30.06
N ASP D 54 -33.02 4.14 -29.88
CA ASP D 54 -32.89 5.10 -30.98
C ASP D 54 -31.46 5.40 -31.41
N TYR D 55 -30.48 5.01 -30.59
CA TYR D 55 -29.08 5.29 -30.91
C TYR D 55 -28.21 4.04 -30.98
N GLU D 56 -28.83 2.87 -31.10
CA GLU D 56 -28.08 1.63 -31.15
C GLU D 56 -27.47 1.32 -32.52
N GLN D 57 -28.23 1.52 -33.58
CA GLN D 57 -27.74 1.23 -34.92
C GLN D 57 -26.71 2.18 -35.50
N SER D 58 -26.82 3.47 -35.19
CA SER D 58 -25.92 4.46 -35.75
C SER D 58 -25.33 5.46 -34.77
N ARG D 59 -24.02 5.66 -34.85
CA ARG D 59 -23.36 6.63 -33.98
C ARG D 59 -23.63 8.01 -34.57
N GLN D 60 -23.80 8.08 -35.89
CA GLN D 60 -24.11 9.35 -36.54
C GLN D 60 -25.43 9.82 -35.95
N SER D 61 -26.24 8.85 -35.55
CA SER D 61 -27.54 9.07 -34.93
C SER D 61 -27.48 9.96 -33.68
N PHE D 62 -26.50 9.70 -32.81
CA PHE D 62 -26.39 10.51 -31.59
C PHE D 62 -25.52 11.75 -31.77
N GLY D 63 -24.97 11.92 -32.97
CA GLY D 63 -24.17 13.10 -33.26
C GLY D 63 -22.65 12.96 -33.23
N ILE D 64 -22.15 11.78 -33.56
CA ILE D 64 -20.69 11.57 -33.58
C ILE D 64 -20.05 12.37 -34.71
N ASN D 65 -20.88 12.91 -35.59
CA ASN D 65 -20.40 13.66 -36.76
C ASN D 65 -20.73 15.16 -36.76
N VAL D 66 -21.17 15.71 -35.64
CA VAL D 66 -21.54 17.11 -35.58
C VAL D 66 -20.41 18.13 -35.69
N LEU D 67 -19.20 17.79 -35.24
CA LEU D 67 -18.07 18.71 -35.28
C LEU D 67 -17.45 18.95 -36.65
N GLY D 68 -17.18 17.88 -37.38
CA GLY D 68 -16.58 18.01 -38.69
C GLY D 68 -15.09 18.25 -38.60
N THR D 69 -14.51 18.78 -39.67
CA THR D 69 -13.08 19.03 -39.74
C THR D 69 -12.59 20.45 -39.52
N LEU D 70 -11.54 20.57 -38.72
CA LEU D 70 -10.92 21.86 -38.46
C LEU D 70 -9.65 21.92 -39.30
N ILE D 71 -9.41 23.05 -39.95
CA ILE D 71 -8.21 23.23 -40.74
C ILE D 71 -7.55 24.50 -40.24
N VAL D 72 -6.31 24.40 -39.81
CA VAL D 72 -5.59 25.57 -39.33
C VAL D 72 -4.36 25.79 -40.20
N GLU D 73 -4.20 27.00 -40.70
CA GLU D 73 -3.06 27.35 -41.52
C GLU D 73 -2.33 28.53 -40.91
N VAL D 74 -1.01 28.42 -40.82
CA VAL D 74 -0.18 29.47 -40.27
C VAL D 74 0.70 30.01 -41.39
N GLU D 75 0.73 31.34 -41.54
CA GLU D 75 1.53 31.97 -42.59
C GLU D 75 2.65 32.82 -42.02
N ALA D 76 3.86 32.60 -42.51
CA ALA D 76 5.03 33.34 -42.05
C ALA D 76 5.14 34.65 -42.83
N GLU D 77 5.99 35.56 -42.36
CA GLU D 77 6.18 36.84 -43.02
C GLU D 77 6.71 36.69 -44.44
N ASN D 78 7.35 35.57 -44.74
CA ASN D 78 7.89 35.35 -46.09
C ASN D 78 6.88 34.62 -46.97
N ARG D 79 5.63 34.59 -46.51
CA ARG D 79 4.52 33.96 -47.23
C ARG D 79 4.46 32.43 -47.19
N GLN D 80 5.48 31.78 -46.64
CA GLN D 80 5.45 30.32 -46.54
C GLN D 80 4.38 29.96 -45.51
N THR D 81 3.71 28.83 -45.72
CA THR D 81 2.67 28.40 -44.79
C THR D 81 2.83 26.97 -44.31
N GLY D 82 2.12 26.67 -43.24
CA GLY D 82 2.10 25.34 -42.66
C GLY D 82 0.65 25.12 -42.25
N PHE D 83 0.20 23.87 -42.21
CA PHE D 83 -1.19 23.62 -41.84
C PHE D 83 -1.38 22.23 -41.28
N ALA D 84 -2.57 21.99 -40.74
CA ALA D 84 -2.94 20.70 -40.18
C ALA D 84 -4.44 20.61 -40.09
N VAL D 85 -4.96 19.41 -39.89
CA VAL D 85 -6.39 19.20 -39.75
C VAL D 85 -6.66 18.34 -38.53
N SER D 86 -7.85 18.48 -37.98
CA SER D 86 -8.27 17.72 -36.81
C SER D 86 -9.78 17.78 -36.75
N THR D 87 -10.35 17.32 -35.64
CA THR D 87 -11.79 17.32 -35.46
C THR D 87 -12.20 18.45 -34.50
N ALA D 88 -12.90 19.45 -35.01
CA ALA D 88 -13.35 20.57 -34.18
C ALA D 88 -14.37 21.42 -34.94
N GLY D 89 -14.18 21.53 -36.25
CA GLY D 89 -15.09 22.29 -37.08
C GLY D 89 -15.19 23.78 -36.75
N GLU D 90 -16.41 24.29 -36.85
CA GLU D 90 -16.67 25.71 -36.60
C GLU D 90 -16.25 26.21 -35.24
N MET D 91 -16.56 25.45 -34.19
CA MET D 91 -16.16 25.88 -32.83
C MET D 91 -14.64 25.98 -32.75
N GLY D 92 -13.95 25.06 -33.43
CA GLY D 92 -12.50 25.10 -33.44
C GLY D 92 -12.03 26.40 -34.05
N CYS D 93 -12.77 26.86 -35.07
CA CYS D 93 -12.42 28.11 -35.74
C CYS D 93 -12.58 29.29 -34.78
N PHE D 94 -13.61 29.25 -33.93
CA PHE D 94 -13.83 30.32 -32.97
C PHE D 94 -12.62 30.42 -32.05
N ILE D 95 -12.23 29.28 -31.49
CA ILE D 95 -11.09 29.24 -30.56
C ILE D 95 -9.81 29.78 -31.19
N VAL D 96 -9.50 29.37 -32.41
CA VAL D 96 -8.28 29.82 -33.07
C VAL D 96 -8.33 31.30 -33.45
N GLU D 97 -9.43 31.72 -34.07
CA GLU D 97 -9.59 33.09 -34.53
C GLU D 97 -9.93 34.13 -33.46
N LYS D 98 -10.57 33.70 -32.38
CA LYS D 98 -10.96 34.65 -31.34
C LYS D 98 -10.20 34.53 -30.03
N HIS D 99 -9.29 33.57 -29.94
CA HIS D 99 -8.54 33.41 -28.71
C HIS D 99 -7.05 33.11 -28.88
N LEU D 100 -6.75 31.93 -29.44
CA LEU D 100 -5.37 31.50 -29.59
C LEU D 100 -4.48 32.33 -30.51
N ASN D 101 -5.08 33.03 -31.46
CA ASN D 101 -4.31 33.84 -32.39
C ASN D 101 -3.36 34.79 -31.68
N ARG D 102 -3.76 35.31 -30.52
CA ARG D 102 -2.92 36.26 -29.80
C ARG D 102 -1.57 35.69 -29.36
N PHE D 103 -1.49 34.38 -29.15
CA PHE D 103 -0.25 33.75 -28.72
C PHE D 103 0.58 33.30 -29.90
N ILE D 104 -0.06 33.19 -31.06
CA ILE D 104 0.59 32.71 -32.27
C ILE D 104 1.25 33.77 -33.14
N GLU D 105 0.46 34.75 -33.56
CA GLU D 105 0.97 35.79 -34.44
C GLU D 105 2.04 36.65 -33.77
N GLY D 106 3.14 36.85 -34.49
CA GLY D 106 4.24 37.65 -33.97
C GLY D 106 5.41 36.83 -33.45
N LYS D 107 5.17 35.54 -33.23
CA LYS D 107 6.21 34.64 -32.74
C LYS D 107 7.11 34.17 -33.87
N CYS D 108 8.31 33.70 -33.52
CA CYS D 108 9.24 33.17 -34.52
C CYS D 108 8.65 31.82 -34.91
N VAL D 109 8.86 31.38 -36.14
CA VAL D 109 8.32 30.09 -36.55
C VAL D 109 8.87 28.96 -35.71
N SER D 110 9.96 29.23 -34.97
CA SER D 110 10.57 28.21 -34.13
C SER D 110 10.07 28.22 -32.68
N ASP D 111 9.21 29.18 -32.34
CA ASP D 111 8.66 29.28 -30.98
C ASP D 111 7.52 28.29 -30.76
N ILE D 112 7.66 27.08 -31.30
CA ILE D 112 6.62 26.07 -31.18
C ILE D 112 6.23 25.66 -29.76
N LYS D 113 7.21 25.26 -28.95
CA LYS D 113 6.93 24.85 -27.57
C LYS D 113 6.39 26.00 -26.73
N LEU D 114 6.82 27.22 -27.04
CA LEU D 114 6.37 28.40 -26.32
C LEU D 114 4.89 28.64 -26.56
N ILE D 115 4.50 28.66 -27.83
CA ILE D 115 3.10 28.86 -28.17
C ILE D 115 2.25 27.75 -27.57
N HIS D 116 2.77 26.53 -27.61
CA HIS D 116 2.07 25.37 -27.07
C HIS D 116 1.73 25.56 -25.59
N ASP D 117 2.72 25.95 -24.81
CA ASP D 117 2.51 26.16 -23.38
C ASP D 117 1.52 27.29 -23.12
N GLN D 118 1.60 28.35 -23.93
CA GLN D 118 0.69 29.47 -23.75
C GLN D 118 -0.73 29.08 -24.12
N MET D 119 -0.89 28.25 -25.15
CA MET D 119 -2.24 27.83 -25.54
C MET D 119 -2.82 27.01 -24.39
N LEU D 120 -2.03 26.09 -23.85
CA LEU D 120 -2.48 25.26 -22.75
C LEU D 120 -2.85 26.06 -21.50
N GLY D 121 -1.98 26.99 -21.11
CA GLY D 121 -2.23 27.78 -19.92
C GLY D 121 -3.40 28.73 -20.05
N ALA D 122 -3.59 29.30 -21.23
CA ALA D 122 -4.67 30.26 -21.46
C ALA D 122 -6.06 29.62 -21.55
N THR D 123 -6.14 28.36 -21.96
CA THR D 123 -7.42 27.67 -22.10
C THR D 123 -7.70 26.70 -20.96
N MET D 124 -6.78 26.58 -20.02
CA MET D 124 -6.95 25.65 -18.91
C MET D 124 -8.30 25.76 -18.22
N TYR D 125 -8.81 26.97 -18.12
CA TYR D 125 -10.09 27.16 -17.44
C TYR D 125 -11.31 26.63 -18.19
N TYR D 126 -11.16 26.32 -19.49
CA TYR D 126 -12.31 25.78 -20.23
C TYR D 126 -12.02 24.62 -21.19
N SER D 127 -10.78 24.12 -21.19
CA SER D 127 -10.42 23.03 -22.10
C SER D 127 -10.82 21.64 -21.60
N GLY D 128 -11.05 21.50 -20.30
CA GLY D 128 -11.41 20.19 -19.77
C GLY D 128 -10.29 19.18 -19.99
N SER D 129 -9.08 19.69 -20.26
CA SER D 129 -7.91 18.84 -20.49
C SER D 129 -8.06 17.80 -21.62
N GLY D 130 -9.10 17.91 -22.43
CA GLY D 130 -9.28 16.95 -23.51
C GLY D 130 -10.45 17.29 -24.39
N GLY D 131 -10.58 16.57 -25.51
CA GLY D 131 -11.71 16.82 -26.40
C GLY D 131 -11.58 18.05 -27.28
N LEU D 132 -12.74 18.58 -27.66
CA LEU D 132 -12.85 19.73 -28.54
C LEU D 132 -11.74 20.78 -28.44
N VAL D 133 -11.58 21.35 -27.26
CA VAL D 133 -10.56 22.39 -27.08
C VAL D 133 -9.14 21.86 -27.28
N MET D 134 -8.88 20.64 -26.82
CA MET D 134 -7.53 20.09 -26.98
C MET D 134 -7.30 19.72 -28.45
N ASN D 135 -8.35 19.31 -29.15
CA ASN D 135 -8.22 18.97 -30.57
C ASN D 135 -7.78 20.23 -31.31
N THR D 136 -8.36 21.36 -30.91
CA THR D 136 -8.06 22.63 -31.54
C THR D 136 -6.60 23.02 -31.27
N ILE D 137 -6.17 22.90 -30.03
CA ILE D 137 -4.79 23.20 -29.67
C ILE D 137 -3.82 22.30 -30.45
N SER D 138 -4.18 21.02 -30.56
CA SER D 138 -3.35 20.06 -31.27
C SER D 138 -3.21 20.44 -32.74
N CYS D 139 -4.32 20.88 -33.33
CA CYS D 139 -4.29 21.24 -34.73
C CYS D 139 -3.32 22.40 -34.96
N VAL D 140 -3.34 23.37 -34.05
CA VAL D 140 -2.44 24.51 -34.16
C VAL D 140 -0.99 24.03 -34.00
N ASP D 141 -0.74 23.20 -32.99
CA ASP D 141 0.61 22.69 -32.76
C ASP D 141 1.17 22.01 -34.02
N LEU D 142 0.34 21.19 -34.65
CA LEU D 142 0.77 20.48 -35.86
C LEU D 142 1.02 21.45 -37.01
N ALA D 143 0.14 22.44 -37.16
CA ALA D 143 0.29 23.43 -38.20
C ALA D 143 1.63 24.14 -38.01
N LEU D 144 2.00 24.39 -36.76
CA LEU D 144 3.26 25.06 -36.44
C LEU D 144 4.48 24.21 -36.80
N TRP D 145 4.44 22.92 -36.46
CA TRP D 145 5.56 22.05 -36.81
C TRP D 145 5.68 21.98 -38.33
N ASP D 146 4.53 21.87 -39.01
CA ASP D 146 4.51 21.79 -40.46
C ASP D 146 5.20 23.01 -41.08
N LEU D 147 4.81 24.19 -40.61
CA LEU D 147 5.39 25.44 -41.10
C LEU D 147 6.89 25.49 -40.82
N PHE D 148 7.30 25.12 -39.61
CA PHE D 148 8.71 25.13 -39.25
C PHE D 148 9.50 24.19 -40.18
N GLY D 149 8.96 23.02 -40.45
CA GLY D 149 9.62 22.09 -41.35
C GLY D 149 9.70 22.64 -42.77
N LYS D 150 8.61 23.23 -43.24
CA LYS D 150 8.58 23.80 -44.59
C LYS D 150 9.60 24.94 -44.72
N VAL D 151 9.71 25.77 -43.69
CA VAL D 151 10.67 26.88 -43.71
C VAL D 151 12.12 26.38 -43.71
N VAL D 152 12.41 25.44 -42.82
CA VAL D 152 13.76 24.88 -42.72
C VAL D 152 14.10 24.02 -43.92
N GLY D 153 13.10 23.36 -44.47
CA GLY D 153 13.33 22.50 -45.62
C GLY D 153 13.66 21.07 -45.21
N LEU D 154 13.04 20.61 -44.13
CA LEU D 154 13.27 19.24 -43.66
C LEU D 154 11.97 18.58 -43.21
N PRO D 155 11.90 17.25 -43.35
CA PRO D 155 10.70 16.52 -42.94
C PRO D 155 10.66 16.57 -41.41
N VAL D 156 9.47 16.55 -40.84
CA VAL D 156 9.35 16.60 -39.38
C VAL D 156 10.13 15.47 -38.71
N TYR D 157 10.10 14.28 -39.31
CA TYR D 157 10.79 13.15 -38.70
C TYR D 157 12.30 13.36 -38.59
N LYS D 158 12.89 14.16 -39.48
CA LYS D 158 14.32 14.39 -39.40
C LYS D 158 14.63 15.45 -38.34
N LEU D 159 13.76 16.45 -38.23
CA LEU D 159 13.96 17.50 -37.23
C LEU D 159 13.91 16.90 -35.82
N LEU D 160 13.10 15.87 -35.66
CA LEU D 160 12.94 15.22 -34.36
C LEU D 160 14.11 14.35 -33.93
N GLY D 161 14.99 14.00 -34.85
CA GLY D 161 16.12 13.17 -34.50
C GLY D 161 16.32 11.97 -35.38
N GLY D 162 15.55 11.89 -36.47
CA GLY D 162 15.70 10.79 -37.40
C GLY D 162 14.88 9.54 -37.14
N ALA D 163 14.73 8.75 -38.19
CA ALA D 163 13.96 7.52 -38.10
C ALA D 163 14.79 6.48 -37.35
N VAL D 164 14.11 5.62 -36.60
CA VAL D 164 14.80 4.56 -35.87
C VAL D 164 14.43 3.22 -36.49
N ARG D 165 13.77 3.31 -37.64
CA ARG D 165 13.36 2.15 -38.42
C ARG D 165 13.24 2.65 -39.85
N ASP D 166 13.46 1.78 -40.83
CA ASP D 166 13.36 2.19 -42.23
C ASP D 166 11.95 2.21 -42.77
N GLU D 167 11.01 1.67 -42.02
CA GLU D 167 9.62 1.64 -42.46
C GLU D 167 8.63 1.40 -41.32
N ILE D 168 7.44 1.95 -41.49
CA ILE D 168 6.38 1.82 -40.51
C ILE D 168 5.45 0.69 -40.93
N GLN D 169 5.23 -0.27 -40.05
CA GLN D 169 4.32 -1.36 -40.35
C GLN D 169 2.99 -1.08 -39.65
N PHE D 170 1.90 -1.31 -40.36
CA PHE D 170 0.57 -1.03 -39.82
C PHE D 170 -0.31 -2.24 -39.60
N TYR D 171 -1.32 -2.02 -38.77
CA TYR D 171 -2.33 -3.02 -38.51
C TYR D 171 -3.51 -2.19 -39.00
N ALA D 172 -4.59 -2.82 -39.43
CA ALA D 172 -5.71 -2.07 -39.94
C ALA D 172 -6.96 -2.18 -39.09
N THR D 173 -7.64 -1.05 -38.93
CA THR D 173 -8.86 -1.03 -38.14
C THR D 173 -10.09 -0.94 -39.03
N GLY D 174 -10.97 -1.92 -38.87
CA GLY D 174 -12.19 -1.96 -39.65
C GLY D 174 -12.85 -3.30 -39.48
N ALA D 175 -13.94 -3.52 -40.21
CA ALA D 175 -14.69 -4.78 -40.10
C ALA D 175 -14.13 -5.93 -40.94
N ARG D 176 -13.04 -5.70 -41.68
CA ARG D 176 -12.48 -6.76 -42.53
C ARG D 176 -11.01 -7.11 -42.34
N PRO D 177 -10.65 -7.68 -41.19
CA PRO D 177 -9.25 -8.06 -40.91
C PRO D 177 -8.71 -9.02 -41.98
N ASP D 178 -9.61 -9.80 -42.57
CA ASP D 178 -9.23 -10.76 -43.60
C ASP D 178 -8.79 -10.03 -44.86
N LEU D 179 -9.51 -8.99 -45.24
CA LEU D 179 -9.15 -8.20 -46.42
C LEU D 179 -7.88 -7.42 -46.12
N ALA D 180 -7.66 -7.13 -44.84
CA ALA D 180 -6.47 -6.40 -44.41
C ALA D 180 -5.23 -7.27 -44.50
N LYS D 181 -5.34 -8.52 -44.07
CA LYS D 181 -4.21 -9.45 -44.13
C LYS D 181 -3.82 -9.59 -45.59
N GLU D 182 -4.84 -9.54 -46.44
CA GLU D 182 -4.70 -9.64 -47.89
C GLU D 182 -3.92 -8.42 -48.39
N MET D 183 -4.18 -7.27 -47.77
CA MET D 183 -3.51 -6.04 -48.16
C MET D 183 -2.12 -5.87 -47.53
N GLY D 184 -1.67 -6.89 -46.81
CA GLY D 184 -0.34 -6.84 -46.22
C GLY D 184 -0.19 -6.33 -44.80
N PHE D 185 -1.29 -5.97 -44.15
CA PHE D 185 -1.25 -5.46 -42.78
C PHE D 185 -0.84 -6.57 -41.80
N ILE D 186 -0.24 -6.17 -40.68
CA ILE D 186 0.22 -7.13 -39.67
C ILE D 186 -0.87 -7.61 -38.74
N GLY D 187 -2.03 -6.98 -38.80
CA GLY D 187 -3.13 -7.38 -37.94
C GLY D 187 -4.38 -6.56 -38.22
N GLY D 188 -5.47 -6.95 -37.59
CA GLY D 188 -6.72 -6.24 -37.79
C GLY D 188 -7.51 -6.06 -36.50
N LYS D 189 -7.99 -4.84 -36.29
CA LYS D 189 -8.77 -4.49 -35.11
C LYS D 189 -10.23 -4.29 -35.51
N MET D 190 -11.12 -5.01 -34.85
CA MET D 190 -12.55 -4.93 -35.14
C MET D 190 -13.32 -4.24 -34.03
N PRO D 191 -14.41 -3.56 -34.38
CA PRO D 191 -15.22 -2.86 -33.37
C PRO D 191 -16.22 -3.85 -32.78
N THR D 192 -16.60 -3.65 -31.53
CA THR D 192 -17.57 -4.51 -30.90
C THR D 192 -18.94 -3.95 -31.31
N HIS D 193 -19.90 -4.84 -31.49
CA HIS D 193 -21.23 -4.42 -31.89
C HIS D 193 -22.25 -4.50 -30.76
N TRP D 194 -21.90 -5.24 -29.72
CA TRP D 194 -22.80 -5.38 -28.58
C TRP D 194 -22.15 -4.89 -27.31
N GLY D 195 -22.97 -4.50 -26.34
CA GLY D 195 -22.45 -3.98 -25.08
C GLY D 195 -23.09 -4.61 -23.86
N PRO D 196 -22.82 -4.05 -22.66
CA PRO D 196 -23.34 -4.51 -21.37
C PRO D 196 -24.82 -4.91 -21.32
N HIS D 197 -25.67 -4.07 -21.90
CA HIS D 197 -27.11 -4.35 -21.92
C HIS D 197 -27.43 -5.60 -22.74
N ASP D 198 -26.46 -6.08 -23.52
CA ASP D 198 -26.64 -7.27 -24.34
C ASP D 198 -26.26 -8.54 -23.60
N GLY D 199 -25.55 -8.36 -22.48
CA GLY D 199 -25.15 -9.49 -21.67
C GLY D 199 -24.39 -10.63 -22.31
N ASP D 200 -24.71 -11.85 -21.89
CA ASP D 200 -24.05 -13.04 -22.41
C ASP D 200 -24.21 -13.19 -23.92
N ALA D 201 -25.38 -12.81 -24.43
CA ALA D 201 -25.63 -12.89 -25.87
C ALA D 201 -24.62 -11.99 -26.58
N GLY D 202 -24.50 -10.76 -26.08
CA GLY D 202 -23.58 -9.81 -26.68
C GLY D 202 -22.15 -10.32 -26.70
N ILE D 203 -21.71 -10.92 -25.61
CA ILE D 203 -20.35 -11.45 -25.54
C ILE D 203 -20.15 -12.61 -26.52
N ARG D 204 -21.10 -13.54 -26.53
CA ARG D 204 -21.01 -14.68 -27.43
C ARG D 204 -20.86 -14.23 -28.88
N LYS D 205 -21.66 -13.24 -29.28
CA LYS D 205 -21.61 -12.73 -30.65
C LYS D 205 -20.30 -12.06 -31.04
N ASP D 206 -19.79 -11.16 -30.21
CA ASP D 206 -18.53 -10.51 -30.56
C ASP D 206 -17.35 -11.49 -30.50
N ALA D 207 -17.40 -12.44 -29.57
CA ALA D 207 -16.30 -13.41 -29.46
C ALA D 207 -16.30 -14.33 -30.69
N ALA D 208 -17.49 -14.64 -31.19
CA ALA D 208 -17.61 -15.49 -32.38
C ALA D 208 -17.05 -14.73 -33.57
N MET D 209 -17.35 -13.43 -33.63
CA MET D 209 -16.83 -12.60 -34.71
C MET D 209 -15.32 -12.73 -34.72
N VAL D 210 -14.72 -12.71 -33.53
CA VAL D 210 -13.28 -12.85 -33.39
C VAL D 210 -12.82 -14.26 -33.80
N ALA D 211 -13.58 -15.26 -33.36
CA ALA D 211 -13.24 -16.65 -33.68
C ALA D 211 -13.22 -16.84 -35.20
N ASP D 212 -14.18 -16.21 -35.87
CA ASP D 212 -14.29 -16.28 -37.33
C ASP D 212 -13.03 -15.73 -37.99
N MET D 213 -12.69 -14.48 -37.67
CA MET D 213 -11.49 -13.87 -38.25
C MET D 213 -10.21 -14.63 -37.92
N ARG D 214 -10.17 -15.29 -36.78
CA ARG D 214 -8.98 -16.04 -36.41
C ARG D 214 -8.78 -17.22 -37.37
N GLU D 215 -9.88 -17.85 -37.74
CA GLU D 215 -9.83 -18.99 -38.65
C GLU D 215 -9.38 -18.51 -40.03
N LYS D 216 -9.93 -17.37 -40.45
CA LYS D 216 -9.62 -16.80 -41.76
C LYS D 216 -8.23 -16.22 -41.92
N CYS D 217 -7.69 -15.60 -40.86
CA CYS D 217 -6.38 -14.97 -40.95
C CYS D 217 -5.21 -15.81 -40.42
N GLY D 218 -5.53 -16.94 -39.82
CA GLY D 218 -4.45 -17.76 -39.28
C GLY D 218 -4.08 -17.27 -37.90
N PRO D 219 -3.02 -17.84 -37.29
CA PRO D 219 -2.53 -17.49 -35.95
C PRO D 219 -1.55 -16.32 -35.83
N ASP D 220 -0.77 -16.06 -36.86
CA ASP D 220 0.23 -14.99 -36.80
C ASP D 220 -0.24 -13.59 -37.15
N PHE D 221 -1.48 -13.48 -37.61
CA PHE D 221 -2.07 -12.17 -37.95
C PHE D 221 -2.78 -11.68 -36.69
N TRP D 222 -2.33 -10.56 -36.14
CA TRP D 222 -2.95 -10.06 -34.91
C TRP D 222 -4.42 -9.69 -35.08
N LEU D 223 -5.19 -9.90 -34.01
CA LEU D 223 -6.61 -9.55 -34.01
C LEU D 223 -6.83 -8.79 -32.71
N MET D 224 -7.54 -7.67 -32.81
CA MET D 224 -7.81 -6.84 -31.64
C MET D 224 -9.26 -6.38 -31.63
N LEU D 225 -9.76 -6.01 -30.46
CA LEU D 225 -11.12 -5.52 -30.34
C LEU D 225 -11.11 -4.08 -29.84
N ASP D 226 -11.89 -3.23 -30.51
CA ASP D 226 -12.00 -1.83 -30.10
C ASP D 226 -13.40 -1.75 -29.49
N CYS D 227 -13.50 -1.23 -28.27
CA CYS D 227 -14.78 -1.15 -27.58
C CYS D 227 -15.35 0.26 -27.43
N TRP D 228 -14.68 1.22 -28.03
CA TRP D 228 -15.07 2.63 -28.01
C TRP D 228 -15.83 3.11 -26.77
N MET D 229 -15.18 3.02 -25.60
CA MET D 229 -15.75 3.48 -24.33
C MET D 229 -17.11 2.91 -23.92
N SER D 230 -17.52 1.83 -24.56
CA SER D 230 -18.85 1.27 -24.33
C SER D 230 -19.12 0.27 -23.22
N GLN D 231 -18.12 -0.12 -22.43
CA GLN D 231 -18.39 -1.15 -21.43
C GLN D 231 -18.18 -0.75 -19.98
N ASP D 232 -18.14 -1.76 -19.11
CA ASP D 232 -17.89 -1.58 -17.70
C ASP D 232 -16.85 -2.67 -17.38
N VAL D 233 -16.29 -2.66 -16.17
CA VAL D 233 -15.26 -3.65 -15.84
C VAL D 233 -15.69 -5.10 -15.95
N ASN D 234 -16.87 -5.43 -15.46
CA ASN D 234 -17.32 -6.81 -15.51
C ASN D 234 -17.51 -7.30 -16.94
N TYR D 235 -18.25 -6.52 -17.73
CA TYR D 235 -18.49 -6.92 -19.12
C TYR D 235 -17.19 -7.04 -19.90
N ALA D 236 -16.31 -6.05 -19.77
CA ALA D 236 -15.02 -6.09 -20.47
C ALA D 236 -14.20 -7.31 -20.03
N THR D 237 -14.29 -7.65 -18.75
CA THR D 237 -13.56 -8.81 -18.24
C THR D 237 -14.10 -10.10 -18.88
N LYS D 238 -15.42 -10.22 -18.90
CA LYS D 238 -16.07 -11.39 -19.48
C LYS D 238 -15.70 -11.54 -20.96
N LEU D 239 -15.72 -10.44 -21.69
CA LEU D 239 -15.38 -10.46 -23.11
C LEU D 239 -13.91 -10.83 -23.37
N ALA D 240 -13.00 -10.27 -22.55
CA ALA D 240 -11.58 -10.58 -22.73
C ALA D 240 -11.32 -12.07 -22.56
N HIS D 241 -11.90 -12.65 -21.50
CA HIS D 241 -11.72 -14.07 -21.25
C HIS D 241 -12.37 -14.91 -22.34
N ALA D 242 -13.50 -14.45 -22.83
CA ALA D 242 -14.21 -15.17 -23.90
C ALA D 242 -13.37 -15.17 -25.18
N CYS D 243 -12.52 -14.16 -25.36
CA CYS D 243 -11.69 -14.05 -26.55
C CYS D 243 -10.28 -14.59 -26.40
N ALA D 244 -9.89 -14.92 -25.18
CA ALA D 244 -8.55 -15.43 -24.90
C ALA D 244 -8.16 -16.70 -25.68
N PRO D 245 -9.15 -17.58 -25.95
CA PRO D 245 -8.83 -18.82 -26.69
C PRO D 245 -8.45 -18.55 -28.15
N PHE D 246 -8.66 -17.32 -28.60
CA PHE D 246 -8.34 -16.95 -29.98
C PHE D 246 -7.14 -16.03 -30.06
N ASN D 247 -6.43 -15.90 -28.94
CA ASN D 247 -5.25 -15.07 -28.83
C ASN D 247 -5.46 -13.62 -29.25
N LEU D 248 -6.52 -13.00 -28.72
CA LEU D 248 -6.81 -11.60 -29.03
C LEU D 248 -5.63 -10.82 -28.47
N LYS D 249 -4.93 -10.07 -29.32
CA LYS D 249 -3.76 -9.33 -28.86
C LYS D 249 -4.10 -8.30 -27.78
N TRP D 250 -5.16 -7.55 -27.97
CA TRP D 250 -5.56 -6.55 -26.97
C TRP D 250 -7.03 -6.16 -27.09
N ILE D 251 -7.55 -5.61 -25.99
CA ILE D 251 -8.92 -5.13 -25.94
C ILE D 251 -8.77 -3.63 -25.64
N GLU D 252 -9.29 -2.81 -26.55
CA GLU D 252 -9.13 -1.36 -26.49
C GLU D 252 -10.27 -0.47 -26.01
N GLU D 253 -9.88 0.54 -25.23
CA GLU D 253 -10.79 1.53 -24.67
C GLU D 253 -12.14 0.98 -24.21
N CYS D 254 -12.10 0.02 -23.30
CA CYS D 254 -13.32 -0.56 -22.78
C CYS D 254 -14.12 0.41 -21.93
N LEU D 255 -13.44 1.42 -21.39
CA LEU D 255 -14.11 2.36 -20.50
C LEU D 255 -14.00 3.84 -20.84
N PRO D 256 -14.94 4.64 -20.33
CA PRO D 256 -14.88 6.09 -20.59
C PRO D 256 -13.51 6.54 -20.06
N PRO D 257 -12.95 7.60 -20.64
CA PRO D 257 -11.64 8.11 -20.23
C PRO D 257 -11.36 8.45 -18.76
N GLN D 258 -12.36 8.95 -18.04
CA GLN D 258 -12.13 9.32 -16.64
C GLN D 258 -12.00 8.15 -15.67
N GLN D 259 -12.42 6.96 -16.10
CA GLN D 259 -12.39 5.80 -15.23
C GLN D 259 -11.02 5.11 -15.10
N TYR D 260 -10.06 5.86 -14.57
CA TYR D 260 -8.70 5.37 -14.39
C TYR D 260 -8.68 4.15 -13.48
N GLU D 261 -9.44 4.24 -12.38
CA GLU D 261 -9.50 3.16 -11.42
C GLU D 261 -10.07 1.90 -12.06
N GLY D 262 -11.04 2.06 -12.95
CA GLY D 262 -11.61 0.93 -13.64
C GLY D 262 -10.58 0.27 -14.55
N TYR D 263 -9.79 1.08 -15.23
CA TYR D 263 -8.76 0.51 -16.10
C TYR D 263 -7.76 -0.28 -15.27
N ARG D 264 -7.42 0.25 -14.09
CA ARG D 264 -6.49 -0.43 -13.21
C ARG D 264 -7.03 -1.82 -12.91
N GLU D 265 -8.29 -1.88 -12.49
CA GLU D 265 -8.93 -3.15 -12.17
C GLU D 265 -9.04 -4.07 -13.40
N LEU D 266 -9.43 -3.50 -14.53
CA LEU D 266 -9.58 -4.27 -15.76
C LEU D 266 -8.26 -4.92 -16.15
N LYS D 267 -7.17 -4.15 -16.10
CA LYS D 267 -5.86 -4.68 -16.43
C LYS D 267 -5.51 -5.85 -15.50
N ARG D 268 -5.91 -5.73 -14.25
CA ARG D 268 -5.63 -6.79 -13.28
C ARG D 268 -6.49 -8.03 -13.54
N ASN D 269 -7.66 -7.86 -14.14
CA ASN D 269 -8.56 -8.97 -14.44
C ASN D 269 -8.33 -9.61 -15.82
N ALA D 270 -7.51 -8.98 -16.66
CA ALA D 270 -7.27 -9.49 -18.00
C ALA D 270 -6.57 -10.85 -18.05
N PRO D 271 -6.92 -11.68 -19.04
CA PRO D 271 -6.23 -12.98 -19.10
C PRO D 271 -4.75 -12.79 -19.37
N ALA D 272 -3.93 -13.71 -18.86
CA ALA D 272 -2.48 -13.63 -19.04
C ALA D 272 -2.08 -13.40 -20.49
N GLY D 273 -1.18 -12.45 -20.70
CA GLY D 273 -0.71 -12.17 -22.05
C GLY D 273 -1.56 -11.21 -22.85
N MET D 274 -2.83 -11.09 -22.49
CA MET D 274 -3.71 -10.17 -23.22
C MET D 274 -3.50 -8.74 -22.75
N MET D 275 -3.30 -7.82 -23.69
CA MET D 275 -3.08 -6.44 -23.34
C MET D 275 -4.36 -5.61 -23.28
N VAL D 276 -4.33 -4.56 -22.45
CA VAL D 276 -5.46 -3.67 -22.28
C VAL D 276 -4.95 -2.31 -22.75
N THR D 277 -5.72 -1.61 -23.57
CA THR D 277 -5.26 -0.32 -24.07
C THR D 277 -6.33 0.76 -23.98
N SER D 278 -5.89 2.00 -24.18
CA SER D 278 -6.77 3.14 -24.15
C SER D 278 -5.92 4.38 -24.43
N GLY D 279 -6.55 5.55 -24.48
CA GLY D 279 -5.79 6.76 -24.70
C GLY D 279 -6.23 7.69 -25.81
N GLU D 280 -6.96 7.21 -26.79
CA GLU D 280 -7.35 8.09 -27.89
C GLU D 280 -8.16 9.32 -27.48
N HIS D 281 -8.98 9.19 -26.42
CA HIS D 281 -9.77 10.34 -25.99
C HIS D 281 -9.15 11.14 -24.84
N HIS D 282 -7.97 10.74 -24.40
CA HIS D 282 -7.28 11.46 -23.33
C HIS D 282 -6.48 12.64 -23.88
N GLY D 283 -6.29 13.66 -23.05
CA GLY D 283 -5.55 14.84 -23.46
C GLY D 283 -4.68 15.38 -22.33
N THR D 284 -3.59 16.04 -22.70
CA THR D 284 -2.60 16.62 -21.78
C THR D 284 -1.66 15.53 -21.23
N LEU D 285 -0.40 15.88 -21.09
CA LEU D 285 0.60 14.94 -20.59
C LEU D 285 0.26 14.41 -19.20
N GLN D 286 -0.27 15.28 -18.34
CA GLN D 286 -0.63 14.87 -16.99
C GLN D 286 -1.68 13.76 -16.98
N SER D 287 -2.67 13.84 -17.87
CA SER D 287 -3.68 12.79 -17.94
C SER D 287 -3.04 11.47 -18.33
N PHE D 288 -2.07 11.53 -19.25
CA PHE D 288 -1.41 10.31 -19.67
C PHE D 288 -0.54 9.74 -18.55
N ARG D 289 -0.07 10.60 -17.66
CA ARG D 289 0.74 10.17 -16.53
C ARG D 289 -0.17 9.28 -15.67
N THR D 290 -1.40 9.75 -15.44
CA THR D 290 -2.38 9.01 -14.65
C THR D 290 -2.80 7.72 -15.36
N LEU D 291 -3.04 7.82 -16.66
CA LEU D 291 -3.43 6.64 -17.45
C LEU D 291 -2.33 5.60 -17.39
N ALA D 292 -1.09 6.04 -17.59
CA ALA D 292 0.06 5.14 -17.56
C ALA D 292 0.16 4.40 -16.23
N GLU D 293 -0.10 5.10 -15.12
CA GLU D 293 0.00 4.47 -13.82
C GLU D 293 -1.09 3.45 -13.49
N THR D 294 -2.10 3.33 -14.34
CA THR D 294 -3.15 2.34 -14.12
C THR D 294 -2.59 0.98 -14.48
N GLY D 295 -1.47 0.98 -15.19
CA GLY D 295 -0.84 -0.27 -15.57
C GLY D 295 -1.20 -0.80 -16.95
N ILE D 296 -1.99 -0.06 -17.72
CA ILE D 296 -2.34 -0.54 -19.04
C ILE D 296 -1.10 -0.67 -19.91
N ASP D 297 -1.17 -1.57 -20.88
CA ASP D 297 -0.04 -1.87 -21.76
C ASP D 297 0.35 -0.85 -22.82
N ILE D 298 -0.64 -0.30 -23.50
CA ILE D 298 -0.37 0.65 -24.57
C ILE D 298 -1.28 1.87 -24.53
N MET D 299 -0.67 3.06 -24.56
CA MET D 299 -1.45 4.30 -24.57
C MET D 299 -1.56 4.68 -26.04
N GLN D 300 -2.74 5.13 -26.43
CA GLN D 300 -3.01 5.44 -27.84
C GLN D 300 -3.50 6.85 -28.12
N PRO D 301 -2.71 7.87 -27.79
CA PRO D 301 -3.21 9.22 -28.07
C PRO D 301 -3.35 9.45 -29.56
N ASP D 302 -4.25 10.37 -29.92
CA ASP D 302 -4.43 10.76 -31.32
C ASP D 302 -3.63 12.07 -31.34
N VAL D 303 -2.67 12.17 -32.25
CA VAL D 303 -1.82 13.35 -32.32
C VAL D 303 -2.63 14.64 -32.44
N GLY D 304 -3.77 14.56 -33.12
CA GLY D 304 -4.59 15.74 -33.30
C GLY D 304 -5.59 15.99 -32.17
N TRP D 305 -5.61 15.11 -31.17
CA TRP D 305 -6.54 15.28 -30.05
C TRP D 305 -5.85 15.37 -28.69
N CYS D 306 -4.66 14.77 -28.57
CA CYS D 306 -3.95 14.73 -27.30
C CYS D 306 -3.20 15.99 -26.89
N GLY D 307 -3.05 16.92 -27.83
CA GLY D 307 -2.34 18.15 -27.54
C GLY D 307 -1.35 18.49 -28.65
N GLY D 308 -1.21 17.60 -29.62
CA GLY D 308 -0.29 17.86 -30.72
C GLY D 308 0.98 17.03 -30.69
N LEU D 309 1.85 17.25 -31.66
CA LEU D 309 3.11 16.53 -31.73
C LEU D 309 3.95 16.83 -30.50
N THR D 310 3.95 18.08 -30.08
CA THR D 310 4.74 18.48 -28.92
C THR D 310 4.39 17.60 -27.72
N THR D 311 3.09 17.37 -27.51
CA THR D 311 2.64 16.53 -26.40
C THR D 311 2.91 15.04 -26.67
N LEU D 312 2.71 14.61 -27.91
CA LEU D 312 2.95 13.21 -28.27
C LEU D 312 4.37 12.76 -27.94
N VAL D 313 5.34 13.63 -28.22
CA VAL D 313 6.73 13.30 -27.95
C VAL D 313 6.95 13.11 -26.45
N GLU D 314 6.29 13.92 -25.63
CA GLU D 314 6.44 13.79 -24.19
C GLU D 314 5.77 12.50 -23.72
N ILE D 315 4.62 12.18 -24.30
CA ILE D 315 3.90 10.97 -23.96
C ILE D 315 4.77 9.75 -24.28
N ALA D 316 5.42 9.81 -25.43
CA ALA D 316 6.29 8.71 -25.86
C ALA D 316 7.40 8.48 -24.84
N ALA D 317 7.95 9.57 -24.34
CA ALA D 317 9.03 9.49 -23.36
C ALA D 317 8.50 8.88 -22.07
N LEU D 318 7.28 9.26 -21.70
CA LEU D 318 6.62 8.76 -20.51
C LEU D 318 6.50 7.24 -20.59
N ALA D 319 5.91 6.77 -21.68
CA ALA D 319 5.74 5.33 -21.89
C ALA D 319 7.07 4.60 -21.91
N LYS D 320 8.05 5.16 -22.61
CA LYS D 320 9.38 4.57 -22.73
C LYS D 320 10.08 4.44 -21.38
N SER D 321 9.90 5.44 -20.51
CA SER D 321 10.53 5.41 -19.20
C SER D 321 10.02 4.25 -18.37
N ARG D 322 8.81 3.80 -18.69
CA ARG D 322 8.16 2.71 -17.99
C ARG D 322 8.22 1.39 -18.76
N GLY D 323 8.88 1.42 -19.91
CA GLY D 323 8.99 0.22 -20.73
C GLY D 323 7.68 -0.12 -21.42
N GLN D 324 6.85 0.89 -21.63
CA GLN D 324 5.56 0.71 -22.29
C GLN D 324 5.62 1.21 -23.74
N LEU D 325 4.63 0.84 -24.54
CA LEU D 325 4.60 1.26 -25.93
C LEU D 325 3.53 2.33 -26.17
N VAL D 326 3.77 3.17 -27.15
CA VAL D 326 2.80 4.20 -27.51
C VAL D 326 2.45 3.94 -28.98
N VAL D 327 1.19 3.63 -29.22
CA VAL D 327 0.72 3.39 -30.57
C VAL D 327 -0.44 4.34 -30.80
N PRO D 328 -0.16 5.50 -31.42
CA PRO D 328 -1.17 6.52 -31.70
C PRO D 328 -2.43 6.05 -32.44
N HIS D 329 -3.50 6.82 -32.27
CA HIS D 329 -4.77 6.55 -32.92
C HIS D 329 -4.79 7.27 -34.26
N GLY D 330 -4.94 6.52 -35.35
CA GLY D 330 -4.96 7.09 -36.69
C GLY D 330 -3.91 8.17 -36.91
N SER D 331 -4.36 9.37 -37.25
CA SER D 331 -3.49 10.53 -37.44
C SER D 331 -2.65 10.67 -38.72
N SER D 332 -2.57 9.62 -39.53
CA SER D 332 -1.80 9.70 -40.77
C SER D 332 -0.37 10.27 -40.62
N VAL D 333 0.00 11.19 -41.50
CA VAL D 333 1.32 11.80 -41.50
C VAL D 333 1.74 12.45 -40.19
N TYR D 334 0.76 12.97 -39.45
CA TYR D 334 1.05 13.62 -38.17
C TYR D 334 1.59 12.60 -37.19
N SER D 335 1.20 11.34 -37.39
CA SER D 335 1.68 10.26 -36.55
C SER D 335 3.00 9.73 -37.12
N HIS D 336 2.98 9.39 -38.40
CA HIS D 336 4.15 8.85 -39.10
C HIS D 336 5.46 9.55 -38.81
N HIS D 337 5.49 10.86 -39.03
CA HIS D 337 6.71 11.62 -38.80
C HIS D 337 7.20 11.50 -37.36
N ALA D 338 6.27 11.27 -36.43
CA ALA D 338 6.65 11.13 -35.03
C ALA D 338 7.05 9.70 -34.69
N VAL D 339 6.14 8.75 -34.92
CA VAL D 339 6.40 7.35 -34.56
C VAL D 339 7.63 6.73 -35.21
N ILE D 340 7.98 7.17 -36.41
CA ILE D 340 9.14 6.58 -37.07
C ILE D 340 10.42 6.91 -36.30
N THR D 341 10.32 7.84 -35.36
CA THR D 341 11.49 8.21 -34.56
C THR D 341 11.41 7.65 -33.14
N PHE D 342 10.31 6.97 -32.81
CA PHE D 342 10.13 6.40 -31.47
C PHE D 342 10.54 4.93 -31.40
N THR D 343 11.45 4.61 -30.49
CA THR D 343 11.88 3.23 -30.35
C THR D 343 10.73 2.37 -29.81
N ASN D 344 9.83 2.98 -29.06
CA ASN D 344 8.71 2.24 -28.47
C ASN D 344 7.38 2.29 -29.21
N THR D 345 7.43 2.51 -30.52
CA THR D 345 6.23 2.49 -31.35
C THR D 345 6.61 1.56 -32.50
N PRO D 346 6.68 0.24 -32.21
CA PRO D 346 7.04 -0.80 -33.17
C PRO D 346 6.10 -0.96 -34.37
N PHE D 347 4.86 -0.47 -34.23
CA PHE D 347 3.87 -0.54 -35.29
C PHE D 347 2.85 0.59 -35.14
N SER D 348 2.08 0.84 -36.19
CA SER D 348 1.08 1.92 -36.18
C SER D 348 -0.29 1.46 -36.66
N GLU D 349 -1.27 2.36 -36.53
CA GLU D 349 -2.64 2.07 -36.94
C GLU D 349 -3.08 2.80 -38.21
N PHE D 350 -3.87 2.10 -39.02
CA PHE D 350 -4.45 2.68 -40.21
C PHE D 350 -5.95 2.45 -40.06
N LEU D 351 -6.69 3.53 -39.81
CA LEU D 351 -8.14 3.43 -39.64
C LEU D 351 -8.88 3.51 -40.96
N MET D 352 -9.39 2.37 -41.42
CA MET D 352 -10.11 2.27 -42.70
C MET D 352 -11.22 3.29 -42.91
N THR D 353 -11.04 4.16 -43.91
CA THR D 353 -12.07 5.15 -44.23
C THR D 353 -12.88 4.61 -45.39
N SER D 354 -12.39 3.53 -45.99
CA SER D 354 -13.08 2.86 -47.08
C SER D 354 -14.35 2.30 -46.46
N PRO D 355 -15.52 2.66 -47.02
CA PRO D 355 -16.83 2.21 -46.53
C PRO D 355 -16.96 0.71 -46.25
N ASP D 356 -16.20 -0.11 -46.97
CA ASP D 356 -16.27 -1.55 -46.79
C ASP D 356 -14.91 -2.16 -46.46
N CYS D 357 -13.95 -1.31 -46.11
CA CYS D 357 -12.60 -1.75 -45.76
C CYS D 357 -11.91 -2.57 -46.84
N SER D 358 -12.33 -2.38 -48.09
CA SER D 358 -11.75 -3.14 -49.19
C SER D 358 -10.64 -2.38 -49.90
N THR D 359 -10.67 -1.06 -49.79
CA THR D 359 -9.66 -0.24 -50.45
C THR D 359 -8.85 0.61 -49.48
N LEU D 360 -7.74 1.16 -49.97
CA LEU D 360 -6.88 1.99 -49.15
C LEU D 360 -7.18 3.48 -49.31
N ARG D 361 -8.42 3.86 -49.03
CA ARG D 361 -8.79 5.27 -49.12
C ARG D 361 -7.94 6.00 -48.08
N PRO D 362 -7.34 7.14 -48.47
CA PRO D 362 -6.50 7.89 -47.53
C PRO D 362 -7.18 8.12 -46.17
N GLN D 363 -6.38 8.06 -45.11
CA GLN D 363 -6.86 8.26 -43.75
C GLN D 363 -7.70 9.51 -43.61
N PHE D 364 -7.21 10.62 -44.17
CA PHE D 364 -7.90 11.89 -44.09
C PHE D 364 -8.53 12.33 -45.41
N ASP D 365 -8.81 11.38 -46.29
CA ASP D 365 -9.42 11.69 -47.58
C ASP D 365 -10.66 12.55 -47.36
N PRO D 366 -10.84 13.63 -48.13
CA PRO D 366 -9.95 14.11 -49.19
C PRO D 366 -9.24 15.44 -48.91
N ILE D 367 -9.24 15.88 -47.65
CA ILE D 367 -8.63 17.17 -47.32
C ILE D 367 -7.11 17.28 -47.53
N LEU D 368 -6.40 16.16 -47.54
CA LEU D 368 -4.95 16.21 -47.74
C LEU D 368 -4.51 15.78 -49.14
N LEU D 369 -3.72 16.62 -49.80
CA LEU D 369 -3.22 16.29 -51.13
C LEU D 369 -1.95 15.46 -50.99
N ASP D 370 -1.80 14.46 -51.86
CA ASP D 370 -0.62 13.61 -51.85
C ASP D 370 -0.42 12.90 -50.49
N GLU D 371 -1.53 12.51 -49.86
CA GLU D 371 -1.45 11.82 -48.57
C GLU D 371 -0.99 10.38 -48.74
N PRO D 372 0.13 10.01 -48.12
CA PRO D 372 0.63 8.64 -48.26
C PRO D 372 -0.36 7.61 -47.69
N VAL D 373 -0.26 6.37 -48.16
CA VAL D 373 -1.09 5.29 -47.68
C VAL D 373 -0.18 4.07 -47.59
N PRO D 374 -0.54 3.09 -46.76
CA PRO D 374 0.29 1.89 -46.63
C PRO D 374 0.42 1.10 -47.94
N VAL D 375 1.65 0.79 -48.31
CA VAL D 375 1.94 0.01 -49.51
C VAL D 375 2.31 -1.37 -48.99
N ASN D 376 1.36 -2.30 -49.04
CA ASN D 376 1.57 -3.64 -48.52
C ASN D 376 1.72 -3.49 -47.00
N GLY D 377 0.77 -2.75 -46.42
CA GLY D 377 0.76 -2.52 -44.98
C GLY D 377 1.98 -1.81 -44.41
N ARG D 378 2.72 -1.10 -45.26
CA ARG D 378 3.91 -0.41 -44.80
C ARG D 378 4.15 0.92 -45.50
N ILE D 379 5.01 1.74 -44.89
CA ILE D 379 5.38 3.04 -45.44
C ILE D 379 6.85 3.25 -45.15
N HIS D 380 7.66 3.18 -46.20
CA HIS D 380 9.10 3.36 -46.10
C HIS D 380 9.41 4.83 -45.77
N LYS D 381 10.46 5.07 -44.99
CA LYS D 381 10.80 6.44 -44.61
C LYS D 381 11.04 7.38 -45.80
N SER D 382 11.43 6.81 -46.94
CA SER D 382 11.68 7.62 -48.13
C SER D 382 10.41 8.37 -48.54
N VAL D 383 9.27 7.73 -48.28
CA VAL D 383 7.96 8.32 -48.61
C VAL D 383 7.73 9.60 -47.82
N LEU D 384 8.38 9.73 -46.67
CA LEU D 384 8.23 10.90 -45.81
C LEU D 384 9.27 11.99 -46.06
N ASP D 385 10.13 11.80 -47.07
CA ASP D 385 11.15 12.80 -47.36
C ASP D 385 10.63 14.03 -48.10
N LYS D 386 9.75 14.76 -47.43
CA LYS D 386 9.16 15.99 -47.95
C LYS D 386 9.10 16.96 -46.77
N PRO D 387 9.21 18.27 -47.04
CA PRO D 387 9.18 19.30 -45.99
C PRO D 387 7.98 19.22 -45.05
N GLY D 388 8.22 19.47 -43.76
CA GLY D 388 7.14 19.42 -42.78
C GLY D 388 6.49 18.04 -42.74
N PHE D 389 5.16 17.99 -42.74
CA PHE D 389 4.46 16.71 -42.75
C PHE D 389 4.24 16.26 -44.19
N GLY D 390 4.97 16.91 -45.10
CA GLY D 390 4.94 16.59 -46.52
C GLY D 390 3.69 16.61 -47.37
N VAL D 391 2.62 17.27 -46.90
CA VAL D 391 1.40 17.32 -47.71
C VAL D 391 0.94 18.75 -47.96
N GLU D 392 -0.12 18.89 -48.76
CA GLU D 392 -0.68 20.19 -49.09
C GLU D 392 -2.20 20.18 -48.88
N LEU D 393 -2.75 21.35 -48.60
CA LEU D 393 -4.18 21.49 -48.36
C LEU D 393 -4.98 21.43 -49.65
N ASN D 394 -6.04 20.61 -49.67
CA ASN D 394 -6.87 20.50 -50.85
C ASN D 394 -7.96 21.57 -50.88
N ARG D 395 -7.64 22.70 -51.50
CA ARG D 395 -8.57 23.82 -51.61
C ARG D 395 -9.84 23.51 -52.40
N ASP D 396 -9.84 22.43 -53.17
CA ASP D 396 -11.04 22.11 -53.94
C ASP D 396 -12.17 21.76 -52.98
N CYS D 397 -11.82 21.44 -51.75
CA CYS D 397 -12.85 21.13 -50.75
C CYS D 397 -13.54 22.46 -50.46
N HIS D 398 -14.79 22.41 -50.04
CA HIS D 398 -15.54 23.63 -49.77
C HIS D 398 -15.28 24.21 -48.38
N LEU D 399 -14.09 24.73 -48.17
CA LEU D 399 -13.70 25.30 -46.89
C LEU D 399 -14.47 26.57 -46.54
N LYS D 400 -14.97 26.62 -45.31
CA LYS D 400 -15.71 27.78 -44.83
C LYS D 400 -14.89 28.51 -43.77
N ARG D 401 -14.97 29.84 -43.80
CA ARG D 401 -14.26 30.70 -42.86
C ARG D 401 -15.31 31.42 -42.04
N PRO D 402 -15.84 30.77 -41.00
CA PRO D 402 -16.86 31.38 -40.14
C PRO D 402 -16.42 32.61 -39.35
N TYR D 403 -15.15 32.66 -38.98
CA TYR D 403 -14.63 33.77 -38.20
C TYR D 403 -13.39 34.38 -38.82
N SER D 404 -13.14 35.65 -38.48
CA SER D 404 -11.98 36.37 -38.97
C SER D 404 -11.53 37.27 -37.82
N HIS D 405 -10.32 37.80 -37.90
CA HIS D 405 -9.82 38.68 -36.85
C HIS D 405 -8.82 39.69 -37.41
N MET E 1 48.68 -18.12 24.75
CA MET E 1 48.38 -18.43 23.32
C MET E 1 49.59 -18.22 22.41
N GLU E 2 49.55 -18.83 21.23
CA GLU E 2 50.64 -18.72 20.26
C GLU E 2 50.63 -17.37 19.57
N ASN E 3 51.81 -16.89 19.18
CA ASN E 3 51.90 -15.63 18.47
C ASN E 3 51.18 -15.87 17.15
N ILE E 4 50.51 -14.86 16.62
CA ILE E 4 49.80 -15.05 15.38
C ILE E 4 50.74 -15.16 14.19
N MET E 5 50.22 -15.78 13.13
CA MET E 5 50.94 -15.96 11.89
C MET E 5 51.33 -14.57 11.38
N THR E 6 52.53 -14.45 10.83
CA THR E 6 52.98 -13.16 10.31
C THR E 6 52.45 -13.04 8.89
N LEU E 7 52.00 -11.83 8.53
CA LEU E 7 51.46 -11.59 7.20
C LEU E 7 52.23 -10.48 6.50
N PRO E 8 52.55 -10.67 5.21
CA PRO E 8 53.30 -9.66 4.46
C PRO E 8 52.37 -8.55 3.97
N LYS E 9 52.96 -7.42 3.58
CA LYS E 9 52.19 -6.30 3.05
C LYS E 9 52.15 -6.47 1.54
N ILE E 10 51.20 -5.80 0.89
CA ILE E 10 51.09 -5.87 -0.56
C ILE E 10 52.12 -4.90 -1.14
N LYS E 11 52.93 -5.39 -2.08
CA LYS E 11 53.96 -4.55 -2.67
C LYS E 11 53.57 -4.00 -4.04
N HIS E 12 53.02 -4.84 -4.90
CA HIS E 12 52.63 -4.40 -6.24
C HIS E 12 51.32 -5.01 -6.70
N VAL E 13 50.66 -4.32 -7.62
CA VAL E 13 49.44 -4.79 -8.23
C VAL E 13 49.68 -4.55 -9.72
N ARG E 14 49.38 -5.54 -10.55
CA ARG E 14 49.58 -5.42 -11.99
C ARG E 14 48.37 -5.87 -12.77
N ALA E 15 48.17 -5.25 -13.92
CA ALA E 15 47.04 -5.59 -14.76
C ALA E 15 47.48 -5.89 -16.19
N TRP E 16 46.95 -6.97 -16.73
CA TRP E 16 47.24 -7.39 -18.10
C TRP E 16 45.89 -7.66 -18.76
N PHE E 17 45.91 -7.85 -20.07
CA PHE E 17 44.69 -8.18 -20.77
C PHE E 17 45.00 -9.11 -21.92
N ILE E 18 43.98 -9.83 -22.36
CA ILE E 18 44.07 -10.77 -23.47
C ILE E 18 42.74 -10.64 -24.19
N GLY E 19 42.76 -10.76 -25.51
CA GLY E 19 41.53 -10.65 -26.27
C GLY E 19 41.04 -9.22 -26.36
N GLY E 20 39.82 -9.04 -26.84
CA GLY E 20 39.29 -7.69 -26.95
C GLY E 20 39.72 -7.00 -28.24
N ALA E 21 39.03 -5.91 -28.54
CA ALA E 21 39.26 -5.12 -29.74
C ALA E 21 40.72 -4.74 -30.02
N THR E 22 41.55 -4.69 -28.99
CA THR E 22 42.94 -4.32 -29.19
C THR E 22 43.90 -5.50 -29.06
N ALA E 23 43.36 -6.71 -29.16
CA ALA E 23 44.16 -7.93 -29.07
C ALA E 23 43.58 -9.01 -29.97
N GLU E 24 43.87 -10.28 -29.66
CA GLU E 24 43.37 -11.39 -30.47
C GLU E 24 41.91 -11.71 -30.22
N LYS E 25 41.12 -11.71 -31.28
CA LYS E 25 39.69 -12.00 -31.20
C LYS E 25 39.48 -13.50 -31.00
N GLY E 26 38.66 -13.84 -30.01
CA GLY E 26 38.38 -15.24 -29.73
C GLY E 26 39.33 -15.85 -28.71
N ALA E 27 39.95 -14.99 -27.91
CA ALA E 27 40.90 -15.43 -26.88
C ALA E 27 40.27 -16.17 -25.70
N GLY E 28 38.94 -16.15 -25.61
CA GLY E 28 38.26 -16.83 -24.53
C GLY E 28 38.68 -16.29 -23.16
N GLY E 29 39.08 -17.17 -22.26
CA GLY E 29 39.50 -16.72 -20.94
C GLY E 29 38.38 -16.11 -20.11
N GLY E 30 38.63 -14.92 -19.57
CA GLY E 30 37.65 -14.23 -18.75
C GLY E 30 36.37 -13.80 -19.46
N ASP E 31 36.49 -13.37 -20.71
CA ASP E 31 35.32 -12.95 -21.47
C ASP E 31 34.67 -14.17 -22.10
N TYR E 32 33.56 -14.60 -21.51
CA TYR E 32 32.83 -15.78 -21.99
C TYR E 32 32.46 -15.65 -23.47
N HIS E 33 32.12 -14.43 -23.88
CA HIS E 33 31.70 -14.17 -25.26
C HIS E 33 32.82 -13.88 -26.28
N ASP E 34 34.07 -13.89 -25.83
CA ASP E 34 35.18 -13.62 -26.77
C ASP E 34 35.58 -14.96 -27.38
N GLN E 35 34.65 -15.51 -28.16
CA GLN E 35 34.83 -16.80 -28.82
C GLN E 35 35.06 -16.65 -30.32
N GLY E 36 35.22 -17.79 -30.98
CA GLY E 36 35.46 -17.78 -32.41
C GLY E 36 34.16 -17.98 -33.18
N GLY E 37 34.28 -18.48 -34.40
CA GLY E 37 33.10 -18.71 -35.22
C GLY E 37 32.45 -20.03 -34.90
N ASN E 38 31.26 -20.24 -35.46
CA ASN E 38 30.52 -21.47 -35.26
C ASN E 38 30.39 -21.86 -33.78
N HIS E 39 30.08 -20.88 -32.94
CA HIS E 39 29.94 -21.14 -31.51
C HIS E 39 28.49 -20.90 -31.12
N TRP E 40 27.90 -21.84 -30.39
CA TRP E 40 26.51 -21.75 -29.98
C TRP E 40 26.22 -20.44 -29.23
N ILE E 41 27.23 -19.93 -28.53
CA ILE E 41 27.06 -18.71 -27.74
C ILE E 41 26.92 -17.45 -28.60
N ASP E 42 27.02 -17.61 -29.91
CA ASP E 42 26.87 -16.47 -30.81
C ASP E 42 25.90 -16.83 -31.92
N ASP E 43 25.14 -17.91 -31.73
CA ASP E 43 24.20 -18.33 -32.75
C ASP E 43 22.78 -17.80 -32.63
N HIS E 44 22.56 -16.62 -33.20
CA HIS E 44 21.25 -15.98 -33.21
C HIS E 44 20.62 -15.93 -31.81
N ILE E 45 21.39 -15.49 -30.82
CA ILE E 45 20.89 -15.38 -29.45
C ILE E 45 20.14 -14.06 -29.34
N ALA E 46 18.91 -14.10 -28.84
CA ALA E 46 18.09 -12.89 -28.69
C ALA E 46 18.74 -11.89 -27.74
N THR E 47 18.71 -10.61 -28.12
CA THR E 47 19.29 -9.56 -27.30
C THR E 47 18.57 -8.24 -27.55
N PRO E 48 18.93 -7.18 -26.79
CA PRO E 48 18.27 -5.89 -27.01
C PRO E 48 18.62 -5.33 -28.39
N MET E 49 19.58 -5.97 -29.07
CA MET E 49 20.01 -5.53 -30.39
C MET E 49 19.50 -6.39 -31.55
N SER E 50 19.06 -7.61 -31.24
CA SER E 50 18.59 -8.50 -32.29
C SER E 50 17.38 -7.98 -33.07
N LYS E 51 16.79 -6.89 -32.61
CA LYS E 51 15.66 -6.29 -33.32
C LYS E 51 16.18 -5.61 -34.59
N TYR E 52 17.49 -5.41 -34.66
CA TYR E 52 18.13 -4.80 -35.82
C TYR E 52 18.69 -5.87 -36.76
N ARG E 53 18.25 -5.83 -38.02
CA ARG E 53 18.70 -6.78 -39.04
C ARG E 53 20.19 -7.09 -39.03
N ASP E 54 21.03 -6.04 -39.03
CA ASP E 54 22.47 -6.23 -39.04
C ASP E 54 23.05 -6.87 -37.79
N TYR E 55 22.30 -6.88 -36.70
CA TYR E 55 22.79 -7.43 -35.44
C TYR E 55 21.91 -8.52 -34.84
N GLU E 56 21.21 -9.26 -35.71
CA GLU E 56 20.31 -10.31 -35.26
C GLU E 56 20.95 -11.68 -35.16
N GLN E 57 21.84 -11.99 -36.10
CA GLN E 57 22.49 -13.29 -36.13
C GLN E 57 23.66 -13.45 -35.17
N SER E 58 24.42 -12.38 -34.97
CA SER E 58 25.60 -12.44 -34.11
C SER E 58 25.72 -11.34 -33.06
N ARG E 59 25.98 -11.73 -31.82
CA ARG E 59 26.15 -10.77 -30.74
C ARG E 59 27.54 -10.16 -30.91
N GLN E 60 28.45 -10.93 -31.50
CA GLN E 60 29.79 -10.43 -31.74
C GLN E 60 29.72 -9.23 -32.70
N SER E 61 28.73 -9.23 -33.59
CA SER E 61 28.61 -8.14 -34.54
C SER E 61 28.34 -6.80 -33.88
N PHE E 62 27.61 -6.79 -32.76
CA PHE E 62 27.37 -5.51 -32.11
C PHE E 62 28.45 -5.17 -31.08
N GLY E 63 29.41 -6.08 -30.93
CA GLY E 63 30.52 -5.83 -30.03
C GLY E 63 30.46 -6.42 -28.62
N ILE E 64 29.86 -7.59 -28.47
CA ILE E 64 29.76 -8.24 -27.17
C ILE E 64 31.16 -8.76 -26.76
N ASN E 65 32.10 -8.65 -27.68
CA ASN E 65 33.46 -9.14 -27.47
C ASN E 65 34.58 -8.09 -27.47
N VAL E 66 34.24 -6.81 -27.42
CA VAL E 66 35.27 -5.77 -27.46
C VAL E 66 36.14 -5.61 -26.23
N LEU E 67 35.64 -6.03 -25.07
CA LEU E 67 36.40 -5.89 -23.84
C LEU E 67 37.51 -6.92 -23.63
N GLY E 68 37.19 -8.18 -23.85
CA GLY E 68 38.21 -9.20 -23.63
C GLY E 68 38.41 -9.49 -22.16
N THR E 69 39.56 -10.07 -21.83
CA THR E 69 39.87 -10.46 -20.46
C THR E 69 40.81 -9.58 -19.69
N LEU E 70 40.41 -9.23 -18.47
CA LEU E 70 41.26 -8.43 -17.58
C LEU E 70 41.90 -9.44 -16.63
N ILE E 71 43.18 -9.26 -16.36
CA ILE E 71 43.90 -10.13 -15.44
C ILE E 71 44.60 -9.25 -14.41
N VAL E 72 44.31 -9.48 -13.13
CA VAL E 72 44.94 -8.70 -12.09
C VAL E 72 45.76 -9.60 -11.18
N GLU E 73 47.00 -9.18 -10.91
CA GLU E 73 47.88 -9.94 -10.04
C GLU E 73 48.43 -9.03 -8.96
N VAL E 74 48.31 -9.47 -7.72
CA VAL E 74 48.81 -8.73 -6.58
C VAL E 74 50.01 -9.50 -6.04
N GLU E 75 51.08 -8.78 -5.75
CA GLU E 75 52.31 -9.41 -5.25
C GLU E 75 52.66 -8.90 -3.86
N ALA E 76 52.85 -9.83 -2.92
CA ALA E 76 53.19 -9.47 -1.55
C ALA E 76 54.69 -9.19 -1.41
N GLU E 77 55.07 -8.53 -0.32
CA GLU E 77 56.48 -8.22 -0.06
C GLU E 77 57.35 -9.47 0.05
N ASN E 78 56.71 -10.62 0.27
CA ASN E 78 57.42 -11.88 0.40
C ASN E 78 57.44 -12.66 -0.91
N ARG E 79 57.09 -11.99 -2.01
CA ARG E 79 57.09 -12.56 -3.34
C ARG E 79 55.89 -13.43 -3.71
N GLN E 80 55.05 -13.80 -2.75
CA GLN E 80 53.88 -14.61 -3.09
C GLN E 80 52.91 -13.76 -3.90
N THR E 81 52.06 -14.40 -4.68
CA THR E 81 51.11 -13.68 -5.51
C THR E 81 49.73 -14.34 -5.57
N GLY E 82 48.75 -13.53 -5.93
CA GLY E 82 47.38 -14.00 -6.09
C GLY E 82 46.87 -13.30 -7.33
N PHE E 83 45.86 -13.85 -7.98
CA PHE E 83 45.34 -13.21 -9.18
C PHE E 83 43.92 -13.66 -9.45
N ALA E 84 43.29 -13.00 -10.43
CA ALA E 84 41.94 -13.34 -10.82
C ALA E 84 41.73 -12.76 -12.22
N VAL E 85 40.69 -13.22 -12.90
CA VAL E 85 40.37 -12.73 -14.24
C VAL E 85 38.91 -12.33 -14.26
N SER E 86 38.56 -11.48 -15.22
CA SER E 86 37.20 -11.01 -15.41
C SER E 86 37.09 -10.44 -16.81
N THR E 87 36.02 -9.69 -17.06
CA THR E 87 35.77 -9.10 -18.36
C THR E 87 35.92 -7.58 -18.27
N ALA E 88 36.97 -7.03 -18.88
CA ALA E 88 37.21 -5.58 -18.87
C ALA E 88 38.35 -5.24 -19.83
N GLY E 89 39.33 -6.13 -19.93
CA GLY E 89 40.45 -5.89 -20.82
C GLY E 89 41.27 -4.64 -20.59
N GLU E 90 41.64 -3.98 -21.68
CA GLU E 90 42.48 -2.78 -21.62
C GLU E 90 42.00 -1.67 -20.69
N MET E 91 40.72 -1.32 -20.77
CA MET E 91 40.19 -0.26 -19.91
C MET E 91 40.26 -0.69 -18.45
N GLY E 92 40.13 -1.99 -18.22
CA GLY E 92 40.23 -2.50 -16.85
C GLY E 92 41.62 -2.23 -16.34
N CYS E 93 42.61 -2.38 -17.22
CA CYS E 93 44.00 -2.13 -16.85
C CYS E 93 44.24 -0.68 -16.48
N PHE E 94 43.62 0.23 -17.21
CA PHE E 94 43.76 1.66 -16.94
C PHE E 94 43.28 1.93 -15.51
N ILE E 95 42.11 1.40 -15.18
CA ILE E 95 41.53 1.62 -13.85
C ILE E 95 42.42 1.06 -12.74
N VAL E 96 42.94 -0.14 -12.94
CA VAL E 96 43.79 -0.75 -11.93
C VAL E 96 45.14 -0.03 -11.78
N GLU E 97 45.84 0.15 -12.89
CA GLU E 97 47.15 0.78 -12.88
C GLU E 97 47.20 2.28 -12.66
N LYS E 98 46.14 2.99 -13.04
CA LYS E 98 46.13 4.44 -12.90
C LYS E 98 45.25 5.01 -11.80
N HIS E 99 44.48 4.15 -11.14
CA HIS E 99 43.61 4.64 -10.09
C HIS E 99 43.60 3.79 -8.82
N LEU E 100 43.10 2.57 -8.94
CA LEU E 100 42.96 1.68 -7.78
C LEU E 100 44.26 1.28 -7.08
N ASN E 101 45.37 1.27 -7.80
CA ASN E 101 46.65 0.88 -7.20
C ASN E 101 46.96 1.62 -5.91
N ARG E 102 46.54 2.89 -5.82
CA ARG E 102 46.83 3.68 -4.63
C ARG E 102 46.16 3.15 -3.35
N PHE E 103 45.09 2.38 -3.51
CA PHE E 103 44.38 1.84 -2.36
C PHE E 103 44.85 0.42 -2.03
N ILE E 104 45.49 -0.21 -3.00
CA ILE E 104 45.95 -1.59 -2.88
C ILE E 104 47.36 -1.77 -2.32
N GLU E 105 48.32 -1.13 -2.96
CA GLU E 105 49.71 -1.24 -2.55
C GLU E 105 49.96 -0.63 -1.19
N GLY E 106 50.75 -1.32 -0.36
CA GLY E 106 51.05 -0.82 0.96
C GLY E 106 50.16 -1.43 2.04
N LYS E 107 49.01 -1.96 1.64
CA LYS E 107 48.08 -2.58 2.57
C LYS E 107 48.58 -3.93 3.03
N CYS E 108 47.95 -4.47 4.07
CA CYS E 108 48.28 -5.79 4.55
C CYS E 108 47.48 -6.72 3.65
N VAL E 109 47.96 -7.94 3.44
CA VAL E 109 47.25 -8.89 2.59
C VAL E 109 45.85 -9.20 3.14
N SER E 110 45.65 -8.95 4.42
CA SER E 110 44.35 -9.22 5.06
C SER E 110 43.37 -8.06 4.96
N ASP E 111 43.85 -6.88 4.57
CA ASP E 111 43.00 -5.68 4.45
C ASP E 111 42.06 -5.73 3.24
N ILE E 112 41.47 -6.89 2.98
CA ILE E 112 40.58 -7.06 1.81
C ILE E 112 39.31 -6.19 1.81
N LYS E 113 38.48 -6.32 2.83
CA LYS E 113 37.25 -5.53 2.87
C LYS E 113 37.52 -4.02 2.90
N LEU E 114 38.66 -3.62 3.46
CA LEU E 114 39.01 -2.21 3.52
C LEU E 114 39.32 -1.71 2.11
N ILE E 115 40.16 -2.46 1.40
CA ILE E 115 40.50 -2.08 0.04
C ILE E 115 39.22 -2.03 -0.78
N HIS E 116 38.37 -3.05 -0.62
CA HIS E 116 37.11 -3.14 -1.33
C HIS E 116 36.27 -1.87 -1.16
N ASP E 117 36.11 -1.43 0.08
CA ASP E 117 35.33 -0.23 0.35
C ASP E 117 35.94 1.02 -0.26
N GLN E 118 37.27 1.13 -0.22
CA GLN E 118 37.93 2.29 -0.78
C GLN E 118 37.77 2.32 -2.30
N MET E 119 37.82 1.15 -2.92
CA MET E 119 37.65 1.08 -4.37
C MET E 119 36.23 1.54 -4.72
N LEU E 120 35.24 1.05 -3.98
CA LEU E 120 33.85 1.43 -4.25
C LEU E 120 33.67 2.93 -4.03
N GLY E 121 34.19 3.43 -2.92
CA GLY E 121 34.04 4.85 -2.60
C GLY E 121 34.72 5.79 -3.58
N ALA E 122 35.94 5.45 -3.99
CA ALA E 122 36.70 6.28 -4.91
C ALA E 122 36.20 6.28 -6.37
N THR E 123 35.51 5.23 -6.77
CA THR E 123 35.02 5.15 -8.14
C THR E 123 33.53 5.40 -8.28
N MET E 124 32.85 5.64 -7.17
CA MET E 124 31.41 5.86 -7.21
C MET E 124 30.98 6.91 -8.24
N TYR E 125 31.81 7.92 -8.44
CA TYR E 125 31.48 8.99 -9.38
C TYR E 125 31.52 8.59 -10.85
N TYR E 126 32.05 7.41 -11.18
CA TYR E 126 32.09 6.99 -12.57
C TYR E 126 31.86 5.50 -12.81
N SER E 127 31.49 4.77 -11.76
CA SER E 127 31.28 3.34 -11.87
C SER E 127 29.91 2.90 -12.36
N GLY E 128 28.91 3.78 -12.24
CA GLY E 128 27.58 3.40 -12.67
C GLY E 128 27.04 2.19 -11.92
N SER E 129 27.60 1.91 -10.76
CA SER E 129 27.16 0.77 -9.93
C SER E 129 27.10 -0.59 -10.65
N GLY E 130 27.94 -0.79 -11.66
CA GLY E 130 27.92 -2.06 -12.36
C GLY E 130 28.66 -2.01 -13.68
N GLY E 131 28.69 -3.14 -14.38
CA GLY E 131 29.39 -3.18 -15.66
C GLY E 131 30.90 -3.05 -15.55
N LEU E 132 31.51 -2.58 -16.63
CA LEU E 132 32.96 -2.40 -16.74
C LEU E 132 33.75 -2.04 -15.49
N VAL E 133 33.43 -0.92 -14.85
CA VAL E 133 34.15 -0.51 -13.65
C VAL E 133 33.98 -1.47 -12.47
N MET E 134 32.79 -2.07 -12.35
CA MET E 134 32.54 -3.00 -11.25
C MET E 134 33.24 -4.33 -11.53
N ASN E 135 33.35 -4.69 -12.82
CA ASN E 135 34.02 -5.93 -13.21
C ASN E 135 35.48 -5.81 -12.77
N THR E 136 36.03 -4.62 -12.99
CA THR E 136 37.41 -4.35 -12.65
C THR E 136 37.61 -4.41 -11.15
N ILE E 137 36.73 -3.77 -10.40
CA ILE E 137 36.82 -3.78 -8.95
C ILE E 137 36.71 -5.22 -8.47
N SER E 138 35.79 -5.98 -9.07
CA SER E 138 35.57 -7.38 -8.70
C SER E 138 36.82 -8.23 -8.96
N CYS E 139 37.53 -7.92 -10.03
CA CYS E 139 38.73 -8.67 -10.37
C CYS E 139 39.82 -8.47 -9.33
N VAL E 140 39.93 -7.23 -8.84
CA VAL E 140 40.91 -6.89 -7.83
C VAL E 140 40.55 -7.59 -6.52
N ASP E 141 39.25 -7.60 -6.19
CA ASP E 141 38.79 -8.24 -4.96
C ASP E 141 39.17 -9.72 -4.97
N LEU E 142 38.83 -10.41 -6.05
CA LEU E 142 39.14 -11.83 -6.17
C LEU E 142 40.64 -12.08 -6.07
N ALA E 143 41.42 -11.22 -6.72
CA ALA E 143 42.88 -11.37 -6.68
C ALA E 143 43.39 -11.24 -5.25
N LEU E 144 42.77 -10.36 -4.47
CA LEU E 144 43.18 -10.15 -3.09
C LEU E 144 42.83 -11.38 -2.23
N TRP E 145 41.66 -11.96 -2.45
CA TRP E 145 41.28 -13.16 -1.70
C TRP E 145 42.22 -14.30 -2.08
N ASP E 146 42.57 -14.38 -3.35
CA ASP E 146 43.46 -15.43 -3.83
C ASP E 146 44.82 -15.31 -3.15
N LEU E 147 45.36 -14.10 -3.12
CA LEU E 147 46.66 -13.89 -2.47
C LEU E 147 46.59 -14.20 -0.98
N PHE E 148 45.50 -13.78 -0.34
CA PHE E 148 45.35 -14.02 1.09
C PHE E 148 45.34 -15.51 1.40
N GLY E 149 44.54 -16.26 0.65
CA GLY E 149 44.46 -17.69 0.86
C GLY E 149 45.78 -18.41 0.60
N LYS E 150 46.54 -17.91 -0.37
CA LYS E 150 47.82 -18.51 -0.71
C LYS E 150 48.87 -18.22 0.34
N VAL E 151 48.80 -17.03 0.95
CA VAL E 151 49.76 -16.64 1.98
C VAL E 151 49.46 -17.46 3.23
N VAL E 152 48.16 -17.60 3.53
CA VAL E 152 47.70 -18.35 4.69
C VAL E 152 47.91 -19.85 4.49
N GLY E 153 47.80 -20.28 3.24
CA GLY E 153 47.96 -21.69 2.93
C GLY E 153 46.64 -22.43 3.01
N LEU E 154 45.56 -21.73 2.72
CA LEU E 154 44.24 -22.34 2.77
C LEU E 154 43.35 -21.98 1.60
N PRO E 155 42.46 -22.91 1.21
CA PRO E 155 41.57 -22.61 0.10
C PRO E 155 40.58 -21.55 0.58
N VAL E 156 40.05 -20.76 -0.34
CA VAL E 156 39.12 -19.71 0.05
C VAL E 156 37.86 -20.23 0.75
N TYR E 157 37.33 -21.36 0.27
CA TYR E 157 36.12 -21.91 0.86
C TYR E 157 36.26 -22.27 2.35
N LYS E 158 37.48 -22.55 2.79
CA LYS E 158 37.70 -22.86 4.19
C LYS E 158 37.82 -21.57 4.99
N LEU E 159 38.39 -20.54 4.37
CA LEU E 159 38.53 -19.25 5.03
C LEU E 159 37.16 -18.66 5.30
N LEU E 160 36.22 -18.96 4.42
CA LEU E 160 34.86 -18.45 4.54
C LEU E 160 34.02 -19.14 5.60
N GLY E 161 34.50 -20.26 6.14
CA GLY E 161 33.73 -20.97 7.13
C GLY E 161 33.39 -22.38 6.73
N GLY E 162 34.11 -22.89 5.73
CA GLY E 162 33.89 -24.25 5.28
C GLY E 162 32.72 -24.55 4.37
N ALA E 163 32.75 -25.72 3.77
CA ALA E 163 31.69 -26.16 2.87
C ALA E 163 30.49 -26.66 3.66
N VAL E 164 29.30 -26.49 3.09
CA VAL E 164 28.06 -26.95 3.72
C VAL E 164 27.49 -28.10 2.92
N ARG E 165 28.29 -28.60 1.97
CA ARG E 165 27.92 -29.73 1.12
C ARG E 165 29.23 -30.34 0.62
N ASP E 166 29.22 -31.65 0.35
CA ASP E 166 30.44 -32.33 -0.09
C ASP E 166 30.75 -32.17 -1.57
N GLU E 167 29.77 -31.71 -2.33
CA GLU E 167 29.97 -31.52 -3.76
C GLU E 167 29.00 -30.50 -4.29
N ILE E 168 29.42 -29.79 -5.33
CA ILE E 168 28.58 -28.81 -5.99
C ILE E 168 27.97 -29.50 -7.19
N GLN E 169 26.65 -29.44 -7.32
CA GLN E 169 26.00 -30.04 -8.48
C GLN E 169 25.73 -28.90 -9.46
N PHE E 170 25.94 -29.17 -10.74
CA PHE E 170 25.77 -28.17 -11.78
C PHE E 170 24.67 -28.42 -12.80
N TYR E 171 24.21 -27.34 -13.42
CA TYR E 171 23.25 -27.41 -14.51
C TYR E 171 24.11 -26.77 -15.60
N ALA E 172 23.90 -27.15 -16.85
CA ALA E 172 24.71 -26.59 -17.92
C ALA E 172 23.93 -25.66 -18.83
N THR E 173 24.58 -24.57 -19.23
CA THR E 173 23.97 -23.59 -20.11
C THR E 173 24.55 -23.75 -21.50
N GLY E 174 23.67 -23.98 -22.48
CA GLY E 174 24.09 -24.15 -23.85
C GLY E 174 22.97 -24.66 -24.71
N ALA E 175 23.26 -24.89 -25.98
CA ALA E 175 22.26 -25.35 -26.94
C ALA E 175 21.95 -26.85 -26.84
N ARG E 176 22.73 -27.58 -26.06
CA ARG E 176 22.50 -29.03 -25.96
C ARG E 176 22.22 -29.59 -24.57
N PRO E 177 21.02 -29.33 -24.03
CA PRO E 177 20.66 -29.84 -22.70
C PRO E 177 20.70 -31.37 -22.70
N ASP E 178 20.28 -31.96 -23.83
CA ASP E 178 20.26 -33.41 -23.96
C ASP E 178 21.64 -34.01 -23.78
N LEU E 179 22.66 -33.34 -24.30
CA LEU E 179 24.03 -33.82 -24.16
C LEU E 179 24.53 -33.59 -22.73
N ALA E 180 24.10 -32.48 -22.13
CA ALA E 180 24.51 -32.15 -20.77
C ALA E 180 23.96 -33.18 -19.78
N LYS E 181 22.78 -33.71 -20.08
CA LYS E 181 22.16 -34.72 -19.23
C LYS E 181 23.04 -35.96 -19.26
N GLU E 182 23.37 -36.39 -20.48
CA GLU E 182 24.22 -37.57 -20.68
C GLU E 182 25.53 -37.37 -19.92
N MET E 183 25.96 -36.12 -19.80
CA MET E 183 27.20 -35.81 -19.09
C MET E 183 27.03 -35.79 -17.57
N GLY E 184 25.80 -35.92 -17.09
CA GLY E 184 25.59 -35.94 -15.65
C GLY E 184 25.02 -34.68 -15.01
N PHE E 185 24.81 -33.64 -15.80
CA PHE E 185 24.27 -32.39 -15.26
C PHE E 185 22.82 -32.56 -14.79
N ILE E 186 22.41 -31.71 -13.86
CA ILE E 186 21.06 -31.78 -13.31
C ILE E 186 20.03 -31.05 -14.15
N GLY E 187 20.50 -30.20 -15.06
CA GLY E 187 19.58 -29.47 -15.91
C GLY E 187 20.27 -28.75 -17.05
N GLY E 188 19.47 -28.16 -17.93
CA GLY E 188 20.04 -27.45 -19.04
C GLY E 188 19.32 -26.14 -19.33
N LYS E 189 20.07 -25.05 -19.37
CA LYS E 189 19.50 -23.75 -19.68
C LYS E 189 19.85 -23.40 -21.12
N MET E 190 18.81 -23.10 -21.90
CA MET E 190 18.96 -22.74 -23.31
C MET E 190 18.67 -21.27 -23.54
N PRO E 191 19.36 -20.66 -24.51
CA PRO E 191 19.13 -19.24 -24.80
C PRO E 191 17.95 -19.09 -25.76
N THR E 192 17.21 -17.99 -25.63
CA THR E 192 16.11 -17.75 -26.54
C THR E 192 16.75 -17.23 -27.82
N HIS E 193 16.13 -17.51 -28.95
CA HIS E 193 16.68 -17.07 -30.23
C HIS E 193 15.86 -15.97 -30.85
N TRP E 194 14.62 -15.83 -30.38
CA TRP E 194 13.72 -14.82 -30.91
C TRP E 194 13.28 -13.81 -29.85
N GLY E 195 12.86 -12.63 -30.31
CA GLY E 195 12.44 -11.59 -29.39
C GLY E 195 11.07 -10.99 -29.68
N PRO E 196 10.69 -9.94 -28.94
CA PRO E 196 9.41 -9.26 -29.10
C PRO E 196 9.05 -8.94 -30.55
N HIS E 197 10.03 -8.47 -31.32
CA HIS E 197 9.79 -8.14 -32.72
C HIS E 197 9.38 -9.36 -33.54
N ASP E 198 9.63 -10.55 -33.01
CA ASP E 198 9.25 -11.78 -33.69
C ASP E 198 7.83 -12.21 -33.32
N GLY E 199 7.28 -11.57 -32.28
CA GLY E 199 5.93 -11.86 -31.86
C GLY E 199 5.56 -13.32 -31.57
N ASP E 200 4.34 -13.69 -31.92
CA ASP E 200 3.83 -15.03 -31.69
C ASP E 200 4.70 -16.12 -32.32
N ALA E 201 5.21 -15.88 -33.51
CA ALA E 201 6.07 -16.88 -34.15
C ALA E 201 7.30 -17.11 -33.28
N GLY E 202 7.90 -16.03 -32.81
CA GLY E 202 9.08 -16.14 -31.96
C GLY E 202 8.78 -16.97 -30.73
N ILE E 203 7.63 -16.73 -30.12
CA ILE E 203 7.22 -17.46 -28.93
C ILE E 203 7.03 -18.95 -29.26
N ARG E 204 6.31 -19.24 -30.33
CA ARG E 204 6.10 -20.63 -30.74
C ARG E 204 7.41 -21.36 -30.94
N LYS E 205 8.35 -20.71 -31.61
CA LYS E 205 9.65 -21.32 -31.89
C LYS E 205 10.47 -21.66 -30.65
N ASP E 206 10.64 -20.71 -29.74
CA ASP E 206 11.42 -20.98 -28.55
C ASP E 206 10.72 -21.97 -27.64
N ALA E 207 9.39 -21.92 -27.61
CA ALA E 207 8.62 -22.85 -26.79
C ALA E 207 8.77 -24.26 -27.35
N ALA E 208 8.80 -24.37 -28.67
CA ALA E 208 8.94 -25.67 -29.32
C ALA E 208 10.34 -26.21 -29.05
N MET E 209 11.30 -25.30 -28.92
CA MET E 209 12.68 -25.68 -28.63
C MET E 209 12.71 -26.33 -27.24
N VAL E 210 11.91 -25.79 -26.34
CA VAL E 210 11.83 -26.30 -24.97
C VAL E 210 11.10 -27.65 -24.94
N ALA E 211 9.96 -27.72 -25.63
CA ALA E 211 9.17 -28.94 -25.68
C ALA E 211 9.99 -30.10 -26.24
N ASP E 212 10.81 -29.81 -27.24
CA ASP E 212 11.66 -30.83 -27.85
C ASP E 212 12.64 -31.37 -26.83
N MET E 213 13.34 -30.47 -26.15
CA MET E 213 14.30 -30.90 -25.14
C MET E 213 13.64 -31.62 -23.97
N ARG E 214 12.39 -31.27 -23.64
CA ARG E 214 11.69 -31.95 -22.55
C ARG E 214 11.45 -33.40 -22.94
N GLU E 215 11.08 -33.61 -24.20
CA GLU E 215 10.84 -34.96 -24.70
C GLU E 215 12.12 -35.78 -24.67
N LYS E 216 13.23 -35.15 -25.04
CA LYS E 216 14.52 -35.80 -25.08
C LYS E 216 15.20 -35.97 -23.73
N CYS E 217 14.89 -35.08 -22.78
CA CYS E 217 15.54 -35.12 -21.48
C CYS E 217 14.81 -35.79 -20.30
N GLY E 218 13.50 -35.91 -20.40
CA GLY E 218 12.76 -36.51 -19.31
C GLY E 218 12.17 -35.48 -18.37
N PRO E 219 11.24 -35.89 -17.48
CA PRO E 219 10.58 -35.02 -16.50
C PRO E 219 11.42 -34.44 -15.36
N ASP E 220 12.37 -35.21 -14.85
CA ASP E 220 13.18 -34.74 -13.73
C ASP E 220 14.36 -33.85 -14.08
N PHE E 221 14.82 -33.92 -15.33
CA PHE E 221 15.95 -33.09 -15.75
C PHE E 221 15.41 -31.67 -15.90
N TRP E 222 16.08 -30.69 -15.28
CA TRP E 222 15.60 -29.30 -15.36
C TRP E 222 15.89 -28.63 -16.70
N LEU E 223 15.00 -27.71 -17.07
CA LEU E 223 15.15 -26.95 -18.30
C LEU E 223 14.86 -25.49 -17.95
N MET E 224 15.69 -24.58 -18.45
CA MET E 224 15.51 -23.16 -18.20
C MET E 224 15.78 -22.36 -19.46
N LEU E 225 15.28 -21.13 -19.50
CA LEU E 225 15.49 -20.26 -20.65
C LEU E 225 16.18 -18.99 -20.22
N ASP E 226 17.23 -18.63 -20.95
CA ASP E 226 17.96 -17.40 -20.68
C ASP E 226 17.51 -16.45 -21.78
N CYS E 227 17.10 -15.25 -21.39
CA CYS E 227 16.59 -14.27 -22.36
C CYS E 227 17.48 -13.04 -22.59
N TRP E 228 18.65 -13.06 -21.97
CA TRP E 228 19.64 -12.00 -22.08
C TRP E 228 19.11 -10.57 -22.30
N MET E 229 18.32 -10.06 -21.36
CA MET E 229 17.78 -8.69 -21.40
C MET E 229 17.02 -8.32 -22.67
N SER E 230 16.67 -9.31 -23.47
CA SER E 230 16.03 -9.07 -24.77
C SER E 230 14.52 -8.85 -24.89
N GLN E 231 13.78 -8.94 -23.80
CA GLN E 231 12.33 -8.81 -23.93
C GLN E 231 11.70 -7.66 -23.15
N ASP E 232 10.36 -7.66 -23.12
CA ASP E 232 9.58 -6.69 -22.37
C ASP E 232 8.62 -7.53 -21.54
N VAL E 233 7.90 -6.90 -20.62
CA VAL E 233 6.98 -7.65 -19.77
C VAL E 233 5.95 -8.51 -20.48
N ASN E 234 5.26 -7.96 -21.47
CA ASN E 234 4.24 -8.72 -22.18
C ASN E 234 4.79 -9.94 -22.91
N TYR E 235 5.89 -9.76 -23.65
CA TYR E 235 6.48 -10.86 -24.40
C TYR E 235 6.95 -11.97 -23.45
N ALA E 236 7.68 -11.58 -22.40
CA ALA E 236 8.19 -12.53 -21.41
C ALA E 236 7.05 -13.29 -20.74
N THR E 237 5.94 -12.60 -20.49
CA THR E 237 4.79 -13.24 -19.87
C THR E 237 4.19 -14.30 -20.81
N LYS E 238 4.03 -13.94 -22.07
CA LYS E 238 3.49 -14.88 -23.06
C LYS E 238 4.41 -16.09 -23.24
N LEU E 239 5.71 -15.86 -23.30
CA LEU E 239 6.67 -16.95 -23.47
C LEU E 239 6.65 -17.87 -22.24
N ALA E 240 6.61 -17.27 -21.06
CA ALA E 240 6.59 -18.05 -19.83
C ALA E 240 5.38 -18.98 -19.82
N HIS E 241 4.21 -18.43 -20.12
CA HIS E 241 2.99 -19.22 -20.14
C HIS E 241 2.99 -20.27 -21.25
N ALA E 242 3.73 -20.01 -22.33
CA ALA E 242 3.82 -20.95 -23.44
C ALA E 242 4.69 -22.14 -23.06
N CYS E 243 5.64 -21.91 -22.16
CA CYS E 243 6.55 -22.97 -21.72
C CYS E 243 6.09 -23.66 -20.44
N ALA E 244 5.02 -23.15 -19.84
CA ALA E 244 4.49 -23.73 -18.61
C ALA E 244 4.15 -25.22 -18.75
N PRO E 245 3.54 -25.60 -19.88
CA PRO E 245 3.18 -27.01 -20.11
C PRO E 245 4.36 -27.98 -20.04
N PHE E 246 5.57 -27.46 -20.22
CA PHE E 246 6.76 -28.31 -20.20
C PHE E 246 7.56 -28.15 -18.92
N ASN E 247 6.91 -27.60 -17.91
CA ASN E 247 7.53 -27.38 -16.61
C ASN E 247 8.88 -26.68 -16.69
N LEU E 248 8.92 -25.54 -17.36
CA LEU E 248 10.16 -24.78 -17.46
C LEU E 248 10.43 -24.35 -16.02
N LYS E 249 11.62 -24.64 -15.49
CA LYS E 249 11.92 -24.29 -14.10
C LYS E 249 11.97 -22.78 -13.86
N TRP E 250 12.69 -22.05 -14.71
CA TRP E 250 12.75 -20.60 -14.57
C TRP E 250 13.02 -19.90 -15.89
N ILE E 251 12.70 -18.61 -15.94
CA ILE E 251 12.92 -17.79 -17.12
C ILE E 251 13.86 -16.68 -16.64
N GLU E 252 15.04 -16.63 -17.23
CA GLU E 252 16.09 -15.71 -16.80
C GLU E 252 16.34 -14.42 -17.57
N GLU E 253 16.63 -13.37 -16.80
CA GLU E 253 16.94 -12.03 -17.28
C GLU E 253 16.15 -11.58 -18.50
N CYS E 254 14.83 -11.55 -18.35
CA CYS E 254 13.98 -11.14 -19.45
C CYS E 254 14.10 -9.65 -19.76
N LEU E 255 14.48 -8.86 -18.77
CA LEU E 255 14.57 -7.42 -18.98
C LEU E 255 15.91 -6.77 -18.63
N PRO E 256 16.19 -5.59 -19.22
CA PRO E 256 17.42 -4.87 -18.94
C PRO E 256 17.48 -4.69 -17.42
N PRO E 257 18.68 -4.61 -16.85
CA PRO E 257 18.87 -4.45 -15.39
C PRO E 257 18.18 -3.31 -14.65
N GLN E 258 18.00 -2.16 -15.28
CA GLN E 258 17.38 -1.02 -14.61
C GLN E 258 15.89 -1.19 -14.39
N GLN E 259 15.27 -2.11 -15.12
CA GLN E 259 13.83 -2.29 -15.04
C GLN E 259 13.29 -3.12 -13.87
N TYR E 260 13.58 -2.66 -12.66
CA TYR E 260 13.12 -3.32 -11.44
C TYR E 260 11.60 -3.41 -11.40
N GLU E 261 10.94 -2.31 -11.71
CA GLU E 261 9.48 -2.26 -11.72
C GLU E 261 8.91 -3.30 -12.67
N GLY E 262 9.59 -3.50 -13.80
CA GLY E 262 9.15 -4.47 -14.77
C GLY E 262 9.31 -5.88 -14.22
N TYR E 263 10.41 -6.13 -13.52
CA TYR E 263 10.62 -7.46 -12.95
C TYR E 263 9.54 -7.78 -11.92
N ARG E 264 9.15 -6.79 -11.13
CA ARG E 264 8.12 -6.98 -10.13
C ARG E 264 6.83 -7.43 -10.81
N GLU E 265 6.45 -6.75 -11.89
CA GLU E 265 5.25 -7.09 -12.62
C GLU E 265 5.35 -8.48 -13.28
N LEU E 266 6.49 -8.77 -13.89
CA LEU E 266 6.69 -10.06 -14.55
C LEU E 266 6.57 -11.21 -13.55
N LYS E 267 7.15 -11.03 -12.37
CA LYS E 267 7.08 -12.07 -11.34
C LYS E 267 5.63 -12.32 -10.98
N ARG E 268 4.84 -11.25 -10.91
CA ARG E 268 3.42 -11.38 -10.59
C ARG E 268 2.64 -12.10 -11.68
N ASN E 269 3.00 -11.89 -12.95
CA ASN E 269 2.30 -12.53 -14.06
C ASN E 269 2.78 -13.94 -14.39
N ALA E 270 3.87 -14.37 -13.76
CA ALA E 270 4.42 -15.69 -14.04
C ALA E 270 3.52 -16.86 -13.69
N PRO E 271 3.62 -17.96 -14.45
CA PRO E 271 2.82 -19.17 -14.21
C PRO E 271 3.14 -19.68 -12.81
N ALA E 272 2.11 -20.13 -12.09
CA ALA E 272 2.30 -20.65 -10.74
C ALA E 272 3.42 -21.68 -10.74
N GLY E 273 4.35 -21.54 -9.81
CA GLY E 273 5.45 -22.49 -9.70
C GLY E 273 6.68 -22.19 -10.53
N MET E 274 6.53 -21.37 -11.56
CA MET E 274 7.64 -21.02 -12.44
C MET E 274 8.42 -19.86 -11.84
N MET E 275 9.74 -19.98 -11.82
CA MET E 275 10.57 -18.93 -11.25
C MET E 275 11.08 -17.89 -12.24
N VAL E 276 11.31 -16.67 -11.74
CA VAL E 276 11.82 -15.59 -12.55
C VAL E 276 13.15 -15.20 -11.91
N THR E 277 14.19 -15.11 -12.73
CA THR E 277 15.51 -14.79 -12.24
C THR E 277 16.20 -13.66 -13.01
N SER E 278 17.28 -13.15 -12.43
CA SER E 278 18.07 -12.09 -13.03
C SER E 278 19.20 -11.77 -12.07
N GLY E 279 20.06 -10.83 -12.45
CA GLY E 279 21.14 -10.43 -11.57
C GLY E 279 22.56 -10.43 -12.10
N GLU E 280 22.83 -11.17 -13.16
CA GLU E 280 24.19 -11.25 -13.69
C GLU E 280 24.77 -9.91 -14.15
N HIS E 281 23.92 -8.97 -14.54
CA HIS E 281 24.43 -7.68 -14.97
C HIS E 281 24.27 -6.60 -13.91
N HIS E 282 23.79 -6.99 -12.74
CA HIS E 282 23.63 -6.05 -11.63
C HIS E 282 24.91 -5.97 -10.81
N GLY E 283 25.12 -4.83 -10.15
CA GLY E 283 26.31 -4.63 -9.35
C GLY E 283 26.01 -3.82 -8.11
N THR E 284 26.83 -4.01 -7.07
CA THR E 284 26.71 -3.35 -5.77
C THR E 284 25.61 -3.99 -4.96
N LEU E 285 25.85 -4.11 -3.65
CA LEU E 285 24.89 -4.73 -2.76
C LEU E 285 23.55 -3.99 -2.79
N GLN E 286 23.59 -2.67 -2.84
CA GLN E 286 22.36 -1.87 -2.88
C GLN E 286 21.45 -2.19 -4.06
N SER E 287 22.03 -2.43 -5.24
CA SER E 287 21.23 -2.77 -6.41
C SER E 287 20.53 -4.10 -6.20
N PHE E 288 21.22 -5.03 -5.55
CA PHE E 288 20.66 -6.34 -5.29
C PHE E 288 19.56 -6.29 -4.23
N ARG E 289 19.61 -5.27 -3.38
CA ARG E 289 18.56 -5.08 -2.36
C ARG E 289 17.31 -4.69 -3.14
N THR E 290 17.49 -3.75 -4.05
CA THR E 290 16.37 -3.29 -4.88
C THR E 290 15.85 -4.45 -5.75
N LEU E 291 16.75 -5.23 -6.32
CA LEU E 291 16.34 -6.36 -7.15
C LEU E 291 15.58 -7.41 -6.32
N ALA E 292 16.10 -7.74 -5.15
CA ALA E 292 15.44 -8.73 -4.31
C ALA E 292 14.01 -8.30 -3.97
N GLU E 293 13.82 -7.02 -3.72
CA GLU E 293 12.50 -6.53 -3.37
C GLU E 293 11.46 -6.58 -4.47
N THR E 294 11.91 -6.88 -5.71
CA THR E 294 10.99 -7.00 -6.84
C THR E 294 10.22 -8.32 -6.71
N GLY E 295 10.74 -9.23 -5.90
CA GLY E 295 10.08 -10.50 -5.72
C GLY E 295 10.62 -11.66 -6.55
N ILE E 296 11.59 -11.40 -7.41
CA ILE E 296 12.15 -12.49 -8.21
C ILE E 296 12.67 -13.60 -7.30
N ASP E 297 12.61 -14.83 -7.79
CA ASP E 297 13.00 -16.00 -7.02
C ASP E 297 14.50 -16.20 -6.78
N ILE E 298 15.30 -15.98 -7.82
CA ILE E 298 16.72 -16.18 -7.69
C ILE E 298 17.55 -15.05 -8.28
N MET E 299 18.52 -14.58 -7.51
CA MET E 299 19.41 -13.53 -7.98
C MET E 299 20.67 -14.24 -8.44
N GLN E 300 21.23 -13.80 -9.57
CA GLN E 300 22.38 -14.45 -10.15
C GLN E 300 23.59 -13.59 -10.45
N PRO E 301 24.23 -13.04 -9.41
CA PRO E 301 25.40 -12.19 -9.65
C PRO E 301 26.58 -12.98 -10.17
N ASP E 302 27.40 -12.34 -11.01
CA ASP E 302 28.60 -12.97 -11.50
C ASP E 302 29.64 -12.49 -10.50
N VAL E 303 30.36 -13.40 -9.88
CA VAL E 303 31.34 -13.01 -8.88
C VAL E 303 32.35 -12.00 -9.42
N GLY E 304 32.66 -12.10 -10.71
CA GLY E 304 33.61 -11.20 -11.30
C GLY E 304 32.99 -9.90 -11.82
N TRP E 305 31.67 -9.79 -11.76
CA TRP E 305 30.99 -8.57 -12.23
C TRP E 305 30.20 -7.83 -11.16
N CYS E 306 29.71 -8.53 -10.14
CA CYS E 306 28.90 -7.91 -9.10
C CYS E 306 29.63 -7.05 -8.08
N GLY E 307 30.95 -7.19 -8.00
CA GLY E 307 31.71 -6.42 -7.03
C GLY E 307 32.80 -7.27 -6.38
N GLY E 308 32.75 -8.58 -6.65
CA GLY E 308 33.75 -9.47 -6.10
C GLY E 308 33.18 -10.45 -5.10
N LEU E 309 34.05 -11.28 -4.52
CA LEU E 309 33.63 -12.26 -3.53
C LEU E 309 33.09 -11.53 -2.29
N THR E 310 33.72 -10.42 -1.95
CA THR E 310 33.30 -9.66 -0.77
C THR E 310 31.82 -9.29 -0.92
N THR E 311 31.45 -8.84 -2.11
CA THR E 311 30.06 -8.46 -2.37
C THR E 311 29.16 -9.69 -2.46
N LEU E 312 29.62 -10.73 -3.14
CA LEU E 312 28.83 -11.95 -3.28
C LEU E 312 28.36 -12.53 -1.94
N VAL E 313 29.26 -12.58 -0.98
CA VAL E 313 28.90 -13.14 0.33
C VAL E 313 27.75 -12.31 0.95
N GLU E 314 27.80 -11.00 0.74
CA GLU E 314 26.77 -10.12 1.27
C GLU E 314 25.44 -10.37 0.56
N ILE E 315 25.50 -10.54 -0.76
CA ILE E 315 24.30 -10.79 -1.53
C ILE E 315 23.67 -12.12 -1.10
N ALA E 316 24.50 -13.11 -0.82
CA ALA E 316 24.02 -14.42 -0.38
C ALA E 316 23.20 -14.24 0.90
N ALA E 317 23.73 -13.46 1.83
CA ALA E 317 23.08 -13.21 3.12
C ALA E 317 21.74 -12.51 2.90
N LEU E 318 21.73 -11.53 2.01
CA LEU E 318 20.51 -10.79 1.68
C LEU E 318 19.43 -11.76 1.20
N ALA E 319 19.79 -12.66 0.27
CA ALA E 319 18.81 -13.61 -0.23
C ALA E 319 18.37 -14.59 0.84
N LYS E 320 19.34 -15.02 1.66
CA LYS E 320 19.05 -15.97 2.72
C LYS E 320 18.09 -15.37 3.74
N SER E 321 18.22 -14.08 4.00
CA SER E 321 17.35 -13.42 4.98
C SER E 321 15.89 -13.42 4.50
N ARG E 322 15.71 -13.47 3.18
CA ARG E 322 14.39 -13.46 2.57
C ARG E 322 13.92 -14.86 2.21
N GLY E 323 14.70 -15.86 2.62
CA GLY E 323 14.37 -17.25 2.35
C GLY E 323 14.50 -17.60 0.89
N GLN E 324 15.33 -16.85 0.18
CA GLN E 324 15.54 -17.07 -1.25
C GLN E 324 16.93 -17.61 -1.57
N LEU E 325 17.09 -18.10 -2.80
CA LEU E 325 18.35 -18.67 -3.24
C LEU E 325 19.20 -17.71 -4.06
N VAL E 326 20.50 -17.96 -4.08
CA VAL E 326 21.44 -17.18 -4.86
C VAL E 326 22.23 -18.19 -5.70
N VAL E 327 22.12 -18.07 -7.02
CA VAL E 327 22.82 -18.98 -7.91
C VAL E 327 23.64 -18.14 -8.88
N PRO E 328 24.92 -17.91 -8.55
CA PRO E 328 25.86 -17.11 -9.36
C PRO E 328 25.97 -17.49 -10.83
N HIS E 329 26.34 -16.50 -11.63
CA HIS E 329 26.53 -16.67 -13.06
C HIS E 329 27.97 -17.15 -13.31
N GLY E 330 28.10 -18.34 -13.92
CA GLY E 330 29.42 -18.90 -14.23
C GLY E 330 30.46 -18.70 -13.13
N SER E 331 31.52 -17.98 -13.46
CA SER E 331 32.59 -17.64 -12.51
C SER E 331 33.58 -18.73 -12.09
N SER E 332 33.34 -19.96 -12.50
CA SER E 332 34.25 -21.06 -12.19
C SER E 332 34.60 -21.14 -10.71
N VAL E 333 35.89 -21.26 -10.39
CA VAL E 333 36.37 -21.37 -9.02
C VAL E 333 36.06 -20.17 -8.12
N TYR E 334 35.92 -18.99 -8.73
CA TYR E 334 35.63 -17.79 -7.95
C TYR E 334 34.25 -17.93 -7.32
N SER E 335 33.41 -18.73 -7.96
CA SER E 335 32.07 -18.99 -7.47
C SER E 335 32.09 -20.26 -6.62
N HIS E 336 32.82 -21.27 -7.09
CA HIS E 336 32.91 -22.54 -6.38
C HIS E 336 33.30 -22.41 -4.91
N HIS E 337 34.37 -21.68 -4.63
CA HIS E 337 34.82 -21.50 -3.26
C HIS E 337 33.81 -20.77 -2.37
N ALA E 338 32.93 -20.00 -2.99
CA ALA E 338 31.92 -19.27 -2.22
C ALA E 338 30.65 -20.08 -2.05
N VAL E 339 30.05 -20.49 -3.16
CA VAL E 339 28.80 -21.22 -3.13
C VAL E 339 28.81 -22.55 -2.40
N ILE E 340 29.98 -23.16 -2.28
CA ILE E 340 30.03 -24.44 -1.57
C ILE E 340 29.81 -24.20 -0.08
N THR E 341 29.88 -22.94 0.32
CA THR E 341 29.69 -22.56 1.72
C THR E 341 28.32 -21.92 1.98
N PHE E 342 27.51 -21.73 0.93
CA PHE E 342 26.20 -21.11 1.07
C PHE E 342 25.08 -22.14 1.18
N THR E 343 24.34 -22.11 2.28
CA THR E 343 23.24 -23.05 2.44
C THR E 343 22.18 -22.77 1.37
N ASN E 344 22.14 -21.54 0.87
CA ASN E 344 21.13 -21.19 -0.12
C ASN E 344 21.57 -21.16 -1.58
N THR E 345 22.58 -21.97 -1.92
CA THR E 345 23.05 -22.11 -3.31
C THR E 345 23.15 -23.63 -3.46
N PRO E 346 22.00 -24.31 -3.53
CA PRO E 346 21.98 -25.77 -3.67
C PRO E 346 22.49 -26.33 -5.00
N PHE E 347 22.74 -25.46 -5.95
CA PHE E 347 23.27 -25.88 -7.24
C PHE E 347 23.95 -24.70 -7.93
N SER E 348 24.82 -24.99 -8.88
CA SER E 348 25.56 -23.93 -9.58
C SER E 348 25.43 -24.01 -11.10
N GLU E 349 26.02 -23.05 -11.78
CA GLU E 349 25.96 -23.00 -13.23
C GLU E 349 27.30 -23.30 -13.90
N PHE E 350 27.22 -24.00 -15.03
CA PHE E 350 28.40 -24.29 -15.83
C PHE E 350 28.04 -23.81 -17.23
N LEU E 351 28.64 -22.71 -17.65
CA LEU E 351 28.36 -22.15 -18.97
C LEU E 351 29.31 -22.80 -19.98
N MET E 352 28.73 -23.48 -20.96
CA MET E 352 29.50 -24.19 -21.99
C MET E 352 30.37 -23.28 -22.86
N THR E 353 31.68 -23.49 -22.81
CA THR E 353 32.59 -22.71 -23.64
C THR E 353 32.95 -23.56 -24.85
N SER E 354 32.36 -24.75 -24.91
CA SER E 354 32.54 -25.70 -26.01
C SER E 354 31.63 -25.24 -27.13
N PRO E 355 32.20 -24.94 -28.31
CA PRO E 355 31.42 -24.48 -29.47
C PRO E 355 30.10 -25.22 -29.72
N ASP E 356 30.10 -26.53 -29.54
CA ASP E 356 28.89 -27.31 -29.78
C ASP E 356 28.30 -27.94 -28.52
N CYS E 357 28.80 -27.54 -27.36
CA CYS E 357 28.30 -28.06 -26.08
C CYS E 357 28.38 -29.57 -26.00
N SER E 358 29.44 -30.14 -26.56
CA SER E 358 29.62 -31.59 -26.56
C SER E 358 30.71 -32.03 -25.59
N THR E 359 31.54 -31.10 -25.16
CA THR E 359 32.63 -31.43 -24.24
C THR E 359 32.67 -30.52 -23.02
N LEU E 360 33.55 -30.86 -22.08
CA LEU E 360 33.70 -30.09 -20.85
C LEU E 360 34.89 -29.13 -20.91
N ARG E 361 34.91 -28.26 -21.90
CA ARG E 361 35.98 -27.28 -22.02
C ARG E 361 35.89 -26.40 -20.77
N PRO E 362 37.02 -26.13 -20.10
CA PRO E 362 37.05 -25.29 -18.90
C PRO E 362 36.29 -23.97 -19.04
N GLN E 363 35.66 -23.54 -17.96
CA GLN E 363 34.86 -22.31 -17.93
C GLN E 363 35.63 -21.08 -18.43
N PHE E 364 36.89 -20.96 -18.02
CA PHE E 364 37.72 -19.82 -18.42
C PHE E 364 38.89 -20.25 -19.32
N ASP E 365 38.73 -21.36 -20.02
CA ASP E 365 39.80 -21.82 -20.90
C ASP E 365 40.24 -20.66 -21.80
N PRO E 366 41.55 -20.47 -21.95
CA PRO E 366 42.64 -21.25 -21.36
C PRO E 366 43.48 -20.43 -20.39
N ILE E 367 42.95 -19.30 -19.93
CA ILE E 367 43.69 -18.43 -19.03
C ILE E 367 44.03 -19.04 -17.68
N LEU E 368 43.27 -20.05 -17.27
CA LEU E 368 43.49 -20.69 -15.97
C LEU E 368 44.11 -22.09 -16.07
N LEU E 369 45.27 -22.25 -15.43
CA LEU E 369 45.96 -23.53 -15.42
C LEU E 369 45.38 -24.43 -14.32
N ASP E 370 45.05 -25.66 -14.71
CA ASP E 370 44.50 -26.65 -13.79
C ASP E 370 43.11 -26.25 -13.30
N GLU E 371 42.33 -25.62 -14.17
CA GLU E 371 40.99 -25.21 -13.82
C GLU E 371 40.10 -26.43 -13.75
N PRO E 372 39.50 -26.71 -12.59
CA PRO E 372 38.64 -27.88 -12.51
C PRO E 372 37.36 -27.76 -13.32
N VAL E 373 36.86 -28.90 -13.78
CA VAL E 373 35.62 -28.95 -14.53
C VAL E 373 34.77 -30.03 -13.89
N PRO E 374 33.44 -29.97 -14.08
CA PRO E 374 32.54 -30.96 -13.51
C PRO E 374 32.79 -32.40 -13.97
N VAL E 375 32.75 -33.33 -13.02
CA VAL E 375 32.91 -34.75 -13.30
C VAL E 375 31.54 -35.32 -12.98
N ASN E 376 30.87 -35.89 -13.98
CA ASN E 376 29.54 -36.42 -13.80
C ASN E 376 28.62 -35.29 -13.32
N GLY E 377 28.86 -34.09 -13.84
CA GLY E 377 28.06 -32.92 -13.48
C GLY E 377 28.23 -32.41 -12.07
N ARG E 378 29.36 -32.74 -11.45
CA ARG E 378 29.60 -32.32 -10.07
C ARG E 378 31.09 -32.06 -9.82
N ILE E 379 31.36 -31.22 -8.83
CA ILE E 379 32.72 -30.93 -8.42
C ILE E 379 32.80 -31.20 -6.93
N HIS E 380 33.53 -32.25 -6.56
CA HIS E 380 33.66 -32.61 -5.15
C HIS E 380 34.52 -31.58 -4.45
N LYS E 381 34.22 -31.31 -3.18
CA LYS E 381 34.98 -30.30 -2.44
C LYS E 381 36.47 -30.59 -2.33
N SER E 382 36.85 -31.86 -2.38
CA SER E 382 38.27 -32.21 -2.29
C SER E 382 39.03 -31.61 -3.47
N VAL E 383 38.31 -31.37 -4.57
CA VAL E 383 38.92 -30.79 -5.77
C VAL E 383 39.33 -29.34 -5.50
N LEU E 384 38.72 -28.72 -4.50
CA LEU E 384 39.02 -27.33 -4.16
C LEU E 384 40.05 -27.20 -3.03
N ASP E 385 40.60 -28.31 -2.56
CA ASP E 385 41.58 -28.26 -1.49
C ASP E 385 42.97 -27.80 -1.92
N LYS E 386 43.05 -26.54 -2.32
CA LYS E 386 44.28 -25.92 -2.76
C LYS E 386 44.25 -24.48 -2.27
N PRO E 387 45.42 -23.85 -2.08
CA PRO E 387 45.51 -22.46 -1.61
C PRO E 387 44.72 -21.48 -2.48
N GLY E 388 44.12 -20.48 -1.84
CA GLY E 388 43.34 -19.48 -2.56
C GLY E 388 42.23 -20.11 -3.39
N PHE E 389 42.15 -19.72 -4.65
CA PHE E 389 41.13 -20.26 -5.55
C PHE E 389 41.67 -21.49 -6.27
N GLY E 390 42.86 -21.92 -5.86
CA GLY E 390 43.48 -23.13 -6.41
C GLY E 390 43.92 -23.23 -7.85
N VAL E 391 44.19 -22.11 -8.50
CA VAL E 391 44.65 -22.15 -9.89
C VAL E 391 45.86 -21.25 -10.10
N GLU E 392 46.45 -21.36 -11.28
CA GLU E 392 47.61 -20.56 -11.65
C GLU E 392 47.35 -19.90 -13.00
N LEU E 393 47.97 -18.75 -13.20
CA LEU E 393 47.82 -18.00 -14.44
C LEU E 393 48.59 -18.64 -15.59
N ASN E 394 47.91 -18.85 -16.71
CA ASN E 394 48.56 -19.43 -17.89
C ASN E 394 49.34 -18.33 -18.60
N ARG E 395 50.61 -18.18 -18.25
CA ARG E 395 51.43 -17.15 -18.87
C ARG E 395 51.80 -17.43 -20.32
N ASP E 396 51.41 -18.59 -20.83
CA ASP E 396 51.69 -18.92 -22.22
C ASP E 396 50.77 -18.06 -23.07
N CYS E 397 49.61 -17.71 -22.52
CA CYS E 397 48.68 -16.86 -23.24
C CYS E 397 49.44 -15.56 -23.49
N HIS E 398 49.06 -14.84 -24.53
CA HIS E 398 49.76 -13.60 -24.85
C HIS E 398 49.21 -12.38 -24.12
N LEU E 399 49.65 -12.22 -22.87
CA LEU E 399 49.21 -11.11 -22.03
C LEU E 399 49.89 -9.79 -22.41
N LYS E 400 49.11 -8.72 -22.42
CA LYS E 400 49.61 -7.39 -22.75
C LYS E 400 49.53 -6.48 -21.53
N ARG E 401 50.53 -5.60 -21.40
CA ARG E 401 50.60 -4.66 -20.29
C ARG E 401 50.54 -3.23 -20.85
N PRO E 402 49.34 -2.71 -21.13
CA PRO E 402 49.16 -1.36 -21.67
C PRO E 402 49.51 -0.20 -20.75
N TYR E 403 49.51 -0.45 -19.44
CA TYR E 403 49.82 0.60 -18.47
C TYR E 403 50.71 0.08 -17.35
N SER E 404 51.45 1.01 -16.74
CA SER E 404 52.33 0.68 -15.61
C SER E 404 52.35 1.91 -14.71
N HIS E 405 52.88 1.74 -13.50
CA HIS E 405 52.97 2.84 -12.56
C HIS E 405 54.18 2.68 -11.64
N MET F 1 5.41 20.63 -53.06
CA MET F 1 6.32 21.72 -52.60
C MET F 1 7.77 21.42 -52.90
N GLU F 2 8.65 22.27 -52.37
CA GLU F 2 10.09 22.15 -52.58
C GLU F 2 10.70 20.82 -52.12
N ASN F 3 11.84 20.48 -52.70
CA ASN F 3 12.55 19.27 -52.34
C ASN F 3 13.23 19.58 -51.02
N ILE F 4 13.36 18.58 -50.16
CA ILE F 4 13.98 18.79 -48.87
C ILE F 4 15.47 19.07 -48.97
N MET F 5 16.01 19.62 -47.90
CA MET F 5 17.43 19.92 -47.79
C MET F 5 18.13 18.57 -47.89
N THR F 6 19.31 18.53 -48.51
CA THR F 6 20.03 17.27 -48.62
C THR F 6 21.07 17.19 -47.51
N LEU F 7 21.14 16.03 -46.85
CA LEU F 7 22.07 15.85 -45.74
C LEU F 7 23.17 14.84 -46.07
N PRO F 8 24.41 15.14 -45.64
CA PRO F 8 25.54 14.24 -45.89
C PRO F 8 25.53 13.08 -44.90
N LYS F 9 26.25 12.01 -45.24
CA LYS F 9 26.34 10.86 -44.36
C LYS F 9 27.51 11.09 -43.42
N ILE F 10 27.54 10.33 -42.32
CA ILE F 10 28.62 10.46 -41.37
C ILE F 10 29.79 9.65 -41.90
N LYS F 11 30.96 10.27 -41.96
CA LYS F 11 32.15 9.61 -42.49
C LYS F 11 33.05 9.04 -41.40
N HIS F 12 33.46 9.89 -40.47
CA HIS F 12 34.35 9.47 -39.39
C HIS F 12 33.87 9.93 -38.02
N VAL F 13 34.45 9.32 -37.00
CA VAL F 13 34.20 9.68 -35.62
C VAL F 13 35.53 9.40 -34.94
N ARG F 14 36.07 10.41 -34.29
CA ARG F 14 37.36 10.29 -33.61
C ARG F 14 37.23 10.79 -32.19
N ALA F 15 38.13 10.36 -31.32
CA ALA F 15 38.09 10.77 -29.92
C ALA F 15 39.46 11.12 -29.36
N TRP F 16 39.52 12.26 -28.67
CA TRP F 16 40.74 12.75 -28.04
C TRP F 16 40.46 12.90 -26.55
N PHE F 17 41.49 13.23 -25.80
CA PHE F 17 41.34 13.45 -24.37
C PHE F 17 42.45 14.39 -23.94
N ILE F 18 42.22 15.09 -22.83
CA ILE F 18 43.20 15.99 -22.24
C ILE F 18 43.03 15.78 -20.74
N GLY F 19 44.09 16.01 -19.98
CA GLY F 19 44.01 15.80 -18.55
C GLY F 19 43.94 14.33 -18.22
N GLY F 20 43.60 14.00 -16.98
CA GLY F 20 43.52 12.61 -16.60
C GLY F 20 44.86 12.05 -16.17
N ALA F 21 44.83 10.83 -15.65
CA ALA F 21 46.02 10.16 -15.15
C ALA F 21 47.12 9.89 -16.17
N THR F 22 46.77 9.95 -17.46
CA THR F 22 47.77 9.71 -18.52
C THR F 22 48.14 10.96 -19.31
N ALA F 23 47.75 12.12 -18.79
CA ALA F 23 48.05 13.39 -19.44
C ALA F 23 48.41 14.41 -18.37
N GLU F 24 48.18 15.69 -18.66
CA GLU F 24 48.51 16.75 -17.72
C GLU F 24 47.43 17.05 -16.68
N LYS F 25 47.78 16.91 -15.40
CA LYS F 25 46.85 17.17 -14.30
C LYS F 25 46.44 18.64 -14.24
N GLY F 26 45.16 18.90 -14.01
CA GLY F 26 44.66 20.25 -13.92
C GLY F 26 44.27 20.84 -15.27
N ALA F 27 44.02 19.98 -16.24
CA ALA F 27 43.67 20.40 -17.59
C ALA F 27 42.30 21.07 -17.70
N GLY F 28 41.45 20.88 -16.69
CA GLY F 28 40.13 21.48 -16.73
C GLY F 28 39.30 20.91 -17.86
N GLY F 29 38.62 21.79 -18.61
CA GLY F 29 37.82 21.32 -19.72
C GLY F 29 36.55 20.60 -19.31
N GLY F 30 36.36 19.40 -19.85
CA GLY F 30 35.16 18.62 -19.54
C GLY F 30 35.09 18.08 -18.12
N ASP F 31 36.24 17.72 -17.55
CA ASP F 31 36.27 17.19 -16.20
C ASP F 31 36.32 18.34 -15.20
N TYR F 32 35.15 18.71 -14.67
CA TYR F 32 35.04 19.81 -13.72
C TYR F 32 36.04 19.71 -12.58
N HIS F 33 36.35 18.49 -12.17
CA HIS F 33 37.27 18.27 -11.04
C HIS F 33 38.76 18.16 -11.37
N ASP F 34 39.11 18.28 -12.64
CA ASP F 34 40.51 18.19 -13.02
C ASP F 34 41.13 19.58 -12.93
N GLN F 35 41.26 20.05 -11.69
CA GLN F 35 41.81 21.37 -11.41
C GLN F 35 43.20 21.31 -10.80
N GLY F 36 43.77 22.48 -10.57
CA GLY F 36 45.08 22.56 -9.94
C GLY F 36 44.92 22.66 -8.44
N GLY F 37 45.88 23.28 -7.77
CA GLY F 37 45.80 23.41 -6.32
C GLY F 37 45.06 24.65 -5.84
N ASN F 38 44.80 24.70 -4.53
CA ASN F 38 44.10 25.81 -3.91
C ASN F 38 42.76 26.13 -4.56
N HIS F 39 42.07 25.10 -5.03
CA HIS F 39 40.78 25.29 -5.68
C HIS F 39 39.65 24.97 -4.70
N TRP F 40 38.60 25.78 -4.68
CA TRP F 40 37.49 25.55 -3.76
C TRP F 40 36.89 24.16 -3.97
N ILE F 41 36.85 23.73 -5.23
CA ILE F 41 36.26 22.45 -5.58
C ILE F 41 36.98 21.24 -5.00
N ASP F 42 38.11 21.47 -4.34
CA ASP F 42 38.87 20.38 -3.73
C ASP F 42 39.19 20.71 -2.27
N ASP F 43 38.52 21.72 -1.73
CA ASP F 43 38.79 22.12 -0.35
C ASP F 43 37.94 21.42 0.72
N HIS F 44 38.40 20.23 1.13
CA HIS F 44 37.74 19.47 2.18
C HIS F 44 36.24 19.29 1.93
N ILE F 45 35.89 18.84 0.72
CA ILE F 45 34.51 18.59 0.33
C ILE F 45 34.14 17.19 0.82
N ALA F 46 33.01 17.08 1.51
CA ALA F 46 32.57 15.78 2.01
C ALA F 46 32.25 14.83 0.87
N THR F 47 32.69 13.58 1.00
CA THR F 47 32.44 12.56 -0.02
C THR F 47 32.35 11.21 0.68
N PRO F 48 32.08 10.15 -0.07
CA PRO F 48 31.98 8.81 0.51
C PRO F 48 33.36 8.36 1.04
N MET F 49 34.41 9.06 0.64
CA MET F 49 35.77 8.73 1.08
C MET F 49 36.33 9.63 2.16
N SER F 50 35.63 10.72 2.49
CA SER F 50 36.16 11.63 3.50
C SER F 50 36.22 11.06 4.92
N LYS F 51 35.65 9.88 5.12
CA LYS F 51 35.68 9.22 6.43
C LYS F 51 37.07 8.62 6.65
N TYR F 52 37.87 8.55 5.59
CA TYR F 52 39.24 8.03 5.68
C TYR F 52 40.18 9.23 5.80
N ARG F 53 40.99 9.25 6.84
CA ARG F 53 41.89 10.37 7.08
C ARG F 53 42.76 10.76 5.87
N ASP F 54 43.25 9.77 5.13
CA ASP F 54 44.12 10.06 3.98
C ASP F 54 43.39 10.69 2.80
N TYR F 55 42.07 10.58 2.77
CA TYR F 55 41.28 11.11 1.67
C TYR F 55 40.25 12.14 2.08
N GLU F 56 40.40 12.71 3.27
CA GLU F 56 39.46 13.69 3.78
C GLU F 56 39.64 15.11 3.25
N GLN F 57 40.88 15.56 3.16
CA GLN F 57 41.15 16.92 2.72
C GLN F 57 40.96 17.15 1.22
N SER F 58 41.36 16.18 0.42
CA SER F 58 41.31 16.33 -1.02
C SER F 58 40.62 15.23 -1.80
N ARG F 59 39.70 15.60 -2.67
CA ARG F 59 39.01 14.62 -3.50
C ARG F 59 39.99 14.15 -4.56
N GLN F 60 40.92 15.02 -4.92
CA GLN F 60 41.93 14.65 -5.92
C GLN F 60 42.76 13.47 -5.38
N SER F 61 43.02 13.47 -4.08
CA SER F 61 43.82 12.39 -3.49
C SER F 61 43.21 11.00 -3.69
N PHE F 62 41.88 10.89 -3.76
CA PHE F 62 41.30 9.56 -3.97
C PHE F 62 41.06 9.25 -5.46
N GLY F 63 41.43 10.19 -6.33
CA GLY F 63 41.28 9.98 -7.76
C GLY F 63 40.05 10.55 -8.46
N ILE F 64 39.56 11.69 -8.00
CA ILE F 64 38.38 12.28 -8.62
C ILE F 64 38.76 12.88 -9.97
N ASN F 65 40.07 13.02 -10.19
CA ASN F 65 40.60 13.61 -11.42
C ASN F 65 41.30 12.63 -12.36
N VAL F 66 41.16 11.33 -12.11
CA VAL F 66 41.83 10.33 -12.94
C VAL F 66 41.39 10.23 -14.39
N LEU F 67 40.11 10.43 -14.66
CA LEU F 67 39.60 10.30 -16.03
C LEU F 67 39.96 11.43 -16.99
N GLY F 68 39.78 12.67 -16.57
CA GLY F 68 40.08 13.77 -17.48
C GLY F 68 38.97 13.98 -18.49
N THR F 69 39.25 14.77 -19.51
CA THR F 69 38.26 15.11 -20.52
C THR F 69 38.21 14.27 -21.79
N LEU F 70 37.01 13.86 -22.18
CA LEU F 70 36.82 13.11 -23.42
C LEU F 70 36.32 14.13 -24.44
N ILE F 71 36.86 14.05 -25.66
CA ILE F 71 36.44 14.96 -26.72
C ILE F 71 36.07 14.08 -27.91
N VAL F 72 34.82 14.17 -28.35
CA VAL F 72 34.38 13.39 -29.49
C VAL F 72 34.02 14.31 -30.64
N GLU F 73 34.51 13.97 -31.84
CA GLU F 73 34.21 14.76 -33.02
C GLU F 73 33.72 13.85 -34.15
N VAL F 74 32.61 14.25 -34.76
CA VAL F 74 32.05 13.49 -35.86
C VAL F 74 32.17 14.29 -37.15
N GLU F 75 32.69 13.67 -38.20
CA GLU F 75 32.87 14.35 -39.48
C GLU F 75 31.92 13.79 -40.54
N ALA F 76 31.27 14.70 -41.26
CA ALA F 76 30.34 14.33 -42.32
C ALA F 76 31.11 14.20 -43.63
N GLU F 77 30.47 13.58 -44.62
CA GLU F 77 31.09 13.40 -45.93
C GLU F 77 31.45 14.72 -46.61
N ASN F 78 30.86 15.81 -46.13
CA ASN F 78 31.13 17.13 -46.71
C ASN F 78 32.15 17.93 -45.90
N ARG F 79 32.90 17.24 -45.05
CA ARG F 79 33.93 17.84 -44.22
C ARG F 79 33.39 18.64 -43.03
N GLN F 80 32.08 18.79 -42.96
CA GLN F 80 31.45 19.51 -41.86
C GLN F 80 31.66 18.66 -40.60
N THR F 81 31.91 19.31 -39.46
CA THR F 81 32.12 18.57 -38.21
C THR F 81 31.26 19.08 -37.04
N GLY F 82 31.08 18.21 -36.06
CA GLY F 82 30.33 18.53 -34.86
C GLY F 82 31.08 17.83 -33.73
N PHE F 83 31.11 18.42 -32.54
CA PHE F 83 31.83 17.81 -31.44
C PHE F 83 31.19 18.10 -30.09
N ALA F 84 31.69 17.43 -29.06
CA ALA F 84 31.20 17.61 -27.71
C ALA F 84 32.26 17.11 -26.77
N VAL F 85 32.15 17.49 -25.49
CA VAL F 85 33.12 17.08 -24.49
C VAL F 85 32.40 16.55 -23.26
N SER F 86 33.07 15.64 -22.55
CA SER F 86 32.51 15.06 -21.34
C SER F 86 33.66 14.56 -20.46
N THR F 87 33.32 13.77 -19.45
CA THR F 87 34.32 13.21 -18.55
C THR F 87 34.49 11.72 -18.81
N ALA F 88 35.70 11.30 -19.18
CA ALA F 88 35.96 9.90 -19.46
C ALA F 88 37.41 9.69 -19.92
N GLY F 89 37.96 10.71 -20.58
CA GLY F 89 39.35 10.62 -21.03
C GLY F 89 39.69 9.45 -21.96
N GLU F 90 40.86 8.87 -21.75
CA GLU F 90 41.36 7.77 -22.57
C GLU F 90 40.45 6.55 -22.73
N MET F 91 39.83 6.09 -21.65
CA MET F 91 38.94 4.93 -21.77
C MET F 91 37.75 5.28 -22.65
N GLY F 92 37.32 6.54 -22.61
CA GLY F 92 36.21 6.95 -23.44
C GLY F 92 36.58 6.81 -24.91
N CYS F 93 37.83 7.14 -25.23
CA CYS F 93 38.31 7.05 -26.61
C CYS F 93 38.28 5.60 -27.10
N PHE F 94 38.56 4.65 -26.21
CA PHE F 94 38.55 3.24 -26.55
C PHE F 94 37.14 2.82 -26.95
N ILE F 95 36.17 3.16 -26.11
CA ILE F 95 34.78 2.83 -26.39
C ILE F 95 34.32 3.43 -27.72
N VAL F 96 34.68 4.68 -27.96
CA VAL F 96 34.29 5.36 -29.19
C VAL F 96 34.93 4.76 -30.44
N GLU F 97 36.25 4.68 -30.43
CA GLU F 97 37.00 4.18 -31.59
C GLU F 97 37.10 2.68 -31.76
N LYS F 98 36.88 1.92 -30.69
CA LYS F 98 36.97 0.48 -30.79
C LYS F 98 35.63 -0.23 -30.70
N HIS F 99 34.55 0.52 -30.48
CA HIS F 99 33.24 -0.11 -30.37
C HIS F 99 32.08 0.65 -31.01
N LEU F 100 31.76 1.81 -30.44
CA LEU F 100 30.63 2.59 -30.92
C LEU F 100 30.74 3.11 -32.35
N ASN F 101 31.95 3.30 -32.84
CA ASN F 101 32.13 3.80 -34.20
C ASN F 101 31.34 3.01 -35.23
N ARG F 102 31.16 1.72 -34.99
CA ARG F 102 30.44 0.87 -35.94
C ARG F 102 28.97 1.24 -36.14
N PHE F 103 28.37 1.90 -35.16
CA PHE F 103 26.98 2.29 -35.26
C PHE F 103 26.85 3.72 -35.78
N ILE F 104 27.92 4.50 -35.61
CA ILE F 104 27.95 5.91 -36.00
C ILE F 104 28.31 6.17 -37.47
N GLU F 105 29.51 5.74 -37.85
CA GLU F 105 29.99 5.95 -39.21
C GLU F 105 29.09 5.31 -40.27
N GLY F 106 28.78 6.07 -41.31
CA GLY F 106 27.93 5.55 -42.37
C GLY F 106 26.47 5.95 -42.27
N LYS F 107 26.06 6.44 -41.10
CA LYS F 107 24.69 6.85 -40.88
C LYS F 107 24.45 8.27 -41.42
N CYS F 108 23.19 8.65 -41.53
CA CYS F 108 22.84 10.00 -41.97
C CYS F 108 23.07 10.88 -40.75
N VAL F 109 23.45 12.13 -40.95
CA VAL F 109 23.67 13.03 -39.82
C VAL F 109 22.41 13.21 -38.98
N SER F 110 21.26 12.86 -39.54
CA SER F 110 19.99 12.99 -38.82
C SER F 110 19.57 11.73 -38.07
N ASP F 111 20.35 10.66 -38.20
CA ASP F 111 20.04 9.39 -37.52
C ASP F 111 20.48 9.40 -36.07
N ILE F 112 20.24 10.52 -35.38
CA ILE F 112 20.66 10.64 -33.99
C ILE F 112 19.99 9.65 -33.03
N LYS F 113 18.67 9.61 -33.02
CA LYS F 113 17.96 8.70 -32.13
C LYS F 113 18.29 7.24 -32.40
N LEU F 114 18.48 6.90 -33.68
CA LEU F 114 18.83 5.53 -34.05
C LEU F 114 20.17 5.15 -33.48
N ILE F 115 21.18 5.98 -33.72
CA ILE F 115 22.52 5.71 -33.20
C ILE F 115 22.48 5.60 -31.67
N HIS F 116 21.74 6.51 -31.06
CA HIS F 116 21.61 6.52 -29.60
C HIS F 116 21.13 5.17 -29.08
N ASP F 117 20.03 4.67 -29.65
CA ASP F 117 19.48 3.38 -29.23
C ASP F 117 20.49 2.26 -29.43
N GLN F 118 21.24 2.31 -30.52
CA GLN F 118 22.20 1.27 -30.80
C GLN F 118 23.37 1.29 -29.81
N MET F 119 23.79 2.49 -29.43
CA MET F 119 24.89 2.59 -28.46
C MET F 119 24.43 2.01 -27.13
N LEU F 120 23.22 2.37 -26.69
CA LEU F 120 22.70 1.85 -25.43
C LEU F 120 22.55 0.33 -25.46
N GLY F 121 21.92 -0.16 -26.52
CA GLY F 121 21.72 -1.60 -26.64
C GLY F 121 23.00 -2.41 -26.72
N ALA F 122 23.95 -1.92 -27.52
CA ALA F 122 25.22 -2.60 -27.71
C ALA F 122 26.14 -2.62 -26.49
N THR F 123 25.97 -1.66 -25.59
CA THR F 123 26.83 -1.59 -24.41
C THR F 123 26.09 -1.93 -23.11
N MET F 124 24.85 -2.39 -23.22
CA MET F 124 24.08 -2.72 -22.02
C MET F 124 24.79 -3.70 -21.10
N TYR F 125 25.55 -4.63 -21.69
CA TYR F 125 26.25 -5.64 -20.90
C TYR F 125 27.47 -5.15 -20.11
N TYR F 126 27.88 -3.90 -20.31
CA TYR F 126 29.02 -3.42 -19.54
C TYR F 126 28.93 -1.94 -19.12
N SER F 127 27.81 -1.30 -19.45
CA SER F 127 27.65 0.12 -19.13
C SER F 127 27.22 0.43 -17.69
N GLY F 128 26.61 -0.55 -17.02
CA GLY F 128 26.15 -0.32 -15.66
C GLY F 128 25.12 0.79 -15.56
N SER F 129 24.42 1.06 -16.66
CA SER F 129 23.38 2.09 -16.70
C SER F 129 23.79 3.49 -16.22
N GLY F 130 25.09 3.79 -16.25
CA GLY F 130 25.56 5.10 -15.82
C GLY F 130 27.07 5.13 -15.69
N GLY F 131 27.61 6.28 -15.30
CA GLY F 131 29.04 6.39 -15.13
C GLY F 131 29.84 6.49 -16.43
N LEU F 132 31.13 6.13 -16.33
CA LEU F 132 32.07 6.17 -17.45
C LEU F 132 31.55 5.86 -18.84
N VAL F 133 30.93 4.69 -18.99
CA VAL F 133 30.40 4.28 -20.28
C VAL F 133 29.24 5.16 -20.74
N MET F 134 28.39 5.56 -19.81
CA MET F 134 27.26 6.41 -20.18
C MET F 134 27.76 7.79 -20.53
N ASN F 135 28.84 8.24 -19.88
CA ASN F 135 29.42 9.55 -20.16
C ASN F 135 29.94 9.57 -21.59
N THR F 136 30.45 8.43 -22.04
CA THR F 136 30.98 8.32 -23.39
C THR F 136 29.84 8.34 -24.40
N ILE F 137 28.78 7.59 -24.12
CA ILE F 137 27.62 7.55 -25.00
C ILE F 137 27.01 8.95 -25.14
N SER F 138 26.93 9.65 -24.01
CA SER F 138 26.40 11.01 -23.96
C SER F 138 27.22 11.97 -24.80
N CYS F 139 28.54 11.83 -24.74
CA CYS F 139 29.42 12.71 -25.49
C CYS F 139 29.20 12.53 -26.98
N VAL F 140 28.99 11.28 -27.40
CA VAL F 140 28.76 10.99 -28.80
C VAL F 140 27.42 11.59 -29.24
N ASP F 141 26.38 11.41 -28.43
CA ASP F 141 25.06 11.94 -28.74
C ASP F 141 25.12 13.45 -28.93
N LEU F 142 25.83 14.15 -28.05
CA LEU F 142 25.97 15.60 -28.11
C LEU F 142 26.75 16.03 -29.35
N ALA F 143 27.81 15.31 -29.68
CA ALA F 143 28.60 15.62 -30.87
C ALA F 143 27.71 15.47 -32.10
N LEU F 144 26.85 14.47 -32.10
CA LEU F 144 25.94 14.24 -33.22
C LEU F 144 24.94 15.39 -33.36
N TRP F 145 24.36 15.84 -32.24
CA TRP F 145 23.41 16.93 -32.28
C TRP F 145 24.13 18.20 -32.76
N ASP F 146 25.38 18.35 -32.36
CA ASP F 146 26.17 19.51 -32.74
C ASP F 146 26.39 19.51 -34.24
N LEU F 147 26.72 18.33 -34.78
CA LEU F 147 26.96 18.18 -36.21
C LEU F 147 25.69 18.46 -36.99
N PHE F 148 24.58 17.86 -36.57
CA PHE F 148 23.31 18.03 -37.25
C PHE F 148 22.92 19.50 -37.31
N GLY F 149 23.10 20.21 -36.19
CA GLY F 149 22.75 21.62 -36.14
C GLY F 149 23.64 22.46 -37.04
N LYS F 150 24.92 22.12 -37.09
CA LYS F 150 25.86 22.87 -37.91
C LYS F 150 25.65 22.59 -39.39
N VAL F 151 25.19 21.39 -39.72
CA VAL F 151 24.92 21.06 -41.12
C VAL F 151 23.66 21.81 -41.54
N VAL F 152 22.63 21.75 -40.69
CA VAL F 152 21.37 22.42 -40.96
C VAL F 152 21.50 23.94 -40.90
N GLY F 153 22.37 24.43 -40.02
CA GLY F 153 22.57 25.86 -39.88
C GLY F 153 21.67 26.50 -38.83
N LEU F 154 21.31 25.72 -37.82
CA LEU F 154 20.44 26.22 -36.76
C LEU F 154 20.96 25.87 -35.39
N PRO F 155 20.60 26.67 -34.36
CA PRO F 155 21.04 26.39 -33.01
C PRO F 155 20.28 25.15 -32.57
N VAL F 156 20.85 24.36 -31.68
CA VAL F 156 20.14 23.18 -31.20
C VAL F 156 18.81 23.59 -30.53
N TYR F 157 18.83 24.69 -29.79
CA TYR F 157 17.61 25.11 -29.10
C TYR F 157 16.46 25.37 -30.06
N LYS F 158 16.76 25.78 -31.29
CA LYS F 158 15.69 26.01 -32.25
C LYS F 158 15.22 24.69 -32.87
N LEU F 159 16.15 23.77 -33.10
CA LEU F 159 15.77 22.48 -33.67
C LEU F 159 14.81 21.76 -32.72
N LEU F 160 15.05 21.93 -31.42
CA LEU F 160 14.25 21.30 -30.38
C LEU F 160 12.82 21.79 -30.22
N GLY F 161 12.53 22.97 -30.74
CA GLY F 161 11.18 23.50 -30.60
C GLY F 161 11.17 24.92 -30.10
N GLY F 162 12.35 25.54 -30.05
CA GLY F 162 12.44 26.92 -29.62
C GLY F 162 12.51 27.19 -28.13
N ALA F 163 12.97 28.39 -27.80
CA ALA F 163 13.08 28.81 -26.40
C ALA F 163 11.70 29.09 -25.84
N VAL F 164 11.52 28.81 -24.55
CA VAL F 164 10.24 29.08 -23.90
C VAL F 164 10.43 30.22 -22.90
N ARG F 165 11.61 30.83 -22.95
CA ARG F 165 11.96 31.96 -22.09
C ARG F 165 13.02 32.75 -22.86
N ASP F 166 13.08 34.07 -22.66
CA ASP F 166 14.07 34.88 -23.38
C ASP F 166 15.50 34.79 -22.84
N GLU F 167 15.63 34.35 -21.59
CA GLU F 167 16.95 34.23 -20.98
C GLU F 167 16.97 33.12 -19.95
N ILE F 168 18.16 32.61 -19.68
CA ILE F 168 18.35 31.56 -18.68
C ILE F 168 18.91 32.23 -17.44
N GLN F 169 18.25 32.05 -16.30
CA GLN F 169 18.73 32.63 -15.05
C GLN F 169 19.47 31.52 -14.32
N PHE F 170 20.60 31.86 -13.72
CA PHE F 170 21.46 30.90 -13.03
C PHE F 170 21.70 31.11 -11.54
N TYR F 171 21.97 30.00 -10.85
CA TYR F 171 22.36 30.05 -9.45
C TYR F 171 23.83 29.61 -9.59
N ALA F 172 24.68 29.95 -8.63
CA ALA F 172 26.08 29.59 -8.73
C ALA F 172 26.52 28.59 -7.68
N THR F 173 27.31 27.60 -8.10
CA THR F 173 27.79 26.58 -7.18
C THR F 173 29.25 26.87 -6.88
N GLY F 174 29.55 26.99 -5.59
CA GLY F 174 30.90 27.28 -5.14
C GLY F 174 30.89 27.71 -3.68
N ALA F 175 32.06 28.09 -3.17
CA ALA F 175 32.22 28.50 -1.78
C ALA F 175 31.87 29.95 -1.45
N ARG F 176 31.50 30.74 -2.45
CA ARG F 176 31.17 32.15 -2.20
C ARG F 176 29.80 32.64 -2.69
N PRO F 177 28.71 32.19 -2.03
CA PRO F 177 27.37 32.62 -2.45
C PRO F 177 27.27 34.14 -2.42
N ASP F 178 27.98 34.76 -1.47
CA ASP F 178 27.97 36.21 -1.35
C ASP F 178 28.54 36.92 -2.58
N LEU F 179 29.64 36.41 -3.13
CA LEU F 179 30.21 37.02 -4.33
C LEU F 179 29.30 36.74 -5.52
N ALA F 180 28.69 35.56 -5.53
CA ALA F 180 27.76 35.19 -6.59
C ALA F 180 26.58 36.15 -6.66
N LYS F 181 26.10 36.57 -5.49
CA LYS F 181 24.97 37.50 -5.42
C LYS F 181 25.37 38.82 -6.07
N GLU F 182 26.62 39.21 -5.81
CA GLU F 182 27.20 40.44 -6.33
C GLU F 182 27.24 40.39 -7.86
N MET F 183 27.55 39.21 -8.39
CA MET F 183 27.63 39.01 -9.83
C MET F 183 26.27 38.91 -10.52
N GLY F 184 25.19 38.87 -9.74
CA GLY F 184 23.88 38.80 -10.33
C GLY F 184 23.17 37.45 -10.32
N PHE F 185 23.80 36.43 -9.75
CA PHE F 185 23.18 35.11 -9.69
C PHE F 185 21.97 35.16 -8.75
N ILE F 186 21.04 34.22 -8.92
CA ILE F 186 19.83 34.16 -8.12
C ILE F 186 19.97 33.33 -6.83
N GLY F 187 21.08 32.62 -6.70
CA GLY F 187 21.28 31.81 -5.52
C GLY F 187 22.68 31.23 -5.51
N GLY F 188 23.05 30.59 -4.41
CA GLY F 188 24.36 30.00 -4.30
C GLY F 188 24.29 28.65 -3.61
N LYS F 189 24.87 27.64 -4.24
CA LYS F 189 24.89 26.29 -3.69
C LYS F 189 26.29 26.03 -3.17
N MET F 190 26.38 25.66 -1.89
CA MET F 190 27.67 25.39 -1.27
C MET F 190 27.85 23.90 -1.01
N PRO F 191 29.09 23.43 -1.02
CA PRO F 191 29.35 22.02 -0.78
C PRO F 191 29.44 21.82 0.73
N THR F 192 29.06 20.65 1.21
CA THR F 192 29.19 20.39 2.65
C THR F 192 30.65 20.00 2.82
N HIS F 193 31.20 20.26 4.00
CA HIS F 193 32.61 19.94 4.26
C HIS F 193 32.76 18.83 5.28
N TRP F 194 31.68 18.47 5.96
CA TRP F 194 31.74 17.42 6.97
C TRP F 194 30.74 16.30 6.67
N GLY F 195 30.98 15.13 7.23
CA GLY F 195 30.11 13.98 6.99
C GLY F 195 29.62 13.28 8.24
N PRO F 196 28.93 12.12 8.07
CA PRO F 196 28.39 11.34 9.18
C PRO F 196 29.38 11.06 10.31
N HIS F 197 30.64 10.78 9.95
CA HIS F 197 31.67 10.50 10.93
C HIS F 197 32.02 11.70 11.79
N ASP F 198 31.59 12.89 11.37
CA ASP F 198 31.83 14.12 12.11
C ASP F 198 30.68 14.43 13.06
N GLY F 199 29.59 13.69 12.88
CA GLY F 199 28.42 13.84 13.74
C GLY F 199 27.85 15.22 13.95
N ASP F 200 27.43 15.49 15.18
CA ASP F 200 26.83 16.78 15.54
C ASP F 200 27.73 17.97 15.29
N ALA F 201 29.04 17.82 15.50
CA ALA F 201 29.96 18.93 15.25
C ALA F 201 29.95 19.25 13.76
N GLY F 202 29.85 18.21 12.94
CA GLY F 202 29.82 18.40 11.50
C GLY F 202 28.57 19.15 11.07
N ILE F 203 27.43 18.73 11.61
CA ILE F 203 26.18 19.38 11.30
C ILE F 203 26.23 20.85 11.71
N ARG F 204 26.77 21.10 12.90
CA ARG F 204 26.86 22.46 13.39
C ARG F 204 27.70 23.35 12.48
N LYS F 205 28.84 22.83 12.03
CA LYS F 205 29.73 23.58 11.15
C LYS F 205 29.13 23.91 9.79
N ASP F 206 28.54 22.92 9.11
CA ASP F 206 27.96 23.20 7.81
C ASP F 206 26.70 24.06 7.95
N ALA F 207 25.97 23.90 9.05
CA ALA F 207 24.78 24.71 9.27
C ALA F 207 25.19 26.16 9.52
N ALA F 208 26.30 26.35 10.22
CA ALA F 208 26.79 27.69 10.51
C ALA F 208 27.25 28.36 9.22
N MET F 209 27.79 27.57 8.30
CA MET F 209 28.25 28.08 7.01
C MET F 209 27.04 28.66 6.28
N VAL F 210 25.95 27.92 6.31
CA VAL F 210 24.71 28.36 5.67
C VAL F 210 24.16 29.62 6.34
N ALA F 211 24.10 29.60 7.66
CA ALA F 211 23.59 30.73 8.44
C ALA F 211 24.37 32.01 8.11
N ASP F 212 25.68 31.87 8.01
CA ASP F 212 26.55 33.02 7.72
C ASP F 212 26.22 33.60 6.34
N MET F 213 26.07 32.74 5.34
CA MET F 213 25.76 33.21 4.00
C MET F 213 24.34 33.77 3.93
N ARG F 214 23.44 33.27 4.77
CA ARG F 214 22.08 33.79 4.76
C ARG F 214 22.10 35.24 5.24
N GLU F 215 22.90 35.52 6.25
CA GLU F 215 22.99 36.88 6.77
C GLU F 215 23.64 37.81 5.75
N LYS F 216 24.66 37.31 5.06
CA LYS F 216 25.36 38.11 4.07
C LYS F 216 24.57 38.30 2.78
N CYS F 217 23.76 37.30 2.42
CA CYS F 217 23.00 37.37 1.17
C CYS F 217 21.55 37.85 1.23
N GLY F 218 20.98 37.95 2.43
CA GLY F 218 19.61 38.40 2.50
C GLY F 218 18.67 37.21 2.35
N PRO F 219 17.35 37.42 2.52
CA PRO F 219 16.30 36.40 2.43
C PRO F 219 15.85 35.84 1.08
N ASP F 220 15.97 36.60 0.01
CA ASP F 220 15.49 36.12 -1.28
C ASP F 220 16.50 35.42 -2.20
N PHE F 221 17.79 35.58 -1.90
CA PHE F 221 18.85 34.95 -2.67
C PHE F 221 18.85 33.51 -2.17
N TRP F 222 18.67 32.54 -3.06
CA TRP F 222 18.61 31.15 -2.62
C TRP F 222 19.93 30.62 -2.13
N LEU F 223 19.85 29.69 -1.18
CA LEU F 223 21.04 29.02 -0.65
C LEU F 223 20.71 27.54 -0.67
N MET F 224 21.67 26.74 -1.14
CA MET F 224 21.49 25.30 -1.25
C MET F 224 22.76 24.62 -0.78
N LEU F 225 22.64 23.33 -0.44
CA LEU F 225 23.78 22.55 -0.03
C LEU F 225 23.95 21.35 -0.93
N ASP F 226 25.19 21.11 -1.35
CA ASP F 226 25.50 19.96 -2.18
C ASP F 226 26.35 19.07 -1.28
N CYS F 227 25.97 17.80 -1.12
CA CYS F 227 26.75 16.93 -0.26
C CYS F 227 27.37 15.73 -0.96
N TRP F 228 27.36 15.78 -2.28
CA TRP F 228 28.03 14.78 -3.11
C TRP F 228 28.09 13.32 -2.63
N MET F 229 26.93 12.65 -2.53
CA MET F 229 26.81 11.25 -2.13
C MET F 229 27.45 10.84 -0.80
N SER F 230 27.81 11.82 0.01
CA SER F 230 28.54 11.59 1.26
C SER F 230 27.83 11.24 2.57
N GLN F 231 26.50 11.20 2.57
CA GLN F 231 25.78 10.95 3.81
C GLN F 231 24.93 9.68 3.84
N ASP F 232 24.14 9.55 4.90
CA ASP F 232 23.19 8.45 5.04
C ASP F 232 21.90 9.15 5.41
N VAL F 233 20.80 8.43 5.49
CA VAL F 233 19.53 9.09 5.78
C VAL F 233 19.46 9.88 7.08
N ASN F 234 19.95 9.31 8.18
CA ASN F 234 19.90 10.01 9.45
C ASN F 234 20.71 11.31 9.45
N TYR F 235 21.92 11.26 8.93
CA TYR F 235 22.75 12.46 8.93
C TYR F 235 22.13 13.54 8.05
N ALA F 236 21.65 13.16 6.87
CA ALA F 236 21.04 14.11 5.96
C ALA F 236 19.79 14.74 6.60
N THR F 237 19.03 13.93 7.33
CA THR F 237 17.82 14.43 7.98
C THR F 237 18.20 15.47 9.03
N LYS F 238 19.20 15.14 9.85
CA LYS F 238 19.65 16.09 10.88
C LYS F 238 20.17 17.39 10.26
N LEU F 239 20.97 17.28 9.22
CA LEU F 239 21.51 18.48 8.57
C LEU F 239 20.38 19.35 7.98
N ALA F 240 19.43 18.71 7.31
CA ALA F 240 18.32 19.43 6.69
C ALA F 240 17.51 20.22 7.74
N HIS F 241 17.19 19.57 8.85
CA HIS F 241 16.45 20.25 9.89
C HIS F 241 17.29 21.35 10.53
N ALA F 242 18.61 21.14 10.60
CA ALA F 242 19.51 22.13 11.16
C ALA F 242 19.56 23.40 10.31
N CYS F 243 19.37 23.25 9.00
CA CYS F 243 19.39 24.37 8.07
C CYS F 243 18.02 24.96 7.77
N ALA F 244 16.96 24.29 8.22
CA ALA F 244 15.60 24.76 7.96
C ALA F 244 15.32 26.20 8.43
N PRO F 245 15.87 26.60 9.59
CA PRO F 245 15.61 27.97 10.04
C PRO F 245 16.22 29.06 9.14
N PHE F 246 17.08 28.64 8.21
CA PHE F 246 17.74 29.60 7.31
C PHE F 246 17.16 29.51 5.91
N ASN F 247 16.04 28.80 5.80
CA ASN F 247 15.36 28.59 4.54
C ASN F 247 16.25 28.02 3.43
N LEU F 248 16.97 26.97 3.73
CA LEU F 248 17.80 26.32 2.73
C LEU F 248 16.80 25.83 1.67
N LYS F 249 17.02 26.17 0.40
CA LYS F 249 16.08 25.78 -0.64
C LYS F 249 16.03 24.30 -0.91
N TRP F 250 17.20 23.68 -0.99
CA TRP F 250 17.26 22.25 -1.21
C TRP F 250 18.58 21.67 -0.72
N ILE F 251 18.56 20.36 -0.45
CA ILE F 251 19.74 19.63 -0.01
C ILE F 251 19.90 18.57 -1.11
N GLU F 252 21.06 18.60 -1.76
CA GLU F 252 21.34 17.77 -2.92
C GLU F 252 22.28 16.57 -2.83
N GLU F 253 21.86 15.49 -3.48
CA GLU F 253 22.58 14.23 -3.57
C GLU F 253 23.15 13.74 -2.25
N CYS F 254 22.31 13.62 -1.24
CA CYS F 254 22.79 13.17 0.07
C CYS F 254 23.29 11.76 0.06
N LEU F 255 22.74 10.95 -0.84
CA LEU F 255 23.07 9.53 -0.89
C LEU F 255 23.63 9.02 -2.21
N PRO F 256 24.38 7.91 -2.15
CA PRO F 256 24.94 7.32 -3.37
C PRO F 256 23.73 7.05 -4.27
N PRO F 257 23.92 7.07 -5.60
CA PRO F 257 22.84 6.85 -6.57
C PRO F 257 21.93 5.62 -6.49
N GLN F 258 22.45 4.47 -6.09
CA GLN F 258 21.64 3.25 -6.01
C GLN F 258 20.63 3.27 -4.86
N GLN F 259 20.81 4.19 -3.91
CA GLN F 259 19.94 4.23 -2.74
C GLN F 259 18.59 4.91 -2.92
N TYR F 260 17.79 4.38 -3.83
CA TYR F 260 16.46 4.92 -4.13
C TYR F 260 15.55 4.86 -2.90
N GLU F 261 15.57 3.72 -2.22
CA GLU F 261 14.75 3.54 -1.03
C GLU F 261 15.10 4.60 0.01
N GLY F 262 16.39 4.89 0.13
CA GLY F 262 16.85 5.89 1.07
C GLY F 262 16.41 7.28 0.68
N TYR F 263 16.42 7.60 -0.61
CA TYR F 263 15.96 8.92 -1.04
C TYR F 263 14.47 9.07 -0.70
N ARG F 264 13.73 7.98 -0.85
CA ARG F 264 12.30 8.00 -0.59
C ARG F 264 12.07 8.37 0.87
N GLU F 265 12.80 7.71 1.76
CA GLU F 265 12.70 7.98 3.18
C GLU F 265 13.19 9.38 3.54
N LEU F 266 14.30 9.80 2.94
CA LEU F 266 14.83 11.13 3.20
C LEU F 266 13.81 12.20 2.84
N LYS F 267 13.21 12.06 1.66
CA LYS F 267 12.20 13.02 1.21
C LYS F 267 11.05 13.08 2.21
N ARG F 268 10.68 11.91 2.75
CA ARG F 268 9.61 11.86 3.74
C ARG F 268 9.98 12.56 5.05
N ASN F 269 11.28 12.56 5.40
CA ASN F 269 11.74 13.20 6.65
C ASN F 269 12.13 14.66 6.46
N ALA F 270 12.14 15.15 5.23
CA ALA F 270 12.54 16.52 4.96
C ALA F 270 11.67 17.60 5.62
N PRO F 271 12.30 18.72 6.03
CA PRO F 271 11.53 19.79 6.66
C PRO F 271 10.50 20.30 5.64
N ALA F 272 9.33 20.71 6.12
CA ALA F 272 8.28 21.21 5.24
C ALA F 272 8.78 22.29 4.28
N GLY F 273 8.51 22.11 2.99
CA GLY F 273 8.93 23.09 2.01
C GLY F 273 10.36 22.98 1.51
N MET F 274 11.20 22.20 2.20
CA MET F 274 12.59 22.06 1.76
C MET F 274 12.67 20.94 0.72
N MET F 275 13.34 21.20 -0.39
CA MET F 275 13.43 20.19 -1.42
C MET F 275 14.62 19.26 -1.27
N VAL F 276 14.45 18.05 -1.80
CA VAL F 276 15.49 17.03 -1.78
C VAL F 276 15.76 16.76 -3.26
N THR F 277 17.03 16.80 -3.65
CA THR F 277 17.38 16.60 -5.06
C THR F 277 18.54 15.61 -5.26
N SER F 278 18.67 15.14 -6.49
CA SER F 278 19.73 14.21 -6.86
C SER F 278 19.63 13.96 -8.35
N GLY F 279 20.51 13.09 -8.86
CA GLY F 279 20.45 12.73 -10.26
C GLY F 279 21.66 12.96 -11.13
N GLU F 280 22.60 13.81 -10.71
CA GLU F 280 23.76 14.07 -11.56
C GLU F 280 24.57 12.81 -11.87
N HIS F 281 24.51 11.82 -10.99
CA HIS F 281 25.25 10.60 -11.23
C HIS F 281 24.41 9.46 -11.76
N HIS F 282 23.13 9.71 -12.02
CA HIS F 282 22.26 8.68 -12.56
C HIS F 282 22.35 8.68 -14.09
N GLY F 283 22.00 7.55 -14.69
CA GLY F 283 22.04 7.42 -16.14
C GLY F 283 20.93 6.52 -16.65
N THR F 284 20.50 6.76 -17.88
CA THR F 284 19.42 6.02 -18.55
C THR F 284 18.06 6.49 -18.08
N LEU F 285 17.14 6.60 -19.01
CA LEU F 285 15.79 7.05 -18.71
C LEU F 285 15.14 6.19 -17.63
N GLN F 286 15.36 4.87 -17.70
CA GLN F 286 14.76 3.97 -16.73
C GLN F 286 15.19 4.24 -15.29
N SER F 287 16.47 4.59 -15.09
CA SER F 287 16.94 4.89 -13.73
C SER F 287 16.25 6.15 -13.24
N PHE F 288 16.04 7.09 -14.16
CA PHE F 288 15.36 8.34 -13.77
C PHE F 288 13.89 8.11 -13.48
N ARG F 289 13.30 7.07 -14.06
CA ARG F 289 11.91 6.75 -13.78
C ARG F 289 11.86 6.31 -12.32
N THR F 290 12.83 5.49 -11.93
CA THR F 290 12.89 5.00 -10.56
C THR F 290 13.21 6.11 -9.59
N LEU F 291 14.15 6.98 -9.95
CA LEU F 291 14.51 8.10 -9.09
C LEU F 291 13.29 9.01 -8.90
N ALA F 292 12.59 9.30 -9.98
CA ALA F 292 11.41 10.16 -9.90
C ALA F 292 10.39 9.61 -8.92
N GLU F 293 10.18 8.30 -8.97
CA GLU F 293 9.20 7.67 -8.10
C GLU F 293 9.55 7.65 -6.62
N THR F 294 10.77 8.08 -6.26
CA THR F 294 11.15 8.14 -4.85
C THR F 294 10.49 9.38 -4.26
N GLY F 295 10.04 10.26 -5.14
CA GLY F 295 9.37 11.47 -4.67
C GLY F 295 10.25 12.70 -4.52
N ILE F 296 11.54 12.60 -4.83
CA ILE F 296 12.39 13.77 -4.70
C ILE F 296 11.86 14.87 -5.61
N ASP F 297 12.11 16.11 -5.21
CA ASP F 297 11.61 17.27 -5.93
C ASP F 297 12.18 17.60 -7.29
N ILE F 298 13.50 17.53 -7.40
CA ILE F 298 14.16 17.87 -8.65
C ILE F 298 15.24 16.89 -9.05
N MET F 299 15.19 16.43 -10.30
CA MET F 299 16.19 15.53 -10.82
C MET F 299 17.19 16.40 -11.55
N GLN F 300 18.47 16.13 -11.34
CA GLN F 300 19.54 16.92 -11.90
C GLN F 300 20.52 16.18 -12.79
N PRO F 301 20.05 15.60 -13.88
CA PRO F 301 20.96 14.87 -14.75
C PRO F 301 22.01 15.80 -15.36
N ASP F 302 23.19 15.27 -15.68
CA ASP F 302 24.22 16.07 -16.35
C ASP F 302 24.04 15.60 -17.79
N VAL F 303 23.94 16.55 -18.72
CA VAL F 303 23.70 16.20 -20.11
C VAL F 303 24.78 15.31 -20.71
N GLY F 304 26.02 15.49 -20.26
CA GLY F 304 27.11 14.68 -20.76
C GLY F 304 27.32 13.37 -20.00
N TRP F 305 26.47 13.10 -19.01
CA TRP F 305 26.60 11.87 -18.21
C TRP F 305 25.35 10.99 -18.16
N CYS F 306 24.18 11.59 -18.31
CA CYS F 306 22.91 10.86 -18.21
C CYS F 306 22.54 10.04 -19.44
N GLY F 307 23.22 10.31 -20.55
CA GLY F 307 22.92 9.60 -21.78
C GLY F 307 22.97 10.55 -22.96
N GLY F 308 23.04 11.84 -22.66
CA GLY F 308 23.10 12.84 -23.72
C GLY F 308 21.85 13.70 -23.85
N LEU F 309 21.84 14.58 -24.83
CA LEU F 309 20.70 15.45 -25.04
C LEU F 309 19.45 14.62 -25.30
N THR F 310 19.59 13.59 -26.13
CA THR F 310 18.48 12.71 -26.46
C THR F 310 17.79 12.16 -25.22
N THR F 311 18.59 11.81 -24.22
CA THR F 311 18.04 11.27 -22.98
C THR F 311 17.51 12.40 -22.10
N LEU F 312 18.23 13.50 -22.06
CA LEU F 312 17.82 14.65 -21.26
C LEU F 312 16.39 15.10 -21.61
N VAL F 313 16.09 15.17 -22.89
CA VAL F 313 14.76 15.59 -23.32
C VAL F 313 13.68 14.64 -22.82
N GLU F 314 14.00 13.35 -22.73
CA GLU F 314 13.04 12.38 -22.23
C GLU F 314 12.87 12.54 -20.71
N ILE F 315 13.97 12.79 -20.01
CA ILE F 315 13.91 12.98 -18.57
C ILE F 315 13.04 14.20 -18.25
N ALA F 316 13.21 15.27 -19.04
CA ALA F 316 12.44 16.49 -18.84
C ALA F 316 10.94 16.22 -18.96
N ALA F 317 10.57 15.41 -19.95
CA ALA F 317 9.16 15.06 -20.17
C ALA F 317 8.67 14.24 -18.99
N LEU F 318 9.50 13.32 -18.51
CA LEU F 318 9.15 12.48 -17.37
C LEU F 318 8.81 13.37 -16.17
N ALA F 319 9.69 14.30 -15.83
CA ALA F 319 9.45 15.18 -14.70
C ALA F 319 8.22 16.05 -14.92
N LYS F 320 8.05 16.53 -16.15
CA LYS F 320 6.92 17.38 -16.48
C LYS F 320 5.59 16.64 -16.32
N SER F 321 5.58 15.36 -16.67
CA SER F 321 4.36 14.56 -16.56
C SER F 321 3.92 14.43 -15.11
N ARG F 322 4.86 14.61 -14.19
CA ARG F 322 4.59 14.51 -12.76
C ARG F 322 4.42 15.92 -12.16
N GLY F 323 4.38 16.92 -13.04
CA GLY F 323 4.22 18.30 -12.60
C GLY F 323 5.42 18.83 -11.85
N GLN F 324 6.59 18.24 -12.11
CA GLN F 324 7.82 18.64 -11.45
C GLN F 324 8.83 19.33 -12.36
N LEU F 325 9.91 19.81 -11.74
CA LEU F 325 10.98 20.51 -12.45
C LEU F 325 12.20 19.61 -12.66
N VAL F 326 13.03 19.98 -13.64
CA VAL F 326 14.27 19.28 -13.92
C VAL F 326 15.31 20.38 -14.09
N VAL F 327 16.38 20.29 -13.31
CA VAL F 327 17.45 21.28 -13.38
C VAL F 327 18.77 20.55 -13.54
N PRO F 328 19.23 20.41 -14.78
CA PRO F 328 20.49 19.72 -15.11
C PRO F 328 21.70 20.24 -14.36
N HIS F 329 22.67 19.34 -14.18
CA HIS F 329 23.93 19.65 -13.52
C HIS F 329 24.92 20.26 -14.53
N GLY F 330 25.42 21.46 -14.23
CA GLY F 330 26.38 22.14 -15.11
C GLY F 330 26.09 21.96 -16.60
N SER F 331 27.08 21.44 -17.32
CA SER F 331 26.93 21.16 -18.76
C SER F 331 27.08 22.31 -19.77
N SER F 332 27.21 23.54 -19.31
CA SER F 332 27.38 24.68 -20.22
C SER F 332 26.41 24.67 -21.39
N VAL F 333 26.91 24.97 -22.60
CA VAL F 333 26.04 25.03 -23.77
C VAL F 333 25.20 23.77 -24.05
N TYR F 334 25.69 22.61 -23.66
CA TYR F 334 24.95 21.37 -23.87
C TYR F 334 23.65 21.34 -23.07
N SER F 335 23.63 22.07 -21.95
CA SER F 335 22.41 22.17 -21.15
C SER F 335 21.59 23.38 -21.60
N HIS F 336 22.27 24.50 -21.82
CA HIS F 336 21.61 25.74 -22.25
C HIS F 336 20.64 25.56 -23.42
N HIS F 337 21.10 24.95 -24.50
CA HIS F 337 20.25 24.74 -25.67
C HIS F 337 19.04 23.86 -25.38
N ALA F 338 19.15 22.99 -24.39
CA ALA F 338 18.03 22.13 -24.05
C ALA F 338 17.09 22.82 -23.07
N VAL F 339 17.65 23.28 -21.94
CA VAL F 339 16.84 23.88 -20.89
C VAL F 339 16.11 25.16 -21.27
N ILE F 340 16.62 25.90 -22.23
CA ILE F 340 15.93 27.13 -22.60
C ILE F 340 14.62 26.80 -23.29
N THR F 341 14.45 25.53 -23.68
CA THR F 341 13.23 25.09 -24.34
C THR F 341 12.32 24.31 -23.41
N PHE F 342 12.76 24.12 -22.17
CA PHE F 342 11.98 23.36 -21.19
C PHE F 342 11.11 24.25 -20.30
N THR F 343 9.80 24.06 -20.37
CA THR F 343 8.91 24.86 -19.53
C THR F 343 9.19 24.54 -18.07
N ASN F 344 9.69 23.33 -17.79
CA ASN F 344 9.95 22.95 -16.40
C ASN F 344 11.40 23.05 -15.92
N THR F 345 12.17 23.95 -16.52
CA THR F 345 13.54 24.21 -16.07
C THR F 345 13.65 25.74 -15.98
N PRO F 346 12.97 26.32 -14.97
CA PRO F 346 12.93 27.77 -14.71
C PRO F 346 14.26 28.44 -14.40
N PHE F 347 15.28 27.64 -14.08
CA PHE F 347 16.60 28.17 -13.76
C PHE F 347 17.65 27.09 -13.99
N SER F 348 18.91 27.50 -14.10
CA SER F 348 20.00 26.56 -14.37
C SER F 348 21.19 26.76 -13.45
N GLU F 349 22.14 25.84 -13.53
CA GLU F 349 23.33 25.88 -12.70
C GLU F 349 24.59 26.33 -13.42
N PHE F 350 25.42 27.08 -12.70
CA PHE F 350 26.71 27.53 -13.20
C PHE F 350 27.70 27.10 -12.13
N LEU F 351 28.53 26.10 -12.46
CA LEU F 351 29.50 25.59 -11.51
C LEU F 351 30.82 26.36 -11.61
N MET F 352 31.14 27.11 -10.57
CA MET F 352 32.36 27.92 -10.52
C MET F 352 33.64 27.13 -10.77
N THR F 353 34.33 27.44 -11.86
CA THR F 353 35.59 26.78 -12.18
C THR F 353 36.71 27.70 -11.68
N SER F 354 36.33 28.93 -11.32
CA SER F 354 37.27 29.91 -10.77
C SER F 354 37.73 29.33 -9.43
N PRO F 355 39.05 29.29 -9.18
CA PRO F 355 39.61 28.76 -7.94
C PRO F 355 38.99 29.32 -6.65
N ASP F 356 38.76 30.63 -6.62
CA ASP F 356 38.21 31.27 -5.43
C ASP F 356 36.80 31.82 -5.62
N CYS F 357 36.12 31.35 -6.66
CA CYS F 357 34.75 31.79 -6.94
C CYS F 357 34.57 33.31 -7.01
N SER F 358 35.58 34.00 -7.53
CA SER F 358 35.51 35.46 -7.63
C SER F 358 35.31 35.96 -9.05
N THR F 359 35.52 35.09 -10.04
CA THR F 359 35.37 35.49 -11.44
C THR F 359 34.48 34.53 -12.21
N LEU F 360 34.19 34.89 -13.45
CA LEU F 360 33.33 34.06 -14.29
C LEU F 360 34.09 33.19 -15.29
N ARG F 361 35.07 32.43 -14.79
CA ARG F 361 35.82 31.53 -15.65
C ARG F 361 34.79 30.62 -16.33
N PRO F 362 34.89 30.43 -17.66
CA PRO F 362 33.92 29.58 -18.35
C PRO F 362 33.76 28.19 -17.75
N GLN F 363 32.57 27.63 -17.87
CA GLN F 363 32.24 26.31 -17.33
C GLN F 363 33.18 25.21 -17.78
N PHE F 364 33.54 25.22 -19.06
CA PHE F 364 34.43 24.20 -19.60
C PHE F 364 35.79 24.73 -20.01
N ASP F 365 36.20 25.84 -19.40
CA ASP F 365 37.49 26.45 -19.69
C ASP F 365 38.59 25.39 -19.61
N PRO F 366 39.49 25.35 -20.60
CA PRO F 366 39.55 26.21 -21.79
C PRO F 366 39.31 25.42 -23.08
N ILE F 367 38.69 24.25 -22.96
CA ILE F 367 38.46 23.41 -24.13
C ILE F 367 37.47 23.96 -25.15
N LEU F 368 36.63 24.90 -24.73
CA LEU F 368 35.63 25.48 -25.62
C LEU F 368 35.92 26.93 -26.01
N LEU F 369 35.97 27.18 -27.31
CA LEU F 369 36.22 28.54 -27.79
C LEU F 369 34.89 29.27 -27.89
N ASP F 370 34.91 30.56 -27.55
CA ASP F 370 33.71 31.39 -27.59
C ASP F 370 32.63 30.85 -26.65
N GLU F 371 33.06 30.22 -25.56
CA GLU F 371 32.11 29.65 -24.60
C GLU F 371 31.41 30.77 -23.85
N PRO F 372 30.08 30.84 -23.97
CA PRO F 372 29.38 31.91 -23.26
C PRO F 372 29.34 31.69 -21.75
N VAL F 373 29.28 32.79 -21.02
CA VAL F 373 29.20 32.76 -19.56
C VAL F 373 28.09 33.74 -19.19
N PRO F 374 27.48 33.56 -18.02
CA PRO F 374 26.41 34.46 -17.59
C PRO F 374 26.84 35.92 -17.49
N VAL F 375 25.93 36.79 -17.86
CA VAL F 375 26.13 38.23 -17.78
C VAL F 375 25.05 38.64 -16.80
N ASN F 376 25.46 39.19 -15.67
CA ASN F 376 24.52 39.57 -14.63
C ASN F 376 23.68 38.34 -14.24
N GLY F 377 24.35 37.19 -14.16
CA GLY F 377 23.70 35.95 -13.77
C GLY F 377 22.75 35.35 -14.77
N ARG F 378 22.79 35.85 -16.01
CA ARG F 378 21.89 35.33 -17.04
C ARG F 378 22.55 35.19 -18.40
N ILE F 379 21.91 34.43 -19.28
CA ILE F 379 22.40 34.23 -20.63
C ILE F 379 21.19 34.38 -21.54
N HIS F 380 21.16 35.48 -22.30
CA HIS F 380 20.05 35.76 -23.19
C HIS F 380 20.06 34.76 -24.36
N LYS F 381 18.88 34.39 -24.85
CA LYS F 381 18.80 33.42 -25.93
C LYS F 381 19.57 33.83 -27.19
N SER F 382 19.65 35.13 -27.45
CA SER F 382 20.38 35.60 -28.63
C SER F 382 21.84 35.14 -28.55
N VAL F 383 22.32 34.95 -27.32
CA VAL F 383 23.70 34.51 -27.12
C VAL F 383 23.90 33.11 -27.71
N LEU F 384 22.82 32.34 -27.80
CA LEU F 384 22.86 30.98 -28.32
C LEU F 384 22.51 30.87 -29.81
N ASP F 385 22.32 32.01 -30.47
CA ASP F 385 21.97 31.98 -31.88
C ASP F 385 23.18 31.71 -32.77
N LYS F 386 23.69 30.50 -32.66
CA LYS F 386 24.82 30.02 -33.44
C LYS F 386 24.53 28.55 -33.74
N PRO F 387 25.05 28.03 -34.86
CA PRO F 387 24.86 26.63 -35.29
C PRO F 387 25.23 25.58 -34.25
N GLY F 388 24.43 24.52 -34.18
CA GLY F 388 24.69 23.46 -33.23
C GLY F 388 24.66 23.99 -31.80
N PHE F 389 25.73 23.73 -31.06
CA PHE F 389 25.82 24.21 -29.68
C PHE F 389 26.62 25.51 -29.64
N GLY F 390 26.90 26.05 -30.83
CA GLY F 390 27.59 27.33 -30.95
C GLY F 390 29.03 27.54 -30.55
N VAL F 391 29.79 26.47 -30.35
CA VAL F 391 31.18 26.63 -29.97
C VAL F 391 32.11 25.83 -30.89
N GLU F 392 33.41 26.11 -30.75
CA GLU F 392 34.41 25.42 -31.55
C GLU F 392 35.44 24.83 -30.60
N LEU F 393 36.04 23.72 -31.01
CA LEU F 393 37.03 23.04 -30.20
C LEU F 393 38.37 23.77 -30.15
N ASN F 394 38.85 24.05 -28.94
CA ASN F 394 40.12 24.76 -28.79
C ASN F 394 41.28 23.80 -29.03
N ARG F 395 41.79 23.81 -30.26
CA ARG F 395 42.89 22.92 -30.62
C ARG F 395 44.22 23.30 -29.99
N ASP F 396 44.28 24.45 -29.33
CA ASP F 396 45.53 24.87 -28.69
C ASP F 396 45.79 24.00 -27.47
N CYS F 397 44.76 23.29 -27.02
CA CYS F 397 44.92 22.39 -25.89
C CYS F 397 45.65 21.19 -26.49
N HIS F 398 46.50 20.56 -25.70
CA HIS F 398 47.27 19.42 -26.19
C HIS F 398 46.45 18.14 -26.27
N LEU F 399 45.53 18.09 -27.22
CA LEU F 399 44.67 16.92 -27.40
C LEU F 399 45.45 15.70 -27.86
N LYS F 400 45.14 14.56 -27.27
CA LYS F 400 45.78 13.31 -27.62
C LYS F 400 44.74 12.34 -28.13
N ARG F 401 45.09 11.62 -29.18
CA ARG F 401 44.19 10.61 -29.74
C ARG F 401 44.90 9.28 -29.51
N PRO F 402 44.51 8.56 -28.46
CA PRO F 402 45.10 7.27 -28.09
C PRO F 402 44.77 6.07 -28.97
N TYR F 403 43.76 6.20 -29.83
CA TYR F 403 43.38 5.08 -30.68
C TYR F 403 43.11 5.48 -32.13
N SER F 404 43.08 4.48 -33.00
CA SER F 404 42.80 4.66 -34.42
C SER F 404 41.92 3.49 -34.84
N HIS F 405 41.24 3.64 -35.96
CA HIS F 405 40.40 2.57 -36.48
C HIS F 405 40.16 2.85 -37.96
N MET G 1 -10.92 -39.05 41.52
CA MET G 1 -11.61 -37.89 40.88
C MET G 1 -13.00 -37.65 41.44
N GLU G 2 -13.17 -36.53 42.15
CA GLU G 2 -14.47 -36.20 42.73
C GLU G 2 -15.45 -35.84 41.63
N ASN G 3 -16.74 -36.07 41.89
CA ASN G 3 -17.77 -35.74 40.91
C ASN G 3 -17.85 -34.22 40.84
N ILE G 4 -18.09 -33.68 39.65
CA ILE G 4 -18.19 -32.23 39.49
C ILE G 4 -19.47 -31.75 40.14
N MET G 5 -19.50 -30.48 40.56
CA MET G 5 -20.69 -29.95 41.18
C MET G 5 -21.79 -30.02 40.13
N THR G 6 -23.02 -30.29 40.57
CA THR G 6 -24.13 -30.38 39.64
C THR G 6 -24.61 -28.97 39.34
N LEU G 7 -25.07 -28.74 38.11
CA LEU G 7 -25.56 -27.44 37.71
C LEU G 7 -27.01 -27.51 37.25
N PRO G 8 -27.84 -26.55 37.70
CA PRO G 8 -29.25 -26.50 37.33
C PRO G 8 -29.39 -25.98 35.91
N LYS G 9 -30.59 -26.13 35.36
CA LYS G 9 -30.86 -25.65 34.02
C LYS G 9 -31.57 -24.31 34.17
N ILE G 10 -31.52 -23.50 33.12
CA ILE G 10 -32.20 -22.21 33.14
C ILE G 10 -33.68 -22.49 32.98
N LYS G 11 -34.48 -21.98 33.91
CA LYS G 11 -35.92 -22.19 33.86
C LYS G 11 -36.65 -21.05 33.14
N HIS G 12 -36.45 -19.82 33.59
CA HIS G 12 -37.11 -18.68 32.97
C HIS G 12 -36.18 -17.49 32.76
N VAL G 13 -36.60 -16.59 31.87
CA VAL G 13 -35.88 -15.36 31.60
C VAL G 13 -36.97 -14.28 31.54
N ARG G 14 -36.81 -13.24 32.36
CA ARG G 14 -37.78 -12.16 32.43
C ARG G 14 -37.14 -10.81 32.11
N ALA G 15 -37.95 -9.86 31.64
CA ALA G 15 -37.46 -8.53 31.31
C ALA G 15 -38.38 -7.45 31.85
N TRP G 16 -37.80 -6.40 32.41
CA TRP G 16 -38.53 -5.28 32.99
C TRP G 16 -37.84 -4.01 32.51
N PHE G 17 -38.46 -2.87 32.77
CA PHE G 17 -37.86 -1.58 32.40
C PHE G 17 -38.33 -0.44 33.29
N ILE G 18 -37.49 0.59 33.38
CA ILE G 18 -37.82 1.79 34.13
C ILE G 18 -37.36 2.95 33.28
N GLY G 19 -37.94 4.11 33.49
CA GLY G 19 -37.57 5.28 32.72
C GLY G 19 -37.93 5.12 31.26
N GLY G 20 -37.45 6.04 30.44
CA GLY G 20 -37.75 5.96 29.02
C GLY G 20 -38.99 6.79 28.69
N ALA G 21 -39.29 6.90 27.40
CA ALA G 21 -40.43 7.68 26.93
C ALA G 21 -41.79 7.20 27.42
N THR G 22 -41.86 5.96 27.90
CA THR G 22 -43.12 5.42 28.39
C THR G 22 -43.14 5.23 29.91
N ALA G 23 -42.17 5.83 30.59
CA ALA G 23 -42.09 5.73 32.04
C ALA G 23 -41.77 7.11 32.62
N GLU G 24 -41.21 7.11 33.82
CA GLU G 24 -40.87 8.36 34.50
C GLU G 24 -39.47 8.86 34.12
N LYS G 25 -39.42 10.06 33.55
CA LYS G 25 -38.16 10.65 33.16
C LYS G 25 -37.28 10.86 34.39
N GLY G 26 -35.98 10.65 34.24
CA GLY G 26 -35.05 10.84 35.34
C GLY G 26 -34.87 9.60 36.20
N ALA G 27 -35.27 8.44 35.67
CA ALA G 27 -35.17 7.19 36.41
C ALA G 27 -33.73 6.75 36.66
N GLY G 28 -32.80 7.27 35.86
CA GLY G 28 -31.41 6.89 36.04
C GLY G 28 -31.20 5.42 35.75
N GLY G 29 -30.57 4.72 36.69
CA GLY G 29 -30.34 3.30 36.52
C GLY G 29 -29.34 2.97 35.43
N GLY G 30 -29.73 2.06 34.53
CA GLY G 30 -28.87 1.65 33.44
C GLY G 30 -28.62 2.70 32.38
N ASP G 31 -29.62 3.55 32.13
CA ASP G 31 -29.47 4.59 31.13
C ASP G 31 -28.83 5.82 31.79
N TYR G 32 -27.52 5.97 31.62
CA TYR G 32 -26.78 7.09 32.20
C TYR G 32 -27.42 8.44 31.89
N HIS G 33 -28.01 8.55 30.72
CA HIS G 33 -28.61 9.82 30.28
C HIS G 33 -30.04 10.10 30.69
N ASP G 34 -30.67 9.16 31.38
CA ASP G 34 -32.06 9.36 31.82
C ASP G 34 -32.03 10.05 33.18
N GLN G 35 -31.62 11.32 33.16
CA GLN G 35 -31.50 12.11 34.38
C GLN G 35 -32.55 13.22 34.46
N GLY G 36 -32.50 13.98 35.55
CA GLY G 36 -33.43 15.09 35.73
C GLY G 36 -32.85 16.37 35.16
N GLY G 37 -33.29 17.51 35.69
CA GLY G 37 -32.81 18.79 35.21
C GLY G 37 -31.54 19.26 35.92
N ASN G 38 -30.95 20.32 35.37
CA ASN G 38 -29.73 20.91 35.93
C ASN G 38 -28.60 19.89 36.14
N HIS G 39 -28.54 18.90 35.27
CA HIS G 39 -27.51 17.88 35.35
C HIS G 39 -26.40 18.21 34.36
N TRP G 40 -25.14 18.06 34.78
CA TRP G 40 -24.02 18.36 33.90
C TRP G 40 -24.08 17.54 32.61
N ILE G 41 -24.59 16.32 32.71
CA ILE G 41 -24.64 15.43 31.56
C ILE G 41 -25.57 15.90 30.45
N ASP G 42 -26.33 16.97 30.71
CA ASP G 42 -27.25 17.51 29.70
C ASP G 42 -26.99 18.99 29.48
N ASP G 43 -25.86 19.48 29.97
CA ASP G 43 -25.52 20.90 29.85
C ASP G 43 -24.75 21.32 28.59
N HIS G 44 -25.50 21.62 27.54
CA HIS G 44 -24.94 22.08 26.27
C HIS G 44 -23.75 21.24 25.81
N ILE G 45 -23.93 19.93 25.78
CA ILE G 45 -22.90 19.01 25.34
C ILE G 45 -22.99 18.81 23.82
N ALA G 46 -21.87 18.98 23.13
CA ALA G 46 -21.86 18.85 21.67
C ALA G 46 -22.27 17.46 21.19
N THR G 47 -23.12 17.42 20.16
CA THR G 47 -23.60 16.16 19.60
C THR G 47 -23.86 16.30 18.11
N PRO G 48 -24.24 15.21 17.44
CA PRO G 48 -24.52 15.31 16.01
C PRO G 48 -25.75 16.21 15.79
N MET G 49 -26.51 16.44 16.86
CA MET G 49 -27.72 17.26 16.78
C MET G 49 -27.58 18.68 17.31
N SER G 50 -26.50 18.98 18.02
CA SER G 50 -26.34 20.32 18.59
C SER G 50 -26.20 21.42 17.54
N LYS G 51 -26.14 21.05 16.27
CA LYS G 51 -26.03 22.02 15.19
C LYS G 51 -27.41 22.64 14.94
N TYR G 52 -28.44 22.03 15.52
CA TYR G 52 -29.82 22.51 15.39
C TYR G 52 -30.16 23.30 16.64
N ARG G 53 -30.57 24.55 16.45
CA ARG G 53 -30.90 25.44 17.57
C ARG G 53 -31.78 24.82 18.64
N ASP G 54 -32.87 24.16 18.22
CA ASP G 54 -33.78 23.54 19.17
C ASP G 54 -33.19 22.36 19.91
N TYR G 55 -32.03 21.88 19.46
CA TYR G 55 -31.41 20.72 20.11
C TYR G 55 -29.97 20.98 20.53
N GLU G 56 -29.62 22.25 20.69
CA GLU G 56 -28.25 22.59 21.07
C GLU G 56 -28.00 22.52 22.58
N GLN G 57 -28.88 23.12 23.36
CA GLN G 57 -28.72 23.15 24.81
C GLN G 57 -28.92 21.82 25.54
N SER G 58 -29.84 20.99 25.05
CA SER G 58 -30.15 19.73 25.73
C SER G 58 -30.16 18.48 24.87
N ARG G 59 -29.43 17.45 25.30
CA ARG G 59 -29.45 16.18 24.56
C ARG G 59 -30.78 15.49 24.86
N GLN G 60 -31.34 15.76 26.04
CA GLN G 60 -32.62 15.17 26.40
C GLN G 60 -33.70 15.63 25.40
N SER G 61 -33.57 16.88 24.94
CA SER G 61 -34.53 17.45 24.00
C SER G 61 -34.61 16.70 22.67
N PHE G 62 -33.53 16.07 22.24
CA PHE G 62 -33.61 15.32 20.98
C PHE G 62 -33.92 13.86 21.24
N GLY G 63 -34.03 13.51 22.52
CA GLY G 63 -34.38 12.14 22.89
C GLY G 63 -33.28 11.16 23.26
N ILE G 64 -32.25 11.64 23.95
CA ILE G 64 -31.15 10.78 24.37
C ILE G 64 -31.63 9.89 25.51
N ASN G 65 -32.80 10.22 26.06
CA ASN G 65 -33.38 9.51 27.20
C ASN G 65 -34.63 8.67 26.91
N VAL G 66 -35.02 8.53 25.64
CA VAL G 66 -36.23 7.78 25.32
C VAL G 66 -36.21 6.28 25.64
N LEU G 67 -35.04 5.65 25.63
CA LEU G 67 -34.94 4.22 25.89
C LEU G 67 -35.10 3.78 27.34
N GLY G 68 -34.41 4.47 28.24
CA GLY G 68 -34.51 4.09 29.64
C GLY G 68 -33.72 2.83 29.93
N THR G 69 -34.03 2.21 31.06
CA THR G 69 -33.32 1.02 31.50
C THR G 69 -33.98 -0.33 31.25
N LEU G 70 -33.20 -1.26 30.69
CA LEU G 70 -33.67 -2.61 30.46
C LEU G 70 -33.10 -3.44 31.60
N ILE G 71 -33.93 -4.31 32.16
CA ILE G 71 -33.51 -5.17 33.27
C ILE G 71 -33.82 -6.62 32.88
N VAL G 72 -32.80 -7.46 32.83
CA VAL G 72 -33.00 -8.87 32.48
C VAL G 72 -32.66 -9.77 33.65
N GLU G 73 -33.57 -10.68 33.98
CA GLU G 73 -33.35 -11.62 35.09
C GLU G 73 -33.52 -13.04 34.59
N VAL G 74 -32.56 -13.90 34.91
CA VAL G 74 -32.60 -15.29 34.51
C VAL G 74 -32.74 -16.16 35.77
N GLU G 75 -33.73 -17.04 35.77
CA GLU G 75 -33.95 -17.91 36.93
C GLU G 75 -33.69 -19.38 36.61
N ALA G 76 -32.86 -20.01 37.44
CA ALA G 76 -32.53 -21.41 37.25
C ALA G 76 -33.59 -22.28 37.91
N GLU G 77 -33.58 -23.56 37.59
CA GLU G 77 -34.54 -24.52 38.14
C GLU G 77 -34.49 -24.61 39.66
N ASN G 78 -33.34 -24.26 40.24
CA ASN G 78 -33.15 -24.31 41.69
C ASN G 78 -33.54 -23.02 42.40
N ARG G 79 -34.28 -22.16 41.71
CA ARG G 79 -34.74 -20.89 42.26
C ARG G 79 -33.72 -19.75 42.23
N GLN G 80 -32.43 -20.06 42.12
CA GLN G 80 -31.42 -19.02 42.09
C GLN G 80 -31.56 -18.16 40.85
N THR G 81 -31.22 -16.88 40.96
CA THR G 81 -31.33 -15.97 39.84
C THR G 81 -30.08 -15.11 39.62
N GLY G 82 -30.00 -14.56 38.43
CA GLY G 82 -28.90 -13.69 38.06
C GLY G 82 -29.53 -12.60 37.24
N PHE G 83 -28.94 -11.40 37.22
CA PHE G 83 -29.53 -10.33 36.45
C PHE G 83 -28.49 -9.32 35.98
N ALA G 84 -28.95 -8.36 35.19
CA ALA G 84 -28.09 -7.31 34.68
C ALA G 84 -28.98 -6.21 34.12
N VAL G 85 -28.42 -5.01 34.01
CA VAL G 85 -29.18 -3.88 33.48
C VAL G 85 -28.39 -3.24 32.34
N SER G 86 -29.11 -2.55 31.47
CA SER G 86 -28.48 -1.86 30.35
C SER G 86 -29.45 -0.82 29.81
N THR G 87 -29.15 -0.29 28.64
CA THR G 87 -30.01 0.71 28.02
C THR G 87 -30.78 0.10 26.87
N ALA G 88 -32.10 0.09 26.99
CA ALA G 88 -32.95 -0.47 25.93
C ALA G 88 -34.42 -0.31 26.31
N GLY G 89 -34.72 -0.50 27.59
CA GLY G 89 -36.07 -0.33 28.08
C GLY G 89 -37.14 -1.24 27.48
N GLU G 90 -38.31 -0.66 27.21
CA GLU G 90 -39.45 -1.40 26.68
C GLU G 90 -39.17 -2.27 25.46
N MET G 91 -38.54 -1.69 24.44
CA MET G 91 -38.24 -2.47 23.24
C MET G 91 -37.31 -3.62 23.60
N GLY G 92 -36.43 -3.39 24.57
CA GLY G 92 -35.53 -4.45 24.99
C GLY G 92 -36.34 -5.60 25.56
N CYS G 93 -37.42 -5.26 26.25
CA CYS G 93 -38.27 -6.29 26.83
C CYS G 93 -38.90 -7.14 25.72
N PHE G 94 -39.28 -6.50 24.61
CA PHE G 94 -39.88 -7.21 23.49
C PHE G 94 -38.90 -8.24 22.95
N ILE G 95 -37.66 -7.81 22.74
CA ILE G 95 -36.62 -8.70 22.21
C ILE G 95 -36.40 -9.92 23.09
N VAL G 96 -36.30 -9.69 24.39
CA VAL G 96 -36.05 -10.77 25.32
C VAL G 96 -37.26 -11.71 25.50
N GLU G 97 -38.42 -11.12 25.75
CA GLU G 97 -39.66 -11.87 25.98
C GLU G 97 -40.24 -12.57 24.74
N LYS G 98 -40.09 -11.95 23.58
CA LYS G 98 -40.65 -12.52 22.35
C LYS G 98 -39.68 -13.14 21.35
N HIS G 99 -38.38 -13.13 21.65
CA HIS G 99 -37.44 -13.71 20.70
C HIS G 99 -36.30 -14.50 21.32
N LEU G 100 -35.44 -13.81 22.08
CA LEU G 100 -34.28 -14.46 22.67
C LEU G 100 -34.57 -15.54 23.71
N ASN G 101 -35.74 -15.51 24.33
CA ASN G 101 -36.09 -16.51 25.34
C ASN G 101 -35.96 -17.93 24.82
N ARG G 102 -36.21 -18.14 23.53
CA ARG G 102 -36.15 -19.48 22.96
C ARG G 102 -34.75 -20.10 23.02
N PHE G 103 -33.72 -19.25 23.04
CA PHE G 103 -32.35 -19.75 23.08
C PHE G 103 -31.82 -19.86 24.51
N ILE G 104 -32.48 -19.14 25.43
CA ILE G 104 -32.06 -19.11 26.84
C ILE G 104 -32.64 -20.19 27.75
N GLU G 105 -33.96 -20.30 27.77
CA GLU G 105 -34.64 -21.26 28.63
C GLU G 105 -34.39 -22.71 28.21
N GLY G 106 -34.03 -23.54 29.19
CA GLY G 106 -33.78 -24.95 28.92
C GLY G 106 -32.31 -25.31 28.87
N LYS G 107 -31.45 -24.30 28.67
CA LYS G 107 -30.01 -24.51 28.62
C LYS G 107 -29.43 -24.67 30.01
N CYS G 108 -28.21 -25.16 30.09
CA CYS G 108 -27.52 -25.30 31.36
C CYS G 108 -27.08 -23.88 31.69
N VAL G 109 -26.92 -23.56 32.98
CA VAL G 109 -26.49 -22.21 33.33
C VAL G 109 -25.07 -21.92 32.84
N SER G 110 -24.34 -22.96 32.45
CA SER G 110 -22.97 -22.79 31.96
C SER G 110 -22.87 -22.64 30.44
N ASP G 111 -24.00 -22.79 29.74
CA ASP G 111 -24.03 -22.67 28.28
C ASP G 111 -24.06 -21.20 27.84
N ILE G 112 -23.26 -20.37 28.50
CA ILE G 112 -23.24 -18.95 28.18
C ILE G 112 -22.77 -18.61 26.78
N LYS G 113 -21.62 -19.15 26.37
CA LYS G 113 -21.10 -18.88 25.04
C LYS G 113 -22.03 -19.35 23.94
N LEU G 114 -22.71 -20.48 24.18
CA LEU G 114 -23.64 -21.03 23.21
C LEU G 114 -24.84 -20.11 23.01
N ILE G 115 -25.44 -19.68 24.11
CA ILE G 115 -26.59 -18.79 24.05
C ILE G 115 -26.16 -17.50 23.34
N HIS G 116 -25.00 -16.99 23.70
CA HIS G 116 -24.49 -15.77 23.10
C HIS G 116 -24.41 -15.88 21.57
N ASP G 117 -23.79 -16.95 21.08
CA ASP G 117 -23.67 -17.13 19.64
C ASP G 117 -25.03 -17.26 18.98
N GLN G 118 -25.95 -17.92 19.65
CA GLN G 118 -27.29 -18.10 19.10
C GLN G 118 -28.05 -16.76 19.06
N MET G 119 -27.89 -15.95 20.09
CA MET G 119 -28.57 -14.65 20.12
C MET G 119 -28.05 -13.78 18.96
N LEU G 120 -26.76 -13.85 18.71
CA LEU G 120 -26.14 -13.06 17.64
C LEU G 120 -26.59 -13.54 16.26
N GLY G 121 -26.54 -14.85 16.04
CA GLY G 121 -26.94 -15.38 14.75
C GLY G 121 -28.41 -15.19 14.41
N ALA G 122 -29.26 -15.27 15.42
CA ALA G 122 -30.71 -15.14 15.25
C ALA G 122 -31.21 -13.71 15.05
N THR G 123 -30.44 -12.74 15.52
CA THR G 123 -30.80 -11.34 15.39
C THR G 123 -29.97 -10.60 14.35
N MET G 124 -29.01 -11.29 13.74
CA MET G 124 -28.16 -10.65 12.75
C MET G 124 -28.94 -9.90 11.67
N TYR G 125 -30.11 -10.39 11.33
CA TYR G 125 -30.91 -9.75 10.29
C TYR G 125 -31.54 -8.42 10.70
N TYR G 126 -31.54 -8.10 12.00
CA TYR G 126 -32.12 -6.83 12.42
C TYR G 126 -31.36 -6.11 13.53
N SER G 127 -30.20 -6.62 13.92
CA SER G 127 -29.43 -6.01 15.00
C SER G 127 -28.56 -4.83 14.56
N GLY G 128 -28.24 -4.75 13.29
CA GLY G 128 -27.40 -3.67 12.80
C GLY G 128 -26.01 -3.69 13.46
N SER G 129 -25.67 -4.81 14.08
CA SER G 129 -24.38 -4.99 14.76
C SER G 129 -24.04 -3.97 15.84
N GLY G 130 -25.03 -3.45 16.54
CA GLY G 130 -24.76 -2.48 17.59
C GLY G 130 -26.01 -1.73 17.98
N GLY G 131 -25.91 -0.90 19.00
CA GLY G 131 -27.07 -0.14 19.45
C GLY G 131 -28.11 -0.96 20.19
N LEU G 132 -29.36 -0.50 20.13
CA LEU G 132 -30.50 -1.12 20.79
C LEU G 132 -30.50 -2.64 20.92
N VAL G 133 -30.49 -3.35 19.79
CA VAL G 133 -30.51 -4.80 19.82
C VAL G 133 -29.29 -5.39 20.50
N MET G 134 -28.11 -4.86 20.18
CA MET G 134 -26.90 -5.38 20.77
C MET G 134 -26.88 -5.08 22.28
N ASN G 135 -27.50 -3.98 22.69
CA ASN G 135 -27.57 -3.65 24.11
C ASN G 135 -28.40 -4.71 24.82
N THR G 136 -29.46 -5.14 24.15
CA THR G 136 -30.34 -6.14 24.74
C THR G 136 -29.58 -7.46 24.87
N ILE G 137 -28.87 -7.84 23.81
CA ILE G 137 -28.08 -9.07 23.81
C ILE G 137 -27.04 -9.01 24.93
N SER G 138 -26.42 -7.85 25.10
CA SER G 138 -25.41 -7.69 26.15
C SER G 138 -26.01 -7.91 27.54
N CYS G 139 -27.19 -7.35 27.76
CA CYS G 139 -27.86 -7.45 29.05
C CYS G 139 -28.13 -8.92 29.40
N VAL G 140 -28.57 -9.70 28.41
CA VAL G 140 -28.82 -11.12 28.64
C VAL G 140 -27.52 -11.83 28.99
N ASP G 141 -26.49 -11.59 28.19
CA ASP G 141 -25.17 -12.20 28.42
C ASP G 141 -24.69 -11.92 29.83
N LEU G 142 -24.82 -10.67 30.27
CA LEU G 142 -24.39 -10.30 31.61
C LEU G 142 -25.26 -11.01 32.66
N ALA G 143 -26.56 -11.09 32.39
CA ALA G 143 -27.46 -11.75 33.32
C ALA G 143 -27.03 -13.21 33.47
N LEU G 144 -26.63 -13.83 32.37
CA LEU G 144 -26.19 -15.24 32.42
C LEU G 144 -24.90 -15.42 33.21
N TRP G 145 -23.95 -14.49 33.05
CA TRP G 145 -22.71 -14.60 33.81
C TRP G 145 -22.99 -14.41 35.29
N ASP G 146 -23.93 -13.54 35.60
CA ASP G 146 -24.30 -13.27 36.98
C ASP G 146 -24.90 -14.52 37.61
N LEU G 147 -25.84 -15.14 36.89
CA LEU G 147 -26.46 -16.34 37.39
C LEU G 147 -25.41 -17.45 37.58
N PHE G 148 -24.57 -17.64 36.57
CA PHE G 148 -23.55 -18.69 36.65
C PHE G 148 -22.64 -18.48 37.86
N GLY G 149 -22.20 -17.25 38.07
CA GLY G 149 -21.34 -16.97 39.20
C GLY G 149 -22.04 -17.15 40.54
N LYS G 150 -23.33 -16.86 40.57
CA LYS G 150 -24.09 -17.00 41.80
C LYS G 150 -24.39 -18.47 42.09
N VAL G 151 -24.56 -19.27 41.04
CA VAL G 151 -24.81 -20.69 41.22
C VAL G 151 -23.54 -21.34 41.75
N VAL G 152 -22.43 -21.08 41.07
CA VAL G 152 -21.15 -21.65 41.47
C VAL G 152 -20.66 -21.11 42.81
N GLY G 153 -21.01 -19.88 43.13
CA GLY G 153 -20.59 -19.29 44.39
C GLY G 153 -19.27 -18.54 44.25
N LEU G 154 -19.03 -17.95 43.09
CA LEU G 154 -17.80 -17.21 42.88
C LEU G 154 -18.02 -15.89 42.17
N PRO G 155 -17.12 -14.92 42.41
CA PRO G 155 -17.25 -13.62 41.75
C PRO G 155 -16.87 -13.90 40.29
N VAL G 156 -17.46 -13.15 39.37
CA VAL G 156 -17.16 -13.33 37.95
C VAL G 156 -15.68 -13.13 37.69
N TYR G 157 -15.06 -12.16 38.36
CA TYR G 157 -13.65 -11.91 38.14
C TYR G 157 -12.78 -13.13 38.43
N LYS G 158 -13.18 -13.96 39.39
CA LYS G 158 -12.42 -15.16 39.69
C LYS G 158 -12.69 -16.24 38.64
N LEU G 159 -13.92 -16.29 38.16
CA LEU G 159 -14.31 -17.27 37.13
C LEU G 159 -13.54 -17.03 35.83
N LEU G 160 -13.19 -15.78 35.58
CA LEU G 160 -12.47 -15.40 34.36
C LEU G 160 -10.97 -15.65 34.39
N GLY G 161 -10.44 -16.04 35.54
CA GLY G 161 -9.01 -16.27 35.60
C GLY G 161 -8.33 -15.43 36.65
N GLY G 162 -9.13 -14.70 37.42
CA GLY G 162 -8.57 -13.88 38.49
C GLY G 162 -8.11 -12.48 38.18
N ALA G 163 -7.90 -11.71 39.24
CA ALA G 163 -7.45 -10.33 39.13
C ALA G 163 -5.96 -10.29 38.80
N VAL G 164 -5.56 -9.33 37.98
CA VAL G 164 -4.15 -9.16 37.61
C VAL G 164 -3.59 -7.89 38.26
N ARG G 165 -4.41 -7.30 39.13
CA ARG G 165 -4.05 -6.11 39.88
C ARG G 165 -4.93 -6.11 41.13
N ASP G 166 -4.40 -5.61 42.24
CA ASP G 166 -5.15 -5.60 43.49
C ASP G 166 -6.29 -4.60 43.59
N GLU G 167 -6.28 -3.61 42.70
CA GLU G 167 -7.32 -2.58 42.68
C GLU G 167 -7.44 -1.98 41.31
N ILE G 168 -8.62 -1.43 41.03
CA ILE G 168 -8.89 -0.76 39.76
C ILE G 168 -8.76 0.73 40.06
N GLN G 169 -7.94 1.44 39.28
CA GLN G 169 -7.81 2.89 39.47
C GLN G 169 -8.69 3.52 38.40
N PHE G 170 -9.36 4.61 38.75
CA PHE G 170 -10.29 5.29 37.84
C PHE G 170 -10.03 6.75 37.50
N TYR G 171 -10.50 7.15 36.33
CA TYR G 171 -10.45 8.54 35.93
C TYR G 171 -11.95 8.86 35.97
N ALA G 172 -12.30 10.12 36.17
CA ALA G 172 -13.70 10.51 36.25
C ALA G 172 -14.20 11.31 35.07
N THR G 173 -15.41 10.98 34.61
CA THR G 173 -16.00 11.67 33.48
C THR G 173 -17.08 12.63 34.00
N GLY G 174 -16.93 13.90 33.66
CA GLY G 174 -17.88 14.91 34.09
C GLY G 174 -17.33 16.31 33.91
N ALA G 175 -18.10 17.29 34.38
CA ALA G 175 -17.72 18.68 34.24
C ALA G 175 -16.74 19.23 35.28
N ARG G 176 -16.38 18.43 36.29
CA ARG G 176 -15.46 18.92 37.31
C ARG G 176 -14.19 18.10 37.58
N PRO G 177 -13.23 18.12 36.64
CA PRO G 177 -11.99 17.36 36.83
C PRO G 177 -11.32 17.76 38.14
N ASP G 178 -11.45 19.03 38.51
CA ASP G 178 -10.84 19.53 39.73
C ASP G 178 -11.41 18.88 40.99
N LEU G 179 -12.71 18.64 41.01
CA LEU G 179 -13.34 18.00 42.16
C LEU G 179 -13.00 16.51 42.13
N ALA G 180 -12.87 15.97 40.93
CA ALA G 180 -12.53 14.56 40.76
C ALA G 180 -11.14 14.30 41.33
N LYS G 181 -10.21 15.21 41.06
CA LYS G 181 -8.86 15.06 41.57
C LYS G 181 -8.90 14.98 43.08
N GLU G 182 -9.79 15.78 43.67
CA GLU G 182 -9.95 15.83 45.12
C GLU G 182 -10.55 14.52 45.67
N MET G 183 -11.28 13.79 44.83
CA MET G 183 -11.87 12.52 45.24
C MET G 183 -10.87 11.38 45.06
N GLY G 184 -9.70 11.70 44.52
CA GLY G 184 -8.65 10.70 44.33
C GLY G 184 -8.54 10.09 42.96
N PHE G 185 -9.37 10.52 42.01
CA PHE G 185 -9.32 9.98 40.67
C PHE G 185 -8.00 10.38 40.03
N ILE G 186 -7.55 9.61 39.05
CA ILE G 186 -6.28 9.86 38.39
C ILE G 186 -6.39 10.75 37.15
N GLY G 187 -7.62 11.07 36.78
CA GLY G 187 -7.83 11.91 35.62
C GLY G 187 -9.26 12.36 35.53
N GLY G 188 -9.50 13.31 34.63
CA GLY G 188 -10.84 13.85 34.45
C GLY G 188 -11.13 14.06 32.99
N LYS G 189 -12.22 13.46 32.51
CA LYS G 189 -12.63 13.61 31.12
C LYS G 189 -13.83 14.55 31.07
N MET G 190 -13.71 15.61 30.28
CA MET G 190 -14.76 16.62 30.13
C MET G 190 -15.40 16.52 28.76
N PRO G 191 -16.69 16.88 28.67
CA PRO G 191 -17.37 16.83 27.38
C PRO G 191 -17.12 18.15 26.64
N THR G 192 -17.11 18.10 25.32
CA THR G 192 -16.96 19.32 24.54
C THR G 192 -18.35 19.97 24.53
N HIS G 193 -18.41 21.30 24.50
CA HIS G 193 -19.70 21.98 24.49
C HIS G 193 -19.99 22.62 23.15
N TRP G 194 -18.97 22.72 22.30
CA TRP G 194 -19.13 23.33 20.99
C TRP G 194 -18.74 22.36 19.88
N GLY G 195 -19.23 22.61 18.68
CA GLY G 195 -18.92 21.74 17.57
C GLY G 195 -18.52 22.46 16.30
N PRO G 196 -18.37 21.73 15.19
CA PRO G 196 -17.99 22.25 13.88
C PRO G 196 -18.68 23.54 13.49
N HIS G 197 -19.99 23.61 13.75
CA HIS G 197 -20.78 24.80 13.41
C HIS G 197 -20.35 26.03 14.20
N ASP G 198 -19.67 25.82 15.32
CA ASP G 198 -19.19 26.93 16.16
C ASP G 198 -17.82 27.44 15.69
N GLY G 199 -17.23 26.72 14.74
CA GLY G 199 -15.94 27.11 14.20
C GLY G 199 -14.81 27.35 15.18
N ASP G 200 -13.99 28.36 14.90
CA ASP G 200 -12.85 28.70 15.74
C ASP G 200 -13.23 29.15 17.15
N ALA G 201 -14.40 29.78 17.28
CA ALA G 201 -14.84 30.21 18.60
C ALA G 201 -15.06 28.95 19.44
N GLY G 202 -15.64 27.93 18.82
CA GLY G 202 -15.89 26.68 19.52
C GLY G 202 -14.60 26.00 19.96
N ILE G 203 -13.59 26.02 19.09
CA ILE G 203 -12.32 25.41 19.42
C ILE G 203 -11.65 26.18 20.57
N ARG G 204 -11.68 27.50 20.48
CA ARG G 204 -11.07 28.34 21.52
C ARG G 204 -11.76 28.12 22.85
N LYS G 205 -13.08 28.03 22.85
CA LYS G 205 -13.82 27.84 24.10
C LYS G 205 -13.56 26.50 24.79
N ASP G 206 -13.60 25.39 24.05
CA ASP G 206 -13.33 24.11 24.71
C ASP G 206 -11.85 23.98 25.06
N ALA G 207 -10.98 24.58 24.27
CA ALA G 207 -9.55 24.52 24.57
C ALA G 207 -9.27 25.29 25.87
N ALA G 208 -9.95 26.42 26.05
CA ALA G 208 -9.79 27.24 27.24
C ALA G 208 -10.30 26.47 28.47
N MET G 209 -11.36 25.69 28.26
CA MET G 209 -11.91 24.88 29.35
C MET G 209 -10.83 23.91 29.81
N VAL G 210 -10.13 23.31 28.85
CA VAL G 210 -9.07 22.36 29.16
C VAL G 210 -7.90 23.09 29.83
N ALA G 211 -7.51 24.22 29.28
CA ALA G 211 -6.41 25.01 29.81
C ALA G 211 -6.66 25.37 31.27
N ASP G 212 -7.91 25.75 31.56
CA ASP G 212 -8.31 26.12 32.92
C ASP G 212 -8.14 24.96 33.89
N MET G 213 -8.62 23.78 33.50
CA MET G 213 -8.50 22.61 34.37
C MET G 213 -7.05 22.15 34.50
N ARG G 214 -6.22 22.44 33.51
CA ARG G 214 -4.82 22.03 33.61
C ARG G 214 -4.20 22.89 34.70
N GLU G 215 -4.56 24.16 34.72
CA GLU G 215 -4.05 25.08 35.72
C GLU G 215 -4.48 24.62 37.12
N LYS G 216 -5.74 24.21 37.23
CA LYS G 216 -6.29 23.79 38.52
C LYS G 216 -5.85 22.40 38.98
N CYS G 217 -5.62 21.48 38.04
CA CYS G 217 -5.25 20.12 38.42
C CYS G 217 -3.78 19.73 38.37
N GLY G 218 -2.92 20.60 37.85
CA GLY G 218 -1.52 20.22 37.80
C GLY G 218 -1.23 19.40 36.55
N PRO G 219 0.05 19.13 36.27
CA PRO G 219 0.47 18.37 35.09
C PRO G 219 0.26 16.85 35.08
N ASP G 220 0.26 16.21 36.25
CA ASP G 220 0.14 14.76 36.30
C ASP G 220 -1.26 14.16 36.35
N PHE G 221 -2.24 14.97 36.74
CA PHE G 221 -3.64 14.50 36.77
C PHE G 221 -4.07 14.56 35.29
N TRP G 222 -4.48 13.44 34.72
CA TRP G 222 -4.86 13.43 33.31
C TRP G 222 -6.11 14.24 32.96
N LEU G 223 -6.11 14.80 31.75
CA LEU G 223 -7.26 15.53 31.23
C LEU G 223 -7.58 14.98 29.84
N MET G 224 -8.86 14.73 29.59
CA MET G 224 -9.31 14.20 28.31
C MET G 224 -10.59 14.89 27.86
N LEU G 225 -10.88 14.81 26.56
CA LEU G 225 -12.09 15.40 26.01
C LEU G 225 -12.97 14.34 25.35
N ASP G 226 -14.24 14.34 25.72
CA ASP G 226 -15.20 13.43 25.12
C ASP G 226 -15.96 14.29 24.10
N CYS G 227 -16.05 13.81 22.87
CA CYS G 227 -16.69 14.59 21.81
C CYS G 227 -18.01 14.02 21.31
N TRP G 228 -18.47 12.95 21.94
CA TRP G 228 -19.73 12.28 21.60
C TRP G 228 -20.21 12.30 20.14
N MET G 229 -19.36 11.79 19.23
CA MET G 229 -19.69 11.68 17.80
C MET G 229 -20.07 12.98 17.10
N SER G 230 -19.79 14.12 17.72
CA SER G 230 -20.19 15.42 17.20
C SER G 230 -19.33 16.18 16.19
N GLN G 231 -18.18 15.65 15.82
CA GLN G 231 -17.29 16.39 14.93
C GLN G 231 -17.02 15.72 13.59
N ASP G 232 -16.09 16.32 12.83
CA ASP G 232 -15.67 15.75 11.55
C ASP G 232 -14.15 15.71 11.69
N VAL G 233 -13.43 15.18 10.70
CA VAL G 233 -11.98 15.08 10.86
C VAL G 233 -11.23 16.39 11.04
N ASN G 234 -11.58 17.39 10.25
CA ASN G 234 -10.91 18.68 10.35
C ASN G 234 -11.11 19.35 11.72
N TYR G 235 -12.37 19.41 12.18
CA TYR G 235 -12.63 20.03 13.46
C TYR G 235 -11.91 19.31 14.60
N ALA G 236 -11.95 17.98 14.58
CA ALA G 236 -11.29 17.17 15.60
C ALA G 236 -9.77 17.43 15.58
N THR G 237 -9.22 17.51 14.38
CA THR G 237 -7.78 17.76 14.22
C THR G 237 -7.40 19.12 14.83
N LYS G 238 -8.20 20.15 14.52
CA LYS G 238 -7.91 21.48 15.05
C LYS G 238 -8.05 21.53 16.56
N LEU G 239 -9.07 20.88 17.08
CA LEU G 239 -9.27 20.88 18.53
C LEU G 239 -8.14 20.15 19.21
N ALA G 240 -7.73 19.03 18.62
CA ALA G 240 -6.66 18.21 19.18
C ALA G 240 -5.38 19.05 19.26
N HIS G 241 -5.02 19.68 18.16
CA HIS G 241 -3.82 20.50 18.18
C HIS G 241 -3.94 21.71 19.11
N ALA G 242 -5.16 22.24 19.25
CA ALA G 242 -5.38 23.37 20.13
C ALA G 242 -5.14 23.00 21.60
N CYS G 243 -5.34 21.73 21.93
CA CYS G 243 -5.16 21.24 23.29
C CYS G 243 -3.81 20.60 23.57
N ALA G 244 -2.98 20.45 22.54
CA ALA G 244 -1.67 19.82 22.71
C ALA G 244 -0.77 20.54 23.72
N PRO G 245 -0.84 21.89 23.78
CA PRO G 245 0.00 22.60 24.75
C PRO G 245 -0.32 22.27 26.21
N PHE G 246 -1.53 21.74 26.43
CA PHE G 246 -1.96 21.39 27.78
C PHE G 246 -1.84 19.89 28.03
N ASN G 247 -1.16 19.21 27.12
CA ASN G 247 -0.95 17.76 27.19
C ASN G 247 -2.27 17.00 27.42
N LEU G 248 -3.25 17.26 26.55
CA LEU G 248 -4.52 16.54 26.66
C LEU G 248 -4.14 15.09 26.38
N LYS G 249 -4.55 14.17 27.26
CA LYS G 249 -4.18 12.76 27.09
C LYS G 249 -4.82 12.09 25.87
N TRP G 250 -6.13 12.28 25.68
CA TRP G 250 -6.78 11.71 24.51
C TRP G 250 -8.02 12.50 24.13
N ILE G 251 -8.44 12.37 22.88
CA ILE G 251 -9.64 13.04 22.40
C ILE G 251 -10.54 11.88 21.97
N GLU G 252 -11.71 11.79 22.58
CA GLU G 252 -12.60 10.65 22.38
C GLU G 252 -13.86 10.76 21.52
N GLU G 253 -14.08 9.70 20.75
CA GLU G 253 -15.23 9.55 19.87
C GLU G 253 -15.60 10.83 19.12
N CYS G 254 -14.65 11.34 18.35
CA CYS G 254 -14.88 12.55 17.58
C CYS G 254 -15.86 12.35 16.45
N LEU G 255 -15.92 11.12 15.94
CA LEU G 255 -16.78 10.81 14.80
C LEU G 255 -17.83 9.74 15.00
N PRO G 256 -18.86 9.76 14.14
CA PRO G 256 -19.91 8.73 14.23
C PRO G 256 -19.23 7.38 14.02
N PRO G 257 -19.79 6.31 14.61
CA PRO G 257 -19.28 4.93 14.54
C PRO G 257 -18.88 4.37 13.18
N GLN G 258 -19.67 4.66 12.15
CA GLN G 258 -19.39 4.13 10.82
C GLN G 258 -18.16 4.70 10.14
N GLN G 259 -17.69 5.86 10.58
CA GLN G 259 -16.56 6.52 9.94
C GLN G 259 -15.16 6.02 10.25
N TYR G 260 -14.94 4.73 10.03
CA TYR G 260 -13.63 4.10 10.28
C TYR G 260 -12.52 4.82 9.52
N GLU G 261 -12.79 5.11 8.25
CA GLU G 261 -11.83 5.79 7.40
C GLU G 261 -11.44 7.16 7.99
N GLY G 262 -12.43 7.84 8.57
CA GLY G 262 -12.17 9.13 9.18
C GLY G 262 -11.32 8.97 10.43
N TYR G 263 -11.56 7.90 11.18
CA TYR G 263 -10.76 7.67 12.37
C TYR G 263 -9.30 7.39 12.00
N ARG G 264 -9.09 6.63 10.94
CA ARG G 264 -7.73 6.35 10.49
C ARG G 264 -7.03 7.68 10.18
N GLU G 265 -7.72 8.55 9.45
CA GLU G 265 -7.16 9.85 9.10
C GLU G 265 -6.93 10.75 10.31
N LEU G 266 -7.89 10.78 11.23
CA LEU G 266 -7.74 11.60 12.43
C LEU G 266 -6.52 11.16 13.24
N LYS G 267 -6.38 9.85 13.44
CA LYS G 267 -5.25 9.33 14.19
C LYS G 267 -3.94 9.72 13.50
N ARG G 268 -3.94 9.73 12.18
CA ARG G 268 -2.72 10.10 11.45
C ARG G 268 -2.39 11.58 11.66
N ASN G 269 -3.42 12.41 11.86
CA ASN G 269 -3.22 13.84 12.05
C ASN G 269 -3.11 14.31 13.49
N ALA G 270 -3.17 13.39 14.44
CA ALA G 270 -3.11 13.75 15.85
C ALA G 270 -1.75 14.25 16.31
N PRO G 271 -1.74 15.17 17.30
CA PRO G 271 -0.48 15.69 17.83
C PRO G 271 0.37 14.54 18.36
N ALA G 272 1.69 14.62 18.20
CA ALA G 272 2.57 13.57 18.69
C ALA G 272 2.30 13.28 20.16
N GLY G 273 2.08 12.01 20.48
CA GLY G 273 1.82 11.62 21.86
C GLY G 273 0.37 11.68 22.34
N MET G 274 -0.48 12.37 21.59
CA MET G 274 -1.89 12.45 22.00
C MET G 274 -2.65 11.27 21.43
N MET G 275 -3.49 10.65 22.25
CA MET G 275 -4.24 9.49 21.76
C MET G 275 -5.60 9.84 21.21
N VAL G 276 -6.09 8.94 20.35
CA VAL G 276 -7.40 9.09 19.74
C VAL G 276 -8.14 7.82 20.17
N THR G 277 -9.36 7.97 20.66
CA THR G 277 -10.11 6.81 21.12
C THR G 277 -11.54 6.81 20.60
N SER G 278 -12.19 5.66 20.70
CA SER G 278 -13.57 5.51 20.30
C SER G 278 -14.00 4.10 20.65
N GLY G 279 -15.25 3.75 20.36
CA GLY G 279 -15.70 2.40 20.64
C GLY G 279 -16.91 2.16 21.51
N GLU G 280 -17.32 3.13 22.32
CA GLU G 280 -18.47 2.89 23.19
C GLU G 280 -19.76 2.59 22.44
N HIS G 281 -19.90 3.08 21.22
CA HIS G 281 -21.11 2.82 20.44
C HIS G 281 -20.96 1.68 19.42
N HIS G 282 -19.79 1.08 19.36
CA HIS G 282 -19.56 -0.03 18.43
C HIS G 282 -20.03 -1.34 19.03
N GLY G 283 -20.39 -2.29 18.17
CA GLY G 283 -20.86 -3.58 18.64
C GLY G 283 -20.35 -4.72 17.78
N THR G 284 -20.24 -5.89 18.39
CA THR G 284 -19.76 -7.12 17.77
C THR G 284 -18.25 -7.11 17.63
N LEU G 285 -17.64 -8.29 17.79
CA LEU G 285 -16.20 -8.42 17.71
C LEU G 285 -15.65 -7.98 16.36
N GLN G 286 -16.38 -8.27 15.28
CA GLN G 286 -15.92 -7.90 13.94
C GLN G 286 -15.82 -6.40 13.71
N SER G 287 -16.72 -5.63 14.31
CA SER G 287 -16.67 -4.18 14.14
C SER G 287 -15.42 -3.65 14.85
N PHE G 288 -15.09 -4.27 15.98
CA PHE G 288 -13.92 -3.85 16.74
C PHE G 288 -12.61 -4.22 16.04
N ARG G 289 -12.66 -5.25 15.20
CA ARG G 289 -11.48 -5.64 14.44
C ARG G 289 -11.24 -4.51 13.44
N THR G 290 -12.32 -4.04 12.83
CA THR G 290 -12.23 -2.96 11.87
C THR G 290 -11.79 -1.66 12.56
N LEU G 291 -12.35 -1.40 13.73
CA LEU G 291 -12.00 -0.20 14.48
C LEU G 291 -10.53 -0.25 14.89
N ALA G 292 -10.08 -1.41 15.37
CA ALA G 292 -8.70 -1.58 15.78
C ALA G 292 -7.74 -1.27 14.63
N GLU G 293 -8.10 -1.70 13.42
CA GLU G 293 -7.23 -1.48 12.28
C GLU G 293 -7.14 -0.05 11.77
N THR G 294 -7.93 0.86 12.33
CA THR G 294 -7.84 2.27 11.92
C THR G 294 -6.62 2.87 12.60
N GLY G 295 -6.11 2.18 13.60
CA GLY G 295 -4.93 2.66 14.31
C GLY G 295 -5.17 3.45 15.57
N ILE G 296 -6.44 3.64 15.96
CA ILE G 296 -6.71 4.39 17.19
C ILE G 296 -6.06 3.71 18.38
N ASP G 297 -5.65 4.53 19.35
CA ASP G 297 -4.93 4.02 20.51
C ASP G 297 -5.68 3.14 21.49
N ILE G 298 -6.91 3.50 21.82
CA ILE G 298 -7.69 2.76 22.78
C ILE G 298 -9.14 2.59 22.36
N MET G 299 -9.63 1.36 22.45
CA MET G 299 -11.02 1.06 22.12
C MET G 299 -11.77 1.05 23.46
N GLN G 300 -12.99 1.60 23.45
CA GLN G 300 -13.76 1.73 24.67
C GLN G 300 -15.16 1.13 24.63
N PRO G 301 -15.26 -0.18 24.43
CA PRO G 301 -16.58 -0.80 24.39
C PRO G 301 -17.31 -0.69 25.72
N ASP G 302 -18.64 -0.63 25.67
CA ASP G 302 -19.43 -0.61 26.91
C ASP G 302 -19.87 -2.08 26.99
N VAL G 303 -19.60 -2.72 28.11
CA VAL G 303 -19.96 -4.13 28.26
C VAL G 303 -21.45 -4.37 28.05
N GLY G 304 -22.27 -3.38 28.37
CA GLY G 304 -23.70 -3.54 28.19
C GLY G 304 -24.22 -3.18 26.81
N TRP G 305 -23.32 -2.75 25.92
CA TRP G 305 -23.70 -2.36 24.57
C TRP G 305 -22.92 -3.07 23.46
N CYS G 306 -21.71 -3.52 23.78
CA CYS G 306 -20.85 -4.14 22.77
C CYS G 306 -21.18 -5.59 22.42
N GLY G 307 -21.98 -6.23 23.26
CA GLY G 307 -22.33 -7.62 23.02
C GLY G 307 -22.31 -8.39 24.32
N GLY G 308 -21.78 -7.76 25.37
CA GLY G 308 -21.71 -8.39 26.67
C GLY G 308 -20.29 -8.67 27.13
N LEU G 309 -20.18 -9.34 28.27
CA LEU G 309 -18.89 -9.70 28.81
C LEU G 309 -18.21 -10.69 27.88
N THR G 310 -18.99 -11.63 27.33
CA THR G 310 -18.43 -12.61 26.42
C THR G 310 -17.71 -11.95 25.25
N THR G 311 -18.30 -10.88 24.73
CA THR G 311 -17.72 -10.13 23.63
C THR G 311 -16.56 -9.26 24.12
N LEU G 312 -16.72 -8.66 25.31
CA LEU G 312 -15.69 -7.80 25.86
C LEU G 312 -14.35 -8.51 26.01
N VAL G 313 -14.38 -9.71 26.57
CA VAL G 313 -13.16 -10.49 26.78
C VAL G 313 -12.45 -10.74 25.45
N GLU G 314 -13.22 -10.88 24.37
CA GLU G 314 -12.63 -11.10 23.05
C GLU G 314 -12.00 -9.82 22.54
N ILE G 315 -12.67 -8.69 22.78
CA ILE G 315 -12.15 -7.40 22.34
C ILE G 315 -10.83 -7.12 23.07
N ALA G 316 -10.77 -7.43 24.36
CA ALA G 316 -9.54 -7.20 25.14
C ALA G 316 -8.37 -7.98 24.54
N ALA G 317 -8.65 -9.20 24.08
CA ALA G 317 -7.63 -10.05 23.48
C ALA G 317 -7.19 -9.45 22.14
N LEU G 318 -8.16 -8.94 21.38
CA LEU G 318 -7.88 -8.32 20.09
C LEU G 318 -6.91 -7.15 20.28
N ALA G 319 -7.22 -6.27 21.23
CA ALA G 319 -6.35 -5.12 21.48
C ALA G 319 -4.99 -5.56 22.03
N LYS G 320 -5.02 -6.52 22.95
CA LYS G 320 -3.78 -7.02 23.54
C LYS G 320 -2.84 -7.59 22.50
N SER G 321 -3.38 -8.28 21.49
CA SER G 321 -2.56 -8.88 20.45
C SER G 321 -1.82 -7.81 19.64
N ARG G 322 -2.38 -6.61 19.59
CA ARG G 322 -1.79 -5.50 18.85
C ARG G 322 -0.94 -4.62 19.78
N GLY G 323 -0.73 -5.11 20.99
CA GLY G 323 0.07 -4.38 21.97
C GLY G 323 -0.60 -3.11 22.45
N GLN G 324 -1.92 -3.06 22.35
CA GLN G 324 -2.68 -1.88 22.76
C GLN G 324 -3.56 -2.13 23.98
N LEU G 325 -4.02 -1.06 24.60
CA LEU G 325 -4.88 -1.12 25.78
C LEU G 325 -6.35 -1.10 25.40
N VAL G 326 -7.21 -1.51 26.33
CA VAL G 326 -8.66 -1.48 26.13
C VAL G 326 -9.24 -0.88 27.40
N VAL G 327 -10.02 0.18 27.27
CA VAL G 327 -10.61 0.83 28.44
C VAL G 327 -12.10 1.02 28.22
N PRO G 328 -12.91 0.07 28.72
CA PRO G 328 -14.36 0.13 28.58
C PRO G 328 -15.04 1.39 29.08
N HIS G 329 -16.23 1.63 28.54
CA HIS G 329 -17.05 2.78 28.88
C HIS G 329 -17.93 2.48 30.10
N GLY G 330 -17.66 3.16 31.21
CA GLY G 330 -18.46 2.97 32.43
C GLY G 330 -18.79 1.52 32.78
N SER G 331 -20.07 1.22 32.93
CA SER G 331 -20.57 -0.13 33.24
C SER G 331 -20.52 -0.67 34.67
N SER G 332 -19.96 0.09 35.59
CA SER G 332 -19.92 -0.35 36.99
C SER G 332 -19.38 -1.78 37.16
N VAL G 333 -20.01 -2.57 38.02
CA VAL G 333 -19.57 -3.93 38.29
C VAL G 333 -19.38 -4.83 37.07
N TYR G 334 -20.19 -4.62 36.03
CA TYR G 334 -20.11 -5.43 34.82
C TYR G 334 -18.78 -5.21 34.11
N SER G 335 -18.16 -4.07 34.35
CA SER G 335 -16.85 -3.76 33.76
C SER G 335 -15.76 -4.13 34.79
N HIS G 336 -16.00 -3.80 36.05
CA HIS G 336 -15.04 -4.08 37.12
C HIS G 336 -14.56 -5.53 37.17
N HIS G 337 -15.50 -6.48 37.13
CA HIS G 337 -15.14 -7.89 37.18
C HIS G 337 -14.36 -8.36 35.96
N ALA G 338 -14.52 -7.67 34.85
CA ALA G 338 -13.81 -8.05 33.63
C ALA G 338 -12.44 -7.37 33.55
N VAL G 339 -12.41 -6.04 33.68
CA VAL G 339 -11.15 -5.30 33.55
C VAL G 339 -10.12 -5.56 34.64
N ILE G 340 -10.57 -5.99 35.82
CA ILE G 340 -9.60 -6.26 36.86
C ILE G 340 -8.76 -7.49 36.48
N THR G 341 -9.20 -8.22 35.46
CA THR G 341 -8.48 -9.42 35.00
C THR G 341 -7.75 -9.20 33.68
N PHE G 342 -7.86 -7.99 33.13
CA PHE G 342 -7.23 -7.65 31.85
C PHE G 342 -5.88 -6.99 32.08
N THR G 343 -4.82 -7.60 31.57
CA THR G 343 -3.50 -7.01 31.74
C THR G 343 -3.41 -5.69 30.98
N ASN G 344 -4.21 -5.55 29.94
CA ASN G 344 -4.19 -4.34 29.13
C ASN G 344 -5.28 -3.30 29.39
N THR G 345 -5.78 -3.26 30.62
CA THR G 345 -6.76 -2.26 31.04
C THR G 345 -6.18 -1.72 32.36
N PRO G 346 -5.15 -0.87 32.25
CA PRO G 346 -4.42 -0.22 33.35
C PRO G 346 -5.29 0.66 34.25
N PHE G 347 -6.41 1.12 33.71
CA PHE G 347 -7.32 1.99 34.43
C PHE G 347 -8.72 1.88 33.84
N SER G 348 -9.72 2.38 34.57
CA SER G 348 -11.11 2.32 34.13
C SER G 348 -11.82 3.65 34.26
N GLU G 349 -13.05 3.70 33.77
CA GLU G 349 -13.84 4.93 33.82
C GLU G 349 -14.95 4.94 34.86
N PHE G 350 -15.16 6.11 35.47
CA PHE G 350 -16.25 6.29 36.41
C PHE G 350 -16.99 7.50 35.87
N LEU G 351 -18.22 7.29 35.40
CA LEU G 351 -19.03 8.36 34.84
C LEU G 351 -19.87 8.99 35.94
N MET G 352 -19.66 10.29 36.18
CA MET G 352 -20.38 11.01 37.22
C MET G 352 -21.89 11.10 36.99
N THR G 353 -22.66 10.48 37.88
CA THR G 353 -24.12 10.53 37.79
C THR G 353 -24.62 11.65 38.71
N SER G 354 -23.72 12.12 39.58
CA SER G 354 -24.03 13.21 40.48
C SER G 354 -24.29 14.41 39.58
N PRO G 355 -25.41 15.13 39.78
CA PRO G 355 -25.77 16.30 38.96
C PRO G 355 -24.66 17.34 38.76
N ASP G 356 -23.92 17.63 39.82
CA ASP G 356 -22.86 18.62 39.72
C ASP G 356 -21.46 18.04 39.88
N CYS G 357 -21.35 16.72 39.69
CA CYS G 357 -20.07 16.02 39.80
C CYS G 357 -19.36 16.31 41.10
N SER G 358 -20.11 16.49 42.18
CA SER G 358 -19.50 16.79 43.47
C SER G 358 -19.49 15.61 44.43
N THR G 359 -20.20 14.54 44.09
CA THR G 359 -20.26 13.36 44.95
C THR G 359 -20.12 12.06 44.18
N LEU G 360 -19.95 10.97 44.92
CA LEU G 360 -19.80 9.66 44.31
C LEU G 360 -21.11 8.88 44.23
N ARG G 361 -22.10 9.49 43.61
CA ARG G 361 -23.40 8.83 43.44
C ARG G 361 -23.10 7.58 42.60
N PRO G 362 -23.63 6.41 43.00
CA PRO G 362 -23.37 5.18 42.24
C PRO G 362 -23.59 5.30 40.73
N GLN G 363 -22.73 4.62 39.97
CA GLN G 363 -22.79 4.62 38.50
C GLN G 363 -24.19 4.30 37.95
N PHE G 364 -24.85 3.32 38.54
CA PHE G 364 -26.18 2.91 38.09
C PHE G 364 -27.30 3.22 39.08
N ASP G 365 -27.06 4.18 39.96
CA ASP G 365 -28.08 4.56 40.94
C ASP G 365 -29.42 4.83 40.22
N PRO G 366 -30.53 4.31 40.76
CA PRO G 366 -30.64 3.50 41.98
C PRO G 366 -31.05 2.04 41.76
N ILE G 367 -30.94 1.57 40.53
CA ILE G 367 -31.34 0.20 40.20
C ILE G 367 -30.55 -0.94 40.84
N LEU G 368 -29.30 -0.67 41.21
CA LEU G 368 -28.46 -1.71 41.82
C LEU G 368 -28.28 -1.54 43.31
N LEU G 369 -28.56 -2.60 44.07
CA LEU G 369 -28.40 -2.55 45.52
C LEU G 369 -26.96 -2.91 45.85
N ASP G 370 -26.39 -2.22 46.83
CA ASP G 370 -25.02 -2.48 47.25
C ASP G 370 -24.03 -2.22 46.13
N GLU G 371 -24.26 -1.18 45.35
CA GLU G 371 -23.35 -0.87 44.24
C GLU G 371 -22.10 -0.17 44.77
N PRO G 372 -20.93 -0.80 44.59
CA PRO G 372 -19.71 -0.17 45.07
C PRO G 372 -19.29 1.05 44.27
N VAL G 373 -18.61 1.97 44.93
CA VAL G 373 -18.10 3.18 44.30
C VAL G 373 -16.64 3.31 44.71
N PRO G 374 -15.84 4.04 43.92
CA PRO G 374 -14.43 4.22 44.24
C PRO G 374 -14.17 4.91 45.57
N VAL G 375 -13.11 4.47 46.24
CA VAL G 375 -12.66 5.07 47.49
C VAL G 375 -11.26 5.53 47.10
N ASN G 376 -11.04 6.84 47.14
CA ASN G 376 -9.76 7.41 46.73
C ASN G 376 -9.48 7.05 45.27
N GLY G 377 -10.53 7.16 44.46
CA GLY G 377 -10.46 6.88 43.04
C GLY G 377 -10.16 5.45 42.67
N ARG G 378 -10.31 4.53 43.62
CA ARG G 378 -10.00 3.13 43.36
C ARG G 378 -11.01 2.17 43.97
N ILE G 379 -11.05 0.96 43.45
CA ILE G 379 -11.90 -0.10 43.98
C ILE G 379 -11.01 -1.33 44.16
N HIS G 380 -10.78 -1.70 45.41
CA HIS G 380 -9.97 -2.86 45.75
C HIS G 380 -10.68 -4.14 45.33
N LYS G 381 -9.93 -5.16 44.94
CA LYS G 381 -10.56 -6.40 44.50
C LYS G 381 -11.43 -7.05 45.56
N SER G 382 -11.07 -6.83 46.83
CA SER G 382 -11.84 -7.42 47.94
C SER G 382 -13.27 -6.92 47.92
N VAL G 383 -13.48 -5.74 47.35
CA VAL G 383 -14.81 -5.17 47.25
C VAL G 383 -15.65 -6.00 46.26
N LEU G 384 -14.96 -6.69 45.35
CA LEU G 384 -15.65 -7.48 44.35
C LEU G 384 -15.81 -8.94 44.75
N ASP G 385 -15.40 -9.28 45.98
CA ASP G 385 -15.50 -10.66 46.45
C ASP G 385 -16.90 -11.09 46.87
N LYS G 386 -17.81 -11.10 45.90
CA LYS G 386 -19.19 -11.52 46.11
C LYS G 386 -19.60 -12.30 44.86
N PRO G 387 -20.65 -13.12 44.97
CA PRO G 387 -21.14 -13.95 43.86
C PRO G 387 -21.53 -13.16 42.61
N GLY G 388 -21.21 -13.72 41.44
CA GLY G 388 -21.53 -13.08 40.19
C GLY G 388 -20.93 -11.69 40.10
N PHE G 389 -21.77 -10.69 39.86
CA PHE G 389 -21.30 -9.32 39.80
C PHE G 389 -21.54 -8.63 41.14
N GLY G 390 -21.86 -9.45 42.14
CA GLY G 390 -22.04 -8.98 43.50
C GLY G 390 -23.11 -8.00 43.92
N VAL G 391 -24.12 -7.76 43.07
CA VAL G 391 -25.18 -6.83 43.46
C VAL G 391 -26.55 -7.51 43.40
N GLU G 392 -27.57 -6.80 43.88
CA GLU G 392 -28.94 -7.30 43.85
C GLU G 392 -29.84 -6.26 43.21
N LEU G 393 -30.94 -6.70 42.61
CA LEU G 393 -31.87 -5.81 41.95
C LEU G 393 -32.74 -5.04 42.93
N ASN G 394 -32.82 -3.73 42.75
CA ASN G 394 -33.63 -2.87 43.61
C ASN G 394 -35.04 -2.85 43.09
N ARG G 395 -35.87 -3.76 43.61
CA ARG G 395 -37.25 -3.85 43.17
C ARG G 395 -38.12 -2.73 43.73
N ASP G 396 -37.50 -1.82 44.48
CA ASP G 396 -38.20 -0.68 45.05
C ASP G 396 -38.48 0.34 43.96
N CYS G 397 -37.75 0.25 42.86
CA CYS G 397 -37.96 1.15 41.74
C CYS G 397 -39.25 0.64 41.13
N HIS G 398 -39.91 1.45 40.33
CA HIS G 398 -41.18 1.02 39.73
C HIS G 398 -41.02 0.28 38.40
N LEU G 399 -40.56 -0.97 38.49
CA LEU G 399 -40.35 -1.80 37.31
C LEU G 399 -41.64 -2.05 36.53
N LYS G 400 -41.52 -2.02 35.20
CA LYS G 400 -42.66 -2.25 34.34
C LYS G 400 -42.47 -3.52 33.53
N ARG G 401 -43.58 -4.21 33.22
CA ARG G 401 -43.55 -5.46 32.48
C ARG G 401 -44.47 -5.35 31.26
N PRO G 402 -43.97 -4.76 30.17
CA PRO G 402 -44.76 -4.61 28.96
C PRO G 402 -45.04 -5.93 28.23
N TYR G 403 -44.17 -6.92 28.44
CA TYR G 403 -44.32 -8.21 27.76
C TYR G 403 -44.09 -9.40 28.69
N SER G 404 -44.62 -10.55 28.28
CA SER G 404 -44.47 -11.79 29.03
C SER G 404 -44.59 -12.96 28.04
N HIS G 405 -44.27 -14.16 28.49
CA HIS G 405 -44.36 -15.34 27.63
C HIS G 405 -44.53 -16.61 28.46
N MET H 1 -42.08 36.79 -10.63
CA MET H 1 -42.73 35.48 -10.92
C MET H 1 -43.98 35.27 -10.08
N GLU H 2 -44.76 34.27 -10.44
CA GLU H 2 -45.98 33.95 -9.73
C GLU H 2 -45.73 33.07 -8.50
N ASN H 3 -46.62 33.19 -7.52
CA ASN H 3 -46.51 32.43 -6.28
C ASN H 3 -46.38 30.94 -6.50
N ILE H 4 -45.73 30.28 -5.55
CA ILE H 4 -45.53 28.84 -5.62
C ILE H 4 -46.70 28.09 -5.00
N MET H 5 -46.78 26.81 -5.31
CA MET H 5 -47.81 25.93 -4.78
C MET H 5 -47.72 26.04 -3.25
N THR H 6 -48.85 26.27 -2.59
CA THR H 6 -48.80 26.36 -1.13
C THR H 6 -48.66 24.95 -0.62
N LEU H 7 -47.96 24.76 0.49
CA LEU H 7 -47.78 23.43 1.05
C LEU H 7 -48.21 23.37 2.51
N PRO H 8 -48.91 22.29 2.90
CA PRO H 8 -49.35 22.14 4.29
C PRO H 8 -48.22 21.64 5.17
N LYS H 9 -48.41 21.77 6.47
CA LYS H 9 -47.44 21.31 7.45
C LYS H 9 -47.88 19.93 7.89
N ILE H 10 -46.95 19.14 8.43
CA ILE H 10 -47.28 17.81 8.91
C ILE H 10 -48.03 18.01 10.21
N LYS H 11 -49.15 17.30 10.38
CA LYS H 11 -49.95 17.46 11.58
C LYS H 11 -49.82 16.25 12.52
N HIS H 12 -49.85 15.06 11.95
CA HIS H 12 -49.75 13.85 12.75
C HIS H 12 -48.91 12.77 12.09
N VAL H 13 -48.33 11.91 12.92
CA VAL H 13 -47.58 10.76 12.44
C VAL H 13 -48.09 9.63 13.31
N ARG H 14 -48.51 8.54 12.69
CA ARG H 14 -49.02 7.39 13.41
C ARG H 14 -48.36 6.12 12.92
N ALA H 15 -48.17 5.17 13.81
CA ALA H 15 -47.52 3.91 13.46
C ALA H 15 -48.38 2.70 13.83
N TRP H 16 -48.46 1.75 12.92
CA TRP H 16 -49.22 0.52 13.12
C TRP H 16 -48.35 -0.67 12.79
N PHE H 17 -48.85 -1.86 13.12
CA PHE H 17 -48.14 -3.08 12.83
C PHE H 17 -49.07 -4.27 12.72
N ILE H 18 -48.66 -5.24 11.90
CA ILE H 18 -49.39 -6.49 11.71
C ILE H 18 -48.34 -7.57 11.73
N GLY H 19 -48.72 -8.77 12.14
CA GLY H 19 -47.78 -9.86 12.20
C GLY H 19 -46.80 -9.70 13.36
N GLY H 20 -45.73 -10.48 13.35
CA GLY H 20 -44.75 -10.39 14.42
C GLY H 20 -45.14 -11.28 15.59
N ALA H 21 -44.29 -11.32 16.60
CA ALA H 21 -44.53 -12.14 17.77
C ALA H 21 -45.68 -11.69 18.67
N THR H 22 -46.19 -10.48 18.47
CA THR H 22 -47.29 -10.01 19.30
C THR H 22 -48.62 -9.88 18.54
N ALA H 23 -48.64 -10.39 17.32
CA ALA H 23 -49.83 -10.37 16.49
C ALA H 23 -49.98 -11.73 15.82
N GLU H 24 -50.64 -11.78 14.67
CA GLU H 24 -50.86 -13.03 13.97
C GLU H 24 -49.72 -13.44 13.03
N LYS H 25 -49.24 -14.67 13.21
CA LYS H 25 -48.15 -15.18 12.39
C LYS H 25 -48.56 -15.39 10.93
N GLY H 26 -47.65 -15.10 10.02
CA GLY H 26 -47.91 -15.26 8.61
C GLY H 26 -48.67 -14.11 7.98
N ALA H 27 -48.59 -12.94 8.61
CA ALA H 27 -49.27 -11.76 8.10
C ALA H 27 -48.68 -11.24 6.79
N GLY H 28 -47.47 -11.68 6.45
CA GLY H 28 -46.85 -11.22 5.22
C GLY H 28 -46.65 -9.72 5.27
N GLY H 29 -47.01 -9.02 4.19
CA GLY H 29 -46.88 -7.58 4.17
C GLY H 29 -45.46 -7.05 4.05
N GLY H 30 -45.08 -6.19 4.99
CA GLY H 30 -43.74 -5.60 4.96
C GLY H 30 -42.62 -6.57 5.26
N ASP H 31 -42.88 -7.54 6.13
CA ASP H 31 -41.89 -8.54 6.49
C ASP H 31 -41.98 -9.74 5.56
N TYR H 32 -41.10 -9.78 4.57
CA TYR H 32 -41.04 -10.85 3.57
C TYR H 32 -41.01 -12.25 4.18
N HIS H 33 -40.41 -12.39 5.36
CA HIS H 33 -40.28 -13.69 6.00
C HIS H 33 -41.41 -14.06 6.95
N ASP H 34 -42.43 -13.22 7.04
CA ASP H 34 -43.55 -13.51 7.92
C ASP H 34 -44.58 -14.27 7.11
N GLN H 35 -44.22 -15.49 6.74
CA GLN H 35 -45.07 -16.35 5.94
C GLN H 35 -45.60 -17.53 6.76
N GLY H 36 -46.40 -18.38 6.13
CA GLY H 36 -46.93 -19.54 6.83
C GLY H 36 -45.98 -20.69 6.60
N GLY H 37 -46.42 -21.90 6.90
CA GLY H 37 -45.57 -23.06 6.69
C GLY H 37 -45.50 -23.37 5.20
N ASN H 38 -44.74 -24.41 4.85
CA ASN H 38 -44.60 -24.82 3.46
C ASN H 38 -44.32 -23.68 2.49
N HIS H 39 -43.34 -22.83 2.83
CA HIS H 39 -42.98 -21.72 1.98
C HIS H 39 -41.52 -21.91 1.58
N TRP H 40 -41.23 -21.76 0.29
CA TRP H 40 -39.87 -21.94 -0.20
C TRP H 40 -38.89 -21.07 0.58
N ILE H 41 -39.35 -19.90 0.99
CA ILE H 41 -38.51 -18.94 1.70
C ILE H 41 -38.10 -19.41 3.09
N ASP H 42 -38.70 -20.50 3.56
CA ASP H 42 -38.36 -21.04 4.86
C ASP H 42 -37.91 -22.49 4.74
N ASP H 43 -37.67 -22.93 3.50
CA ASP H 43 -37.27 -24.31 3.25
C ASP H 43 -35.77 -24.61 3.27
N HIS H 44 -35.28 -24.95 4.46
CA HIS H 44 -33.88 -25.30 4.65
C HIS H 44 -32.91 -24.31 4.02
N ILE H 45 -33.12 -23.02 4.30
CA ILE H 45 -32.26 -21.97 3.76
C ILE H 45 -31.01 -21.84 4.64
N ALA H 46 -29.83 -21.82 4.03
CA ALA H 46 -28.59 -21.70 4.78
C ALA H 46 -28.53 -20.31 5.45
N THR H 47 -28.15 -20.29 6.72
CA THR H 47 -28.06 -19.05 7.48
C THR H 47 -26.98 -19.20 8.54
N PRO H 48 -26.65 -18.12 9.26
CA PRO H 48 -25.61 -18.26 10.29
C PRO H 48 -26.07 -19.17 11.43
N MET H 49 -27.34 -19.54 11.41
CA MET H 49 -27.91 -20.40 12.44
C MET H 49 -28.16 -21.83 12.00
N SER H 50 -28.11 -22.10 10.69
CA SER H 50 -28.38 -23.45 10.19
C SER H 50 -27.34 -24.49 10.62
N LYS H 51 -26.28 -24.04 11.28
CA LYS H 51 -25.25 -24.96 11.77
C LYS H 51 -25.78 -25.65 13.02
N TYR H 52 -26.89 -25.14 13.55
CA TYR H 52 -27.51 -25.73 14.74
C TYR H 52 -28.68 -26.60 14.31
N ARG H 53 -28.64 -27.88 14.69
CA ARG H 53 -29.68 -28.85 14.33
C ARG H 53 -31.12 -28.34 14.51
N ASP H 54 -31.40 -27.73 15.65
CA ASP H 54 -32.74 -27.23 15.93
C ASP H 54 -33.16 -26.04 15.06
N TYR H 55 -32.21 -25.43 14.36
CA TYR H 55 -32.53 -24.27 13.54
C TYR H 55 -32.09 -24.40 12.08
N GLU H 56 -31.78 -25.61 11.66
CA GLU H 56 -31.32 -25.86 10.30
C GLU H 56 -32.44 -25.87 9.25
N GLN H 57 -33.59 -26.45 9.60
CA GLN H 57 -34.70 -26.56 8.66
C GLN H 57 -35.50 -25.29 8.44
N SER H 58 -35.76 -24.54 9.51
CA SER H 58 -36.58 -23.34 9.43
C SER H 58 -35.95 -22.07 9.99
N ARG H 59 -36.03 -20.99 9.23
CA ARG H 59 -35.50 -19.71 9.69
C ARG H 59 -36.53 -19.15 10.66
N GLN H 60 -37.81 -19.45 10.41
CA GLN H 60 -38.87 -19.00 11.30
C GLN H 60 -38.55 -19.60 12.67
N SER H 61 -37.89 -20.75 12.65
CA SER H 61 -37.50 -21.45 13.86
C SER H 61 -36.66 -20.60 14.82
N PHE H 62 -35.74 -19.79 14.28
CA PHE H 62 -34.92 -18.95 15.13
C PHE H 62 -35.44 -17.52 15.26
N GLY H 63 -36.65 -17.29 14.78
CA GLY H 63 -37.25 -15.97 14.90
C GLY H 63 -37.06 -14.96 13.80
N ILE H 64 -36.92 -15.42 12.56
CA ILE H 64 -36.75 -14.50 11.43
C ILE H 64 -38.07 -13.76 11.18
N ASN H 65 -39.13 -14.14 11.89
CA ASN H 65 -40.44 -13.53 11.71
C ASN H 65 -41.00 -12.83 12.95
N VAL H 66 -40.18 -12.62 13.96
CA VAL H 66 -40.65 -12.00 15.19
C VAL H 66 -41.02 -10.52 15.11
N LEU H 67 -40.44 -9.78 14.15
CA LEU H 67 -40.72 -8.36 14.01
C LEU H 67 -42.05 -8.01 13.34
N GLY H 68 -42.34 -8.67 12.21
CA GLY H 68 -43.58 -8.38 11.53
C GLY H 68 -43.48 -7.10 10.71
N THR H 69 -44.64 -6.54 10.38
CA THR H 69 -44.71 -5.34 9.56
C THR H 69 -44.96 -4.03 10.28
N LEU H 70 -44.16 -3.02 9.94
CA LEU H 70 -44.33 -1.68 10.52
C LEU H 70 -45.03 -0.81 9.48
N ILE H 71 -46.03 -0.06 9.94
CA ILE H 71 -46.76 0.82 9.04
C ILE H 71 -46.70 2.24 9.59
N VAL H 72 -46.19 3.17 8.80
CA VAL H 72 -46.10 4.56 9.21
C VAL H 72 -46.95 5.44 8.32
N GLU H 73 -47.84 6.23 8.91
CA GLU H 73 -48.68 7.12 8.14
C GLU H 73 -48.50 8.56 8.60
N VAL H 74 -48.23 9.44 7.66
CA VAL H 74 -48.07 10.86 7.96
C VAL H 74 -49.27 11.61 7.42
N GLU H 75 -49.87 12.47 8.24
CA GLU H 75 -51.05 13.25 7.85
C GLU H 75 -50.78 14.75 7.90
N ALA H 76 -51.01 15.44 6.79
CA ALA H 76 -50.80 16.88 6.71
C ALA H 76 -51.97 17.65 7.32
N GLU H 77 -51.81 18.96 7.45
CA GLU H 77 -52.86 19.82 8.01
C GLU H 77 -54.09 19.89 7.10
N ASN H 78 -53.91 19.56 5.83
CA ASN H 78 -55.02 19.60 4.88
C ASN H 78 -55.67 18.23 4.68
N ARG H 79 -55.49 17.36 5.67
CA ARG H 79 -56.07 16.01 5.65
C ARG H 79 -55.42 15.02 4.70
N GLN H 80 -54.50 15.47 3.86
CA GLN H 80 -53.83 14.56 2.95
C GLN H 80 -52.86 13.66 3.73
N THR H 81 -52.71 12.41 3.31
CA THR H 81 -51.83 11.50 4.01
C THR H 81 -50.88 10.73 3.09
N GLY H 82 -49.84 10.19 3.70
CA GLY H 82 -48.85 9.40 2.98
C GLY H 82 -48.45 8.28 3.93
N PHE H 83 -48.00 7.15 3.40
CA PHE H 83 -47.61 6.06 4.27
C PHE H 83 -46.57 5.19 3.62
N ALA H 84 -46.05 4.24 4.39
CA ALA H 84 -45.04 3.31 3.91
C ALA H 84 -45.00 2.12 4.86
N VAL H 85 -44.42 1.02 4.40
CA VAL H 85 -44.31 -0.16 5.23
C VAL H 85 -42.88 -0.71 5.20
N SER H 86 -42.50 -1.39 6.27
CA SER H 86 -41.18 -1.99 6.39
C SER H 86 -41.23 -3.09 7.44
N THR H 87 -40.06 -3.60 7.83
CA THR H 87 -39.97 -4.65 8.83
C THR H 87 -39.48 -4.06 10.15
N ALA H 88 -40.35 -4.03 11.15
CA ALA H 88 -39.99 -3.50 12.46
C ALA H 88 -41.10 -3.76 13.46
N GLY H 89 -42.33 -3.80 12.96
CA GLY H 89 -43.46 -4.08 13.83
C GLY H 89 -43.70 -3.16 15.01
N GLU H 90 -44.04 -3.76 16.15
CA GLU H 90 -44.34 -3.03 17.38
C GLU H 90 -43.24 -2.14 17.89
N MET H 91 -42.01 -2.62 17.86
CA MET H 91 -40.90 -1.82 18.35
C MET H 91 -40.75 -0.59 17.46
N GLY H 92 -40.99 -0.76 16.17
CA GLY H 92 -40.90 0.37 15.26
C GLY H 92 -41.92 1.41 15.65
N CYS H 93 -43.10 0.97 16.07
CA CYS H 93 -44.16 1.89 16.49
C CYS H 93 -43.69 2.73 17.67
N PHE H 94 -42.97 2.10 18.59
CA PHE H 94 -42.45 2.79 19.77
C PHE H 94 -41.52 3.93 19.35
N ILE H 95 -40.60 3.61 18.44
CA ILE H 95 -39.65 4.60 17.97
C ILE H 95 -40.33 5.79 17.29
N VAL H 96 -41.33 5.50 16.47
CA VAL H 96 -42.06 6.57 15.77
C VAL H 96 -42.95 7.39 16.70
N GLU H 97 -43.74 6.70 17.52
CA GLU H 97 -44.67 7.36 18.44
C GLU H 97 -44.03 8.01 19.67
N LYS H 98 -42.92 7.46 20.15
CA LYS H 98 -42.30 7.99 21.36
C LYS H 98 -40.98 8.72 21.16
N HIS H 99 -40.51 8.85 19.92
CA HIS H 99 -39.25 9.53 19.68
C HIS H 99 -39.22 10.39 18.42
N LEU H 100 -39.25 9.74 17.27
CA LEU H 100 -39.15 10.47 16.00
C LEU H 100 -40.28 11.47 15.72
N ASN H 101 -41.43 11.29 16.33
CA ASN H 101 -42.54 12.20 16.09
C ASN H 101 -42.17 13.67 16.31
N ARG H 102 -41.29 13.92 17.29
CA ARG H 102 -40.89 15.29 17.61
C ARG H 102 -40.18 16.02 16.48
N PHE H 103 -39.58 15.29 15.54
CA PHE H 103 -38.89 15.90 14.42
C PHE H 103 -39.78 15.96 13.19
N ILE H 104 -40.85 15.16 13.19
CA ILE H 104 -41.76 15.08 12.06
C ILE H 104 -42.94 16.05 12.06
N GLU H 105 -43.69 16.07 13.15
CA GLU H 105 -44.86 16.92 13.27
C GLU H 105 -44.49 18.41 13.37
N GLY H 106 -45.12 19.22 12.53
CA GLY H 106 -44.85 20.65 12.54
C GLY H 106 -44.01 21.09 11.35
N LYS H 107 -43.30 20.14 10.76
CA LYS H 107 -42.45 20.42 9.60
C LYS H 107 -43.30 20.56 8.34
N CYS H 108 -42.75 21.21 7.34
CA CYS H 108 -43.44 21.36 6.06
C CYS H 108 -43.39 19.97 5.43
N VAL H 109 -44.33 19.65 4.55
CA VAL H 109 -44.33 18.35 3.91
C VAL H 109 -43.09 18.19 3.02
N SER H 110 -42.41 19.30 2.75
CA SER H 110 -41.21 19.26 1.91
C SER H 110 -39.90 19.13 2.68
N ASP H 111 -39.97 19.18 4.01
CA ASP H 111 -38.76 19.07 4.84
C ASP H 111 -38.32 17.62 5.00
N ILE H 112 -38.34 16.86 3.92
CA ILE H 112 -37.96 15.46 3.97
C ILE H 112 -36.52 15.22 4.38
N LYS H 113 -35.58 15.83 3.66
CA LYS H 113 -34.17 15.67 3.94
C LYS H 113 -33.81 16.12 5.36
N LEU H 114 -34.45 17.20 5.81
CA LEU H 114 -34.21 17.74 7.15
C LEU H 114 -34.64 16.75 8.22
N ILE H 115 -35.87 16.25 8.10
CA ILE H 115 -36.38 15.29 9.06
C ILE H 115 -35.50 14.05 9.04
N HIS H 116 -35.04 13.68 7.85
CA HIS H 116 -34.18 12.51 7.69
C HIS H 116 -32.90 12.68 8.51
N ASP H 117 -32.24 13.83 8.36
CA ASP H 117 -31.00 14.09 9.08
C ASP H 117 -31.23 14.11 10.59
N GLN H 118 -32.36 14.64 11.03
CA GLN H 118 -32.63 14.69 12.45
C GLN H 118 -32.90 13.32 13.05
N MET H 119 -33.58 12.45 12.29
CA MET H 119 -33.85 11.11 12.76
C MET H 119 -32.52 10.37 12.94
N LEU H 120 -31.64 10.54 11.98
CA LEU H 120 -30.33 9.89 12.00
C LEU H 120 -29.47 10.41 13.16
N GLY H 121 -29.46 11.72 13.35
CA GLY H 121 -28.66 12.30 14.43
C GLY H 121 -29.18 11.98 15.82
N ALA H 122 -30.50 11.97 15.99
CA ALA H 122 -31.12 11.69 17.28
C ALA H 122 -31.07 10.23 17.70
N THR H 123 -30.95 9.33 16.74
CA THR H 123 -30.91 7.90 17.04
C THR H 123 -29.54 7.27 16.88
N MET H 124 -28.53 8.08 16.54
CA MET H 124 -27.18 7.57 16.33
C MET H 124 -26.68 6.75 17.52
N TYR H 125 -27.02 7.16 18.73
CA TYR H 125 -26.57 6.46 19.92
C TYR H 125 -27.18 5.07 20.17
N TYR H 126 -28.19 4.68 19.38
CA TYR H 126 -28.80 3.36 19.56
C TYR H 126 -29.25 2.66 18.27
N SER H 127 -29.03 3.31 17.13
CA SER H 127 -29.43 2.75 15.84
C SER H 127 -28.48 1.67 15.32
N GLY H 128 -27.23 1.69 15.77
CA GLY H 128 -26.26 0.72 15.31
C GLY H 128 -26.00 0.70 13.80
N SER H 129 -26.32 1.78 13.10
CA SER H 129 -26.10 1.83 11.66
C SER H 129 -26.73 0.64 10.91
N GLY H 130 -28.06 0.61 10.84
CA GLY H 130 -28.73 -0.47 10.15
C GLY H 130 -29.57 -1.33 11.08
N GLY H 131 -30.35 -2.23 10.50
CA GLY H 131 -31.20 -3.09 11.30
C GLY H 131 -32.48 -2.41 11.74
N LEU H 132 -33.10 -2.98 12.76
CA LEU H 132 -34.36 -2.51 13.33
C LEU H 132 -34.61 -1.00 13.34
N VAL H 133 -33.74 -0.24 14.00
CA VAL H 133 -33.92 1.20 14.10
C VAL H 133 -33.84 1.89 12.75
N MET H 134 -32.94 1.42 11.88
CA MET H 134 -32.81 2.02 10.56
C MET H 134 -34.01 1.66 9.68
N ASN H 135 -34.56 0.47 9.90
CA ASN H 135 -35.73 0.04 9.13
C ASN H 135 -36.85 1.05 9.44
N THR H 136 -36.95 1.39 10.71
CA THR H 136 -37.96 2.34 11.19
C THR H 136 -37.78 3.72 10.56
N ILE H 137 -36.54 4.20 10.54
CA ILE H 137 -36.23 5.49 9.95
C ILE H 137 -36.55 5.49 8.46
N SER H 138 -36.23 4.39 7.80
CA SER H 138 -36.49 4.25 6.37
C SER H 138 -38.00 4.32 6.08
N CYS H 139 -38.78 3.69 6.95
CA CYS H 139 -40.22 3.67 6.79
C CYS H 139 -40.77 5.09 6.84
N VAL H 140 -40.33 5.87 7.83
CA VAL H 140 -40.78 7.25 7.96
C VAL H 140 -40.41 8.06 6.73
N ASP H 141 -39.16 7.92 6.29
CA ASP H 141 -38.67 8.63 5.11
C ASP H 141 -39.56 8.35 3.91
N LEU H 142 -39.89 7.08 3.72
CA LEU H 142 -40.75 6.66 2.61
C LEU H 142 -42.13 7.30 2.74
N ALA H 143 -42.67 7.26 3.94
CA ALA H 143 -43.99 7.83 4.20
C ALA H 143 -43.99 9.32 3.87
N LEU H 144 -42.89 9.99 4.20
CA LEU H 144 -42.77 11.42 3.93
C LEU H 144 -42.71 11.68 2.44
N TRP H 145 -42.00 10.83 1.70
CA TRP H 145 -41.91 10.99 0.25
C TRP H 145 -43.28 10.70 -0.36
N ASP H 146 -43.99 9.73 0.19
CA ASP H 146 -45.31 9.36 -0.31
C ASP H 146 -46.28 10.53 -0.12
N LEU H 147 -46.31 11.08 1.08
CA LEU H 147 -47.18 12.20 1.39
C LEU H 147 -46.82 13.40 0.51
N PHE H 148 -45.52 13.66 0.37
CA PHE H 148 -45.08 14.78 -0.44
C PHE H 148 -45.51 14.62 -1.89
N GLY H 149 -45.42 13.40 -2.40
CA GLY H 149 -45.82 13.14 -3.77
C GLY H 149 -47.32 13.29 -3.94
N LYS H 150 -48.06 12.80 -2.97
CA LYS H 150 -49.52 12.88 -3.02
C LYS H 150 -50.05 14.30 -2.81
N VAL H 151 -49.25 15.15 -2.17
CA VAL H 151 -49.65 16.54 -1.96
C VAL H 151 -49.37 17.34 -3.22
N VAL H 152 -48.22 17.09 -3.84
CA VAL H 152 -47.85 17.77 -5.07
C VAL H 152 -48.68 17.21 -6.21
N GLY H 153 -49.00 15.92 -6.12
CA GLY H 153 -49.79 15.28 -7.16
C GLY H 153 -48.95 14.63 -8.25
N LEU H 154 -47.77 14.16 -7.88
CA LEU H 154 -46.87 13.52 -8.83
C LEU H 154 -46.32 12.22 -8.29
N PRO H 155 -45.90 11.32 -9.19
CA PRO H 155 -45.33 10.05 -8.73
C PRO H 155 -43.93 10.37 -8.23
N VAL H 156 -43.47 9.62 -7.23
CA VAL H 156 -42.14 9.83 -6.70
C VAL H 156 -41.09 9.82 -7.80
N TYR H 157 -41.18 8.88 -8.73
CA TYR H 157 -40.20 8.79 -9.81
C TYR H 157 -40.06 10.04 -10.66
N LYS H 158 -41.15 10.81 -10.77
CA LYS H 158 -41.08 12.04 -11.55
C LYS H 158 -40.46 13.17 -10.74
N LEU H 159 -40.69 13.15 -9.43
CA LEU H 159 -40.13 14.17 -8.55
C LEU H 159 -38.61 14.04 -8.50
N LEU H 160 -38.11 12.81 -8.65
CA LEU H 160 -36.68 12.54 -8.59
C LEU H 160 -35.90 12.94 -9.83
N GLY H 161 -36.60 13.31 -10.90
CA GLY H 161 -35.89 13.69 -12.12
C GLY H 161 -36.27 12.83 -13.31
N GLY H 162 -37.27 11.98 -13.14
CA GLY H 162 -37.75 11.16 -14.23
C GLY H 162 -37.13 9.80 -14.50
N ALA H 163 -37.84 9.02 -15.30
CA ALA H 163 -37.40 7.69 -15.67
C ALA H 163 -36.31 7.77 -16.73
N VAL H 164 -35.34 6.88 -16.63
CA VAL H 164 -34.25 6.84 -17.60
C VAL H 164 -34.40 5.59 -18.48
N ARG H 165 -35.53 4.91 -18.28
CA ARG H 165 -35.89 3.71 -19.04
C ARG H 165 -37.42 3.61 -19.01
N ASP H 166 -38.02 3.10 -20.09
CA ASP H 166 -39.47 3.00 -20.16
C ASP H 166 -40.09 1.89 -19.32
N GLU H 167 -39.27 0.90 -18.97
CA GLU H 167 -39.74 -0.21 -18.14
C GLU H 167 -38.61 -0.78 -17.31
N ILE H 168 -38.98 -1.39 -16.19
CA ILE H 168 -38.02 -2.01 -15.32
C ILE H 168 -38.04 -3.51 -15.61
N GLN H 169 -36.88 -4.09 -15.87
CA GLN H 169 -36.82 -5.52 -16.11
C GLN H 169 -36.42 -6.17 -14.79
N PHE H 170 -37.05 -7.30 -14.48
CA PHE H 170 -36.80 -7.99 -13.23
C PHE H 170 -36.22 -9.38 -13.39
N TYR H 171 -35.57 -9.84 -12.33
CA TYR H 171 -35.04 -11.18 -12.25
C TYR H 171 -35.85 -11.64 -11.04
N ALA H 172 -36.04 -12.94 -10.85
CA ALA H 172 -36.83 -13.39 -9.71
C ALA H 172 -36.09 -14.26 -8.71
N THR H 173 -36.33 -14.01 -7.44
CA THR H 173 -35.69 -14.76 -6.37
C THR H 173 -36.66 -15.79 -5.85
N GLY H 174 -36.24 -17.05 -5.89
CA GLY H 174 -37.08 -18.14 -5.42
C GLY H 174 -36.48 -19.47 -5.84
N ALA H 175 -37.14 -20.55 -5.45
CA ALA H 175 -36.67 -21.89 -5.74
C ALA H 175 -37.02 -22.39 -7.14
N ARG H 176 -37.68 -21.56 -7.95
CA ARG H 176 -38.08 -21.97 -9.29
C ARG H 176 -37.67 -21.02 -10.43
N PRO H 177 -36.36 -20.93 -10.72
CA PRO H 177 -35.90 -20.05 -11.81
C PRO H 177 -36.50 -20.49 -13.14
N ASP H 178 -36.76 -21.79 -13.27
CA ASP H 178 -37.33 -22.31 -14.51
C ASP H 178 -38.73 -21.74 -14.75
N LEU H 179 -39.54 -21.65 -13.70
CA LEU H 179 -40.88 -21.09 -13.85
C LEU H 179 -40.77 -19.58 -14.10
N ALA H 180 -39.77 -18.95 -13.50
CA ALA H 180 -39.57 -17.51 -13.68
C ALA H 180 -39.24 -17.23 -15.14
N LYS H 181 -38.47 -18.14 -15.73
CA LYS H 181 -38.05 -18.05 -17.13
C LYS H 181 -39.29 -17.96 -18.03
N GLU H 182 -40.25 -18.85 -17.81
CA GLU H 182 -41.46 -18.85 -18.63
C GLU H 182 -42.38 -17.67 -18.30
N MET H 183 -42.20 -17.05 -17.14
CA MET H 183 -43.03 -15.89 -16.79
C MET H 183 -42.49 -14.62 -17.42
N GLY H 184 -41.27 -14.68 -17.95
CA GLY H 184 -40.69 -13.53 -18.61
C GLY H 184 -39.53 -12.85 -17.90
N PHE H 185 -39.16 -13.37 -16.73
CA PHE H 185 -38.06 -12.78 -15.98
C PHE H 185 -36.74 -12.96 -16.73
N ILE H 186 -35.75 -12.13 -16.42
CA ILE H 186 -34.46 -12.18 -17.10
C ILE H 186 -33.48 -13.13 -16.44
N GLY H 187 -33.80 -13.54 -15.22
CA GLY H 187 -32.93 -14.45 -14.51
C GLY H 187 -33.59 -14.91 -13.24
N GLY H 188 -32.92 -15.83 -12.53
CA GLY H 188 -33.48 -16.34 -11.30
C GLY H 188 -32.42 -16.56 -10.24
N LYS H 189 -32.67 -16.06 -9.04
CA LYS H 189 -31.75 -16.20 -7.92
C LYS H 189 -32.30 -17.24 -6.95
N MET H 190 -31.49 -18.25 -6.68
CA MET H 190 -31.88 -19.33 -5.77
C MET H 190 -31.09 -19.21 -4.47
N PRO H 191 -31.69 -19.64 -3.36
CA PRO H 191 -31.02 -19.59 -2.07
C PRO H 191 -30.20 -20.85 -1.91
N THR H 192 -29.09 -20.77 -1.19
CA THR H 192 -28.28 -21.95 -0.95
C THR H 192 -28.96 -22.66 0.20
N HIS H 193 -28.79 -23.98 0.30
CA HIS H 193 -29.41 -24.76 1.35
C HIS H 193 -28.40 -25.39 2.30
N TRP H 194 -27.13 -25.35 1.91
CA TRP H 194 -26.09 -25.95 2.75
C TRP H 194 -25.04 -24.90 3.13
N GLY H 195 -24.42 -25.08 4.28
CA GLY H 195 -23.41 -24.14 4.73
C GLY H 195 -22.07 -24.76 4.98
N PRO H 196 -21.10 -23.98 5.51
CA PRO H 196 -19.75 -24.44 5.80
C PRO H 196 -19.66 -25.76 6.55
N HIS H 197 -20.55 -25.96 7.53
CA HIS H 197 -20.55 -27.20 8.30
C HIS H 197 -20.87 -28.41 7.43
N ASP H 198 -21.42 -28.16 6.25
CA ASP H 198 -21.79 -29.23 5.31
C ASP H 198 -20.63 -29.62 4.41
N GLY H 199 -19.55 -28.87 4.47
CA GLY H 199 -18.37 -29.18 3.67
C GLY H 199 -18.54 -29.33 2.18
N ASP H 200 -17.77 -30.25 1.62
CA ASP H 200 -17.80 -30.49 0.18
C ASP H 200 -19.17 -31.00 -0.30
N ALA H 201 -19.86 -31.74 0.56
CA ALA H 201 -21.18 -32.27 0.21
C ALA H 201 -22.14 -31.11 -0.01
N GLY H 202 -22.06 -30.10 0.86
CA GLY H 202 -22.93 -28.95 0.73
C GLY H 202 -22.69 -28.20 -0.57
N ILE H 203 -21.43 -28.07 -0.93
CA ILE H 203 -21.05 -27.38 -2.16
C ILE H 203 -21.57 -28.16 -3.36
N ARG H 204 -21.32 -29.47 -3.36
CA ARG H 204 -21.76 -30.32 -4.44
C ARG H 204 -23.26 -30.23 -4.67
N LYS H 205 -24.03 -30.26 -3.59
CA LYS H 205 -25.49 -30.18 -3.68
C LYS H 205 -26.01 -28.85 -4.19
N ASP H 206 -25.49 -27.74 -3.67
CA ASP H 206 -25.96 -26.45 -4.12
C ASP H 206 -25.48 -26.19 -5.56
N ALA H 207 -24.29 -26.69 -5.87
CA ALA H 207 -23.74 -26.52 -7.21
C ALA H 207 -24.54 -27.35 -8.21
N ALA H 208 -25.00 -28.52 -7.75
CA ALA H 208 -25.79 -29.41 -8.62
C ALA H 208 -27.14 -28.76 -8.90
N MET H 209 -27.65 -28.04 -7.90
CA MET H 209 -28.92 -27.34 -8.03
C MET H 209 -28.78 -26.28 -9.14
N VAL H 210 -27.64 -25.57 -9.15
CA VAL H 210 -27.42 -24.56 -10.17
C VAL H 210 -27.30 -25.20 -11.55
N ALA H 211 -26.52 -26.27 -11.64
CA ALA H 211 -26.33 -26.99 -12.89
C ALA H 211 -27.68 -27.42 -13.45
N ASP H 212 -28.55 -27.94 -12.58
CA ASP H 212 -29.88 -28.39 -13.00
C ASP H 212 -30.67 -27.25 -13.63
N MET H 213 -30.68 -26.08 -12.99
CA MET H 213 -31.40 -24.94 -13.52
C MET H 213 -30.74 -24.37 -14.76
N ARG H 214 -29.43 -24.56 -14.91
CA ARG H 214 -28.74 -24.06 -16.10
C ARG H 214 -29.19 -24.91 -17.29
N GLU H 215 -29.43 -26.19 -17.01
CA GLU H 215 -29.87 -27.13 -18.04
C GLU H 215 -31.30 -26.78 -18.46
N LYS H 216 -32.16 -26.54 -17.48
CA LYS H 216 -33.55 -26.21 -17.73
C LYS H 216 -33.79 -24.83 -18.37
N CYS H 217 -33.08 -23.81 -17.87
CA CYS H 217 -33.27 -22.45 -18.35
C CYS H 217 -32.52 -21.94 -19.57
N GLY H 218 -31.46 -22.62 -19.99
CA GLY H 218 -30.72 -22.14 -21.14
C GLY H 218 -29.53 -21.30 -20.73
N PRO H 219 -28.71 -20.84 -21.70
CA PRO H 219 -27.51 -20.04 -21.44
C PRO H 219 -27.68 -18.52 -21.22
N ASP H 220 -28.78 -17.95 -21.71
CA ASP H 220 -28.98 -16.51 -21.56
C ASP H 220 -29.79 -16.06 -20.35
N PHE H 221 -30.51 -16.99 -19.75
CA PHE H 221 -31.30 -16.69 -18.56
C PHE H 221 -30.28 -16.68 -17.41
N TRP H 222 -30.27 -15.60 -16.62
CA TRP H 222 -29.30 -15.52 -15.54
C TRP H 222 -29.62 -16.37 -14.32
N LEU H 223 -28.57 -16.90 -13.71
CA LEU H 223 -28.70 -17.69 -12.51
C LEU H 223 -27.78 -17.08 -11.46
N MET H 224 -28.30 -16.95 -10.24
CA MET H 224 -27.54 -16.37 -9.14
C MET H 224 -27.80 -17.18 -7.88
N LEU H 225 -26.92 -17.05 -6.90
CA LEU H 225 -27.09 -17.74 -5.63
C LEU H 225 -27.10 -16.76 -4.45
N ASP H 226 -28.07 -16.93 -3.56
CA ASP H 226 -28.16 -16.08 -2.38
C ASP H 226 -27.64 -16.94 -1.23
N CYS H 227 -26.76 -16.37 -0.41
CA CYS H 227 -26.16 -17.13 0.68
C CYS H 227 -26.53 -16.61 2.08
N TRP H 228 -27.43 -15.64 2.11
CA TRP H 228 -27.93 -15.02 3.34
C TRP H 228 -26.99 -15.00 4.55
N MET H 229 -25.81 -14.40 4.39
CA MET H 229 -24.84 -14.27 5.49
C MET H 229 -24.40 -15.58 6.12
N SER H 230 -24.60 -16.68 5.40
CA SER H 230 -24.31 -18.01 5.93
C SER H 230 -22.94 -18.63 5.79
N GLN H 231 -22.00 -17.97 5.11
CA GLN H 231 -20.70 -18.61 4.90
C GLN H 231 -19.48 -17.90 5.47
N ASP H 232 -18.30 -18.35 5.05
CA ASP H 232 -17.02 -17.76 5.44
C ASP H 232 -16.27 -17.66 4.14
N VAL H 233 -15.15 -16.94 4.12
CA VAL H 233 -14.41 -16.76 2.87
C VAL H 233 -14.01 -18.03 2.12
N ASN H 234 -13.48 -19.02 2.83
CA ASN H 234 -13.08 -20.25 2.17
C ASN H 234 -14.25 -20.96 1.51
N TYR H 235 -15.32 -21.14 2.26
CA TYR H 235 -16.51 -21.83 1.75
C TYR H 235 -17.12 -21.12 0.56
N ALA H 236 -17.27 -19.80 0.67
CA ALA H 236 -17.84 -19.01 -0.42
C ALA H 236 -16.94 -19.11 -1.65
N THR H 237 -15.63 -19.16 -1.43
CA THR H 237 -14.69 -19.27 -2.53
C THR H 237 -14.82 -20.62 -3.24
N LYS H 238 -14.99 -21.67 -2.45
CA LYS H 238 -15.11 -23.01 -3.03
C LYS H 238 -16.43 -23.12 -3.80
N LEU H 239 -17.50 -22.60 -3.21
CA LEU H 239 -18.81 -22.64 -3.86
C LEU H 239 -18.79 -21.85 -5.16
N ALA H 240 -18.22 -20.66 -5.13
CA ALA H 240 -18.16 -19.83 -6.32
C ALA H 240 -17.43 -20.53 -7.48
N HIS H 241 -16.32 -21.18 -7.17
CA HIS H 241 -15.54 -21.86 -8.20
C HIS H 241 -16.26 -23.11 -8.71
N ALA H 242 -17.04 -23.74 -7.84
CA ALA H 242 -17.77 -24.93 -8.21
C ALA H 242 -18.94 -24.56 -9.13
N CYS H 243 -19.39 -23.31 -9.04
CA CYS H 243 -20.51 -22.85 -9.87
C CYS H 243 -20.10 -22.11 -11.15
N ALA H 244 -18.81 -21.83 -11.30
CA ALA H 244 -18.29 -21.11 -12.46
C ALA H 244 -18.56 -21.80 -13.80
N PRO H 245 -18.44 -23.14 -13.85
CA PRO H 245 -18.70 -23.86 -15.11
C PRO H 245 -20.11 -23.62 -15.65
N PHE H 246 -21.02 -23.23 -14.77
CA PHE H 246 -22.41 -22.99 -15.15
C PHE H 246 -22.73 -21.52 -15.31
N ASN H 247 -21.68 -20.70 -15.38
CA ASN H 247 -21.80 -19.25 -15.53
C ASN H 247 -22.73 -18.57 -14.52
N LEU H 248 -22.52 -18.84 -13.24
CA LEU H 248 -23.33 -18.21 -12.21
C LEU H 248 -23.00 -16.71 -12.33
N LYS H 249 -24.02 -15.86 -12.47
CA LYS H 249 -23.78 -14.43 -12.64
C LYS H 249 -23.14 -13.78 -11.42
N TRP H 250 -23.66 -14.08 -10.23
CA TRP H 250 -23.11 -13.53 -9.00
C TRP H 250 -23.46 -14.40 -7.81
N ILE H 251 -22.67 -14.24 -6.74
CA ILE H 251 -22.90 -14.96 -5.50
C ILE H 251 -23.13 -13.84 -4.49
N GLU H 252 -24.32 -13.85 -3.89
CA GLU H 252 -24.76 -12.80 -2.97
C GLU H 252 -24.70 -13.02 -1.46
N GLU H 253 -24.34 -11.94 -0.77
CA GLU H 253 -24.24 -11.88 0.69
C GLU H 253 -23.71 -13.16 1.36
N CYS H 254 -22.51 -13.56 0.97
CA CYS H 254 -21.90 -14.76 1.55
C CYS H 254 -21.50 -14.56 3.02
N LEU H 255 -21.27 -13.32 3.41
CA LEU H 255 -20.81 -13.03 4.77
C LEU H 255 -21.64 -12.02 5.57
N PRO H 256 -21.56 -12.11 6.91
CA PRO H 256 -22.30 -11.18 7.77
C PRO H 256 -21.87 -9.78 7.32
N PRO H 257 -22.72 -8.76 7.52
CA PRO H 257 -22.44 -7.37 7.12
C PRO H 257 -21.17 -6.71 7.64
N GLN H 258 -20.77 -7.01 8.88
CA GLN H 258 -19.57 -6.40 9.45
C GLN H 258 -18.27 -6.82 8.77
N GLN H 259 -18.27 -7.98 8.10
CA GLN H 259 -17.06 -8.49 7.49
C GLN H 259 -16.61 -7.88 6.16
N TYR H 260 -16.29 -6.59 6.20
CA TYR H 260 -15.83 -5.86 5.02
C TYR H 260 -14.53 -6.45 4.50
N GLU H 261 -13.61 -6.73 5.42
CA GLU H 261 -12.31 -7.29 5.07
C GLU H 261 -12.49 -8.64 4.37
N GLY H 262 -13.47 -9.42 4.84
CA GLY H 262 -13.74 -10.71 4.25
C GLY H 262 -14.26 -10.53 2.83
N TYR H 263 -15.13 -9.55 2.63
CA TYR H 263 -15.67 -9.31 1.28
C TYR H 263 -14.59 -8.90 0.30
N ARG H 264 -13.63 -8.11 0.76
CA ARG H 264 -12.54 -7.68 -0.10
C ARG H 264 -11.74 -8.88 -0.57
N GLU H 265 -11.49 -9.82 0.34
CA GLU H 265 -10.75 -11.04 0.03
C GLU H 265 -11.57 -11.97 -0.87
N LEU H 266 -12.86 -12.09 -0.60
CA LEU H 266 -13.74 -12.95 -1.39
C LEU H 266 -13.80 -12.44 -2.83
N LYS H 267 -13.99 -11.14 -3.00
CA LYS H 267 -14.05 -10.55 -4.32
C LYS H 267 -12.76 -10.83 -5.08
N ARG H 268 -11.63 -10.78 -4.37
CA ARG H 268 -10.34 -11.04 -5.01
C ARG H 268 -10.17 -12.52 -5.38
N ASN H 269 -10.85 -13.39 -4.65
CA ASN H 269 -10.78 -14.84 -4.89
C ASN H 269 -11.81 -15.35 -5.90
N ALA H 270 -12.77 -14.52 -6.25
CA ALA H 270 -13.83 -14.92 -7.17
C ALA H 270 -13.38 -15.33 -8.57
N PRO H 271 -14.11 -16.26 -9.20
CA PRO H 271 -13.76 -16.71 -10.56
C PRO H 271 -13.89 -15.50 -11.48
N ALA H 272 -13.02 -15.42 -12.47
CA ALA H 272 -13.04 -14.31 -13.42
C ALA H 272 -14.44 -14.12 -14.01
N GLY H 273 -14.92 -12.88 -14.02
CA GLY H 273 -16.24 -12.61 -14.56
C GLY H 273 -17.41 -12.80 -13.63
N MET H 274 -17.21 -13.57 -12.56
CA MET H 274 -18.29 -13.81 -11.60
C MET H 274 -18.35 -12.64 -10.62
N MET H 275 -19.56 -12.14 -10.38
CA MET H 275 -19.73 -11.01 -9.48
C MET H 275 -20.03 -11.40 -8.03
N VAL H 276 -19.59 -10.55 -7.11
CA VAL H 276 -19.80 -10.74 -5.67
C VAL H 276 -20.67 -9.56 -5.23
N THR H 277 -21.74 -9.86 -4.50
CA THR H 277 -22.65 -8.80 -4.07
C THR H 277 -23.02 -8.88 -2.58
N SER H 278 -23.61 -7.80 -2.09
CA SER H 278 -24.05 -7.71 -0.69
C SER H 278 -24.69 -6.35 -0.48
N GLY H 279 -25.14 -6.07 0.74
CA GLY H 279 -25.73 -4.78 1.04
C GLY H 279 -27.14 -4.71 1.57
N GLU H 280 -27.95 -5.75 1.40
CA GLU H 280 -29.32 -5.68 1.88
C GLU H 280 -29.46 -5.49 3.39
N HIS H 281 -28.45 -5.86 4.16
CA HIS H 281 -28.50 -5.69 5.62
C HIS H 281 -27.65 -4.51 6.12
N HIS H 282 -27.00 -3.80 5.21
CA HIS H 282 -26.20 -2.65 5.59
C HIS H 282 -27.11 -1.42 5.68
N GLY H 283 -26.69 -0.43 6.47
CA GLY H 283 -27.46 0.78 6.64
C GLY H 283 -26.55 1.99 6.80
N THR H 284 -27.09 3.18 6.52
CA THR H 284 -26.38 4.46 6.57
C THR H 284 -25.45 4.56 5.36
N LEU H 285 -25.36 5.75 4.79
CA LEU H 285 -24.52 5.99 3.62
C LEU H 285 -23.06 5.65 3.87
N GLN H 286 -22.57 5.93 5.08
CA GLN H 286 -21.17 5.65 5.37
C GLN H 286 -20.83 4.16 5.34
N SER H 287 -21.76 3.31 5.78
CA SER H 287 -21.50 1.87 5.76
C SER H 287 -21.35 1.42 4.30
N PHE H 288 -22.14 2.01 3.41
CA PHE H 288 -22.04 1.64 2.00
C PHE H 288 -20.75 2.15 1.37
N ARG H 289 -20.20 3.23 1.93
CA ARG H 289 -18.93 3.76 1.43
C ARG H 289 -17.89 2.68 1.67
N THR H 290 -17.89 2.15 2.89
CA THR H 290 -16.96 1.11 3.30
C THR H 290 -17.21 -0.14 2.46
N LEU H 291 -18.49 -0.50 2.29
CA LEU H 291 -18.82 -1.69 1.51
C LEU H 291 -18.33 -1.52 0.07
N ALA H 292 -18.62 -0.38 -0.53
CA ALA H 292 -18.21 -0.13 -1.90
C ALA H 292 -16.70 -0.28 -2.06
N GLU H 293 -15.95 0.17 -1.07
CA GLU H 293 -14.50 0.10 -1.16
C GLU H 293 -13.92 -1.30 -1.00
N THR H 294 -14.76 -2.30 -0.74
CA THR H 294 -14.25 -3.68 -0.64
C THR H 294 -14.06 -4.19 -2.07
N GLY H 295 -14.67 -3.47 -3.02
CA GLY H 295 -14.56 -3.85 -4.42
C GLY H 295 -15.66 -4.74 -4.94
N ILE H 296 -16.63 -5.10 -4.10
CA ILE H 296 -17.72 -5.95 -4.57
C ILE H 296 -18.38 -5.26 -5.76
N ASP H 297 -19.03 -6.05 -6.61
CA ASP H 297 -19.64 -5.54 -7.82
C ASP H 297 -20.96 -4.80 -7.71
N ILE H 298 -21.86 -5.28 -6.86
CA ILE H 298 -23.16 -4.64 -6.73
C ILE H 298 -23.61 -4.54 -5.28
N MET H 299 -24.06 -3.35 -4.89
CA MET H 299 -24.56 -3.13 -3.55
C MET H 299 -26.07 -3.28 -3.66
N GLN H 300 -26.67 -3.95 -2.70
CA GLN H 300 -28.10 -4.22 -2.75
C GLN H 300 -28.88 -3.76 -1.54
N PRO H 301 -28.94 -2.45 -1.31
CA PRO H 301 -29.69 -1.95 -0.15
C PRO H 301 -31.20 -2.17 -0.30
N ASP H 302 -31.87 -2.39 0.82
CA ASP H 302 -33.33 -2.52 0.80
C ASP H 302 -33.75 -1.09 1.10
N VAL H 303 -34.59 -0.52 0.24
CA VAL H 303 -35.03 0.85 0.43
C VAL H 303 -35.63 1.09 1.83
N GLY H 304 -36.36 0.10 2.34
CA GLY H 304 -36.97 0.26 3.64
C GLY H 304 -36.10 -0.16 4.82
N TRP H 305 -34.85 -0.51 4.56
CA TRP H 305 -33.93 -0.94 5.61
C TRP H 305 -32.64 -0.12 5.68
N CYS H 306 -32.19 0.39 4.53
CA CYS H 306 -30.95 1.15 4.45
C CYS H 306 -30.98 2.58 4.96
N GLY H 307 -32.18 3.12 5.12
CA GLY H 307 -32.33 4.49 5.57
C GLY H 307 -33.41 5.22 4.78
N GLY H 308 -34.02 4.51 3.84
CA GLY H 308 -35.08 5.13 3.05
C GLY H 308 -34.67 5.55 1.65
N LEU H 309 -35.58 6.22 0.96
CA LEU H 309 -35.33 6.70 -0.40
C LEU H 309 -34.22 7.74 -0.43
N THR H 310 -34.24 8.64 0.55
CA THR H 310 -33.22 9.68 0.66
C THR H 310 -31.83 9.04 0.66
N THR H 311 -31.66 7.98 1.45
CA THR H 311 -30.38 7.30 1.52
C THR H 311 -30.10 6.48 0.26
N LEU H 312 -31.12 5.84 -0.28
CA LEU H 312 -30.94 5.05 -1.49
C LEU H 312 -30.37 5.90 -2.63
N VAL H 313 -30.92 7.10 -2.80
CA VAL H 313 -30.46 7.99 -3.87
C VAL H 313 -28.97 8.31 -3.70
N GLU H 314 -28.54 8.46 -2.44
CA GLU H 314 -27.13 8.76 -2.14
C GLU H 314 -26.23 7.57 -2.48
N ILE H 315 -26.68 6.37 -2.13
CA ILE H 315 -25.94 5.15 -2.40
C ILE H 315 -25.81 4.95 -3.91
N ALA H 316 -26.88 5.27 -4.63
CA ALA H 316 -26.87 5.14 -6.08
C ALA H 316 -25.77 6.03 -6.65
N ALA H 317 -25.62 7.22 -6.09
CA ALA H 317 -24.61 8.16 -6.56
C ALA H 317 -23.20 7.63 -6.23
N LEU H 318 -23.07 7.02 -5.05
CA LEU H 318 -21.79 6.45 -4.63
C LEU H 318 -21.35 5.39 -5.62
N ALA H 319 -22.25 4.44 -5.91
CA ALA H 319 -21.93 3.38 -6.85
C ALA H 319 -21.62 3.95 -8.23
N LYS H 320 -22.46 4.85 -8.71
CA LYS H 320 -22.27 5.45 -10.03
C LYS H 320 -20.90 6.13 -10.17
N SER H 321 -20.46 6.82 -9.12
CA SER H 321 -19.15 7.50 -9.17
C SER H 321 -18.02 6.50 -9.34
N ARG H 322 -18.25 5.27 -8.90
CA ARG H 322 -17.24 4.21 -8.99
C ARG H 322 -17.45 3.31 -10.21
N GLY H 323 -18.56 3.51 -10.90
CA GLY H 323 -18.85 2.70 -12.08
C GLY H 323 -19.55 1.42 -11.69
N GLN H 324 -19.89 1.29 -10.41
CA GLN H 324 -20.56 0.12 -9.90
C GLN H 324 -22.08 0.27 -10.12
N LEU H 325 -22.81 -0.82 -9.91
CA LEU H 325 -24.26 -0.81 -10.09
C LEU H 325 -24.95 -0.98 -8.75
N VAL H 326 -26.16 -0.43 -8.64
CA VAL H 326 -26.94 -0.58 -7.43
C VAL H 326 -28.21 -1.33 -7.83
N VAL H 327 -28.46 -2.46 -7.17
CA VAL H 327 -29.65 -3.25 -7.46
C VAL H 327 -30.31 -3.56 -6.12
N PRO H 328 -31.23 -2.69 -5.70
CA PRO H 328 -31.97 -2.81 -4.44
C PRO H 328 -32.56 -4.19 -4.15
N HIS H 329 -32.79 -4.43 -2.87
CA HIS H 329 -33.37 -5.67 -2.39
C HIS H 329 -34.89 -5.49 -2.28
N GLY H 330 -35.64 -6.33 -2.98
CA GLY H 330 -37.10 -6.24 -2.95
C GLY H 330 -37.62 -4.82 -2.96
N SER H 331 -38.35 -4.44 -1.92
CA SER H 331 -38.90 -3.10 -1.75
C SER H 331 -40.10 -2.68 -2.59
N SER H 332 -40.48 -3.50 -3.56
CA SER H 332 -41.63 -3.20 -4.40
C SER H 332 -41.60 -1.76 -4.95
N VAL H 333 -42.73 -1.05 -4.81
CA VAL H 333 -42.84 0.32 -5.32
C VAL H 333 -41.82 1.31 -4.78
N TYR H 334 -41.46 1.17 -3.51
CA TYR H 334 -40.49 2.06 -2.88
C TYR H 334 -39.15 1.98 -3.62
N SER H 335 -38.95 0.87 -4.32
CA SER H 335 -37.73 0.66 -5.10
C SER H 335 -37.96 1.06 -6.55
N HIS H 336 -39.11 0.66 -7.09
CA HIS H 336 -39.46 0.96 -8.48
C HIS H 336 -39.34 2.43 -8.85
N HIS H 337 -39.89 3.29 -8.00
CA HIS H 337 -39.86 4.72 -8.25
C HIS H 337 -38.46 5.33 -8.23
N ALA H 338 -37.54 4.68 -7.52
CA ALA H 338 -36.18 5.17 -7.43
C ALA H 338 -35.33 4.59 -8.55
N VAL H 339 -35.28 3.26 -8.63
CA VAL H 339 -34.45 2.59 -9.62
C VAL H 339 -34.81 2.87 -11.08
N ILE H 340 -36.06 3.21 -11.36
CA ILE H 340 -36.42 3.48 -12.74
C ILE H 340 -35.76 4.80 -13.17
N THR H 341 -35.19 5.53 -12.21
CA THR H 341 -34.52 6.81 -12.50
C THR H 341 -33.00 6.68 -12.40
N PHE H 342 -32.51 5.53 -11.96
CA PHE H 342 -31.07 5.29 -11.82
C PHE H 342 -30.47 4.69 -13.08
N THR H 343 -29.49 5.38 -13.65
CA THR H 343 -28.82 4.89 -14.84
C THR H 343 -28.07 3.59 -14.52
N ASN H 344 -27.58 3.47 -13.29
CA ASN H 344 -26.84 2.29 -12.87
C ASN H 344 -27.64 1.20 -12.14
N THR H 345 -28.91 1.07 -12.48
CA THR H 345 -29.78 0.03 -11.93
C THR H 345 -30.53 -0.47 -13.17
N PRO H 346 -29.81 -1.20 -14.04
CA PRO H 346 -30.35 -1.75 -15.28
C PRO H 346 -31.41 -2.84 -15.15
N PHE H 347 -31.57 -3.38 -13.95
CA PHE H 347 -32.56 -4.41 -13.67
C PHE H 347 -32.84 -4.39 -12.18
N SER H 348 -34.00 -4.91 -11.78
CA SER H 348 -34.40 -4.93 -10.37
C SER H 348 -34.82 -6.32 -9.92
N GLU H 349 -34.98 -6.48 -8.61
CA GLU H 349 -35.36 -7.77 -8.04
C GLU H 349 -36.83 -7.90 -7.68
N PHE H 350 -37.36 -9.10 -7.88
CA PHE H 350 -38.72 -9.42 -7.50
C PHE H 350 -38.57 -10.67 -6.63
N LEU H 351 -38.89 -10.53 -5.35
CA LEU H 351 -38.77 -11.64 -4.41
C LEU H 351 -40.09 -12.38 -4.30
N MET H 352 -40.12 -13.59 -4.84
CA MET H 352 -41.33 -14.43 -4.83
C MET H 352 -41.96 -14.60 -3.45
N THR H 353 -43.15 -14.06 -3.27
CA THR H 353 -43.88 -14.20 -2.02
C THR H 353 -44.85 -15.38 -2.15
N SER H 354 -44.89 -15.94 -3.37
CA SER H 354 -45.71 -17.10 -3.67
C SER H 354 -45.05 -18.30 -2.99
N PRO H 355 -45.80 -19.06 -2.20
CA PRO H 355 -45.25 -20.23 -1.49
C PRO H 355 -44.39 -21.17 -2.32
N ASP H 356 -44.76 -21.38 -3.58
CA ASP H 356 -43.99 -22.27 -4.46
C ASP H 356 -43.50 -21.61 -5.74
N CYS H 357 -43.37 -20.28 -5.71
CA CYS H 357 -42.87 -19.51 -6.84
C CYS H 357 -43.54 -19.85 -8.16
N SER H 358 -44.85 -20.09 -8.12
CA SER H 358 -45.58 -20.44 -9.32
C SER H 358 -46.48 -19.29 -9.75
N THR H 359 -46.73 -18.36 -8.84
CA THR H 359 -47.59 -17.22 -9.16
C THR H 359 -46.94 -15.88 -8.82
N LEU H 360 -47.51 -14.83 -9.39
CA LEU H 360 -47.00 -13.47 -9.16
C LEU H 360 -47.69 -12.77 -7.99
N ARG H 361 -47.66 -13.40 -6.82
CA ARG H 361 -48.25 -12.81 -5.63
C ARG H 361 -47.45 -11.52 -5.34
N PRO H 362 -48.16 -10.40 -5.06
CA PRO H 362 -47.50 -9.12 -4.78
C PRO H 362 -46.35 -9.21 -3.78
N GLN H 363 -45.33 -8.37 -3.98
CA GLN H 363 -44.16 -8.34 -3.12
C GLN H 363 -44.48 -8.08 -1.65
N PHE H 364 -45.44 -7.20 -1.40
CA PHE H 364 -45.82 -6.87 -0.04
C PHE H 364 -47.28 -7.27 0.26
N ASP H 365 -47.76 -8.29 -0.44
CA ASP H 365 -49.13 -8.77 -0.23
C ASP H 365 -49.31 -9.10 1.25
N PRO H 366 -50.45 -8.71 1.85
CA PRO H 366 -51.57 -7.98 1.26
C PRO H 366 -51.70 -6.55 1.79
N ILE H 367 -50.67 -6.05 2.47
CA ILE H 367 -50.74 -4.72 3.05
C ILE H 367 -50.90 -3.58 2.04
N LEU H 368 -50.45 -3.80 0.80
CA LEU H 368 -50.58 -2.76 -0.22
C LEU H 368 -51.75 -3.02 -1.16
N LEU H 369 -52.60 -2.02 -1.33
CA LEU H 369 -53.75 -2.11 -2.23
C LEU H 369 -53.33 -1.57 -3.58
N ASP H 370 -53.63 -2.34 -4.62
CA ASP H 370 -53.29 -1.96 -5.99
C ASP H 370 -51.77 -1.98 -6.21
N GLU H 371 -51.11 -2.92 -5.55
CA GLU H 371 -49.65 -3.06 -5.68
C GLU H 371 -49.35 -3.71 -7.03
N PRO H 372 -48.59 -3.02 -7.89
CA PRO H 372 -48.28 -3.61 -9.19
C PRO H 372 -47.30 -4.77 -9.10
N VAL H 373 -47.33 -5.64 -10.11
CA VAL H 373 -46.44 -6.79 -10.19
C VAL H 373 -45.92 -6.85 -11.61
N PRO H 374 -44.76 -7.46 -11.82
CA PRO H 374 -44.23 -7.53 -13.18
C PRO H 374 -45.15 -8.26 -14.17
N VAL H 375 -45.23 -7.72 -15.37
CA VAL H 375 -46.03 -8.32 -16.43
C VAL H 375 -45.00 -8.74 -17.46
N ASN H 376 -44.87 -10.05 -17.66
CA ASN H 376 -43.90 -10.58 -18.59
C ASN H 376 -42.52 -10.17 -18.09
N GLY H 377 -42.35 -10.24 -16.77
CA GLY H 377 -41.09 -9.90 -16.13
C GLY H 377 -40.70 -8.44 -16.19
N ARG H 378 -41.66 -7.57 -16.48
CA ARG H 378 -41.37 -6.15 -16.60
C ARG H 378 -42.49 -5.25 -16.09
N ILE H 379 -42.11 -4.06 -15.61
CA ILE H 379 -43.07 -3.08 -15.12
C ILE H 379 -42.85 -1.79 -15.90
N HIS H 380 -43.85 -1.40 -16.68
CA HIS H 380 -43.76 -0.19 -17.49
C HIS H 380 -43.97 1.04 -16.60
N LYS H 381 -43.30 2.13 -16.94
CA LYS H 381 -43.39 3.35 -16.15
C LYS H 381 -44.81 3.88 -16.01
N SER H 382 -45.66 3.61 -17.01
CA SER H 382 -47.03 4.08 -16.97
C SER H 382 -47.76 3.47 -15.78
N VAL H 383 -47.29 2.29 -15.36
CA VAL H 383 -47.87 1.58 -14.23
C VAL H 383 -47.62 2.36 -12.95
N LEU H 384 -46.54 3.16 -12.96
CA LEU H 384 -46.16 3.96 -11.80
C LEU H 384 -46.73 5.37 -11.82
N ASP H 385 -47.49 5.71 -12.87
CA ASP H 385 -48.05 7.05 -12.96
C ASP H 385 -49.24 7.35 -12.04
N LYS H 386 -48.96 7.32 -10.74
CA LYS H 386 -49.94 7.60 -9.69
C LYS H 386 -49.18 8.40 -8.63
N PRO H 387 -49.89 9.21 -7.84
CA PRO H 387 -49.31 10.05 -6.78
C PRO H 387 -48.42 9.31 -5.78
N GLY H 388 -47.35 9.96 -5.35
CA GLY H 388 -46.45 9.35 -4.38
C GLY H 388 -45.94 8.02 -4.89
N PHE H 389 -46.08 6.98 -4.09
CA PHE H 389 -45.62 5.66 -4.50
C PHE H 389 -46.73 4.87 -5.21
N GLY H 390 -47.86 5.54 -5.44
CA GLY H 390 -48.98 4.93 -6.16
C GLY H 390 -49.86 3.88 -5.52
N VAL H 391 -49.77 3.68 -4.22
CA VAL H 391 -50.61 2.68 -3.56
C VAL H 391 -51.37 3.23 -2.38
N GLU H 392 -52.25 2.39 -1.83
CA GLU H 392 -53.04 2.76 -0.67
C GLU H 392 -52.89 1.66 0.36
N LEU H 393 -53.11 2.01 1.62
CA LEU H 393 -52.99 1.07 2.74
C LEU H 393 -54.23 0.18 2.87
N ASN H 394 -54.00 -1.13 2.94
CA ASN H 394 -55.11 -2.06 3.09
C ASN H 394 -55.51 -2.14 4.56
N ARG H 395 -56.49 -1.33 4.94
CA ARG H 395 -56.97 -1.29 6.30
C ARG H 395 -57.80 -2.51 6.68
N ASP H 396 -58.06 -3.39 5.72
CA ASP H 396 -58.82 -4.61 6.00
C ASP H 396 -57.94 -5.52 6.84
N CYS H 397 -56.64 -5.29 6.77
CA CYS H 397 -55.71 -6.07 7.57
C CYS H 397 -55.99 -5.57 8.98
N HIS H 398 -55.71 -6.38 9.99
CA HIS H 398 -55.98 -5.98 11.35
C HIS H 398 -54.83 -5.20 12.00
N LEU H 399 -54.63 -3.97 11.52
CA LEU H 399 -53.58 -3.10 12.02
C LEU H 399 -53.75 -2.79 13.50
N LYS H 400 -52.65 -2.86 14.25
CA LYS H 400 -52.66 -2.60 15.68
C LYS H 400 -51.86 -1.33 15.98
N ARG H 401 -52.44 -0.46 16.81
CA ARG H 401 -51.81 0.80 17.20
C ARG H 401 -51.40 0.68 18.66
N PRO H 402 -50.18 0.16 18.92
CA PRO H 402 -49.68 -0.01 20.29
C PRO H 402 -49.34 1.27 21.05
N TYR H 403 -49.03 2.34 20.32
CA TYR H 403 -48.65 3.61 20.94
C TYR H 403 -49.37 4.80 20.35
N SER H 404 -49.48 5.86 21.15
CA SER H 404 -50.10 7.11 20.74
C SER H 404 -49.35 8.21 21.49
N HIS H 405 -49.49 9.44 21.03
CA HIS H 405 -48.82 10.56 21.68
C HIS H 405 -49.64 11.83 21.53
#